data_7TZ8
#
_entry.id   7TZ8
#
_entity_poly.entity_id   1
_entity_poly.type   'polypeptide(L)'
_entity_poly.pdbx_seq_one_letter_code
;PQSYFNAAAKRQKYAMKPGLSALEKNAVIKAAYRQIFERDITKAYSQSISYLESQVRNGDISMKEFVRRLAKSPLYRKQF
FEPFINSRALELAFRHILGRGPSSREEVQKYFSIVSSGGLPALVDALVDSQEYADYFGEETVPYLRGLEHHHHHH
;
_entity_poly.pdbx_strand_id   A
#
# COMPACT_ATOMS: atom_id res chain seq x y z
N PRO A 1 23.82 -3.64 -20.55
CA PRO A 1 22.79 -4.70 -20.50
C PRO A 1 21.39 -4.08 -20.47
N GLN A 2 20.34 -4.92 -20.63
CA GLN A 2 18.94 -4.47 -20.64
C GLN A 2 18.35 -4.55 -19.22
N SER A 3 18.01 -3.38 -18.64
CA SER A 3 17.27 -3.24 -17.38
C SER A 3 16.58 -1.85 -17.37
N TYR A 4 17.39 -0.83 -17.73
CA TYR A 4 16.96 0.57 -17.97
C TYR A 4 16.46 1.26 -16.68
N PHE A 5 16.90 0.76 -15.51
CA PHE A 5 16.74 1.46 -14.24
C PHE A 5 17.95 2.39 -14.06
N ASN A 6 19.15 1.78 -14.20
CA ASN A 6 20.48 2.47 -14.22
C ASN A 6 20.76 3.22 -12.90
N ALA A 7 20.16 4.41 -12.79
CA ALA A 7 20.36 5.32 -11.67
C ALA A 7 19.00 5.79 -11.12
N ALA A 8 17.97 4.92 -11.24
CA ALA A 8 16.64 5.16 -10.65
C ALA A 8 16.71 4.96 -9.13
N ALA A 9 17.23 5.98 -8.44
CA ALA A 9 17.49 5.94 -6.99
C ALA A 9 16.28 6.47 -6.22
N LYS A 10 15.56 5.56 -5.54
CA LYS A 10 14.33 5.89 -4.79
C LYS A 10 14.61 5.84 -3.26
N ARG A 11 15.05 6.98 -2.71
CA ARG A 11 15.01 7.25 -1.25
C ARG A 11 13.80 8.15 -0.96
N GLN A 12 13.30 8.81 -2.03
CA GLN A 12 12.16 9.74 -1.99
C GLN A 12 10.89 8.98 -1.58
N LYS A 13 10.63 8.99 -0.27
CA LYS A 13 9.43 8.42 0.31
C LYS A 13 8.31 9.47 0.26
N TYR A 14 7.11 9.04 -0.09
CA TYR A 14 5.98 9.95 -0.33
C TYR A 14 5.18 10.13 0.96
N ALA A 15 5.63 11.08 1.77
CA ALA A 15 5.04 11.37 3.09
C ALA A 15 3.96 12.45 2.96
N MET A 16 2.69 12.05 3.15
CA MET A 16 1.57 12.98 3.26
C MET A 16 1.62 13.66 4.64
N LYS A 17 2.37 14.76 4.69
CA LYS A 17 2.52 15.58 5.90
C LYS A 17 1.33 16.55 5.97
N PRO A 18 0.52 16.55 7.09
CA PRO A 18 -0.49 17.59 7.35
C PRO A 18 0.15 19.00 7.37
N GLY A 19 0.14 19.64 6.18
CA GLY A 19 0.85 20.90 5.93
C GLY A 19 1.51 20.96 4.55
N LEU A 20 1.20 19.96 3.68
CA LEU A 20 1.64 19.96 2.26
C LEU A 20 0.73 20.86 1.42
N SER A 21 1.33 21.47 0.38
CA SER A 21 0.59 22.18 -0.67
C SER A 21 -0.15 21.18 -1.60
N ALA A 22 -1.07 21.71 -2.43
CA ALA A 22 -2.00 20.91 -3.27
C ALA A 22 -1.25 19.99 -4.25
N LEU A 23 -0.25 20.56 -4.95
CA LEU A 23 0.52 19.87 -6.01
C LEU A 23 1.38 18.72 -5.42
N GLU A 24 1.95 18.99 -4.24
CA GLU A 24 2.76 18.04 -3.46
C GLU A 24 1.92 16.80 -3.05
N LYS A 25 0.65 17.07 -2.70
CA LYS A 25 -0.31 16.02 -2.32
C LYS A 25 -0.68 15.14 -3.54
N ASN A 26 -0.84 15.77 -4.72
CA ASN A 26 -1.17 15.06 -5.99
C ASN A 26 -0.10 14.00 -6.31
N ALA A 27 1.18 14.39 -6.12
CA ALA A 27 2.35 13.51 -6.28
C ALA A 27 2.29 12.28 -5.35
N VAL A 28 2.06 12.55 -4.06
CA VAL A 28 2.05 11.52 -2.99
C VAL A 28 0.88 10.51 -3.17
N ILE A 29 -0.29 11.02 -3.61
CA ILE A 29 -1.52 10.20 -3.82
C ILE A 29 -1.37 9.31 -5.08
N LYS A 30 -0.83 9.92 -6.17
CA LYS A 30 -0.55 9.19 -7.43
C LYS A 30 0.43 8.05 -7.16
N ALA A 31 1.50 8.37 -6.42
CA ALA A 31 2.54 7.43 -6.04
C ALA A 31 2.01 6.34 -5.09
N ALA A 32 0.93 6.65 -4.34
CA ALA A 32 0.24 5.67 -3.48
C ALA A 32 -0.37 4.54 -4.34
N TYR A 33 -0.99 4.92 -5.47
CA TYR A 33 -1.50 3.94 -6.47
C TYR A 33 -0.33 3.13 -7.11
N ARG A 34 0.76 3.85 -7.41
CA ARG A 34 1.97 3.29 -8.06
C ARG A 34 2.76 2.32 -7.17
N GLN A 35 2.69 2.50 -5.84
CA GLN A 35 3.40 1.64 -4.88
C GLN A 35 2.55 0.39 -4.56
N ILE A 36 1.23 0.60 -4.31
CA ILE A 36 0.31 -0.47 -3.91
C ILE A 36 -0.03 -1.39 -5.11
N PHE A 37 -0.62 -0.83 -6.16
CA PHE A 37 -1.07 -1.61 -7.34
C PHE A 37 0.04 -1.79 -8.39
N GLU A 38 1.24 -1.22 -8.12
CA GLU A 38 2.37 -1.13 -9.09
C GLU A 38 1.99 -0.22 -10.30
N ARG A 39 0.88 0.54 -10.13
CA ARG A 39 0.19 1.29 -11.20
C ARG A 39 -0.28 0.31 -12.30
N ASP A 40 -1.55 -0.06 -12.20
CA ASP A 40 -2.32 -0.75 -13.25
C ASP A 40 -3.79 -0.77 -12.79
N ILE A 41 -4.40 0.43 -12.75
CA ILE A 41 -5.80 0.62 -12.31
C ILE A 41 -6.59 1.31 -13.42
N THR A 42 -7.87 0.95 -13.55
CA THR A 42 -8.82 1.67 -14.40
C THR A 42 -9.18 3.00 -13.72
N LYS A 43 -9.20 4.11 -14.47
CA LYS A 43 -9.58 5.42 -13.92
C LYS A 43 -11.11 5.48 -13.71
N ALA A 44 -11.84 4.61 -14.46
CA ALA A 44 -13.30 4.43 -14.30
C ALA A 44 -13.66 3.62 -13.05
N TYR A 45 -12.64 3.29 -12.23
CA TYR A 45 -12.82 2.81 -10.85
C TYR A 45 -13.57 3.91 -10.07
N SER A 46 -12.81 5.02 -9.74
CA SER A 46 -13.37 6.33 -9.30
C SER A 46 -14.35 6.18 -8.09
N GLN A 47 -15.16 7.24 -7.80
CA GLN A 47 -16.25 7.24 -6.80
C GLN A 47 -15.70 7.07 -5.37
N SER A 48 -15.32 5.82 -5.01
CA SER A 48 -14.62 5.52 -3.77
C SER A 48 -13.24 6.19 -3.78
N ILE A 49 -12.50 6.02 -4.91
CA ILE A 49 -11.18 6.67 -5.10
C ILE A 49 -11.31 8.19 -4.98
N SER A 50 -12.31 8.75 -5.71
CA SER A 50 -12.56 10.20 -5.77
C SER A 50 -12.78 10.81 -4.37
N TYR A 51 -13.58 10.10 -3.56
CA TYR A 51 -13.89 10.49 -2.17
C TYR A 51 -12.60 10.52 -1.33
N LEU A 52 -11.95 9.35 -1.26
CA LEU A 52 -10.80 9.08 -0.38
C LEU A 52 -9.55 9.91 -0.76
N GLU A 53 -9.43 10.22 -2.07
CA GLU A 53 -8.37 11.06 -2.63
C GLU A 53 -8.56 12.50 -2.17
N SER A 54 -9.83 12.97 -2.19
CA SER A 54 -10.21 14.28 -1.67
C SER A 54 -10.00 14.36 -0.14
N GLN A 55 -10.19 13.23 0.57
CA GLN A 55 -10.08 13.16 2.04
C GLN A 55 -8.60 13.21 2.50
N VAL A 56 -7.71 12.45 1.82
CA VAL A 56 -6.28 12.42 2.18
C VAL A 56 -5.60 13.74 1.75
N ARG A 57 -6.13 14.36 0.68
CA ARG A 57 -5.74 15.72 0.25
C ARG A 57 -6.32 16.78 1.23
N ASN A 58 -7.46 16.46 1.87
CA ASN A 58 -8.10 17.35 2.90
C ASN A 58 -7.42 17.15 4.28
N GLY A 59 -6.61 16.08 4.42
CA GLY A 59 -6.01 15.70 5.70
C GLY A 59 -7.02 15.14 6.69
N ASP A 60 -8.15 14.68 6.15
CA ASP A 60 -9.25 14.05 6.90
C ASP A 60 -8.83 12.62 7.28
N ILE A 61 -8.37 11.87 6.25
CA ILE A 61 -7.71 10.57 6.44
C ILE A 61 -6.20 10.72 6.19
N SER A 62 -5.38 9.87 6.84
CA SER A 62 -3.92 9.83 6.60
C SER A 62 -3.62 8.75 5.54
N MET A 63 -2.34 8.56 5.21
CA MET A 63 -1.91 7.56 4.19
C MET A 63 -1.98 6.13 4.70
N LYS A 64 -2.00 5.93 6.03
CA LYS A 64 -2.17 4.59 6.63
C LYS A 64 -3.60 4.08 6.31
N GLU A 65 -4.57 5.00 6.44
CA GLU A 65 -5.98 4.76 6.10
C GLU A 65 -6.15 4.60 4.58
N PHE A 66 -5.56 5.54 3.80
CA PHE A 66 -5.73 5.60 2.34
C PHE A 66 -5.17 4.34 1.66
N VAL A 67 -4.01 3.86 2.16
CA VAL A 67 -3.37 2.61 1.70
C VAL A 67 -4.20 1.38 2.07
N ARG A 68 -4.88 1.41 3.24
CA ARG A 68 -5.84 0.34 3.61
C ARG A 68 -6.99 0.28 2.58
N ARG A 69 -7.47 1.47 2.16
CA ARG A 69 -8.60 1.60 1.21
C ARG A 69 -8.22 1.03 -0.18
N LEU A 70 -6.98 1.33 -0.62
CA LEU A 70 -6.43 0.88 -1.92
C LEU A 70 -6.13 -0.63 -1.89
N ALA A 71 -5.56 -1.09 -0.77
CA ALA A 71 -5.29 -2.51 -0.53
C ALA A 71 -6.50 -3.19 0.14
N LYS A 72 -7.70 -2.57 0.01
CA LYS A 72 -9.01 -3.23 0.22
C LYS A 72 -9.84 -3.22 -1.09
N SER A 73 -9.24 -2.73 -2.18
CA SER A 73 -9.93 -2.64 -3.49
C SER A 73 -10.13 -4.05 -4.15
N PRO A 74 -11.38 -4.34 -4.68
CA PRO A 74 -11.74 -5.64 -5.38
C PRO A 74 -10.73 -6.09 -6.45
N LEU A 75 -10.07 -5.12 -7.09
CA LEU A 75 -9.02 -5.37 -8.11
C LEU A 75 -7.82 -6.08 -7.46
N TYR A 76 -7.37 -5.50 -6.32
CA TYR A 76 -6.20 -5.98 -5.56
C TYR A 76 -6.44 -7.39 -4.98
N ARG A 77 -7.73 -7.75 -4.76
CA ARG A 77 -8.12 -9.15 -4.43
C ARG A 77 -7.97 -10.06 -5.66
N LYS A 78 -8.68 -9.68 -6.73
CA LYS A 78 -8.86 -10.49 -7.96
C LYS A 78 -7.54 -10.89 -8.65
N GLN A 79 -6.51 -10.03 -8.51
CA GLN A 79 -5.22 -10.20 -9.21
C GLN A 79 -4.23 -11.07 -8.44
N PHE A 80 -4.44 -11.27 -7.11
CA PHE A 80 -3.42 -11.92 -6.23
C PHE A 80 -4.01 -13.08 -5.42
N PHE A 81 -5.14 -12.81 -4.73
CA PHE A 81 -5.86 -13.80 -3.88
C PHE A 81 -6.24 -15.06 -4.67
N GLU A 82 -6.78 -14.85 -5.88
CA GLU A 82 -7.34 -15.93 -6.72
C GLU A 82 -6.26 -16.64 -7.59
N PRO A 83 -5.52 -15.93 -8.54
CA PRO A 83 -4.61 -16.61 -9.52
C PRO A 83 -3.35 -17.20 -8.87
N PHE A 84 -2.95 -16.60 -7.74
CA PHE A 84 -1.75 -16.98 -7.00
C PHE A 84 -2.15 -17.55 -5.64
N ILE A 85 -1.31 -18.47 -5.14
CA ILE A 85 -1.47 -19.10 -3.82
C ILE A 85 -1.54 -18.03 -2.70
N ASN A 86 -2.41 -18.26 -1.67
CA ASN A 86 -2.65 -17.30 -0.57
C ASN A 86 -1.36 -16.90 0.16
N SER A 87 -0.47 -17.87 0.36
CA SER A 87 0.86 -17.66 0.98
C SER A 87 1.72 -16.61 0.22
N ARG A 88 1.54 -16.55 -1.12
CA ARG A 88 2.25 -15.60 -2.01
C ARG A 88 1.61 -14.20 -1.92
N ALA A 89 0.26 -14.18 -1.98
CA ALA A 89 -0.54 -12.93 -1.84
C ALA A 89 -0.39 -12.32 -0.43
N LEU A 90 -0.12 -13.20 0.53
CA LEU A 90 0.11 -12.87 1.95
C LEU A 90 1.47 -12.16 2.11
N GLU A 91 2.52 -12.79 1.53
CA GLU A 91 3.88 -12.23 1.49
C GLU A 91 3.85 -10.84 0.84
N LEU A 92 3.09 -10.76 -0.28
CA LEU A 92 2.91 -9.54 -1.07
C LEU A 92 2.26 -8.42 -0.24
N ALA A 93 1.29 -8.79 0.62
CA ALA A 93 0.61 -7.83 1.52
C ALA A 93 1.60 -7.23 2.55
N PHE A 94 2.47 -8.07 3.13
CA PHE A 94 3.56 -7.62 4.03
C PHE A 94 4.57 -6.78 3.24
N ARG A 95 4.83 -7.21 2.00
CA ARG A 95 5.88 -6.64 1.13
C ARG A 95 5.48 -5.23 0.68
N HIS A 96 4.16 -4.95 0.71
CA HIS A 96 3.60 -3.63 0.40
C HIS A 96 3.48 -2.77 1.66
N ILE A 97 2.59 -3.14 2.64
CA ILE A 97 2.30 -2.27 3.83
C ILE A 97 3.58 -2.01 4.68
N LEU A 98 4.43 -3.05 4.84
CA LEU A 98 5.69 -2.93 5.62
C LEU A 98 6.81 -2.38 4.71
N GLY A 99 6.52 -2.31 3.39
CA GLY A 99 7.43 -1.78 2.38
C GLY A 99 8.74 -2.54 2.29
N ARG A 100 8.66 -3.85 2.56
CA ARG A 100 9.83 -4.73 2.70
C ARG A 100 9.40 -6.19 2.48
N GLY A 101 8.64 -6.74 3.43
CA GLY A 101 8.22 -8.16 3.41
C GLY A 101 8.09 -8.73 4.82
N PRO A 102 7.66 -10.03 4.96
CA PRO A 102 7.63 -10.71 6.27
C PRO A 102 9.01 -11.25 6.66
N SER A 103 9.21 -11.56 7.95
CA SER A 103 10.51 -12.00 8.50
C SER A 103 10.33 -13.28 9.34
N SER A 104 9.52 -13.18 10.41
CA SER A 104 9.26 -14.32 11.30
C SER A 104 8.28 -15.29 10.63
N ARG A 105 8.60 -16.60 10.70
CA ARG A 105 7.73 -17.69 10.20
C ARG A 105 6.38 -17.66 10.93
N GLU A 106 6.43 -17.42 12.28
CA GLU A 106 5.24 -17.34 13.14
C GLU A 106 4.28 -16.25 12.66
N GLU A 107 4.85 -15.06 12.37
CA GLU A 107 4.14 -13.89 11.84
C GLU A 107 3.34 -14.24 10.57
N VAL A 108 4.04 -14.87 9.60
CA VAL A 108 3.45 -15.28 8.30
C VAL A 108 2.22 -16.19 8.52
N GLN A 109 2.39 -17.18 9.40
CA GLN A 109 1.34 -18.19 9.70
C GLN A 109 0.16 -17.57 10.49
N LYS A 110 0.47 -16.58 11.34
CA LYS A 110 -0.51 -15.89 12.22
C LYS A 110 -1.48 -15.06 11.36
N TYR A 111 -0.90 -14.28 10.45
CA TYR A 111 -1.65 -13.44 9.51
C TYR A 111 -2.23 -14.28 8.35
N PHE A 112 -1.71 -15.52 8.18
CA PHE A 112 -2.30 -16.49 7.25
C PHE A 112 -3.69 -16.93 7.74
N SER A 113 -3.84 -17.04 9.08
CA SER A 113 -5.16 -17.27 9.71
C SER A 113 -6.13 -16.12 9.37
N ILE A 114 -5.59 -14.88 9.41
CA ILE A 114 -6.34 -13.65 9.17
C ILE A 114 -6.81 -13.55 7.69
N VAL A 115 -5.92 -13.95 6.75
CA VAL A 115 -6.26 -13.96 5.31
C VAL A 115 -7.16 -15.17 4.95
N SER A 116 -7.19 -16.19 5.83
CA SER A 116 -8.05 -17.38 5.66
C SER A 116 -9.46 -17.12 6.24
N SER A 117 -9.56 -16.18 7.21
CA SER A 117 -10.84 -15.84 7.86
C SER A 117 -11.56 -14.71 7.10
N GLY A 118 -10.93 -13.50 7.09
CA GLY A 118 -11.55 -12.30 6.50
C GLY A 118 -10.82 -11.81 5.25
N GLY A 119 -9.93 -12.65 4.70
CA GLY A 119 -9.25 -12.35 3.43
C GLY A 119 -8.22 -11.23 3.54
N LEU A 120 -7.95 -10.59 2.39
CA LEU A 120 -6.99 -9.49 2.25
C LEU A 120 -7.49 -8.17 2.94
N PRO A 121 -8.83 -7.79 2.90
CA PRO A 121 -9.36 -6.62 3.67
C PRO A 121 -8.98 -6.68 5.18
N ALA A 122 -9.23 -7.84 5.83
CA ALA A 122 -8.93 -8.04 7.26
C ALA A 122 -7.41 -8.13 7.50
N LEU A 123 -6.68 -8.71 6.52
CA LEU A 123 -5.21 -8.83 6.56
C LEU A 123 -4.52 -7.45 6.58
N VAL A 124 -4.86 -6.63 5.57
CA VAL A 124 -4.31 -5.27 5.40
C VAL A 124 -4.75 -4.36 6.55
N ASP A 125 -5.97 -4.60 7.08
CA ASP A 125 -6.49 -3.88 8.26
C ASP A 125 -5.58 -4.15 9.47
N ALA A 126 -5.28 -5.44 9.68
CA ALA A 126 -4.38 -5.89 10.75
C ALA A 126 -2.96 -5.31 10.62
N LEU A 127 -2.50 -5.07 9.37
CA LEU A 127 -1.14 -4.57 9.10
C LEU A 127 -1.02 -3.05 9.33
N VAL A 128 -2.02 -2.26 8.91
CA VAL A 128 -1.95 -0.79 9.01
C VAL A 128 -2.41 -0.27 10.40
N ASP A 129 -3.46 -0.91 10.97
CA ASP A 129 -4.13 -0.45 12.21
C ASP A 129 -3.32 -0.84 13.47
N SER A 130 -2.50 -1.91 13.34
CA SER A 130 -1.52 -2.31 14.38
C SER A 130 -0.60 -1.12 14.73
N GLN A 131 -0.36 -0.92 16.04
CA GLN A 131 0.36 0.27 16.55
C GLN A 131 1.85 0.18 16.22
N GLU A 132 2.38 -1.05 16.23
CA GLU A 132 3.78 -1.35 15.93
C GLU A 132 4.14 -0.94 14.49
N TYR A 133 3.28 -1.31 13.52
CA TYR A 133 3.55 -1.06 12.08
C TYR A 133 3.20 0.40 11.70
N ALA A 134 2.24 0.98 12.44
CA ALA A 134 1.88 2.41 12.36
C ALA A 134 3.01 3.28 12.95
N ASP A 135 3.81 2.68 13.85
CA ASP A 135 5.00 3.31 14.44
C ASP A 135 6.21 3.18 13.51
N TYR A 136 6.50 1.94 13.03
CA TYR A 136 7.73 1.63 12.25
C TYR A 136 7.78 2.47 10.97
N PHE A 137 6.84 2.19 10.05
CA PHE A 137 6.78 2.86 8.74
C PHE A 137 6.19 4.28 8.86
N GLY A 138 5.30 4.46 9.84
CA GLY A 138 4.57 5.71 10.04
C GLY A 138 3.21 5.69 9.36
N GLU A 139 2.40 6.72 9.64
CA GLU A 139 1.02 6.86 9.14
C GLU A 139 0.91 7.92 8.03
N GLU A 140 1.95 8.77 7.91
CA GLU A 140 2.06 9.79 6.84
C GLU A 140 2.68 9.18 5.57
N THR A 141 3.67 8.29 5.75
CA THR A 141 4.49 7.76 4.67
C THR A 141 3.70 6.72 3.85
N VAL A 142 3.76 6.87 2.50
CA VAL A 142 3.27 5.85 1.57
C VAL A 142 4.27 4.69 1.57
N PRO A 143 3.80 3.42 1.83
CA PRO A 143 4.61 2.19 1.67
C PRO A 143 5.43 2.13 0.37
N TYR A 144 6.64 2.71 0.43
CA TYR A 144 7.66 2.55 -0.60
C TYR A 144 8.32 1.18 -0.36
N LEU A 145 8.31 0.34 -1.41
CA LEU A 145 8.82 -1.03 -1.31
C LEU A 145 10.35 -1.03 -1.48
N ARG A 146 11.02 -1.90 -0.70
CA ARG A 146 12.45 -2.20 -0.88
C ARG A 146 12.65 -3.00 -2.18
N GLY A 147 11.56 -3.65 -2.63
CA GLY A 147 11.54 -4.40 -3.88
C GLY A 147 12.18 -5.75 -3.72
N LEU A 148 13.53 -5.76 -3.80
CA LEU A 148 14.37 -6.96 -3.82
C LEU A 148 13.92 -7.89 -4.96
N GLU A 149 14.50 -7.63 -6.15
CA GLU A 149 14.17 -8.32 -7.42
C GLU A 149 14.11 -9.87 -7.26
N HIS A 150 12.91 -10.41 -7.44
CA HIS A 150 12.61 -11.83 -7.26
C HIS A 150 11.76 -12.28 -8.45
N HIS A 151 12.44 -12.52 -9.60
CA HIS A 151 11.78 -12.85 -10.87
C HIS A 151 12.63 -13.87 -11.66
N HIS A 152 13.01 -14.98 -11.00
CA HIS A 152 13.66 -16.13 -11.68
C HIS A 152 12.63 -16.87 -12.56
N HIS A 153 12.38 -16.28 -13.75
CA HIS A 153 11.47 -16.86 -14.75
C HIS A 153 12.16 -18.10 -15.37
N HIS A 154 11.33 -19.12 -15.71
CA HIS A 154 11.78 -20.48 -16.11
C HIS A 154 12.21 -21.27 -14.84
N HIS A 155 12.08 -22.61 -14.90
CA HIS A 155 12.33 -23.51 -13.74
C HIS A 155 13.07 -24.78 -14.20
N PRO A 1 18.51 0.46 -24.17
CA PRO A 1 17.98 1.27 -23.04
C PRO A 1 18.52 2.69 -23.13
N GLN A 2 17.62 3.70 -23.20
CA GLN A 2 18.02 5.12 -23.29
C GLN A 2 18.77 5.52 -22.00
N SER A 3 18.08 5.36 -20.86
CA SER A 3 18.70 5.36 -19.52
C SER A 3 18.78 3.90 -19.03
N TYR A 4 19.88 3.54 -18.36
CA TYR A 4 20.14 2.14 -17.93
C TYR A 4 20.61 2.13 -16.47
N PHE A 5 19.68 1.83 -15.55
CA PHE A 5 19.93 1.78 -14.09
C PHE A 5 20.57 3.09 -13.57
N ASN A 6 19.71 4.03 -13.16
CA ASN A 6 20.16 5.25 -12.46
C ASN A 6 20.73 4.88 -11.08
N ALA A 7 21.44 5.84 -10.47
CA ALA A 7 22.12 5.65 -9.16
C ALA A 7 21.11 5.39 -8.02
N ALA A 8 19.83 5.73 -8.26
CA ALA A 8 18.71 5.53 -7.31
C ALA A 8 18.90 6.34 -6.02
N ALA A 9 19.67 7.45 -6.14
CA ALA A 9 19.96 8.37 -5.03
C ALA A 9 18.67 9.12 -4.63
N LYS A 10 17.79 9.33 -5.62
CA LYS A 10 16.45 9.86 -5.42
C LYS A 10 15.49 8.69 -5.14
N ARG A 11 15.35 8.35 -3.85
CA ARG A 11 14.33 7.39 -3.40
C ARG A 11 13.03 8.18 -3.20
N GLN A 12 13.18 9.33 -2.49
CA GLN A 12 12.11 10.28 -2.18
C GLN A 12 11.01 9.60 -1.36
N LYS A 13 11.13 9.69 -0.02
CA LYS A 13 10.12 9.16 0.89
C LYS A 13 8.88 10.07 0.82
N TYR A 14 7.71 9.45 0.71
CA TYR A 14 6.42 10.14 0.62
C TYR A 14 5.75 10.10 1.99
N ALA A 15 5.41 11.27 2.55
CA ALA A 15 4.84 11.38 3.89
C ALA A 15 3.92 12.60 3.95
N MET A 16 2.62 12.36 4.21
CA MET A 16 1.61 13.43 4.34
C MET A 16 1.65 14.03 5.74
N LYS A 17 1.95 15.33 5.77
CA LYS A 17 2.00 16.13 6.99
C LYS A 17 1.22 17.44 6.77
N PRO A 18 0.60 18.04 7.85
CA PRO A 18 -0.09 19.35 7.77
C PRO A 18 0.92 20.48 7.40
N GLY A 19 1.04 20.72 6.08
CA GLY A 19 1.95 21.74 5.55
C GLY A 19 2.25 21.57 4.05
N LEU A 20 1.84 20.43 3.45
CA LEU A 20 2.11 20.14 2.02
C LEU A 20 1.12 20.88 1.09
N SER A 21 1.65 21.31 -0.08
CA SER A 21 0.84 21.88 -1.18
C SER A 21 0.16 20.74 -1.97
N ALA A 22 -0.78 21.11 -2.86
CA ALA A 22 -1.58 20.14 -3.65
C ALA A 22 -0.69 19.33 -4.63
N LEU A 23 0.35 19.98 -5.17
CA LEU A 23 1.34 19.33 -6.07
C LEU A 23 2.17 18.27 -5.30
N GLU A 24 2.62 18.64 -4.08
CA GLU A 24 3.37 17.75 -3.18
C GLU A 24 2.55 16.50 -2.84
N LYS A 25 1.28 16.74 -2.53
CA LYS A 25 0.31 15.68 -2.19
C LYS A 25 0.06 14.75 -3.38
N ASN A 26 -0.06 15.35 -4.57
CA ASN A 26 -0.35 14.62 -5.83
C ASN A 26 0.74 13.57 -6.11
N ALA A 27 2.01 13.96 -5.90
CA ALA A 27 3.17 13.06 -6.02
C ALA A 27 3.09 11.90 -5.01
N VAL A 28 2.72 12.24 -3.74
CA VAL A 28 2.61 11.29 -2.62
C VAL A 28 1.46 10.25 -2.85
N ILE A 29 0.34 10.70 -3.45
CA ILE A 29 -0.86 9.86 -3.74
C ILE A 29 -0.57 8.92 -4.92
N LYS A 30 0.09 9.46 -5.97
CA LYS A 30 0.48 8.72 -7.19
C LYS A 30 1.41 7.56 -6.82
N ALA A 31 2.33 7.86 -5.90
CA ALA A 31 3.27 6.88 -5.34
C ALA A 31 2.54 5.82 -4.51
N ALA A 32 1.48 6.23 -3.79
CA ALA A 32 0.64 5.29 -3.00
C ALA A 32 -0.05 4.27 -3.93
N TYR A 33 -0.37 4.68 -5.17
CA TYR A 33 -0.93 3.77 -6.19
C TYR A 33 0.15 2.83 -6.74
N ARG A 34 1.35 3.35 -6.98
CA ARG A 34 2.44 2.56 -7.59
C ARG A 34 3.13 1.60 -6.59
N GLN A 35 3.06 1.91 -5.27
CA GLN A 35 3.81 1.16 -4.23
C GLN A 35 2.86 0.29 -3.37
N ILE A 36 1.71 0.85 -2.93
CA ILE A 36 0.72 0.11 -2.12
C ILE A 36 -0.20 -0.71 -3.02
N PHE A 37 -0.84 -0.02 -3.97
CA PHE A 37 -1.76 -0.63 -4.94
C PHE A 37 -0.96 -1.42 -5.99
N GLU A 38 0.32 -0.99 -6.20
CA GLU A 38 1.26 -1.55 -7.20
C GLU A 38 0.73 -1.40 -8.65
N ARG A 39 -0.29 -0.54 -8.82
CA ARG A 39 -0.98 -0.34 -10.08
C ARG A 39 -1.24 1.17 -10.27
N ASP A 40 -0.52 1.76 -11.24
CA ASP A 40 -0.83 3.09 -11.78
C ASP A 40 -2.12 2.97 -12.61
N ILE A 41 -3.26 3.30 -11.99
CA ILE A 41 -4.60 3.11 -12.57
C ILE A 41 -5.23 4.46 -12.91
N THR A 42 -6.30 4.42 -13.73
CA THR A 42 -7.17 5.57 -13.99
C THR A 42 -8.41 5.49 -13.05
N LYS A 43 -9.14 6.61 -12.95
CA LYS A 43 -10.39 6.68 -12.15
C LYS A 43 -11.51 5.88 -12.83
N ALA A 44 -11.30 5.53 -14.12
CA ALA A 44 -12.24 4.72 -14.93
C ALA A 44 -12.40 3.30 -14.37
N TYR A 45 -11.45 2.88 -13.53
CA TYR A 45 -11.51 1.58 -12.82
C TYR A 45 -12.62 1.59 -11.76
N SER A 46 -12.69 2.70 -11.00
CA SER A 46 -13.72 2.95 -9.98
C SER A 46 -13.57 4.38 -9.43
N GLN A 47 -14.69 5.13 -9.38
CA GLN A 47 -14.73 6.50 -8.80
C GLN A 47 -14.65 6.45 -7.26
N SER A 48 -14.69 5.21 -6.70
CA SER A 48 -14.31 4.94 -5.32
C SER A 48 -12.87 5.41 -5.04
N ILE A 49 -11.97 5.14 -6.01
CA ILE A 49 -10.55 5.53 -5.95
C ILE A 49 -10.42 7.07 -5.98
N SER A 50 -11.28 7.71 -6.81
CA SER A 50 -11.38 9.19 -6.90
C SER A 50 -11.81 9.84 -5.57
N TYR A 51 -12.74 9.16 -4.88
CA TYR A 51 -13.25 9.60 -3.57
C TYR A 51 -12.14 9.56 -2.52
N LEU A 52 -11.48 8.39 -2.39
CA LEU A 52 -10.39 8.14 -1.42
C LEU A 52 -9.21 9.11 -1.65
N GLU A 53 -8.92 9.38 -2.94
CA GLU A 53 -7.93 10.35 -3.38
C GLU A 53 -8.28 11.77 -2.90
N SER A 54 -9.55 12.14 -3.09
CA SER A 54 -10.08 13.46 -2.70
C SER A 54 -10.01 13.66 -1.16
N GLN A 55 -10.21 12.55 -0.40
CA GLN A 55 -10.15 12.58 1.08
C GLN A 55 -8.72 12.87 1.56
N VAL A 56 -7.76 12.05 1.07
CA VAL A 56 -6.35 12.11 1.54
C VAL A 56 -5.66 13.41 1.06
N ARG A 57 -6.07 13.90 -0.13
CA ARG A 57 -5.59 15.18 -0.70
C ARG A 57 -6.11 16.38 0.14
N ASN A 58 -7.37 16.31 0.54
CA ASN A 58 -8.00 17.31 1.45
C ASN A 58 -7.54 17.10 2.92
N GLY A 59 -6.84 15.97 3.16
CA GLY A 59 -6.29 15.65 4.47
C GLY A 59 -7.34 15.26 5.51
N ASP A 60 -8.46 14.68 5.05
CA ASP A 60 -9.48 14.09 5.92
C ASP A 60 -8.91 12.84 6.60
N ILE A 61 -8.42 11.90 5.76
CA ILE A 61 -7.84 10.64 6.23
C ILE A 61 -6.30 10.71 6.18
N SER A 62 -5.63 10.07 7.16
CA SER A 62 -4.17 9.91 7.15
C SER A 62 -3.78 8.89 6.07
N MET A 63 -2.49 8.87 5.71
CA MET A 63 -1.96 7.96 4.67
C MET A 63 -2.08 6.50 5.09
N LYS A 64 -2.09 6.24 6.41
CA LYS A 64 -2.33 4.89 6.96
C LYS A 64 -3.72 4.38 6.55
N GLU A 65 -4.72 5.27 6.70
CA GLU A 65 -6.13 4.99 6.38
C GLU A 65 -6.32 4.85 4.87
N PHE A 66 -5.55 5.62 4.08
CA PHE A 66 -5.58 5.55 2.63
C PHE A 66 -5.04 4.17 2.15
N VAL A 67 -3.97 3.69 2.80
CA VAL A 67 -3.39 2.34 2.55
C VAL A 67 -4.42 1.23 2.86
N ARG A 68 -5.12 1.37 4.01
CA ARG A 68 -6.20 0.44 4.42
C ARG A 68 -7.27 0.35 3.34
N ARG A 69 -7.75 1.52 2.90
CA ARG A 69 -8.85 1.63 1.91
C ARG A 69 -8.42 1.06 0.55
N LEU A 70 -7.20 1.40 0.08
CA LEU A 70 -6.66 0.92 -1.22
C LEU A 70 -6.59 -0.61 -1.26
N ALA A 71 -5.91 -1.18 -0.26
CA ALA A 71 -5.67 -2.64 -0.16
C ALA A 71 -6.95 -3.43 0.18
N LYS A 72 -7.97 -2.73 0.71
CA LYS A 72 -9.29 -3.33 1.04
C LYS A 72 -10.31 -3.06 -0.08
N SER A 73 -9.98 -2.14 -1.02
CA SER A 73 -10.85 -1.82 -2.18
C SER A 73 -11.08 -3.08 -3.03
N PRO A 74 -12.36 -3.32 -3.50
CA PRO A 74 -12.69 -4.48 -4.37
C PRO A 74 -11.77 -4.63 -5.60
N LEU A 75 -11.18 -3.50 -6.04
CA LEU A 75 -10.22 -3.44 -7.15
C LEU A 75 -8.88 -4.15 -6.81
N TYR A 76 -8.21 -3.70 -5.73
CA TYR A 76 -6.96 -4.36 -5.24
C TYR A 76 -7.23 -5.81 -4.85
N ARG A 77 -8.34 -6.03 -4.13
CA ARG A 77 -8.80 -7.36 -3.69
C ARG A 77 -9.06 -8.29 -4.91
N LYS A 78 -9.43 -7.69 -6.06
CA LYS A 78 -9.63 -8.42 -7.32
C LYS A 78 -8.26 -8.81 -7.93
N GLN A 79 -7.33 -7.84 -7.97
CA GLN A 79 -6.05 -7.97 -8.71
C GLN A 79 -4.94 -8.66 -7.89
N PHE A 80 -5.12 -8.75 -6.55
CA PHE A 80 -4.08 -9.27 -5.62
C PHE A 80 -4.66 -10.31 -4.65
N PHE A 81 -5.71 -11.03 -5.07
CA PHE A 81 -6.25 -12.17 -4.30
C PHE A 81 -6.89 -13.21 -5.25
N GLU A 82 -7.48 -12.76 -6.37
CA GLU A 82 -8.09 -13.66 -7.38
C GLU A 82 -7.01 -14.36 -8.27
N PRO A 83 -6.04 -13.62 -8.92
CA PRO A 83 -4.97 -14.28 -9.71
C PRO A 83 -3.79 -14.74 -8.82
N PHE A 84 -3.81 -14.32 -7.54
CA PHE A 84 -2.76 -14.63 -6.56
C PHE A 84 -3.40 -15.18 -5.29
N ILE A 85 -3.30 -16.51 -5.10
CA ILE A 85 -3.79 -17.20 -3.88
C ILE A 85 -3.10 -16.66 -2.63
N ASN A 86 -3.63 -17.01 -1.43
CA ASN A 86 -3.18 -16.42 -0.14
C ASN A 86 -1.67 -16.59 0.10
N SER A 87 -1.08 -17.67 -0.46
CA SER A 87 0.39 -17.89 -0.48
C SER A 87 1.17 -16.69 -1.08
N ARG A 88 0.69 -16.18 -2.22
CA ARG A 88 1.29 -15.02 -2.93
C ARG A 88 0.78 -13.69 -2.36
N ALA A 89 -0.57 -13.62 -2.15
CA ALA A 89 -1.29 -12.40 -1.70
C ALA A 89 -0.79 -11.92 -0.32
N LEU A 90 -0.38 -12.88 0.52
CA LEU A 90 0.19 -12.62 1.85
C LEU A 90 1.49 -11.82 1.73
N GLU A 91 2.42 -12.34 0.88
CA GLU A 91 3.72 -11.70 0.62
C GLU A 91 3.52 -10.27 0.12
N LEU A 92 2.62 -10.14 -0.89
CA LEU A 92 2.31 -8.87 -1.57
C LEU A 92 1.76 -7.83 -0.58
N ALA A 93 0.96 -8.30 0.40
CA ALA A 93 0.38 -7.45 1.44
C ALA A 93 1.50 -6.86 2.33
N PHE A 94 2.39 -7.73 2.84
CA PHE A 94 3.55 -7.29 3.66
C PHE A 94 4.55 -6.43 2.85
N ARG A 95 4.66 -6.76 1.57
CA ARG A 95 5.63 -6.15 0.65
C ARG A 95 5.28 -4.69 0.38
N HIS A 96 3.97 -4.39 0.36
CA HIS A 96 3.45 -3.04 0.11
C HIS A 96 3.27 -2.29 1.43
N ILE A 97 2.48 -2.90 2.35
CA ILE A 97 2.04 -2.28 3.63
C ILE A 97 3.23 -2.01 4.57
N LEU A 98 4.25 -2.87 4.56
CA LEU A 98 5.48 -2.65 5.36
C LEU A 98 6.64 -2.14 4.49
N GLY A 99 6.37 -1.98 3.17
CA GLY A 99 7.36 -1.46 2.21
C GLY A 99 8.64 -2.30 2.13
N ARG A 100 8.48 -3.62 2.32
CA ARG A 100 9.61 -4.58 2.37
C ARG A 100 9.11 -6.00 2.03
N GLY A 101 8.41 -6.62 2.99
CA GLY A 101 8.03 -8.04 2.92
C GLY A 101 7.89 -8.65 4.32
N PRO A 102 7.45 -9.95 4.43
CA PRO A 102 7.35 -10.64 5.75
C PRO A 102 8.75 -10.85 6.38
N SER A 103 8.94 -10.30 7.58
CA SER A 103 10.22 -10.30 8.31
C SER A 103 10.48 -11.64 9.05
N SER A 104 9.40 -12.33 9.45
CA SER A 104 9.50 -13.61 10.19
C SER A 104 8.67 -14.71 9.51
N ARG A 105 9.11 -15.98 9.63
CA ARG A 105 8.40 -17.15 9.07
C ARG A 105 7.16 -17.49 9.92
N GLU A 106 7.24 -17.20 11.24
CA GLU A 106 6.13 -17.38 12.17
C GLU A 106 5.05 -16.32 11.89
N GLU A 107 5.52 -15.11 11.51
CA GLU A 107 4.67 -13.99 11.08
C GLU A 107 3.94 -14.33 9.77
N VAL A 108 4.65 -15.03 8.85
CA VAL A 108 4.05 -15.58 7.62
C VAL A 108 2.84 -16.46 7.98
N GLN A 109 3.09 -17.50 8.79
CA GLN A 109 2.10 -18.54 9.13
C GLN A 109 0.91 -17.97 9.97
N LYS A 110 1.23 -17.01 10.85
CA LYS A 110 0.26 -16.34 11.75
C LYS A 110 -0.80 -15.59 10.94
N TYR A 111 -0.31 -14.80 9.97
CA TYR A 111 -1.14 -13.95 9.11
C TYR A 111 -1.66 -14.74 7.88
N PHE A 112 -1.02 -15.89 7.60
CA PHE A 112 -1.45 -16.84 6.55
C PHE A 112 -2.83 -17.42 6.91
N SER A 113 -3.01 -17.67 8.22
CA SER A 113 -4.29 -18.13 8.79
C SER A 113 -5.38 -17.05 8.63
N ILE A 114 -4.99 -15.78 8.84
CA ILE A 114 -5.92 -14.62 8.81
C ILE A 114 -6.44 -14.37 7.38
N VAL A 115 -5.51 -14.41 6.40
CA VAL A 115 -5.84 -14.24 4.97
C VAL A 115 -6.54 -15.51 4.40
N SER A 116 -6.40 -16.65 5.10
CA SER A 116 -7.09 -17.90 4.74
C SER A 116 -8.52 -17.95 5.34
N SER A 117 -8.76 -17.18 6.43
CA SER A 117 -10.08 -17.14 7.11
C SER A 117 -10.93 -15.97 6.58
N GLY A 118 -10.49 -14.72 6.86
CA GLY A 118 -11.24 -13.52 6.48
C GLY A 118 -10.77 -12.90 5.17
N GLY A 119 -9.93 -13.64 4.43
CA GLY A 119 -9.43 -13.19 3.14
C GLY A 119 -8.45 -12.03 3.23
N LEU A 120 -8.34 -11.29 2.13
CA LEU A 120 -7.40 -10.18 1.99
C LEU A 120 -7.78 -8.96 2.89
N PRO A 121 -9.07 -8.44 2.90
CA PRO A 121 -9.48 -7.24 3.73
C PRO A 121 -9.15 -7.40 5.24
N ALA A 122 -9.38 -8.61 5.79
CA ALA A 122 -9.08 -8.92 7.20
C ALA A 122 -7.57 -8.89 7.48
N LEU A 123 -6.78 -9.38 6.51
CA LEU A 123 -5.30 -9.34 6.56
C LEU A 123 -4.80 -7.88 6.58
N VAL A 124 -5.41 -7.05 5.72
CA VAL A 124 -5.06 -5.62 5.58
C VAL A 124 -5.27 -4.88 6.91
N ASP A 125 -6.47 -5.02 7.50
CA ASP A 125 -6.83 -4.36 8.77
C ASP A 125 -5.93 -4.88 9.92
N ALA A 126 -5.72 -6.21 9.95
CA ALA A 126 -4.83 -6.86 10.94
C ALA A 126 -3.39 -6.32 10.89
N LEU A 127 -2.90 -5.96 9.69
CA LEU A 127 -1.55 -5.41 9.50
C LEU A 127 -1.52 -3.94 9.89
N VAL A 128 -2.30 -3.14 9.16
CA VAL A 128 -2.15 -1.68 9.14
C VAL A 128 -2.64 -1.03 10.46
N ASP A 129 -3.80 -1.51 10.98
CA ASP A 129 -4.42 -0.93 12.19
C ASP A 129 -3.64 -1.33 13.46
N SER A 130 -2.94 -2.49 13.40
CA SER A 130 -2.06 -2.97 14.49
C SER A 130 -0.93 -1.95 14.74
N GLN A 131 -0.55 -1.78 16.02
CA GLN A 131 0.23 -0.61 16.47
C GLN A 131 1.72 -0.76 16.14
N GLU A 132 2.19 -2.01 16.06
CA GLU A 132 3.58 -2.35 15.72
C GLU A 132 3.89 -1.90 14.28
N TYR A 133 2.97 -2.25 13.38
CA TYR A 133 3.08 -2.02 11.94
C TYR A 133 2.78 -0.55 11.62
N ALA A 134 1.76 -0.01 12.32
CA ALA A 134 1.33 1.40 12.22
C ALA A 134 2.48 2.36 12.62
N ASP A 135 3.30 1.93 13.59
CA ASP A 135 4.47 2.69 14.07
C ASP A 135 5.68 2.46 13.14
N TYR A 136 5.76 1.24 12.56
CA TYR A 136 6.89 0.78 11.73
C TYR A 136 7.14 1.74 10.55
N PHE A 137 6.16 1.87 9.65
CA PHE A 137 6.22 2.82 8.53
C PHE A 137 5.82 4.24 8.99
N GLY A 138 5.00 4.33 10.06
CA GLY A 138 4.48 5.61 10.55
C GLY A 138 3.22 6.02 9.78
N GLU A 139 2.14 6.35 10.50
CA GLU A 139 0.79 6.51 9.91
C GLU A 139 0.65 7.77 9.02
N GLU A 140 1.60 8.70 9.14
CA GLU A 140 1.69 9.89 8.25
C GLU A 140 2.33 9.52 6.89
N THR A 141 3.23 8.54 6.93
CA THR A 141 4.09 8.14 5.80
C THR A 141 3.42 7.05 4.94
N VAL A 142 3.65 7.14 3.61
CA VAL A 142 3.32 6.08 2.65
C VAL A 142 4.41 4.99 2.78
N PRO A 143 4.03 3.71 3.07
CA PRO A 143 4.98 2.57 3.04
C PRO A 143 5.64 2.45 1.64
N TYR A 144 6.80 3.09 1.52
CA TYR A 144 7.56 3.16 0.28
C TYR A 144 8.41 1.89 0.10
N LEU A 145 8.52 1.45 -1.16
CA LEU A 145 9.32 0.29 -1.54
C LEU A 145 10.80 0.72 -1.61
N ARG A 146 11.60 0.27 -0.61
CA ARG A 146 13.06 0.51 -0.58
C ARG A 146 13.73 -0.20 -1.76
N GLY A 147 13.16 -1.38 -2.11
CA GLY A 147 13.69 -2.22 -3.18
C GLY A 147 14.99 -2.89 -2.78
N LEU A 148 14.93 -3.70 -1.72
CA LEU A 148 16.10 -4.43 -1.17
C LEU A 148 16.30 -5.75 -1.94
N GLU A 149 16.35 -5.64 -3.28
CA GLU A 149 16.44 -6.78 -4.20
C GLU A 149 17.69 -6.67 -5.07
N HIS A 150 17.76 -5.58 -5.86
CA HIS A 150 18.77 -5.39 -6.91
C HIS A 150 19.74 -4.28 -6.54
N HIS A 151 20.91 -4.28 -7.18
CA HIS A 151 21.92 -3.24 -7.00
C HIS A 151 22.89 -3.28 -8.21
N HIS A 152 23.80 -4.28 -8.19
CA HIS A 152 24.90 -4.43 -9.19
C HIS A 152 25.87 -3.22 -9.18
N HIS A 153 27.02 -3.39 -9.83
CA HIS A 153 28.02 -2.32 -10.09
C HIS A 153 28.60 -1.77 -8.77
N HIS A 154 29.68 -2.40 -8.28
CA HIS A 154 30.31 -2.06 -6.99
C HIS A 154 31.84 -2.11 -7.13
N HIS A 155 32.32 -3.14 -7.89
CA HIS A 155 33.74 -3.58 -7.91
C HIS A 155 34.09 -4.22 -6.56
N PRO A 1 4.29 -1.36 -25.52
CA PRO A 1 5.40 -0.57 -26.13
C PRO A 1 6.51 -0.33 -25.10
N GLN A 2 7.46 0.56 -25.44
CA GLN A 2 8.51 1.02 -24.51
C GLN A 2 7.86 1.82 -23.36
N SER A 3 8.47 1.76 -22.16
CA SER A 3 8.05 2.57 -21.02
C SER A 3 8.60 3.99 -21.20
N TYR A 4 7.87 4.82 -21.95
CA TYR A 4 8.25 6.23 -22.21
C TYR A 4 7.62 7.17 -21.16
N PHE A 5 7.30 6.60 -19.98
CA PHE A 5 6.80 7.35 -18.82
C PHE A 5 7.88 8.35 -18.36
N ASN A 6 9.00 7.81 -17.80
CA ASN A 6 10.20 8.58 -17.41
C ASN A 6 9.85 9.72 -16.42
N ALA A 7 9.77 9.38 -15.13
CA ALA A 7 9.58 10.36 -14.05
C ALA A 7 10.20 9.80 -12.76
N ALA A 8 11.39 10.32 -12.41
CA ALA A 8 12.07 10.01 -11.15
C ALA A 8 11.46 10.87 -10.03
N ALA A 9 10.21 10.53 -9.68
CA ALA A 9 9.40 11.27 -8.69
C ALA A 9 9.47 10.59 -7.32
N LYS A 10 10.64 10.00 -7.01
CA LYS A 10 10.95 9.35 -5.72
C LYS A 10 12.40 9.70 -5.34
N ARG A 11 12.57 10.76 -4.54
CA ARG A 11 13.90 11.23 -4.06
C ARG A 11 13.91 11.31 -2.54
N GLN A 12 13.09 12.21 -1.99
CA GLN A 12 12.85 12.32 -0.55
C GLN A 12 11.63 11.48 -0.18
N LYS A 13 11.36 11.34 1.12
CA LYS A 13 10.18 10.60 1.61
C LYS A 13 8.91 11.45 1.39
N TYR A 14 7.83 10.79 0.97
CA TYR A 14 6.53 11.44 0.72
C TYR A 14 5.56 10.94 1.78
N ALA A 15 5.16 11.85 2.66
CA ALA A 15 4.18 11.58 3.71
C ALA A 15 3.08 12.61 3.61
N MET A 16 1.83 12.20 3.90
CA MET A 16 0.70 13.11 3.92
C MET A 16 0.78 13.96 5.20
N LYS A 17 1.52 15.08 5.07
CA LYS A 17 1.85 15.97 6.18
C LYS A 17 0.82 17.12 6.25
N PRO A 18 0.45 17.59 7.48
CA PRO A 18 -0.45 18.76 7.66
C PRO A 18 0.24 20.07 7.23
N GLY A 19 0.21 20.35 5.91
CA GLY A 19 0.78 21.57 5.35
C GLY A 19 1.56 21.34 4.05
N LEU A 20 1.16 20.34 3.27
CA LEU A 20 1.70 20.13 1.90
C LEU A 20 0.94 21.02 0.89
N SER A 21 1.60 21.32 -0.25
CA SER A 21 0.94 21.92 -1.43
C SER A 21 0.01 20.87 -2.06
N ALA A 22 -0.99 21.31 -2.84
CA ALA A 22 -2.01 20.41 -3.42
C ALA A 22 -1.40 19.45 -4.47
N LEU A 23 -0.45 19.97 -5.25
CA LEU A 23 0.30 19.18 -6.26
C LEU A 23 1.33 18.27 -5.57
N GLU A 24 1.82 18.73 -4.40
CA GLU A 24 2.74 17.95 -3.57
C GLU A 24 2.03 16.75 -2.94
N LYS A 25 0.77 16.98 -2.51
CA LYS A 25 -0.10 15.93 -1.96
C LYS A 25 -0.39 14.89 -3.05
N ASN A 26 -0.67 15.40 -4.25
CA ASN A 26 -0.92 14.59 -5.45
C ASN A 26 0.28 13.70 -5.79
N ALA A 27 1.50 14.24 -5.59
CA ALA A 27 2.76 13.48 -5.76
C ALA A 27 2.88 12.35 -4.71
N VAL A 28 2.48 12.65 -3.45
CA VAL A 28 2.48 11.68 -2.33
C VAL A 28 1.48 10.52 -2.60
N ILE A 29 0.30 10.88 -3.11
CA ILE A 29 -0.82 9.95 -3.37
C ILE A 29 -0.54 9.11 -4.65
N LYS A 30 0.13 9.72 -5.63
CA LYS A 30 0.50 9.05 -6.89
C LYS A 30 1.63 8.05 -6.64
N ALA A 31 2.55 8.41 -5.71
CA ALA A 31 3.59 7.48 -5.20
C ALA A 31 2.92 6.30 -4.46
N ALA A 32 1.84 6.60 -3.72
CA ALA A 32 1.05 5.59 -2.98
C ALA A 32 0.39 4.59 -3.96
N TYR A 33 -0.09 5.13 -5.11
CA TYR A 33 -0.70 4.30 -6.16
C TYR A 33 0.34 3.46 -6.90
N ARG A 34 1.43 4.10 -7.33
CA ARG A 34 2.43 3.48 -8.22
C ARG A 34 3.32 2.46 -7.47
N GLN A 35 3.36 2.55 -6.12
CA GLN A 35 4.08 1.54 -5.30
C GLN A 35 3.14 0.38 -4.89
N ILE A 36 1.89 0.69 -4.47
CA ILE A 36 0.95 -0.32 -3.94
C ILE A 36 0.19 -1.04 -5.07
N PHE A 37 -0.49 -0.26 -5.92
CA PHE A 37 -1.29 -0.80 -7.03
C PHE A 37 -0.35 -1.15 -8.20
N GLU A 38 0.74 -0.34 -8.31
CA GLU A 38 1.87 -0.53 -9.26
C GLU A 38 1.51 -0.25 -10.73
N ARG A 39 0.22 0.04 -10.99
CA ARG A 39 -0.32 0.24 -12.34
C ARG A 39 -0.68 1.71 -12.56
N ASP A 40 -0.62 2.17 -13.83
CA ASP A 40 -1.13 3.50 -14.25
C ASP A 40 -2.66 3.49 -14.18
N ILE A 41 -3.20 3.63 -12.96
CA ILE A 41 -4.65 3.68 -12.70
C ILE A 41 -5.13 5.14 -12.76
N THR A 42 -6.46 5.34 -12.77
CA THR A 42 -7.09 6.66 -12.86
C THR A 42 -8.56 6.57 -12.39
N LYS A 43 -9.28 7.70 -12.48
CA LYS A 43 -10.68 7.86 -12.08
C LYS A 43 -11.61 6.92 -12.88
N ALA A 44 -11.27 6.71 -14.17
CA ALA A 44 -12.02 5.85 -15.11
C ALA A 44 -12.07 4.38 -14.65
N TYR A 45 -11.12 3.98 -13.78
CA TYR A 45 -11.12 2.64 -13.16
C TYR A 45 -12.25 2.58 -12.12
N SER A 46 -12.17 3.44 -11.10
CA SER A 46 -13.17 3.52 -10.03
C SER A 46 -13.23 4.95 -9.47
N GLN A 47 -14.46 5.45 -9.26
CA GLN A 47 -14.68 6.72 -8.52
C GLN A 47 -14.35 6.50 -7.03
N SER A 48 -14.43 5.23 -6.59
CA SER A 48 -13.98 4.80 -5.25
C SER A 48 -12.53 5.26 -4.99
N ILE A 49 -11.65 5.03 -5.99
CA ILE A 49 -10.22 5.38 -5.92
C ILE A 49 -10.03 6.92 -5.78
N SER A 50 -10.74 7.68 -6.62
CA SER A 50 -10.66 9.16 -6.63
C SER A 50 -11.32 9.79 -5.38
N TYR A 51 -12.24 9.04 -4.76
CA TYR A 51 -12.94 9.45 -3.52
C TYR A 51 -11.98 9.37 -2.33
N LEU A 52 -11.33 8.19 -2.21
CA LEU A 52 -10.28 7.93 -1.19
C LEU A 52 -9.12 8.92 -1.33
N GLU A 53 -8.76 9.18 -2.60
CA GLU A 53 -7.73 10.17 -3.00
C GLU A 53 -8.07 11.55 -2.41
N SER A 54 -9.31 12.01 -2.68
CA SER A 54 -9.77 13.36 -2.30
C SER A 54 -9.86 13.51 -0.76
N GLN A 55 -10.10 12.39 -0.06
CA GLN A 55 -10.14 12.36 1.41
C GLN A 55 -8.75 12.58 1.99
N VAL A 56 -7.78 11.75 1.56
CA VAL A 56 -6.40 11.80 2.10
C VAL A 56 -5.71 13.13 1.72
N ARG A 57 -6.09 13.69 0.56
CA ARG A 57 -5.63 15.00 0.07
C ARG A 57 -6.12 16.13 1.02
N ASN A 58 -7.41 16.09 1.39
CA ASN A 58 -8.03 17.07 2.31
C ASN A 58 -7.76 16.73 3.80
N GLY A 59 -6.89 15.72 4.05
CA GLY A 59 -6.50 15.33 5.41
C GLY A 59 -7.63 14.70 6.25
N ASP A 60 -8.68 14.23 5.55
CA ASP A 60 -9.84 13.57 6.16
C ASP A 60 -9.41 12.21 6.73
N ILE A 61 -8.68 11.44 5.91
CA ILE A 61 -7.97 10.22 6.34
C ILE A 61 -6.47 10.41 6.07
N SER A 62 -5.61 9.72 6.83
CA SER A 62 -4.15 9.70 6.57
C SER A 62 -3.78 8.43 5.80
N MET A 63 -2.48 8.20 5.58
CA MET A 63 -1.98 7.09 4.73
C MET A 63 -2.23 5.72 5.37
N LYS A 64 -2.50 5.67 6.68
CA LYS A 64 -2.84 4.42 7.39
C LYS A 64 -4.17 3.85 6.84
N GLU A 65 -5.25 4.65 6.97
CA GLU A 65 -6.59 4.28 6.51
C GLU A 65 -6.60 4.16 4.97
N PHE A 66 -5.88 5.08 4.30
CA PHE A 66 -5.85 5.15 2.83
C PHE A 66 -5.35 3.83 2.20
N VAL A 67 -4.24 3.28 2.74
CA VAL A 67 -3.65 2.00 2.27
C VAL A 67 -4.62 0.83 2.53
N ARG A 68 -5.23 0.80 3.73
CA ARG A 68 -6.23 -0.22 4.11
C ARG A 68 -7.45 -0.20 3.15
N ARG A 69 -7.85 1.02 2.77
CA ARG A 69 -8.97 1.26 1.84
C ARG A 69 -8.65 0.74 0.42
N LEU A 70 -7.43 1.07 -0.08
CA LEU A 70 -6.97 0.69 -1.43
C LEU A 70 -6.90 -0.85 -1.58
N ALA A 71 -6.40 -1.49 -0.54
CA ALA A 71 -6.27 -2.96 -0.49
C ALA A 71 -7.63 -3.66 -0.40
N LYS A 72 -8.60 -2.97 0.23
CA LYS A 72 -9.99 -3.48 0.37
C LYS A 72 -10.83 -3.12 -0.88
N SER A 73 -10.29 -2.24 -1.78
CA SER A 73 -11.03 -1.79 -3.00
C SER A 73 -11.41 -3.01 -3.88
N PRO A 74 -12.70 -3.05 -4.39
CA PRO A 74 -13.23 -4.17 -5.23
C PRO A 74 -12.26 -4.63 -6.33
N LEU A 75 -11.66 -3.64 -7.01
CA LEU A 75 -10.73 -3.89 -8.13
C LEU A 75 -9.44 -4.58 -7.64
N TYR A 76 -8.76 -3.98 -6.64
CA TYR A 76 -7.48 -4.48 -6.10
C TYR A 76 -7.63 -5.92 -5.59
N ARG A 77 -8.57 -6.14 -4.65
CA ARG A 77 -8.77 -7.46 -4.01
C ARG A 77 -9.20 -8.53 -5.04
N LYS A 78 -9.89 -8.11 -6.12
CA LYS A 78 -10.30 -8.99 -7.22
C LYS A 78 -9.05 -9.47 -7.98
N GLN A 79 -8.29 -8.53 -8.57
CA GLN A 79 -7.18 -8.86 -9.48
C GLN A 79 -5.86 -9.17 -8.74
N PHE A 80 -5.92 -9.34 -7.41
CA PHE A 80 -4.78 -9.81 -6.59
C PHE A 80 -5.13 -11.11 -5.86
N PHE A 81 -6.14 -11.06 -4.96
CA PHE A 81 -6.44 -12.18 -4.04
C PHE A 81 -7.06 -13.40 -4.76
N GLU A 82 -7.73 -13.16 -5.91
CA GLU A 82 -8.48 -14.22 -6.63
C GLU A 82 -7.60 -15.00 -7.69
N PRO A 83 -6.91 -14.32 -8.69
CA PRO A 83 -6.07 -15.05 -9.68
C PRO A 83 -4.81 -15.67 -9.06
N PHE A 84 -4.19 -14.92 -8.11
CA PHE A 84 -3.06 -15.40 -7.33
C PHE A 84 -3.59 -16.21 -6.15
N ILE A 85 -2.88 -17.28 -5.74
CA ILE A 85 -3.22 -18.05 -4.53
C ILE A 85 -2.95 -17.17 -3.28
N ASN A 86 -3.65 -17.48 -2.17
CA ASN A 86 -3.62 -16.73 -0.89
C ASN A 86 -2.17 -16.42 -0.43
N SER A 87 -1.28 -17.41 -0.60
CA SER A 87 0.16 -17.29 -0.29
C SER A 87 0.83 -16.09 -1.02
N ARG A 88 0.48 -15.88 -2.30
CA ARG A 88 1.05 -14.78 -3.12
C ARG A 88 0.54 -13.43 -2.60
N ALA A 89 -0.78 -13.36 -2.34
CA ALA A 89 -1.46 -12.14 -1.82
C ALA A 89 -0.93 -11.76 -0.43
N LEU A 90 -0.54 -12.79 0.35
CA LEU A 90 0.10 -12.63 1.67
C LEU A 90 1.46 -11.93 1.53
N GLU A 91 2.28 -12.46 0.62
CA GLU A 91 3.67 -12.00 0.39
C GLU A 91 3.65 -10.54 -0.14
N LEU A 92 2.76 -10.28 -1.11
CA LEU A 92 2.55 -8.97 -1.73
C LEU A 92 2.11 -7.92 -0.70
N ALA A 93 1.29 -8.35 0.28
CA ALA A 93 0.80 -7.47 1.37
C ALA A 93 1.97 -7.03 2.26
N PHE A 94 2.85 -7.99 2.61
CA PHE A 94 4.06 -7.71 3.42
C PHE A 94 4.98 -6.69 2.73
N ARG A 95 5.21 -6.88 1.43
CA ARG A 95 6.06 -5.98 0.63
C ARG A 95 5.46 -4.57 0.49
N HIS A 96 4.16 -4.50 0.15
CA HIS A 96 3.46 -3.20 -0.06
C HIS A 96 3.37 -2.37 1.24
N ILE A 97 3.17 -3.05 2.39
CA ILE A 97 2.91 -2.38 3.69
C ILE A 97 4.21 -2.18 4.50
N LEU A 98 5.00 -3.25 4.64
CA LEU A 98 6.18 -3.28 5.54
C LEU A 98 7.48 -2.98 4.76
N GLY A 99 7.46 -3.15 3.43
CA GLY A 99 8.66 -2.98 2.60
C GLY A 99 9.53 -4.22 2.52
N ARG A 100 9.18 -5.24 3.32
CA ARG A 100 9.87 -6.54 3.38
C ARG A 100 8.83 -7.64 3.39
N GLY A 101 9.15 -8.77 2.72
CA GLY A 101 8.32 -9.97 2.76
C GLY A 101 8.37 -10.67 4.12
N PRO A 102 7.75 -11.88 4.26
CA PRO A 102 7.68 -12.60 5.55
C PRO A 102 9.08 -13.03 6.06
N SER A 103 9.50 -12.44 7.20
CA SER A 103 10.83 -12.62 7.79
C SER A 103 10.89 -13.90 8.65
N SER A 104 9.97 -14.00 9.63
CA SER A 104 9.91 -15.16 10.57
C SER A 104 8.77 -16.12 10.19
N ARG A 105 8.94 -17.41 10.54
CA ARG A 105 7.95 -18.48 10.28
C ARG A 105 6.64 -18.19 11.05
N GLU A 106 6.77 -17.67 12.28
CA GLU A 106 5.62 -17.26 13.12
C GLU A 106 4.80 -16.16 12.43
N GLU A 107 5.50 -15.19 11.82
CA GLU A 107 4.86 -14.09 11.06
C GLU A 107 4.10 -14.64 9.83
N VAL A 108 4.69 -15.65 9.15
CA VAL A 108 4.05 -16.34 8.01
C VAL A 108 2.71 -16.94 8.46
N GLN A 109 2.78 -17.89 9.42
CA GLN A 109 1.64 -18.68 9.90
C GLN A 109 0.48 -17.79 10.41
N LYS A 110 0.85 -16.82 11.25
CA LYS A 110 -0.08 -15.92 11.93
C LYS A 110 -0.92 -15.13 10.93
N TYR A 111 -0.24 -14.37 10.06
CA TYR A 111 -0.90 -13.49 9.10
C TYR A 111 -1.53 -14.27 7.94
N PHE A 112 -1.04 -15.50 7.69
CA PHE A 112 -1.63 -16.44 6.70
C PHE A 112 -3.00 -16.92 7.20
N SER A 113 -3.12 -17.08 8.53
CA SER A 113 -4.36 -17.49 9.17
C SER A 113 -5.38 -16.32 9.15
N ILE A 114 -4.89 -15.10 9.42
CA ILE A 114 -5.73 -13.87 9.46
C ILE A 114 -6.34 -13.58 8.07
N VAL A 115 -5.54 -13.79 7.00
CA VAL A 115 -6.01 -13.61 5.61
C VAL A 115 -6.92 -14.79 5.17
N SER A 116 -6.77 -15.96 5.80
CA SER A 116 -7.68 -17.11 5.59
C SER A 116 -9.01 -16.92 6.38
N SER A 117 -8.97 -16.13 7.47
CA SER A 117 -10.12 -15.89 8.36
C SER A 117 -11.11 -14.87 7.79
N GLY A 118 -10.60 -13.68 7.42
CA GLY A 118 -11.44 -12.57 6.93
C GLY A 118 -10.94 -11.94 5.65
N GLY A 119 -10.28 -12.75 4.81
CA GLY A 119 -9.81 -12.30 3.51
C GLY A 119 -8.62 -11.35 3.56
N LEU A 120 -8.34 -10.74 2.40
CA LEU A 120 -7.22 -9.78 2.22
C LEU A 120 -7.40 -8.49 3.09
N PRO A 121 -8.64 -7.85 3.17
CA PRO A 121 -8.87 -6.65 4.06
C PRO A 121 -8.44 -6.89 5.52
N ALA A 122 -8.69 -8.10 6.05
CA ALA A 122 -8.35 -8.47 7.45
C ALA A 122 -6.82 -8.54 7.66
N LEU A 123 -6.12 -9.09 6.65
CA LEU A 123 -4.65 -9.17 6.65
C LEU A 123 -4.01 -7.78 6.67
N VAL A 124 -4.47 -6.94 5.73
CA VAL A 124 -3.95 -5.58 5.55
C VAL A 124 -4.28 -4.73 6.78
N ASP A 125 -5.40 -5.01 7.42
CA ASP A 125 -5.80 -4.36 8.68
C ASP A 125 -4.87 -4.80 9.84
N ALA A 126 -4.56 -6.09 9.89
CA ALA A 126 -3.65 -6.66 10.92
C ALA A 126 -2.22 -6.12 10.80
N LEU A 127 -1.82 -5.69 9.59
CA LEU A 127 -0.49 -5.11 9.33
C LEU A 127 -0.49 -3.58 9.54
N VAL A 128 -1.47 -2.88 8.92
CA VAL A 128 -1.50 -1.40 8.89
C VAL A 128 -2.12 -0.82 10.18
N ASP A 129 -3.32 -1.32 10.57
CA ASP A 129 -4.11 -0.76 11.70
C ASP A 129 -3.41 -0.98 13.05
N SER A 130 -2.60 -2.05 13.12
CA SER A 130 -1.80 -2.41 14.30
C SER A 130 -0.96 -1.21 14.80
N GLN A 131 -0.93 -1.01 16.13
CA GLN A 131 -0.39 0.23 16.76
C GLN A 131 1.13 0.30 16.56
N GLU A 132 1.76 -0.89 16.56
CA GLU A 132 3.20 -1.06 16.39
C GLU A 132 3.66 -0.50 15.04
N TYR A 133 3.07 -1.02 13.95
CA TYR A 133 3.55 -0.73 12.57
C TYR A 133 3.11 0.68 12.13
N ALA A 134 1.88 1.04 12.52
CA ALA A 134 1.28 2.34 12.17
C ALA A 134 2.11 3.50 12.75
N ASP A 135 2.52 3.34 14.02
CA ASP A 135 3.31 4.34 14.75
C ASP A 135 4.82 4.19 14.46
N TYR A 136 5.27 2.99 14.00
CA TYR A 136 6.69 2.75 13.69
C TYR A 136 7.08 3.42 12.35
N PHE A 137 6.47 2.93 11.26
CA PHE A 137 6.71 3.42 9.88
C PHE A 137 6.20 4.87 9.75
N GLY A 138 5.02 5.11 10.32
CA GLY A 138 4.43 6.44 10.36
C GLY A 138 3.06 6.44 9.69
N GLU A 139 2.04 6.97 10.41
CA GLU A 139 0.64 7.06 9.95
C GLU A 139 0.52 7.98 8.72
N GLU A 140 1.47 8.93 8.60
CA GLU A 140 1.54 9.88 7.48
C GLU A 140 2.30 9.27 6.28
N THR A 141 3.26 8.37 6.57
CA THR A 141 4.25 7.88 5.58
C THR A 141 3.60 6.94 4.56
N VAL A 142 3.97 7.10 3.27
CA VAL A 142 3.59 6.14 2.22
C VAL A 142 4.44 4.87 2.40
N PRO A 143 3.81 3.67 2.58
CA PRO A 143 4.53 2.38 2.62
C PRO A 143 5.24 2.07 1.28
N TYR A 144 6.59 2.11 1.32
CA TYR A 144 7.44 1.86 0.14
C TYR A 144 8.06 0.46 0.20
N LEU A 145 8.77 0.12 -0.89
CA LEU A 145 9.71 -1.00 -0.94
C LEU A 145 11.10 -0.53 -0.45
N ARG A 146 11.33 0.80 -0.53
CA ARG A 146 12.55 1.52 -0.05
C ARG A 146 13.84 1.02 -0.72
N GLY A 147 14.31 1.77 -1.73
CA GLY A 147 15.58 1.46 -2.43
C GLY A 147 15.46 0.38 -3.49
N LEU A 148 14.48 -0.55 -3.31
CA LEU A 148 14.23 -1.66 -4.25
C LEU A 148 15.47 -2.59 -4.32
N GLU A 149 15.64 -3.36 -5.42
CA GLU A 149 16.82 -4.23 -5.57
C GLU A 149 18.09 -3.41 -5.92
N HIS A 150 18.70 -2.84 -4.86
CA HIS A 150 20.01 -2.12 -4.92
C HIS A 150 19.95 -0.89 -5.86
N HIS A 151 18.73 -0.35 -6.08
CA HIS A 151 18.50 0.79 -6.96
C HIS A 151 18.87 2.09 -6.23
N HIS A 152 20.14 2.48 -6.40
CA HIS A 152 20.73 3.66 -5.75
C HIS A 152 20.32 4.96 -6.47
N HIS A 153 19.11 5.44 -6.14
CA HIS A 153 18.61 6.75 -6.61
C HIS A 153 19.29 7.86 -5.79
N HIS A 154 19.66 8.96 -6.45
CA HIS A 154 20.40 10.07 -5.82
C HIS A 154 19.51 10.81 -4.79
N HIS A 155 19.74 10.51 -3.49
CA HIS A 155 18.97 11.09 -2.38
C HIS A 155 19.39 12.56 -2.15
N PRO A 1 7.48 10.82 -32.07
CA PRO A 1 7.85 9.97 -30.90
C PRO A 1 6.78 10.09 -29.80
N GLN A 2 6.70 11.30 -29.19
CA GLN A 2 5.79 11.60 -28.05
C GLN A 2 6.03 10.63 -26.88
N SER A 3 7.30 10.24 -26.72
CA SER A 3 7.76 9.35 -25.66
C SER A 3 7.87 10.14 -24.34
N TYR A 4 6.77 10.16 -23.57
CA TYR A 4 6.68 10.91 -22.30
C TYR A 4 7.21 10.05 -21.12
N PHE A 5 8.42 9.50 -21.30
CA PHE A 5 9.10 8.65 -20.31
C PHE A 5 9.81 9.53 -19.26
N ASN A 6 9.13 9.72 -18.12
CA ASN A 6 9.67 10.49 -16.99
C ASN A 6 9.22 9.85 -15.66
N ALA A 7 9.96 8.80 -15.25
CA ALA A 7 9.75 8.15 -13.93
C ALA A 7 10.03 9.17 -12.82
N ALA A 8 11.20 9.85 -12.96
CA ALA A 8 11.54 11.13 -12.29
C ALA A 8 11.32 11.15 -10.76
N ALA A 9 10.05 11.20 -10.34
CA ALA A 9 9.64 11.28 -8.94
C ALA A 9 10.00 10.04 -8.13
N LYS A 10 10.16 8.89 -8.86
CA LYS A 10 10.56 7.59 -8.28
C LYS A 10 9.50 7.09 -7.26
N ARG A 11 9.88 6.11 -6.42
CA ARG A 11 9.06 5.66 -5.28
C ARG A 11 9.71 6.21 -4.00
N GLN A 12 9.80 7.56 -3.94
CA GLN A 12 10.37 8.27 -2.80
C GLN A 12 9.45 8.19 -1.59
N LYS A 13 10.01 8.45 -0.42
CA LYS A 13 9.28 8.43 0.84
C LYS A 13 8.59 9.79 1.02
N TYR A 14 7.27 9.79 0.78
CA TYR A 14 6.44 11.00 0.92
C TYR A 14 5.67 10.91 2.24
N ALA A 15 5.00 12.01 2.60
CA ALA A 15 4.21 12.08 3.82
C ALA A 15 3.04 13.03 3.61
N MET A 16 1.80 12.51 3.76
CA MET A 16 0.59 13.31 3.69
C MET A 16 0.50 14.19 4.94
N LYS A 17 0.78 15.48 4.74
CA LYS A 17 0.72 16.51 5.77
C LYS A 17 -0.38 17.52 5.38
N PRO A 18 -1.22 18.00 6.34
CA PRO A 18 -2.24 19.05 6.05
C PRO A 18 -1.62 20.34 5.47
N GLY A 19 -0.35 20.60 5.83
CA GLY A 19 0.39 21.77 5.35
C GLY A 19 1.03 21.61 3.98
N LEU A 20 0.64 20.56 3.21
CA LEU A 20 1.09 20.41 1.81
C LEU A 20 0.15 21.18 0.88
N SER A 21 0.74 21.76 -0.19
CA SER A 21 0.00 22.42 -1.27
C SER A 21 -0.66 21.38 -2.20
N ALA A 22 -1.51 21.86 -3.13
CA ALA A 22 -2.37 21.02 -3.99
C ALA A 22 -1.56 20.04 -4.84
N LEU A 23 -0.51 20.56 -5.50
CA LEU A 23 0.38 19.76 -6.35
C LEU A 23 1.17 18.73 -5.52
N GLU A 24 1.55 19.11 -4.28
CA GLU A 24 2.32 18.23 -3.37
C GLU A 24 1.47 17.02 -2.94
N LYS A 25 0.17 17.26 -2.74
CA LYS A 25 -0.80 16.20 -2.41
C LYS A 25 -0.85 15.17 -3.56
N ASN A 26 -0.94 15.70 -4.81
CA ASN A 26 -0.97 14.88 -6.04
C ASN A 26 0.26 13.98 -6.14
N ALA A 27 1.42 14.57 -5.83
CA ALA A 27 2.73 13.86 -5.81
C ALA A 27 2.70 12.61 -4.90
N VAL A 28 2.12 12.79 -3.71
CA VAL A 28 2.00 11.71 -2.72
C VAL A 28 0.96 10.65 -3.18
N ILE A 29 -0.11 11.10 -3.88
CA ILE A 29 -1.15 10.21 -4.45
C ILE A 29 -0.56 9.31 -5.56
N LYS A 30 0.30 9.91 -6.39
CA LYS A 30 0.98 9.22 -7.49
C LYS A 30 1.94 8.14 -6.95
N ALA A 31 2.74 8.54 -5.95
CA ALA A 31 3.68 7.63 -5.28
C ALA A 31 2.95 6.44 -4.61
N ALA A 32 1.68 6.68 -4.23
CA ALA A 32 0.81 5.63 -3.66
C ALA A 32 0.41 4.61 -4.73
N TYR A 33 0.12 5.09 -5.95
CA TYR A 33 -0.25 4.21 -7.08
C TYR A 33 0.95 3.38 -7.53
N ARG A 34 2.15 3.99 -7.54
CA ARG A 34 3.41 3.29 -7.85
C ARG A 34 3.75 2.21 -6.81
N GLN A 35 3.64 2.58 -5.52
CA GLN A 35 4.15 1.72 -4.44
C GLN A 35 3.15 0.61 -4.10
N ILE A 36 1.87 0.99 -3.94
CA ILE A 36 0.82 0.07 -3.48
C ILE A 36 0.23 -0.70 -4.67
N PHE A 37 -0.36 0.03 -5.64
CA PHE A 37 -1.07 -0.61 -6.76
C PHE A 37 -0.08 -1.13 -7.82
N GLU A 38 1.12 -0.51 -7.89
CA GLU A 38 2.23 -0.80 -8.85
C GLU A 38 2.00 -0.10 -10.22
N ARG A 39 0.82 0.50 -10.41
CA ARG A 39 0.42 1.10 -11.71
C ARG A 39 -0.21 2.47 -11.43
N ASP A 40 0.14 3.48 -12.25
CA ASP A 40 -0.48 4.81 -12.22
C ASP A 40 -1.90 4.74 -12.77
N ILE A 41 -2.89 4.75 -11.86
CA ILE A 41 -4.31 4.59 -12.20
C ILE A 41 -5.13 5.81 -11.77
N THR A 42 -6.41 5.86 -12.19
CA THR A 42 -7.33 6.95 -11.84
C THR A 42 -8.80 6.62 -12.21
N LYS A 43 -9.73 7.08 -11.34
CA LYS A 43 -11.21 7.19 -11.57
C LYS A 43 -11.88 6.00 -12.29
N ALA A 44 -11.67 5.92 -13.62
CA ALA A 44 -12.32 4.92 -14.51
C ALA A 44 -12.00 3.48 -14.10
N TYR A 45 -10.97 3.31 -13.27
CA TYR A 45 -10.67 2.03 -12.62
C TYR A 45 -11.70 1.71 -11.52
N SER A 46 -11.78 2.60 -10.51
CA SER A 46 -12.74 2.47 -9.39
C SER A 46 -12.99 3.85 -8.75
N GLN A 47 -14.27 4.25 -8.61
CA GLN A 47 -14.66 5.45 -7.84
C GLN A 47 -14.44 5.23 -6.35
N SER A 48 -14.37 3.95 -5.93
CA SER A 48 -13.92 3.57 -4.59
C SER A 48 -12.60 4.28 -4.25
N ILE A 49 -11.63 4.15 -5.18
CA ILE A 49 -10.27 4.71 -5.05
C ILE A 49 -10.28 6.25 -5.14
N SER A 50 -11.17 6.79 -5.98
CA SER A 50 -11.32 8.26 -6.15
C SER A 50 -11.88 8.91 -4.87
N TYR A 51 -12.76 8.20 -4.17
CA TYR A 51 -13.34 8.66 -2.88
C TYR A 51 -12.24 8.72 -1.81
N LEU A 52 -11.40 7.67 -1.78
CA LEU A 52 -10.25 7.57 -0.87
C LEU A 52 -9.26 8.70 -1.13
N GLU A 53 -9.00 8.95 -2.42
CA GLU A 53 -8.13 10.02 -2.91
C GLU A 53 -8.63 11.37 -2.37
N SER A 54 -9.92 11.65 -2.57
CA SER A 54 -10.55 12.92 -2.15
C SER A 54 -10.32 13.19 -0.65
N GLN A 55 -10.47 12.15 0.16
CA GLN A 55 -10.29 12.22 1.62
C GLN A 55 -8.84 12.61 1.98
N VAL A 56 -7.89 11.72 1.64
CA VAL A 56 -6.47 11.85 2.05
C VAL A 56 -5.80 13.12 1.46
N ARG A 57 -6.20 13.48 0.24
CA ARG A 57 -5.72 14.69 -0.47
C ARG A 57 -6.25 15.98 0.19
N ASN A 58 -7.49 15.91 0.72
CA ASN A 58 -8.10 17.02 1.51
C ASN A 58 -7.62 16.99 3.00
N GLY A 59 -6.88 15.90 3.34
CA GLY A 59 -6.36 15.69 4.70
C GLY A 59 -7.42 15.24 5.72
N ASP A 60 -8.41 14.47 5.27
CA ASP A 60 -9.41 13.81 6.14
C ASP A 60 -8.76 12.64 6.88
N ILE A 61 -8.28 11.67 6.10
CA ILE A 61 -7.67 10.44 6.64
C ILE A 61 -6.14 10.48 6.45
N SER A 62 -5.41 9.72 7.29
CA SER A 62 -3.95 9.60 7.19
C SER A 62 -3.55 8.79 5.94
N MET A 63 -2.25 8.81 5.60
CA MET A 63 -1.74 8.13 4.39
C MET A 63 -1.83 6.60 4.55
N LYS A 64 -1.60 6.14 5.79
CA LYS A 64 -1.70 4.71 6.17
C LYS A 64 -3.16 4.23 6.01
N GLU A 65 -4.10 5.17 6.27
CA GLU A 65 -5.54 4.94 6.11
C GLU A 65 -5.91 4.81 4.63
N PHE A 66 -5.26 5.61 3.79
CA PHE A 66 -5.40 5.53 2.34
C PHE A 66 -4.97 4.15 1.85
N VAL A 67 -3.82 3.67 2.38
CA VAL A 67 -3.22 2.37 2.03
C VAL A 67 -4.17 1.19 2.36
N ARG A 68 -4.72 1.18 3.60
CA ARG A 68 -5.59 0.07 4.06
C ARG A 68 -6.86 -0.04 3.20
N ARG A 69 -7.43 1.13 2.87
CA ARG A 69 -8.68 1.23 2.12
C ARG A 69 -8.46 0.96 0.62
N LEU A 70 -7.23 1.23 0.10
CA LEU A 70 -6.84 0.90 -1.29
C LEU A 70 -6.90 -0.62 -1.51
N ALA A 71 -6.26 -1.36 -0.60
CA ALA A 71 -6.18 -2.83 -0.67
C ALA A 71 -7.53 -3.48 -0.33
N LYS A 72 -8.36 -2.75 0.42
CA LYS A 72 -9.73 -3.15 0.77
C LYS A 72 -10.69 -2.87 -0.41
N SER A 73 -10.33 -1.91 -1.31
CA SER A 73 -11.16 -1.55 -2.48
C SER A 73 -11.38 -2.78 -3.38
N PRO A 74 -12.64 -3.00 -3.92
CA PRO A 74 -13.01 -4.22 -4.67
C PRO A 74 -12.02 -4.59 -5.78
N LEU A 75 -11.42 -3.56 -6.39
CA LEU A 75 -10.47 -3.73 -7.51
C LEU A 75 -9.20 -4.51 -7.07
N TYR A 76 -8.47 -3.95 -6.11
CA TYR A 76 -7.18 -4.52 -5.65
C TYR A 76 -7.43 -5.77 -4.78
N ARG A 77 -8.65 -5.84 -4.21
CA ARG A 77 -9.08 -6.95 -3.35
C ARG A 77 -9.19 -8.25 -4.21
N LYS A 78 -9.73 -8.13 -5.44
CA LYS A 78 -9.96 -9.30 -6.32
C LYS A 78 -8.67 -9.72 -7.05
N GLN A 79 -8.17 -8.85 -7.94
CA GLN A 79 -7.14 -9.23 -8.96
C GLN A 79 -5.70 -9.29 -8.40
N PHE A 80 -5.55 -9.18 -7.08
CA PHE A 80 -4.24 -9.30 -6.41
C PHE A 80 -4.29 -10.37 -5.30
N PHE A 81 -5.38 -11.17 -5.30
CA PHE A 81 -5.67 -12.16 -4.26
C PHE A 81 -6.18 -13.46 -4.89
N GLU A 82 -7.29 -13.36 -5.62
CA GLU A 82 -8.00 -14.53 -6.21
C GLU A 82 -7.23 -15.19 -7.41
N PRO A 83 -6.73 -14.43 -8.45
CA PRO A 83 -5.98 -15.05 -9.59
C PRO A 83 -4.73 -15.80 -9.15
N PHE A 84 -4.16 -15.38 -8.02
CA PHE A 84 -2.98 -16.00 -7.42
C PHE A 84 -3.42 -17.04 -6.37
N ILE A 85 -3.47 -16.62 -5.09
CA ILE A 85 -3.85 -17.44 -3.92
C ILE A 85 -3.60 -16.59 -2.65
N ASN A 86 -4.27 -16.96 -1.54
CA ASN A 86 -4.14 -16.28 -0.23
C ASN A 86 -2.66 -16.22 0.21
N SER A 87 -1.95 -17.34 0.00
CA SER A 87 -0.51 -17.50 0.30
C SER A 87 0.36 -16.41 -0.37
N ARG A 88 0.08 -16.14 -1.67
CA ARG A 88 0.81 -15.12 -2.45
C ARG A 88 0.46 -13.73 -1.93
N ALA A 89 -0.86 -13.46 -1.79
CA ALA A 89 -1.39 -12.14 -1.39
C ALA A 89 -0.88 -11.72 0.00
N LEU A 90 -0.57 -12.73 0.82
CA LEU A 90 0.03 -12.59 2.15
C LEU A 90 1.46 -12.00 2.04
N GLU A 91 2.28 -12.68 1.23
CA GLU A 91 3.69 -12.31 0.96
C GLU A 91 3.77 -10.90 0.35
N LEU A 92 2.92 -10.68 -0.66
CA LEU A 92 2.81 -9.43 -1.39
C LEU A 92 2.42 -8.26 -0.44
N ALA A 93 1.48 -8.53 0.48
CA ALA A 93 0.99 -7.53 1.45
C ALA A 93 2.10 -7.11 2.44
N PHE A 94 2.94 -8.07 2.84
CA PHE A 94 4.12 -7.80 3.69
C PHE A 94 5.17 -6.97 2.92
N ARG A 95 5.27 -7.20 1.62
CA ARG A 95 6.24 -6.51 0.75
C ARG A 95 5.71 -5.13 0.29
N HIS A 96 4.39 -4.90 0.41
CA HIS A 96 3.76 -3.61 0.04
C HIS A 96 3.64 -2.68 1.26
N ILE A 97 2.85 -3.13 2.25
CA ILE A 97 2.51 -2.33 3.45
C ILE A 97 3.73 -2.19 4.37
N LEU A 98 4.46 -3.30 4.54
CA LEU A 98 5.62 -3.36 5.45
C LEU A 98 6.92 -3.14 4.66
N GLY A 99 6.84 -3.29 3.32
CA GLY A 99 7.98 -3.06 2.42
C GLY A 99 9.12 -4.06 2.56
N ARG A 100 8.96 -5.05 3.46
CA ARG A 100 10.03 -5.99 3.83
C ARG A 100 9.78 -7.37 3.19
N GLY A 101 8.56 -7.88 3.34
CA GLY A 101 8.21 -9.23 2.91
C GLY A 101 8.20 -10.22 4.06
N PRO A 102 7.92 -11.54 3.78
CA PRO A 102 7.82 -12.60 4.82
C PRO A 102 9.19 -12.86 5.51
N SER A 103 9.34 -12.30 6.71
CA SER A 103 10.62 -12.27 7.45
C SER A 103 10.77 -13.47 8.39
N SER A 104 9.66 -13.92 9.00
CA SER A 104 9.68 -15.04 9.96
C SER A 104 8.56 -16.03 9.63
N ARG A 105 8.80 -17.33 9.85
CA ARG A 105 7.87 -18.42 9.47
C ARG A 105 6.56 -18.35 10.29
N GLU A 106 6.70 -18.16 11.61
CA GLU A 106 5.56 -18.07 12.54
C GLU A 106 4.71 -16.82 12.24
N GLU A 107 5.40 -15.73 11.83
CA GLU A 107 4.77 -14.48 11.35
C GLU A 107 3.86 -14.79 10.16
N VAL A 108 4.42 -15.49 9.16
CA VAL A 108 3.71 -15.88 7.92
C VAL A 108 2.44 -16.68 8.26
N GLN A 109 2.58 -17.72 9.08
CA GLN A 109 1.50 -18.69 9.38
C GLN A 109 0.39 -18.06 10.25
N LYS A 110 0.78 -17.17 11.18
CA LYS A 110 -0.17 -16.43 12.04
C LYS A 110 -1.08 -15.53 11.19
N TYR A 111 -0.47 -14.69 10.38
CA TYR A 111 -1.18 -13.76 9.49
C TYR A 111 -1.81 -14.51 8.29
N PHE A 112 -1.34 -15.74 8.03
CA PHE A 112 -1.94 -16.63 7.02
C PHE A 112 -3.35 -17.02 7.44
N SER A 113 -3.50 -17.31 8.74
CA SER A 113 -4.81 -17.61 9.34
C SER A 113 -5.81 -16.46 9.10
N ILE A 114 -5.29 -15.23 9.11
CA ILE A 114 -6.09 -14.00 8.90
C ILE A 114 -6.46 -13.85 7.41
N VAL A 115 -5.49 -14.06 6.49
CA VAL A 115 -5.72 -13.93 5.03
C VAL A 115 -6.52 -15.13 4.47
N SER A 116 -6.56 -16.24 5.23
CA SER A 116 -7.33 -17.44 4.87
C SER A 116 -8.80 -17.27 5.24
N SER A 117 -9.05 -16.89 6.51
CA SER A 117 -10.41 -16.77 7.06
C SER A 117 -11.04 -15.41 6.68
N GLY A 118 -10.41 -14.30 7.13
CA GLY A 118 -10.93 -12.94 6.89
C GLY A 118 -10.49 -12.34 5.56
N GLY A 119 -9.58 -13.05 4.86
CA GLY A 119 -9.13 -12.65 3.54
C GLY A 119 -8.15 -11.49 3.53
N LEU A 120 -8.00 -10.87 2.33
CA LEU A 120 -7.07 -9.77 2.10
C LEU A 120 -7.42 -8.49 2.92
N PRO A 121 -8.72 -8.01 2.95
CA PRO A 121 -9.09 -6.78 3.71
C PRO A 121 -8.74 -6.87 5.21
N ALA A 122 -8.99 -8.04 5.82
CA ALA A 122 -8.73 -8.28 7.26
C ALA A 122 -7.21 -8.34 7.56
N LEU A 123 -6.44 -8.95 6.63
CA LEU A 123 -4.97 -9.00 6.71
C LEU A 123 -4.38 -7.59 6.71
N VAL A 124 -4.74 -6.84 5.67
CA VAL A 124 -4.28 -5.46 5.45
C VAL A 124 -4.67 -4.55 6.63
N ASP A 125 -5.89 -4.75 7.12
CA ASP A 125 -6.44 -3.94 8.22
C ASP A 125 -5.70 -4.24 9.53
N ALA A 126 -5.35 -5.51 9.74
CA ALA A 126 -4.54 -5.96 10.90
C ALA A 126 -3.11 -5.38 10.86
N LEU A 127 -2.56 -5.20 9.64
CA LEU A 127 -1.18 -4.70 9.44
C LEU A 127 -1.09 -3.19 9.73
N VAL A 128 -2.13 -2.43 9.32
CA VAL A 128 -2.17 -0.99 9.55
C VAL A 128 -2.59 -0.66 11.01
N ASP A 129 -3.61 -1.39 11.53
CA ASP A 129 -4.17 -1.16 12.88
C ASP A 129 -3.12 -1.48 13.97
N SER A 130 -2.18 -2.38 13.63
CA SER A 130 -1.03 -2.72 14.47
C SER A 130 -0.24 -1.45 14.82
N GLN A 131 0.03 -1.29 16.12
CA GLN A 131 0.72 -0.10 16.66
C GLN A 131 2.21 -0.18 16.31
N GLU A 132 2.71 -1.41 16.17
CA GLU A 132 4.09 -1.70 15.78
C GLU A 132 4.43 -0.99 14.46
N TYR A 133 3.58 -1.21 13.46
CA TYR A 133 3.83 -0.71 12.08
C TYR A 133 3.40 0.77 11.95
N ALA A 134 2.39 1.17 12.73
CA ALA A 134 1.85 2.54 12.70
C ALA A 134 2.82 3.56 13.33
N ASP A 135 3.62 3.10 14.30
CA ASP A 135 4.69 3.92 14.91
C ASP A 135 5.98 3.86 14.09
N TYR A 136 6.30 2.68 13.51
CA TYR A 136 7.54 2.47 12.75
C TYR A 136 7.52 3.28 11.44
N PHE A 137 6.62 2.92 10.53
CA PHE A 137 6.48 3.62 9.24
C PHE A 137 5.87 5.01 9.44
N GLY A 138 4.85 5.07 10.31
CA GLY A 138 4.15 6.32 10.62
C GLY A 138 2.88 6.45 9.79
N GLU A 139 1.83 7.02 10.40
CA GLU A 139 0.50 7.14 9.78
C GLU A 139 0.50 8.09 8.57
N GLU A 140 1.43 9.04 8.55
CA GLU A 140 1.51 10.07 7.50
C GLU A 140 2.41 9.60 6.34
N THR A 141 3.30 8.64 6.60
CA THR A 141 4.34 8.23 5.64
C THR A 141 3.79 7.20 4.62
N VAL A 142 4.29 7.29 3.37
CA VAL A 142 4.02 6.31 2.32
C VAL A 142 4.96 5.10 2.53
N PRO A 143 4.45 3.82 2.45
CA PRO A 143 5.29 2.61 2.46
C PRO A 143 6.43 2.66 1.42
N TYR A 144 7.48 1.88 1.65
CA TYR A 144 8.70 1.91 0.83
C TYR A 144 9.39 0.53 0.81
N LEU A 145 10.01 0.21 -0.34
CA LEU A 145 10.70 -1.07 -0.56
C LEU A 145 12.09 -1.05 0.10
N ARG A 146 12.26 -1.87 1.13
CA ARG A 146 13.50 -2.01 1.91
C ARG A 146 13.95 -3.48 1.97
N GLY A 147 13.01 -4.39 1.63
CA GLY A 147 13.24 -5.84 1.73
C GLY A 147 13.48 -6.51 0.39
N LEU A 148 13.50 -7.85 0.40
CA LEU A 148 13.84 -8.67 -0.77
C LEU A 148 13.08 -10.02 -0.71
N GLU A 149 12.71 -10.55 -1.89
CA GLU A 149 11.87 -11.75 -2.04
C GLU A 149 12.69 -12.90 -2.67
N HIS A 150 12.26 -14.15 -2.37
CA HIS A 150 12.91 -15.41 -2.81
C HIS A 150 14.39 -15.52 -2.31
N HIS A 151 14.71 -14.70 -1.31
CA HIS A 151 15.99 -14.68 -0.59
C HIS A 151 15.68 -14.40 0.87
N HIS A 152 16.28 -15.20 1.77
CA HIS A 152 16.00 -15.10 3.22
C HIS A 152 16.99 -15.98 4.02
N HIS A 153 17.38 -15.48 5.20
CA HIS A 153 18.15 -16.26 6.20
C HIS A 153 17.47 -16.05 7.57
N HIS A 154 17.67 -14.83 8.14
CA HIS A 154 17.02 -14.38 9.38
C HIS A 154 17.34 -15.31 10.58
N HIS A 155 18.41 -14.98 11.31
CA HIS A 155 18.81 -15.70 12.53
C HIS A 155 17.74 -15.48 13.65
N PRO A 1 -15.04 11.49 -15.65
CA PRO A 1 -13.78 11.34 -14.88
C PRO A 1 -12.81 10.39 -15.62
N GLN A 2 -11.54 10.79 -15.66
CA GLN A 2 -10.45 10.01 -16.30
C GLN A 2 -9.21 10.03 -15.38
N SER A 3 -8.43 8.94 -15.42
CA SER A 3 -7.19 8.80 -14.61
C SER A 3 -6.06 8.30 -15.52
N TYR A 4 -4.91 9.00 -15.48
CA TYR A 4 -3.75 8.69 -16.33
C TYR A 4 -2.49 8.48 -15.47
N PHE A 5 -1.56 7.72 -16.04
CA PHE A 5 -0.28 7.38 -15.44
C PHE A 5 0.72 7.09 -16.55
N ASN A 6 1.89 7.72 -16.51
CA ASN A 6 2.96 7.54 -17.51
C ASN A 6 4.32 7.45 -16.81
N ALA A 7 5.41 7.31 -17.59
CA ALA A 7 6.78 7.17 -17.06
C ALA A 7 7.25 8.49 -16.43
N ALA A 8 6.79 8.73 -15.19
CA ALA A 8 7.12 9.90 -14.39
C ALA A 8 7.60 9.40 -13.02
N ALA A 9 8.65 8.58 -13.06
CA ALA A 9 9.21 7.92 -11.87
C ALA A 9 10.01 8.91 -11.01
N LYS A 10 9.27 9.80 -10.31
CA LYS A 10 9.85 10.80 -9.39
C LYS A 10 9.85 10.22 -7.97
N ARG A 11 10.26 8.93 -7.87
CA ARG A 11 10.17 8.12 -6.63
C ARG A 11 10.86 8.82 -5.44
N GLN A 12 10.15 8.86 -4.31
CA GLN A 12 10.49 9.68 -3.14
C GLN A 12 9.84 9.05 -1.89
N LYS A 13 10.20 9.53 -0.71
CA LYS A 13 9.55 9.18 0.55
C LYS A 13 8.34 10.09 0.75
N TYR A 14 7.14 9.54 0.54
CA TYR A 14 5.89 10.31 0.51
C TYR A 14 5.17 10.18 1.85
N ALA A 15 4.79 11.33 2.44
CA ALA A 15 4.17 11.40 3.77
C ALA A 15 3.16 12.55 3.80
N MET A 16 1.92 12.26 4.22
CA MET A 16 0.88 13.27 4.42
C MET A 16 1.25 14.20 5.57
N LYS A 17 1.82 15.34 5.22
CA LYS A 17 2.20 16.39 6.16
C LYS A 17 1.28 17.59 5.89
N PRO A 18 0.62 18.18 6.94
CA PRO A 18 -0.39 19.28 6.77
C PRO A 18 0.17 20.54 6.05
N GLY A 19 1.49 20.75 6.15
CA GLY A 19 2.16 21.92 5.55
C GLY A 19 2.56 21.72 4.08
N LEU A 20 2.23 20.53 3.49
CA LEU A 20 2.49 20.26 2.06
C LEU A 20 1.56 21.09 1.18
N SER A 21 2.13 21.60 0.08
CA SER A 21 1.42 22.36 -0.97
C SER A 21 0.51 21.43 -1.78
N ALA A 22 -0.21 21.99 -2.77
CA ALA A 22 -1.18 21.26 -3.60
C ALA A 22 -0.53 20.10 -4.38
N LEU A 23 0.48 20.42 -5.20
CA LEU A 23 1.17 19.42 -6.05
C LEU A 23 1.96 18.40 -5.21
N GLU A 24 2.41 18.83 -4.01
CA GLU A 24 3.16 17.95 -3.09
C GLU A 24 2.21 16.92 -2.47
N LYS A 25 1.00 17.41 -2.10
CA LYS A 25 -0.06 16.58 -1.52
C LYS A 25 -0.51 15.50 -2.53
N ASN A 26 -0.83 15.97 -3.75
CA ASN A 26 -1.27 15.10 -4.87
C ASN A 26 -0.17 14.11 -5.29
N ALA A 27 1.10 14.52 -5.15
CA ALA A 27 2.26 13.62 -5.40
C ALA A 27 2.23 12.42 -4.45
N VAL A 28 1.90 12.69 -3.17
CA VAL A 28 1.80 11.63 -2.12
C VAL A 28 0.59 10.70 -2.41
N ILE A 29 -0.55 11.30 -2.80
CA ILE A 29 -1.80 10.56 -3.09
C ILE A 29 -1.61 9.59 -4.26
N LYS A 30 -1.11 10.14 -5.37
CA LYS A 30 -0.92 9.38 -6.61
C LYS A 30 0.16 8.33 -6.42
N ALA A 31 1.21 8.62 -5.63
CA ALA A 31 2.27 7.65 -5.28
C ALA A 31 1.72 6.44 -4.52
N ALA A 32 0.64 6.67 -3.75
CA ALA A 32 -0.08 5.59 -3.05
C ALA A 32 -0.74 4.68 -4.10
N TYR A 33 -1.52 5.26 -5.04
CA TYR A 33 -2.16 4.49 -6.13
C TYR A 33 -1.11 3.76 -7.01
N ARG A 34 -0.02 4.46 -7.31
CA ARG A 34 1.06 3.94 -8.15
C ARG A 34 1.75 2.71 -7.54
N GLN A 35 2.29 2.82 -6.32
CA GLN A 35 3.14 1.74 -5.77
C GLN A 35 2.31 0.64 -5.05
N ILE A 36 1.13 1.00 -4.50
CA ILE A 36 0.24 0.03 -3.80
C ILE A 36 -0.48 -0.88 -4.81
N PHE A 37 -0.99 -0.31 -5.93
CA PHE A 37 -1.67 -1.09 -7.00
C PHE A 37 -0.65 -1.60 -8.05
N GLU A 38 0.54 -0.95 -8.11
CA GLU A 38 1.46 -1.00 -9.28
C GLU A 38 0.78 -0.44 -10.54
N ARG A 39 -0.20 0.48 -10.29
CA ARG A 39 -1.07 1.06 -11.34
C ARG A 39 -1.75 -0.04 -12.19
N ASP A 40 -2.22 0.31 -13.40
CA ASP A 40 -2.97 -0.59 -14.32
C ASP A 40 -4.29 -1.02 -13.66
N ILE A 41 -5.30 -0.16 -13.82
CA ILE A 41 -6.63 -0.28 -13.20
C ILE A 41 -7.73 -0.02 -14.23
N THR A 42 -8.98 -0.11 -13.79
CA THR A 42 -10.17 -0.06 -14.67
C THR A 42 -11.43 0.09 -13.79
N LYS A 43 -12.64 -0.23 -14.32
CA LYS A 43 -13.86 -0.48 -13.53
C LYS A 43 -14.27 0.75 -12.67
N ALA A 44 -14.34 1.92 -13.34
CA ALA A 44 -14.78 3.20 -12.75
C ALA A 44 -13.79 3.78 -11.71
N TYR A 45 -12.57 3.19 -11.64
CA TYR A 45 -11.47 3.76 -10.84
C TYR A 45 -10.88 4.97 -11.59
N SER A 46 -11.59 6.08 -11.42
CA SER A 46 -11.27 7.41 -11.95
C SER A 46 -12.12 8.39 -11.14
N GLN A 47 -13.41 8.02 -10.99
CA GLN A 47 -14.34 8.68 -10.04
C GLN A 47 -13.96 8.28 -8.61
N SER A 48 -13.81 6.96 -8.40
CA SER A 48 -13.44 6.36 -7.10
C SER A 48 -12.08 6.92 -6.62
N ILE A 49 -11.15 7.05 -7.57
CA ILE A 49 -9.81 7.59 -7.33
C ILE A 49 -9.88 9.09 -7.00
N SER A 50 -10.70 9.85 -7.76
CA SER A 50 -10.85 11.30 -7.56
C SER A 50 -11.49 11.63 -6.19
N TYR A 51 -12.41 10.76 -5.76
CA TYR A 51 -13.14 10.92 -4.50
C TYR A 51 -12.18 10.74 -3.32
N LEU A 52 -11.58 9.54 -3.22
CA LEU A 52 -10.63 9.17 -2.17
C LEU A 52 -9.40 10.09 -2.16
N GLU A 53 -9.02 10.59 -3.36
CA GLU A 53 -7.94 11.59 -3.53
C GLU A 53 -8.29 12.87 -2.78
N SER A 54 -9.51 13.38 -3.01
CA SER A 54 -10.00 14.63 -2.43
C SER A 54 -10.16 14.50 -0.89
N GLN A 55 -10.49 13.27 -0.43
CA GLN A 55 -10.65 12.95 1.00
C GLN A 55 -9.31 13.17 1.74
N VAL A 56 -8.29 12.39 1.34
CA VAL A 56 -6.96 12.41 1.99
C VAL A 56 -6.24 13.76 1.76
N ARG A 57 -6.62 14.45 0.67
CA ARG A 57 -6.09 15.78 0.30
C ARG A 57 -6.62 16.88 1.24
N ASN A 58 -7.88 16.71 1.70
CA ASN A 58 -8.53 17.64 2.67
C ASN A 58 -8.22 17.25 4.13
N GLY A 59 -7.46 16.16 4.32
CA GLY A 59 -7.12 15.65 5.65
C GLY A 59 -8.29 14.96 6.34
N ASP A 60 -9.25 14.46 5.54
CA ASP A 60 -10.40 13.67 6.03
C ASP A 60 -9.90 12.34 6.62
N ILE A 61 -8.89 11.77 5.95
CA ILE A 61 -8.17 10.57 6.39
C ILE A 61 -6.66 10.78 6.17
N SER A 62 -5.84 10.07 6.95
CA SER A 62 -4.37 10.06 6.78
C SER A 62 -3.98 8.81 5.98
N MET A 63 -2.67 8.64 5.70
CA MET A 63 -2.15 7.55 4.82
C MET A 63 -2.29 6.16 5.45
N LYS A 64 -2.57 6.10 6.75
CA LYS A 64 -2.82 4.82 7.42
C LYS A 64 -4.14 4.23 6.89
N GLU A 65 -5.23 4.99 7.06
CA GLU A 65 -6.58 4.59 6.63
C GLU A 65 -6.65 4.56 5.09
N PHE A 66 -5.98 5.52 4.42
CA PHE A 66 -6.05 5.70 2.97
C PHE A 66 -5.45 4.49 2.22
N VAL A 67 -4.28 4.03 2.65
CA VAL A 67 -3.61 2.85 2.06
C VAL A 67 -4.36 1.56 2.43
N ARG A 68 -5.03 1.55 3.61
CA ARG A 68 -5.99 0.48 3.96
C ARG A 68 -7.18 0.49 2.98
N ARG A 69 -7.63 1.70 2.63
CA ARG A 69 -8.79 1.91 1.75
C ARG A 69 -8.48 1.38 0.33
N LEU A 70 -7.22 1.59 -0.10
CA LEU A 70 -6.74 1.22 -1.44
C LEU A 70 -6.45 -0.30 -1.55
N ALA A 71 -5.77 -0.86 -0.55
CA ALA A 71 -5.37 -2.28 -0.56
C ALA A 71 -6.57 -3.21 -0.21
N LYS A 72 -7.65 -2.61 0.33
CA LYS A 72 -8.91 -3.32 0.63
C LYS A 72 -9.99 -3.03 -0.46
N SER A 73 -9.56 -2.38 -1.57
CA SER A 73 -10.41 -2.17 -2.76
C SER A 73 -10.71 -3.53 -3.44
N PRO A 74 -12.01 -3.80 -3.83
CA PRO A 74 -12.42 -5.12 -4.38
C PRO A 74 -11.62 -5.54 -5.63
N LEU A 75 -11.39 -4.59 -6.57
CA LEU A 75 -10.64 -4.88 -7.82
C LEU A 75 -9.20 -5.33 -7.48
N TYR A 76 -8.55 -4.58 -6.57
CA TYR A 76 -7.17 -4.89 -6.12
C TYR A 76 -7.10 -6.31 -5.54
N ARG A 77 -8.09 -6.63 -4.68
CA ARG A 77 -8.20 -7.94 -4.01
C ARG A 77 -8.32 -9.06 -5.08
N LYS A 78 -9.16 -8.82 -6.09
CA LYS A 78 -9.40 -9.78 -7.20
C LYS A 78 -8.14 -10.02 -8.04
N GLN A 79 -7.24 -9.01 -8.09
CA GLN A 79 -5.97 -9.11 -8.86
C GLN A 79 -4.80 -9.57 -7.97
N PHE A 80 -5.02 -9.61 -6.64
CA PHE A 80 -3.97 -9.92 -5.65
C PHE A 80 -4.31 -11.25 -4.95
N PHE A 81 -5.29 -11.21 -4.02
CA PHE A 81 -5.72 -12.39 -3.25
C PHE A 81 -6.85 -13.12 -4.01
N GLU A 82 -6.44 -13.84 -5.07
CA GLU A 82 -7.31 -14.75 -5.84
C GLU A 82 -6.49 -15.44 -6.97
N PRO A 83 -5.71 -14.70 -7.86
CA PRO A 83 -4.77 -15.34 -8.81
C PRO A 83 -3.58 -15.96 -8.08
N PHE A 84 -3.19 -15.31 -6.98
CA PHE A 84 -2.15 -15.77 -6.06
C PHE A 84 -2.83 -16.49 -4.89
N ILE A 85 -2.39 -17.73 -4.58
CA ILE A 85 -2.88 -18.53 -3.42
C ILE A 85 -2.56 -17.78 -2.11
N ASN A 86 -3.37 -18.01 -1.05
CA ASN A 86 -3.29 -17.24 0.22
C ASN A 86 -1.85 -17.19 0.81
N SER A 87 -1.08 -18.27 0.63
CA SER A 87 0.35 -18.32 1.00
C SER A 87 1.19 -17.25 0.24
N ARG A 88 1.06 -17.24 -1.09
CA ARG A 88 1.76 -16.28 -1.98
C ARG A 88 1.32 -14.84 -1.67
N ALA A 89 -0.01 -14.63 -1.68
CA ALA A 89 -0.63 -13.30 -1.47
C ALA A 89 -0.26 -12.71 -0.09
N LEU A 90 -0.07 -13.60 0.89
CA LEU A 90 0.36 -13.25 2.26
C LEU A 90 1.77 -12.61 2.25
N GLU A 91 2.72 -13.34 1.65
CA GLU A 91 4.13 -12.92 1.56
C GLU A 91 4.28 -11.69 0.65
N LEU A 92 3.39 -11.61 -0.35
CA LEU A 92 3.34 -10.50 -1.31
C LEU A 92 2.92 -9.22 -0.56
N ALA A 93 1.95 -9.36 0.36
CA ALA A 93 1.45 -8.26 1.21
C ALA A 93 2.52 -7.82 2.21
N PHE A 94 3.29 -8.80 2.73
CA PHE A 94 4.44 -8.53 3.62
C PHE A 94 5.52 -7.71 2.89
N ARG A 95 5.67 -7.95 1.58
CA ARG A 95 6.66 -7.26 0.74
C ARG A 95 6.14 -5.87 0.30
N HIS A 96 4.86 -5.82 -0.09
CA HIS A 96 4.29 -4.69 -0.85
C HIS A 96 3.87 -3.54 0.08
N ILE A 97 3.33 -3.92 1.25
CA ILE A 97 2.85 -2.97 2.28
C ILE A 97 4.00 -2.56 3.22
N LEU A 98 4.86 -3.53 3.58
CA LEU A 98 5.87 -3.33 4.65
C LEU A 98 7.25 -3.00 4.07
N GLY A 99 7.47 -3.38 2.80
CA GLY A 99 8.75 -3.16 2.11
C GLY A 99 9.86 -4.13 2.49
N ARG A 100 9.58 -4.99 3.48
CA ARG A 100 10.57 -5.91 4.07
C ARG A 100 10.32 -7.35 3.56
N GLY A 101 9.10 -7.84 3.83
CA GLY A 101 8.75 -9.25 3.58
C GLY A 101 8.61 -10.03 4.88
N PRO A 102 8.31 -11.37 4.80
CA PRO A 102 8.24 -12.23 6.00
C PRO A 102 9.63 -12.60 6.53
N SER A 103 9.85 -12.40 7.84
CA SER A 103 11.12 -12.73 8.48
C SER A 103 10.98 -14.05 9.25
N SER A 104 10.04 -14.08 10.21
CA SER A 104 9.81 -15.25 11.09
C SER A 104 8.74 -16.16 10.49
N ARG A 105 8.96 -17.48 10.57
CA ARG A 105 8.02 -18.49 10.03
C ARG A 105 6.71 -18.53 10.82
N GLU A 106 6.82 -18.41 12.16
CA GLU A 106 5.64 -18.39 13.06
C GLU A 106 4.81 -17.10 12.83
N GLU A 107 5.50 -16.02 12.44
CA GLU A 107 4.86 -14.74 12.02
C GLU A 107 4.01 -14.96 10.77
N VAL A 108 4.60 -15.65 9.76
CA VAL A 108 3.90 -16.00 8.50
C VAL A 108 2.60 -16.74 8.83
N GLN A 109 2.70 -17.75 9.71
CA GLN A 109 1.57 -18.62 10.13
C GLN A 109 0.47 -17.85 10.89
N LYS A 110 0.90 -16.86 11.69
CA LYS A 110 -0.01 -15.98 12.46
C LYS A 110 -0.94 -15.20 11.50
N TYR A 111 -0.31 -14.48 10.56
CA TYR A 111 -1.04 -13.64 9.58
C TYR A 111 -1.67 -14.52 8.47
N PHE A 112 -1.18 -15.77 8.33
CA PHE A 112 -1.76 -16.78 7.40
C PHE A 112 -3.18 -17.10 7.81
N SER A 113 -3.37 -17.28 9.11
CA SER A 113 -4.68 -17.58 9.71
C SER A 113 -5.65 -16.40 9.48
N ILE A 114 -5.12 -15.16 9.53
CA ILE A 114 -5.90 -13.91 9.33
C ILE A 114 -6.39 -13.80 7.87
N VAL A 115 -5.44 -13.96 6.92
CA VAL A 115 -5.72 -13.83 5.47
C VAL A 115 -6.59 -15.00 4.95
N SER A 116 -6.53 -16.14 5.67
CA SER A 116 -7.33 -17.33 5.34
C SER A 116 -8.79 -17.16 5.82
N SER A 117 -8.98 -16.47 6.95
CA SER A 117 -10.31 -16.28 7.57
C SER A 117 -11.06 -15.07 6.98
N GLY A 118 -10.50 -13.87 7.12
CA GLY A 118 -11.15 -12.63 6.68
C GLY A 118 -10.66 -12.12 5.33
N GLY A 119 -9.90 -12.97 4.62
CA GLY A 119 -9.36 -12.63 3.30
C GLY A 119 -8.25 -11.58 3.36
N LEU A 120 -8.02 -10.91 2.20
CA LEU A 120 -7.03 -9.84 2.09
C LEU A 120 -7.45 -8.61 2.95
N PRO A 121 -8.75 -8.10 2.87
CA PRO A 121 -9.23 -6.97 3.74
C PRO A 121 -8.76 -7.05 5.21
N ALA A 122 -8.94 -8.24 5.82
CA ALA A 122 -8.54 -8.49 7.21
C ALA A 122 -7.02 -8.37 7.39
N LEU A 123 -6.26 -8.92 6.42
CA LEU A 123 -4.78 -8.89 6.43
C LEU A 123 -4.25 -7.45 6.30
N VAL A 124 -4.93 -6.65 5.46
CA VAL A 124 -4.55 -5.25 5.20
C VAL A 124 -4.63 -4.44 6.49
N ASP A 125 -5.74 -4.56 7.21
CA ASP A 125 -5.93 -3.87 8.50
C ASP A 125 -4.95 -4.45 9.55
N ALA A 126 -4.72 -5.77 9.49
CA ALA A 126 -3.82 -6.50 10.42
C ALA A 126 -2.35 -6.07 10.28
N LEU A 127 -1.95 -5.61 9.08
CA LEU A 127 -0.60 -5.09 8.82
C LEU A 127 -0.54 -3.58 9.08
N VAL A 128 -1.30 -2.81 8.28
CA VAL A 128 -1.16 -1.35 8.20
C VAL A 128 -1.56 -0.68 9.54
N ASP A 129 -2.75 -1.06 10.06
CA ASP A 129 -3.36 -0.43 11.25
C ASP A 129 -2.69 -0.93 12.55
N SER A 130 -1.98 -2.08 12.47
CA SER A 130 -1.23 -2.67 13.61
C SER A 130 -0.18 -1.68 14.12
N GLN A 131 0.08 -1.70 15.44
CA GLN A 131 0.84 -0.63 16.13
C GLN A 131 2.33 -0.64 15.79
N GLU A 132 2.84 -1.81 15.41
CA GLU A 132 4.24 -1.99 14.94
C GLU A 132 4.45 -1.16 13.67
N TYR A 133 3.55 -1.33 12.71
CA TYR A 133 3.62 -0.68 11.39
C TYR A 133 3.04 0.75 11.44
N ALA A 134 2.20 0.99 12.45
CA ALA A 134 1.68 2.32 12.81
C ALA A 134 2.79 3.17 13.47
N ASP A 135 3.82 2.48 14.00
CA ASP A 135 5.07 3.10 14.45
C ASP A 135 5.99 3.40 13.24
N TYR A 136 6.35 2.34 12.48
CA TYR A 136 7.43 2.38 11.45
C TYR A 136 7.14 3.42 10.35
N PHE A 137 5.97 3.27 9.72
CA PHE A 137 5.48 4.21 8.69
C PHE A 137 4.69 5.36 9.32
N GLY A 138 4.53 5.33 10.65
CA GLY A 138 3.75 6.33 11.36
C GLY A 138 2.27 6.20 11.01
N GLU A 139 1.56 7.32 10.96
CA GLU A 139 0.17 7.37 10.46
C GLU A 139 0.14 8.00 9.05
N GLU A 140 1.18 8.81 8.77
CA GLU A 140 1.18 9.77 7.66
C GLU A 140 2.06 9.32 6.48
N THR A 141 3.15 8.56 6.74
CA THR A 141 4.01 8.07 5.65
C THR A 141 3.34 6.85 5.00
N VAL A 142 3.31 6.85 3.65
CA VAL A 142 2.77 5.74 2.85
C VAL A 142 3.52 4.43 3.23
N PRO A 143 2.81 3.36 3.65
CA PRO A 143 3.38 1.99 3.71
C PRO A 143 3.81 1.51 2.31
N TYR A 144 5.01 1.97 1.89
CA TYR A 144 5.58 1.69 0.57
C TYR A 144 6.72 0.64 0.71
N LEU A 145 7.50 0.45 -0.38
CA LEU A 145 8.66 -0.46 -0.38
C LEU A 145 9.84 0.14 0.43
N ARG A 146 9.71 0.12 1.76
CA ARG A 146 10.77 0.59 2.67
C ARG A 146 11.54 -0.62 3.23
N GLY A 147 11.10 -1.15 4.40
CA GLY A 147 11.76 -2.29 5.05
C GLY A 147 13.16 -2.00 5.63
N LEU A 148 14.15 -1.88 4.71
CA LEU A 148 15.59 -1.92 5.03
C LEU A 148 16.07 -0.76 5.90
N GLU A 149 15.71 0.44 5.49
CA GLU A 149 16.15 1.68 6.16
C GLU A 149 15.48 1.86 7.54
N HIS A 150 16.31 1.97 8.59
CA HIS A 150 15.86 2.18 9.98
C HIS A 150 17.02 2.78 10.79
N HIS A 151 16.70 3.71 11.71
CA HIS A 151 17.70 4.35 12.61
C HIS A 151 17.02 4.78 13.93
N HIS A 152 16.30 3.82 14.54
CA HIS A 152 15.70 3.97 15.87
C HIS A 152 16.79 3.64 16.92
N HIS A 153 17.74 4.60 17.10
CA HIS A 153 18.99 4.41 17.85
C HIS A 153 19.94 3.44 17.11
N HIS A 154 21.14 3.19 17.70
CA HIS A 154 22.15 2.30 17.11
C HIS A 154 21.70 0.84 17.22
N HIS A 155 20.92 0.39 16.22
CA HIS A 155 20.46 -1.00 16.08
C HIS A 155 20.50 -1.38 14.59
N PRO A 1 -7.92 15.43 -8.13
CA PRO A 1 -7.85 15.97 -9.53
C PRO A 1 -8.57 15.02 -10.49
N GLN A 2 -8.93 15.54 -11.69
CA GLN A 2 -9.57 14.74 -12.76
C GLN A 2 -8.55 13.72 -13.31
N SER A 3 -8.47 12.55 -12.64
CA SER A 3 -7.55 11.42 -12.94
C SER A 3 -6.09 11.70 -12.50
N TYR A 4 -5.55 12.87 -12.93
CA TYR A 4 -4.14 13.26 -12.78
C TYR A 4 -3.27 12.31 -13.64
N PHE A 5 -2.87 12.78 -14.83
CA PHE A 5 -2.07 12.01 -15.79
C PHE A 5 -0.73 11.59 -15.15
N ASN A 6 -0.07 12.60 -14.53
CA ASN A 6 1.24 12.49 -13.87
C ASN A 6 2.39 12.39 -14.88
N ALA A 7 3.38 13.28 -14.74
CA ALA A 7 4.61 13.29 -15.56
C ALA A 7 5.86 13.27 -14.66
N ALA A 8 5.65 13.22 -13.32
CA ALA A 8 6.73 13.12 -12.33
C ALA A 8 6.90 11.64 -11.93
N ALA A 9 8.08 11.07 -12.26
CA ALA A 9 8.37 9.65 -12.02
C ALA A 9 9.80 9.49 -11.45
N LYS A 10 9.91 9.61 -10.12
CA LYS A 10 11.16 9.41 -9.38
C LYS A 10 10.84 8.83 -8.00
N ARG A 11 11.63 7.84 -7.55
CA ARG A 11 11.42 7.19 -6.25
C ARG A 11 11.94 8.11 -5.13
N GLN A 12 11.05 9.00 -4.70
CA GLN A 12 11.25 9.84 -3.52
C GLN A 12 10.37 9.27 -2.40
N LYS A 13 10.82 9.37 -1.15
CA LYS A 13 9.94 9.07 -0.01
C LYS A 13 8.91 10.20 0.11
N TYR A 14 7.63 9.84 0.07
CA TYR A 14 6.51 10.79 0.19
C TYR A 14 5.84 10.60 1.54
N ALA A 15 5.11 11.64 1.98
CA ALA A 15 4.33 11.61 3.20
C ALA A 15 3.28 12.72 3.16
N MET A 16 2.05 12.40 3.57
CA MET A 16 0.96 13.37 3.64
C MET A 16 1.12 14.18 4.94
N LYS A 17 1.82 15.32 4.85
CA LYS A 17 2.20 16.15 6.00
C LYS A 17 1.43 17.48 6.01
N PRO A 18 0.92 17.95 7.19
CA PRO A 18 0.15 19.22 7.30
C PRO A 18 0.97 20.45 6.82
N GLY A 19 0.71 20.89 5.58
CA GLY A 19 1.34 22.08 4.99
C GLY A 19 1.87 21.87 3.58
N LEU A 20 1.38 20.81 2.90
CA LEU A 20 1.73 20.55 1.48
C LEU A 20 0.85 21.39 0.54
N SER A 21 1.44 21.82 -0.59
CA SER A 21 0.71 22.53 -1.66
C SER A 21 -0.23 21.58 -2.41
N ALA A 22 -1.06 22.15 -3.30
CA ALA A 22 -2.10 21.41 -4.03
C ALA A 22 -1.47 20.40 -5.04
N LEU A 23 -0.44 20.87 -5.77
CA LEU A 23 0.30 20.04 -6.72
C LEU A 23 1.14 18.98 -6.02
N GLU A 24 1.78 19.37 -4.88
CA GLU A 24 2.58 18.43 -4.08
C GLU A 24 1.68 17.34 -3.50
N LYS A 25 0.45 17.73 -3.13
CA LYS A 25 -0.59 16.82 -2.62
C LYS A 25 -0.83 15.70 -3.64
N ASN A 26 -1.03 16.13 -4.90
CA ASN A 26 -1.29 15.23 -6.04
C ASN A 26 -0.11 14.25 -6.25
N ALA A 27 1.13 14.75 -6.10
CA ALA A 27 2.34 13.94 -6.25
C ALA A 27 2.43 12.83 -5.18
N VAL A 28 2.05 13.19 -3.93
CA VAL A 28 2.05 12.25 -2.80
C VAL A 28 1.00 11.13 -3.01
N ILE A 29 -0.21 11.55 -3.42
CA ILE A 29 -1.36 10.64 -3.61
C ILE A 29 -1.15 9.74 -4.86
N LYS A 30 -0.53 10.29 -5.91
CA LYS A 30 -0.35 9.58 -7.19
C LYS A 30 0.78 8.55 -7.09
N ALA A 31 1.85 8.94 -6.37
CA ALA A 31 2.98 8.02 -6.06
C ALA A 31 2.46 6.86 -5.21
N ALA A 32 1.47 7.16 -4.34
CA ALA A 32 0.80 6.14 -3.51
C ALA A 32 0.08 5.11 -4.42
N TYR A 33 -0.66 5.59 -5.44
CA TYR A 33 -1.32 4.71 -6.44
C TYR A 33 -0.29 3.88 -7.24
N ARG A 34 0.82 4.53 -7.59
CA ARG A 34 1.94 3.90 -8.33
C ARG A 34 2.60 2.78 -7.49
N GLN A 35 2.54 2.90 -6.17
CA GLN A 35 3.14 1.90 -5.26
C GLN A 35 2.14 0.79 -4.92
N ILE A 36 0.83 1.14 -4.82
CA ILE A 36 -0.21 0.17 -4.43
C ILE A 36 -0.63 -0.71 -5.63
N PHE A 37 -1.01 -0.07 -6.73
CA PHE A 37 -1.53 -0.76 -7.94
C PHE A 37 -0.46 -0.84 -9.05
N GLU A 38 0.41 0.20 -9.09
CA GLU A 38 1.41 0.44 -10.18
C GLU A 38 0.72 0.85 -11.51
N ARG A 39 -0.60 0.95 -11.47
CA ARG A 39 -1.46 1.17 -12.64
C ARG A 39 -2.27 2.44 -12.40
N ASP A 40 -2.51 3.21 -13.48
CA ASP A 40 -3.23 4.50 -13.39
C ASP A 40 -4.74 4.24 -13.23
N ILE A 41 -5.14 3.90 -12.00
CA ILE A 41 -6.54 3.66 -11.65
C ILE A 41 -7.17 4.99 -11.22
N THR A 42 -8.44 5.18 -11.57
CA THR A 42 -9.15 6.46 -11.43
C THR A 42 -10.59 6.25 -10.91
N LYS A 43 -11.37 7.35 -10.94
CA LYS A 43 -12.82 7.35 -10.65
C LYS A 43 -13.61 6.46 -11.63
N ALA A 44 -13.02 6.17 -12.81
CA ALA A 44 -13.59 5.27 -13.82
C ALA A 44 -13.78 3.84 -13.27
N TYR A 45 -12.88 3.45 -12.36
CA TYR A 45 -12.95 2.14 -11.68
C TYR A 45 -13.90 2.25 -10.48
N SER A 46 -13.61 3.22 -9.60
CA SER A 46 -14.45 3.52 -8.43
C SER A 46 -14.32 5.01 -8.07
N GLN A 47 -15.47 5.70 -7.91
CA GLN A 47 -15.49 7.07 -7.34
C GLN A 47 -14.95 7.07 -5.90
N SER A 48 -15.05 5.88 -5.25
CA SER A 48 -14.47 5.62 -3.93
C SER A 48 -12.98 5.96 -3.89
N ILE A 49 -12.26 5.71 -5.01
CA ILE A 49 -10.82 6.04 -5.15
C ILE A 49 -10.60 7.56 -5.01
N SER A 50 -11.40 8.35 -5.75
CA SER A 50 -11.34 9.82 -5.72
C SER A 50 -11.90 10.37 -4.38
N TYR A 51 -12.69 9.55 -3.66
CA TYR A 51 -13.19 9.89 -2.33
C TYR A 51 -12.05 9.79 -1.30
N LEU A 52 -11.30 8.68 -1.38
CA LEU A 52 -10.10 8.43 -0.56
C LEU A 52 -9.04 9.52 -0.80
N GLU A 53 -8.90 9.88 -2.10
CA GLU A 53 -8.01 10.96 -2.56
C GLU A 53 -8.37 12.27 -1.85
N SER A 54 -9.68 12.60 -1.84
CA SER A 54 -10.21 13.82 -1.21
C SER A 54 -9.97 13.80 0.32
N GLN A 55 -10.26 12.67 0.97
CA GLN A 55 -10.16 12.53 2.45
C GLN A 55 -8.71 12.68 2.92
N VAL A 56 -7.75 12.08 2.19
CA VAL A 56 -6.32 12.16 2.55
C VAL A 56 -5.78 13.57 2.21
N ARG A 57 -6.36 14.19 1.17
CA ARG A 57 -6.10 15.60 0.78
C ARG A 57 -6.53 16.57 1.90
N ASN A 58 -7.64 16.23 2.56
CA ASN A 58 -8.23 17.02 3.67
C ASN A 58 -7.50 16.76 5.00
N GLY A 59 -6.61 15.76 5.03
CA GLY A 59 -5.97 15.31 6.29
C GLY A 59 -6.97 14.66 7.23
N ASP A 60 -8.05 14.10 6.66
CA ASP A 60 -9.09 13.37 7.40
C ASP A 60 -8.57 11.98 7.70
N ILE A 61 -8.07 11.30 6.66
CA ILE A 61 -7.38 10.01 6.79
C ILE A 61 -5.88 10.20 6.55
N SER A 62 -5.07 9.41 7.26
CA SER A 62 -3.62 9.37 7.08
C SER A 62 -3.26 8.42 5.93
N MET A 63 -1.95 8.28 5.64
CA MET A 63 -1.47 7.28 4.67
C MET A 63 -1.52 5.87 5.24
N LYS A 64 -1.70 5.75 6.56
CA LYS A 64 -2.08 4.50 7.23
C LYS A 64 -3.42 4.02 6.66
N GLU A 65 -4.44 4.89 6.78
CA GLU A 65 -5.81 4.61 6.27
C GLU A 65 -5.83 4.49 4.75
N PHE A 66 -5.08 5.36 4.07
CA PHE A 66 -5.11 5.44 2.60
C PHE A 66 -4.64 4.11 1.97
N VAL A 67 -3.54 3.55 2.52
CA VAL A 67 -3.00 2.25 2.07
C VAL A 67 -3.96 1.10 2.43
N ARG A 68 -4.57 1.18 3.64
CA ARG A 68 -5.57 0.20 4.12
C ARG A 68 -6.74 0.04 3.13
N ARG A 69 -7.32 1.19 2.75
CA ARG A 69 -8.52 1.26 1.91
C ARG A 69 -8.23 0.89 0.45
N LEU A 70 -7.05 1.30 -0.06
CA LEU A 70 -6.62 0.98 -1.44
C LEU A 70 -6.34 -0.52 -1.59
N ALA A 71 -5.62 -1.10 -0.62
CA ALA A 71 -5.24 -2.53 -0.66
C ALA A 71 -6.40 -3.44 -0.19
N LYS A 72 -7.48 -2.82 0.36
CA LYS A 72 -8.73 -3.53 0.69
C LYS A 72 -9.74 -3.46 -0.50
N SER A 73 -9.48 -2.54 -1.48
CA SER A 73 -10.46 -2.24 -2.56
C SER A 73 -10.83 -3.53 -3.34
N PRO A 74 -12.16 -3.74 -3.66
CA PRO A 74 -12.63 -4.94 -4.40
C PRO A 74 -11.83 -5.22 -5.68
N LEU A 75 -11.39 -4.13 -6.35
CA LEU A 75 -10.56 -4.19 -7.55
C LEU A 75 -9.20 -4.86 -7.23
N TYR A 76 -8.45 -4.28 -6.28
CA TYR A 76 -7.13 -4.81 -5.84
C TYR A 76 -7.24 -6.29 -5.46
N ARG A 77 -8.21 -6.60 -4.58
CA ARG A 77 -8.46 -7.96 -4.07
C ARG A 77 -8.74 -8.95 -5.22
N LYS A 78 -9.41 -8.48 -6.27
CA LYS A 78 -9.74 -9.28 -7.45
C LYS A 78 -8.47 -9.58 -8.29
N GLN A 79 -7.63 -8.54 -8.50
CA GLN A 79 -6.47 -8.59 -9.44
C GLN A 79 -5.17 -9.08 -8.77
N PHE A 80 -5.23 -9.34 -7.45
CA PHE A 80 -4.06 -9.72 -6.64
C PHE A 80 -4.28 -11.10 -5.99
N PHE A 81 -5.39 -11.24 -5.24
CA PHE A 81 -5.61 -12.45 -4.39
C PHE A 81 -5.91 -13.71 -5.24
N GLU A 82 -6.51 -13.54 -6.43
CA GLU A 82 -6.84 -14.69 -7.32
C GLU A 82 -5.60 -15.13 -8.17
N PRO A 83 -4.88 -14.22 -8.92
CA PRO A 83 -3.63 -14.60 -9.64
C PRO A 83 -2.53 -15.07 -8.66
N PHE A 84 -2.26 -14.24 -7.65
CA PHE A 84 -1.32 -14.55 -6.56
C PHE A 84 -2.12 -15.07 -5.36
N ILE A 85 -2.20 -16.41 -5.28
CA ILE A 85 -2.95 -17.14 -4.23
C ILE A 85 -2.41 -16.82 -2.81
N ASN A 86 -3.18 -17.22 -1.78
CA ASN A 86 -2.95 -16.84 -0.35
C ASN A 86 -1.47 -16.99 0.11
N SER A 87 -0.78 -18.03 -0.39
CA SER A 87 0.68 -18.22 -0.18
C SER A 87 1.49 -16.94 -0.56
N ARG A 88 1.31 -16.46 -1.80
CA ARG A 88 2.03 -15.28 -2.32
C ARG A 88 1.31 -13.98 -1.94
N ALA A 89 0.01 -14.05 -1.69
CA ALA A 89 -0.82 -12.88 -1.31
C ALA A 89 -0.41 -12.37 0.08
N LEU A 90 -0.14 -13.34 0.98
CA LEU A 90 0.40 -13.07 2.32
C LEU A 90 1.77 -12.39 2.20
N GLU A 91 2.61 -13.01 1.36
CA GLU A 91 4.01 -12.63 1.16
C GLU A 91 4.12 -11.16 0.67
N LEU A 92 3.39 -10.85 -0.43
CA LEU A 92 3.41 -9.55 -1.09
C LEU A 92 2.80 -8.46 -0.19
N ALA A 93 1.74 -8.83 0.56
CA ALA A 93 1.02 -7.88 1.46
C ALA A 93 1.94 -7.33 2.56
N PHE A 94 2.77 -8.23 3.12
CA PHE A 94 3.85 -7.84 4.05
C PHE A 94 4.86 -6.91 3.36
N ARG A 95 5.29 -7.27 2.13
CA ARG A 95 6.27 -6.46 1.35
C ARG A 95 5.70 -5.07 1.00
N HIS A 96 4.37 -4.99 0.97
CA HIS A 96 3.65 -3.84 0.42
C HIS A 96 3.38 -2.80 1.52
N ILE A 97 2.92 -3.30 2.68
CA ILE A 97 2.49 -2.48 3.81
C ILE A 97 3.66 -2.24 4.79
N LEU A 98 4.48 -3.28 4.98
CA LEU A 98 5.61 -3.25 5.94
C LEU A 98 6.93 -2.93 5.22
N GLY A 99 7.06 -3.40 3.97
CA GLY A 99 8.29 -3.21 3.17
C GLY A 99 9.07 -4.50 2.99
N ARG A 100 8.93 -5.40 3.96
CA ARG A 100 9.62 -6.70 3.97
C ARG A 100 8.55 -7.79 3.97
N GLY A 101 8.80 -8.91 3.26
CA GLY A 101 7.84 -10.00 3.14
C GLY A 101 7.67 -10.82 4.43
N PRO A 102 7.67 -12.19 4.36
CA PRO A 102 7.43 -13.06 5.54
C PRO A 102 8.46 -12.78 6.67
N SER A 103 8.01 -12.02 7.69
CA SER A 103 8.88 -11.49 8.75
C SER A 103 9.56 -12.62 9.55
N SER A 104 8.75 -13.50 10.14
CA SER A 104 9.23 -14.65 10.94
C SER A 104 8.09 -15.66 11.13
N ARG A 105 8.46 -16.94 11.39
CA ARG A 105 7.56 -18.13 11.38
C ARG A 105 6.21 -17.90 12.13
N GLU A 106 6.30 -17.40 13.37
CA GLU A 106 5.10 -17.18 14.23
C GLU A 106 4.14 -16.17 13.59
N GLU A 107 4.72 -15.07 13.11
CA GLU A 107 3.97 -13.92 12.55
C GLU A 107 3.36 -14.30 11.19
N VAL A 108 4.10 -15.11 10.41
CA VAL A 108 3.66 -15.61 9.10
C VAL A 108 2.43 -16.50 9.27
N GLN A 109 2.51 -17.46 10.20
CA GLN A 109 1.44 -18.43 10.49
C GLN A 109 0.18 -17.71 11.04
N LYS A 110 0.42 -16.70 11.91
CA LYS A 110 -0.62 -15.87 12.52
C LYS A 110 -1.45 -15.15 11.44
N TYR A 111 -0.78 -14.38 10.60
CA TYR A 111 -1.42 -13.60 9.53
C TYR A 111 -1.89 -14.49 8.36
N PHE A 112 -1.31 -15.71 8.25
CA PHE A 112 -1.77 -16.71 7.24
C PHE A 112 -3.15 -17.22 7.63
N SER A 113 -3.39 -17.37 8.95
CA SER A 113 -4.70 -17.73 9.50
C SER A 113 -5.74 -16.64 9.16
N ILE A 114 -5.28 -15.38 9.19
CA ILE A 114 -6.12 -14.20 8.94
C ILE A 114 -6.51 -14.09 7.43
N VAL A 115 -5.56 -14.39 6.53
CA VAL A 115 -5.81 -14.37 5.07
C VAL A 115 -6.60 -15.63 4.63
N SER A 116 -6.49 -16.71 5.43
CA SER A 116 -7.23 -17.96 5.18
C SER A 116 -8.65 -17.90 5.80
N SER A 117 -8.86 -16.96 6.74
CA SER A 117 -10.16 -16.79 7.44
C SER A 117 -11.04 -15.76 6.69
N GLY A 118 -10.56 -14.49 6.66
CA GLY A 118 -11.33 -13.38 6.07
C GLY A 118 -10.79 -12.91 4.73
N GLY A 119 -10.03 -13.79 4.05
CA GLY A 119 -9.46 -13.47 2.75
C GLY A 119 -8.40 -12.37 2.82
N LEU A 120 -8.20 -11.69 1.69
CA LEU A 120 -7.22 -10.60 1.57
C LEU A 120 -7.62 -9.33 2.37
N PRO A 121 -8.91 -8.79 2.27
CA PRO A 121 -9.29 -7.53 2.95
C PRO A 121 -9.06 -7.57 4.49
N ALA A 122 -9.22 -8.77 5.09
CA ALA A 122 -8.96 -8.98 6.53
C ALA A 122 -7.44 -8.98 6.86
N LEU A 123 -6.64 -9.57 5.96
CA LEU A 123 -5.16 -9.58 6.08
C LEU A 123 -4.60 -8.15 6.07
N VAL A 124 -4.98 -7.42 5.01
CA VAL A 124 -4.61 -6.01 4.82
C VAL A 124 -5.04 -5.18 6.03
N ASP A 125 -6.27 -5.43 6.50
CA ASP A 125 -6.86 -4.71 7.64
C ASP A 125 -6.01 -4.91 8.89
N ALA A 126 -5.68 -6.18 9.19
CA ALA A 126 -4.91 -6.59 10.38
C ALA A 126 -3.45 -6.09 10.36
N LEU A 127 -2.88 -5.96 9.15
CA LEU A 127 -1.48 -5.48 8.98
C LEU A 127 -1.39 -3.98 9.28
N VAL A 128 -2.35 -3.23 8.75
CA VAL A 128 -2.39 -1.77 8.89
C VAL A 128 -2.97 -1.37 10.26
N ASP A 129 -3.85 -2.22 10.83
CA ASP A 129 -4.50 -1.97 12.13
C ASP A 129 -3.47 -1.87 13.26
N SER A 130 -2.41 -2.68 13.14
CA SER A 130 -1.29 -2.67 14.08
C SER A 130 -0.67 -1.26 14.15
N GLN A 131 -0.67 -0.70 15.35
CA GLN A 131 -0.17 0.66 15.60
C GLN A 131 1.36 0.61 15.63
N GLU A 132 1.90 -0.55 16.06
CA GLU A 132 3.34 -0.82 16.02
C GLU A 132 3.86 -0.76 14.58
N TYR A 133 3.12 -1.40 13.65
CA TYR A 133 3.47 -1.43 12.21
C TYR A 133 3.33 -0.02 11.59
N ALA A 134 2.27 0.69 12.03
CA ALA A 134 2.02 2.09 11.66
C ALA A 134 3.12 3.04 12.19
N ASP A 135 3.76 2.68 13.31
CA ASP A 135 4.88 3.47 13.88
C ASP A 135 6.23 3.08 13.26
N TYR A 136 6.35 1.83 12.74
CA TYR A 136 7.60 1.36 12.09
C TYR A 136 7.79 2.04 10.72
N PHE A 137 6.85 1.78 9.80
CA PHE A 137 6.88 2.33 8.43
C PHE A 137 6.55 3.84 8.46
N GLY A 138 5.54 4.19 9.26
CA GLY A 138 5.11 5.57 9.44
C GLY A 138 3.66 5.76 9.01
N GLU A 139 2.85 6.35 9.92
CA GLU A 139 1.41 6.58 9.71
C GLU A 139 1.16 7.63 8.58
N GLU A 140 2.11 8.56 8.43
CA GLU A 140 2.07 9.59 7.38
C GLU A 140 2.75 9.13 6.08
N THR A 141 3.57 8.07 6.19
CA THR A 141 4.50 7.65 5.13
C THR A 141 3.78 6.88 3.98
N VAL A 142 4.09 7.28 2.74
CA VAL A 142 3.68 6.57 1.52
C VAL A 142 4.66 5.39 1.29
N PRO A 143 4.16 4.18 0.85
CA PRO A 143 5.00 3.04 0.46
C PRO A 143 6.17 3.41 -0.48
N TYR A 144 7.37 2.99 -0.10
CA TYR A 144 8.56 2.99 -0.97
C TYR A 144 9.10 1.55 -1.11
N LEU A 145 8.43 0.60 -0.40
CA LEU A 145 8.68 -0.85 -0.43
C LEU A 145 10.00 -1.29 0.24
N ARG A 146 11.02 -0.40 0.31
CA ARG A 146 12.41 -0.76 0.66
C ARG A 146 12.98 -1.78 -0.37
N GLY A 147 12.53 -3.05 -0.26
CA GLY A 147 12.88 -4.10 -1.21
C GLY A 147 13.21 -5.41 -0.52
N LEU A 148 12.28 -6.38 -0.58
CA LEU A 148 12.55 -7.74 -0.10
C LEU A 148 13.37 -8.50 -1.15
N GLU A 149 12.80 -8.52 -2.37
CA GLU A 149 13.25 -9.35 -3.50
C GLU A 149 13.37 -10.85 -3.14
N HIS A 150 13.85 -11.63 -4.10
CA HIS A 150 14.10 -13.07 -3.92
C HIS A 150 15.38 -13.45 -4.68
N HIS A 151 15.93 -14.62 -4.34
CA HIS A 151 17.02 -15.23 -5.10
C HIS A 151 16.45 -15.68 -6.44
N HIS A 152 16.95 -15.09 -7.54
CA HIS A 152 16.42 -15.30 -8.89
C HIS A 152 16.92 -16.61 -9.51
N HIS A 153 17.44 -17.51 -8.64
CA HIS A 153 17.80 -18.89 -8.98
C HIS A 153 16.59 -19.62 -9.61
N HIS A 154 15.37 -19.23 -9.17
CA HIS A 154 14.11 -19.53 -9.88
C HIS A 154 13.59 -18.23 -10.50
N HIS A 155 13.05 -17.34 -9.65
CA HIS A 155 12.57 -16.00 -10.04
C HIS A 155 12.12 -15.25 -8.76
N PRO A 1 6.22 -6.81 -21.97
CA PRO A 1 6.16 -6.18 -20.62
C PRO A 1 7.23 -5.07 -20.47
N GLN A 2 7.00 -3.93 -21.16
CA GLN A 2 7.86 -2.73 -21.09
C GLN A 2 7.33 -1.79 -19.99
N SER A 3 7.27 -2.31 -18.76
CA SER A 3 6.72 -1.62 -17.59
C SER A 3 7.60 -0.41 -17.18
N TYR A 4 8.92 -0.62 -17.27
CA TYR A 4 9.93 0.39 -16.95
C TYR A 4 11.24 0.05 -17.69
N PHE A 5 11.87 1.06 -18.31
CA PHE A 5 13.26 0.98 -18.78
C PHE A 5 14.14 1.76 -17.79
N ASN A 6 15.31 1.19 -17.45
CA ASN A 6 16.19 1.66 -16.34
C ASN A 6 15.53 1.41 -14.95
N ALA A 7 16.38 1.30 -13.91
CA ALA A 7 15.91 1.16 -12.53
C ALA A 7 15.39 2.52 -12.03
N ALA A 8 14.05 2.68 -12.00
CA ALA A 8 13.38 3.90 -11.53
C ALA A 8 13.54 4.04 -10.01
N ALA A 9 14.74 4.46 -9.59
CA ALA A 9 15.16 4.52 -8.19
C ALA A 9 14.51 5.71 -7.48
N LYS A 10 13.30 5.48 -6.94
CA LYS A 10 12.62 6.46 -6.08
C LYS A 10 13.21 6.37 -4.67
N ARG A 11 14.40 6.98 -4.54
CA ARG A 11 15.15 7.07 -3.30
C ARG A 11 14.42 7.96 -2.28
N GLN A 12 13.84 9.07 -2.77
CA GLN A 12 13.08 10.01 -1.93
C GLN A 12 11.68 9.44 -1.65
N LYS A 13 11.43 9.10 -0.37
CA LYS A 13 10.11 8.64 0.08
C LYS A 13 9.16 9.85 0.25
N TYR A 14 7.86 9.56 0.34
CA TYR A 14 6.82 10.59 0.51
C TYR A 14 6.05 10.33 1.81
N ALA A 15 5.38 11.38 2.32
CA ALA A 15 4.63 11.32 3.57
C ALA A 15 3.56 12.40 3.59
N MET A 16 2.35 12.06 4.09
CA MET A 16 1.29 13.03 4.35
C MET A 16 1.58 13.71 5.67
N LYS A 17 2.22 14.88 5.57
CA LYS A 17 2.58 15.71 6.72
C LYS A 17 1.44 16.72 6.99
N PRO A 18 1.27 17.24 8.26
CA PRO A 18 0.22 18.26 8.61
C PRO A 18 0.14 19.43 7.60
N GLY A 19 1.31 19.84 7.10
CA GLY A 19 1.41 20.86 6.05
C GLY A 19 2.14 20.32 4.83
N LEU A 20 1.53 20.50 3.65
CA LEU A 20 2.10 20.14 2.33
C LEU A 20 1.61 21.19 1.32
N SER A 21 2.32 21.33 0.19
CA SER A 21 1.84 22.13 -0.96
C SER A 21 0.79 21.31 -1.74
N ALA A 22 0.08 21.95 -2.70
CA ALA A 22 -0.97 21.28 -3.50
C ALA A 22 -0.34 20.25 -4.47
N LEU A 23 0.69 20.69 -5.20
CA LEU A 23 1.44 19.84 -6.15
C LEU A 23 2.22 18.74 -5.40
N GLU A 24 2.68 19.06 -4.17
CA GLU A 24 3.41 18.12 -3.30
C GLU A 24 2.46 17.01 -2.81
N LYS A 25 1.27 17.46 -2.38
CA LYS A 25 0.18 16.59 -1.91
C LYS A 25 -0.17 15.54 -2.97
N ASN A 26 -0.31 16.03 -4.22
CA ASN A 26 -0.65 15.21 -5.39
C ASN A 26 0.52 14.26 -5.76
N ALA A 27 1.76 14.71 -5.54
CA ALA A 27 2.97 13.88 -5.75
C ALA A 27 3.02 12.70 -4.75
N VAL A 28 2.57 12.94 -3.51
CA VAL A 28 2.47 11.89 -2.47
C VAL A 28 1.33 10.90 -2.83
N ILE A 29 0.26 11.43 -3.48
CA ILE A 29 -0.87 10.62 -4.02
C ILE A 29 -0.37 9.64 -5.11
N LYS A 30 0.36 10.18 -6.10
CA LYS A 30 0.90 9.41 -7.25
C LYS A 30 1.84 8.31 -6.77
N ALA A 31 2.68 8.64 -5.77
CA ALA A 31 3.62 7.69 -5.15
C ALA A 31 2.86 6.53 -4.49
N ALA A 32 1.72 6.84 -3.85
CA ALA A 32 0.86 5.86 -3.17
C ALA A 32 0.17 4.92 -4.18
N TYR A 33 -0.22 5.47 -5.34
CA TYR A 33 -0.85 4.69 -6.43
C TYR A 33 0.17 3.86 -7.21
N ARG A 34 1.46 4.26 -7.19
CA ARG A 34 2.56 3.41 -7.71
C ARG A 34 2.93 2.27 -6.73
N GLN A 35 2.95 2.57 -5.41
CA GLN A 35 3.36 1.58 -4.40
C GLN A 35 2.26 0.52 -4.20
N ILE A 36 1.01 0.97 -4.02
CA ILE A 36 -0.12 0.09 -3.65
C ILE A 36 -0.85 -0.45 -4.89
N PHE A 37 -1.32 0.49 -5.75
CA PHE A 37 -2.15 0.16 -6.93
C PHE A 37 -1.30 -0.27 -8.13
N GLU A 38 -0.02 0.19 -8.16
CA GLU A 38 0.99 -0.16 -9.22
C GLU A 38 0.66 0.47 -10.61
N ARG A 39 -0.54 1.05 -10.76
CA ARG A 39 -1.14 1.37 -12.07
C ARG A 39 -1.82 2.75 -12.02
N ASP A 40 -1.92 3.40 -13.19
CA ASP A 40 -2.79 4.57 -13.43
C ASP A 40 -4.06 4.11 -14.12
N ILE A 41 -4.97 3.49 -13.35
CA ILE A 41 -6.31 3.16 -13.82
C ILE A 41 -7.11 4.47 -13.98
N THR A 42 -8.12 4.44 -14.86
CA THR A 42 -9.14 5.47 -14.92
C THR A 42 -9.85 5.53 -13.55
N LYS A 43 -9.71 6.65 -12.81
CA LYS A 43 -10.24 6.78 -11.43
C LYS A 43 -11.80 6.81 -11.39
N ALA A 44 -12.42 6.88 -12.58
CA ALA A 44 -13.87 6.68 -12.76
C ALA A 44 -14.27 5.18 -12.66
N TYR A 45 -13.26 4.30 -12.46
CA TYR A 45 -13.45 2.87 -12.06
C TYR A 45 -14.44 2.79 -10.88
N SER A 46 -14.17 3.64 -9.90
CA SER A 46 -14.98 3.81 -8.72
C SER A 46 -14.68 5.19 -8.16
N GLN A 47 -15.68 6.08 -8.13
CA GLN A 47 -15.54 7.42 -7.52
C GLN A 47 -15.49 7.32 -5.99
N SER A 48 -15.68 6.10 -5.45
CA SER A 48 -15.37 5.77 -4.06
C SER A 48 -13.84 5.85 -3.85
N ILE A 49 -13.07 5.31 -4.85
CA ILE A 49 -11.58 5.40 -4.86
C ILE A 49 -11.13 6.87 -5.04
N SER A 50 -11.85 7.62 -5.89
CA SER A 50 -11.63 9.07 -6.07
C SER A 50 -11.93 9.84 -4.76
N TYR A 51 -12.95 9.38 -4.02
CA TYR A 51 -13.33 9.95 -2.71
C TYR A 51 -12.24 9.66 -1.65
N LEU A 52 -11.65 8.45 -1.71
CA LEU A 52 -10.53 8.03 -0.83
C LEU A 52 -9.34 8.98 -1.00
N GLU A 53 -9.05 9.29 -2.27
CA GLU A 53 -7.98 10.20 -2.64
C GLU A 53 -8.29 11.61 -2.12
N SER A 54 -9.53 12.07 -2.35
CA SER A 54 -9.96 13.43 -1.96
C SER A 54 -9.91 13.62 -0.44
N GLN A 55 -10.10 12.51 0.31
CA GLN A 55 -9.99 12.52 1.77
C GLN A 55 -8.53 12.79 2.18
N VAL A 56 -7.61 11.90 1.80
CA VAL A 56 -6.17 11.99 2.20
C VAL A 56 -5.48 13.24 1.58
N ARG A 57 -6.05 13.74 0.46
CA ARG A 57 -5.56 14.94 -0.25
C ARG A 57 -6.01 16.22 0.50
N ASN A 58 -7.21 16.17 1.10
CA ASN A 58 -7.74 17.24 1.98
C ASN A 58 -7.33 16.99 3.47
N GLY A 59 -6.58 15.89 3.68
CA GLY A 59 -6.09 15.51 5.01
C GLY A 59 -7.19 15.10 6.00
N ASP A 60 -8.32 14.61 5.47
CA ASP A 60 -9.45 14.09 6.28
C ASP A 60 -9.03 12.78 6.96
N ILE A 61 -8.36 11.91 6.18
CA ILE A 61 -7.79 10.65 6.67
C ILE A 61 -6.25 10.68 6.57
N SER A 62 -5.60 9.70 7.22
CA SER A 62 -4.15 9.49 7.12
C SER A 62 -3.83 8.65 5.87
N MET A 63 -2.51 8.54 5.56
CA MET A 63 -2.03 7.59 4.52
C MET A 63 -2.32 6.15 4.93
N LYS A 64 -2.47 5.93 6.24
CA LYS A 64 -2.75 4.61 6.80
C LYS A 64 -4.15 4.15 6.40
N GLU A 65 -5.13 5.05 6.53
CA GLU A 65 -6.54 4.78 6.17
C GLU A 65 -6.73 4.72 4.64
N PHE A 66 -5.90 5.47 3.92
CA PHE A 66 -5.89 5.48 2.45
C PHE A 66 -5.46 4.11 1.92
N VAL A 67 -4.29 3.63 2.38
CA VAL A 67 -3.70 2.32 2.00
C VAL A 67 -4.65 1.17 2.39
N ARG A 68 -5.28 1.32 3.58
CA ARG A 68 -6.28 0.36 4.13
C ARG A 68 -7.40 0.07 3.11
N ARG A 69 -8.01 1.15 2.60
CA ARG A 69 -9.15 1.07 1.66
C ARG A 69 -8.72 0.69 0.23
N LEU A 70 -7.57 1.21 -0.25
CA LEU A 70 -7.05 0.88 -1.60
C LEU A 70 -6.80 -0.64 -1.70
N ALA A 71 -6.11 -1.17 -0.69
CA ALA A 71 -5.72 -2.58 -0.63
C ALA A 71 -6.90 -3.48 -0.16
N LYS A 72 -7.98 -2.85 0.38
CA LYS A 72 -9.27 -3.53 0.66
C LYS A 72 -10.02 -3.74 -0.68
N SER A 73 -9.85 -2.77 -1.62
CA SER A 73 -10.67 -2.67 -2.86
C SER A 73 -10.60 -3.98 -3.71
N PRO A 74 -11.72 -4.35 -4.43
CA PRO A 74 -11.79 -5.58 -5.27
C PRO A 74 -10.66 -5.65 -6.33
N LEU A 75 -10.19 -4.47 -6.78
CA LEU A 75 -9.11 -4.34 -7.78
C LEU A 75 -7.78 -4.93 -7.23
N TYR A 76 -7.38 -4.47 -6.03
CA TYR A 76 -6.14 -4.91 -5.37
C TYR A 76 -6.16 -6.41 -5.05
N ARG A 77 -7.26 -6.91 -4.44
CA ARG A 77 -7.36 -8.33 -4.03
C ARG A 77 -7.45 -9.27 -5.24
N LYS A 78 -7.91 -8.73 -6.38
CA LYS A 78 -7.88 -9.44 -7.68
C LYS A 78 -6.42 -9.76 -8.06
N GLN A 79 -5.48 -8.92 -7.60
CA GLN A 79 -4.04 -9.16 -7.78
C GLN A 79 -3.54 -10.15 -6.68
N PHE A 80 -3.06 -11.33 -7.13
CA PHE A 80 -2.37 -12.35 -6.29
C PHE A 80 -3.31 -13.24 -5.44
N PHE A 81 -4.36 -12.67 -4.83
CA PHE A 81 -5.24 -13.38 -3.89
C PHE A 81 -6.25 -14.28 -4.64
N GLU A 82 -6.92 -13.70 -5.65
CA GLU A 82 -7.87 -14.43 -6.52
C GLU A 82 -7.16 -15.42 -7.49
N PRO A 83 -6.12 -15.01 -8.32
CA PRO A 83 -5.53 -15.90 -9.37
C PRO A 83 -4.44 -16.86 -8.84
N PHE A 84 -3.53 -16.34 -8.01
CA PHE A 84 -2.35 -17.10 -7.53
C PHE A 84 -2.63 -17.74 -6.17
N ILE A 85 -1.65 -18.51 -5.67
CA ILE A 85 -1.72 -19.21 -4.37
C ILE A 85 -1.79 -18.22 -3.18
N ASN A 86 -2.41 -18.68 -2.06
CA ASN A 86 -2.59 -17.88 -0.82
C ASN A 86 -1.25 -17.44 -0.23
N SER A 87 -0.25 -18.34 -0.32
CA SER A 87 1.13 -18.07 0.14
C SER A 87 1.72 -16.79 -0.50
N ARG A 88 1.68 -16.70 -1.84
CA ARG A 88 2.18 -15.52 -2.59
C ARG A 88 1.35 -14.27 -2.31
N ALA A 89 0.02 -14.44 -2.15
CA ALA A 89 -0.92 -13.35 -1.83
C ALA A 89 -0.59 -12.72 -0.45
N LEU A 90 -0.28 -13.61 0.50
CA LEU A 90 0.05 -13.28 1.89
C LEU A 90 1.34 -12.44 1.92
N GLU A 91 2.39 -12.99 1.30
CA GLU A 91 3.73 -12.35 1.20
C GLU A 91 3.65 -10.98 0.52
N LEU A 92 2.83 -10.92 -0.56
CA LEU A 92 2.65 -9.72 -1.41
C LEU A 92 1.96 -8.60 -0.60
N ALA A 93 1.08 -8.97 0.33
CA ALA A 93 0.44 -8.01 1.25
C ALA A 93 1.46 -7.47 2.28
N PHE A 94 2.38 -8.35 2.74
CA PHE A 94 3.52 -7.95 3.59
C PHE A 94 4.47 -6.99 2.82
N ARG A 95 4.61 -7.24 1.50
CA ARG A 95 5.48 -6.43 0.61
C ARG A 95 4.82 -5.08 0.24
N HIS A 96 3.47 -4.99 0.32
CA HIS A 96 2.71 -3.79 -0.08
C HIS A 96 2.39 -2.88 1.12
N ILE A 97 1.60 -3.40 2.10
CA ILE A 97 1.18 -2.59 3.26
C ILE A 97 2.43 -2.24 4.11
N LEU A 98 3.25 -3.25 4.44
CA LEU A 98 4.42 -3.03 5.31
C LEU A 98 5.59 -2.44 4.49
N GLY A 99 5.47 -2.55 3.15
CA GLY A 99 6.41 -1.97 2.20
C GLY A 99 7.74 -2.71 2.12
N ARG A 100 7.78 -3.94 2.67
CA ARG A 100 9.05 -4.69 2.80
C ARG A 100 8.82 -6.18 2.51
N GLY A 101 8.19 -6.90 3.44
CA GLY A 101 8.01 -8.34 3.33
C GLY A 101 7.84 -9.02 4.69
N PRO A 102 7.60 -10.37 4.71
CA PRO A 102 7.39 -11.12 5.98
C PRO A 102 8.68 -11.19 6.84
N SER A 103 8.65 -10.54 8.01
CA SER A 103 9.82 -10.45 8.91
C SER A 103 10.04 -11.78 9.65
N SER A 104 9.00 -12.25 10.35
CA SER A 104 9.04 -13.49 11.16
C SER A 104 8.08 -14.53 10.55
N ARG A 105 8.40 -15.84 10.72
CA ARG A 105 7.60 -16.93 10.13
C ARG A 105 6.32 -17.19 10.94
N GLU A 106 6.39 -16.96 12.26
CA GLU A 106 5.22 -17.09 13.17
C GLU A 106 4.23 -15.94 12.91
N GLU A 107 4.78 -14.80 12.47
CA GLU A 107 4.02 -13.65 11.98
C GLU A 107 3.26 -14.06 10.68
N VAL A 108 3.98 -14.76 9.78
CA VAL A 108 3.39 -15.33 8.53
C VAL A 108 2.19 -16.24 8.86
N GLN A 109 2.39 -17.14 9.83
CA GLN A 109 1.37 -18.13 10.28
C GLN A 109 0.15 -17.45 10.93
N LYS A 110 0.42 -16.41 11.74
CA LYS A 110 -0.61 -15.65 12.46
C LYS A 110 -1.52 -14.93 11.44
N TYR A 111 -0.87 -14.24 10.50
CA TYR A 111 -1.57 -13.49 9.45
C TYR A 111 -2.17 -14.40 8.37
N PHE A 112 -1.67 -15.65 8.27
CA PHE A 112 -2.23 -16.66 7.36
C PHE A 112 -3.60 -17.13 7.87
N SER A 113 -3.75 -17.23 9.19
CA SER A 113 -5.04 -17.54 9.85
C SER A 113 -6.08 -16.46 9.50
N ILE A 114 -5.61 -15.19 9.42
CA ILE A 114 -6.45 -14.02 9.15
C ILE A 114 -6.89 -13.97 7.66
N VAL A 115 -5.94 -14.24 6.73
CA VAL A 115 -6.20 -14.19 5.28
C VAL A 115 -7.10 -15.37 4.83
N SER A 116 -7.09 -16.48 5.61
CA SER A 116 -7.93 -17.66 5.33
C SER A 116 -9.37 -17.46 5.87
N SER A 117 -9.48 -16.98 7.12
CA SER A 117 -10.78 -16.80 7.81
C SER A 117 -11.57 -15.59 7.25
N GLY A 118 -10.92 -14.42 7.27
CA GLY A 118 -11.57 -13.15 6.91
C GLY A 118 -11.33 -12.72 5.48
N GLY A 119 -10.35 -13.34 4.79
CA GLY A 119 -9.97 -12.95 3.43
C GLY A 119 -8.82 -11.96 3.39
N LEU A 120 -8.53 -11.42 2.18
CA LEU A 120 -7.40 -10.47 2.00
C LEU A 120 -7.72 -9.08 2.61
N PRO A 121 -8.93 -8.44 2.38
CA PRO A 121 -9.32 -7.19 3.09
C PRO A 121 -9.09 -7.24 4.63
N ALA A 122 -9.30 -8.44 5.22
CA ALA A 122 -9.04 -8.68 6.66
C ALA A 122 -7.52 -8.70 6.98
N LEU A 123 -6.73 -9.32 6.09
CA LEU A 123 -5.25 -9.38 6.21
C LEU A 123 -4.66 -7.96 6.13
N VAL A 124 -5.14 -7.21 5.14
CA VAL A 124 -4.77 -5.81 4.88
C VAL A 124 -5.04 -4.97 6.13
N ASP A 125 -6.26 -5.13 6.68
CA ASP A 125 -6.73 -4.41 7.87
C ASP A 125 -5.79 -4.66 9.07
N ALA A 126 -5.39 -5.93 9.23
CA ALA A 126 -4.48 -6.37 10.30
C ALA A 126 -3.04 -5.79 10.15
N LEU A 127 -2.56 -5.71 8.89
CA LEU A 127 -1.20 -5.20 8.57
C LEU A 127 -1.15 -3.66 8.70
N VAL A 128 -2.29 -3.02 8.38
CA VAL A 128 -2.46 -1.56 8.48
C VAL A 128 -2.55 -1.11 9.95
N ASP A 129 -3.38 -1.83 10.71
CA ASP A 129 -3.69 -1.51 12.12
C ASP A 129 -2.49 -1.78 13.05
N SER A 130 -1.46 -2.52 12.53
CA SER A 130 -0.21 -2.82 13.24
C SER A 130 0.41 -1.52 13.81
N GLN A 131 0.45 -1.44 15.15
CA GLN A 131 0.85 -0.22 15.86
C GLN A 131 2.38 -0.02 15.78
N GLU A 132 3.12 -1.14 15.80
CA GLU A 132 4.60 -1.13 15.68
C GLU A 132 5.04 -0.49 14.36
N TYR A 133 4.37 -0.93 13.27
CA TYR A 133 4.62 -0.47 11.89
C TYR A 133 4.10 0.97 11.69
N ALA A 134 2.86 1.23 12.14
CA ALA A 134 2.16 2.53 11.94
C ALA A 134 2.92 3.67 12.62
N ASP A 135 3.48 3.35 13.80
CA ASP A 135 4.27 4.30 14.61
C ASP A 135 5.62 4.59 13.93
N TYR A 136 6.28 3.51 13.49
CA TYR A 136 7.66 3.58 12.95
C TYR A 136 7.71 4.48 11.68
N PHE A 137 6.87 4.16 10.68
CA PHE A 137 6.70 4.98 9.45
C PHE A 137 5.23 5.03 9.00
N GLY A 138 4.58 3.86 9.06
CA GLY A 138 3.39 3.52 8.28
C GLY A 138 2.20 4.49 8.25
N GLU A 139 1.98 5.24 9.34
CA GLU A 139 0.75 6.07 9.46
C GLU A 139 0.82 7.28 8.52
N GLU A 140 1.88 8.09 8.67
CA GLU A 140 2.12 9.29 7.83
C GLU A 140 2.87 8.93 6.53
N THR A 141 3.92 8.10 6.65
CA THR A 141 4.80 7.76 5.51
C THR A 141 4.13 6.74 4.56
N VAL A 142 4.28 6.99 3.25
CA VAL A 142 3.84 6.06 2.20
C VAL A 142 4.78 4.83 2.22
N PRO A 143 4.25 3.56 2.26
CA PRO A 143 5.06 2.34 2.28
C PRO A 143 5.98 2.20 1.04
N TYR A 144 7.20 2.76 1.15
CA TYR A 144 8.24 2.64 0.13
C TYR A 144 8.85 1.22 0.16
N LEU A 145 9.24 0.72 -1.02
CA LEU A 145 9.74 -0.66 -1.17
C LEU A 145 11.15 -0.79 -0.57
N ARG A 146 11.32 -1.80 0.29
CA ARG A 146 12.58 -2.10 1.00
C ARG A 146 12.66 -3.62 1.28
N GLY A 147 13.80 -4.06 1.81
CA GLY A 147 14.04 -5.48 2.08
C GLY A 147 15.41 -5.69 2.73
N LEU A 148 16.45 -5.65 1.89
CA LEU A 148 17.86 -5.56 2.33
C LEU A 148 18.32 -4.12 2.01
N GLU A 149 19.05 -3.49 2.93
CA GLU A 149 19.45 -2.07 2.82
C GLU A 149 20.51 -1.86 1.71
N HIS A 150 20.00 -1.54 0.51
CA HIS A 150 20.81 -1.06 -0.62
C HIS A 150 20.89 0.47 -0.50
N HIS A 151 22.10 1.04 -0.51
CA HIS A 151 22.36 2.46 -0.17
C HIS A 151 21.67 3.42 -1.17
N HIS A 152 20.39 3.73 -0.88
CA HIS A 152 19.56 4.69 -1.65
C HIS A 152 19.40 6.02 -0.87
N HIS A 153 19.84 6.03 0.39
CA HIS A 153 19.78 7.23 1.26
C HIS A 153 21.18 7.58 1.77
N HIS A 154 21.57 8.86 1.64
CA HIS A 154 22.78 9.41 2.26
C HIS A 154 22.38 10.58 3.18
N HIS A 155 21.46 11.42 2.65
CA HIS A 155 20.87 12.58 3.33
C HIS A 155 19.84 13.19 2.36
N PRO A 1 1.59 -0.92 -25.70
CA PRO A 1 2.05 0.32 -25.02
C PRO A 1 3.59 0.32 -24.94
N GLN A 2 4.23 1.25 -25.66
CA GLN A 2 5.69 1.42 -25.68
C GLN A 2 6.09 2.23 -24.42
N SER A 3 7.17 1.80 -23.73
CA SER A 3 7.57 2.39 -22.44
C SER A 3 8.09 3.84 -22.62
N TYR A 4 7.19 4.81 -22.38
CA TYR A 4 7.56 6.24 -22.23
C TYR A 4 7.61 6.58 -20.73
N PHE A 5 6.97 5.74 -19.90
CA PHE A 5 6.93 5.88 -18.44
C PHE A 5 8.30 5.54 -17.82
N ASN A 6 8.83 6.49 -17.04
CA ASN A 6 10.05 6.30 -16.26
C ASN A 6 9.83 6.93 -14.87
N ALA A 7 9.64 6.08 -13.84
CA ALA A 7 9.43 6.53 -12.46
C ALA A 7 10.76 6.91 -11.82
N ALA A 8 11.34 8.03 -12.29
CA ALA A 8 12.59 8.57 -11.76
C ALA A 8 12.29 9.36 -10.48
N ALA A 9 12.17 8.61 -9.36
CA ALA A 9 11.92 9.18 -8.04
C ALA A 9 13.25 9.69 -7.45
N LYS A 10 13.64 10.90 -7.88
CA LYS A 10 14.87 11.57 -7.40
C LYS A 10 14.65 12.01 -5.95
N ARG A 11 13.43 12.50 -5.71
CA ARG A 11 12.94 12.82 -4.37
C ARG A 11 12.63 11.51 -3.64
N GLN A 12 13.56 11.10 -2.76
CA GLN A 12 13.35 9.98 -1.83
C GLN A 12 12.34 10.42 -0.75
N LYS A 13 11.71 9.42 -0.07
CA LYS A 13 10.71 9.66 0.98
C LYS A 13 9.49 10.44 0.46
N TYR A 14 8.45 9.70 0.07
CA TYR A 14 7.13 10.27 -0.23
C TYR A 14 6.27 10.06 1.02
N ALA A 15 5.80 11.16 1.61
CA ALA A 15 5.07 11.13 2.89
C ALA A 15 4.17 12.37 2.99
N MET A 16 2.87 12.13 3.27
CA MET A 16 1.89 13.21 3.47
C MET A 16 2.01 13.76 4.89
N LYS A 17 2.91 14.73 5.02
CA LYS A 17 3.24 15.39 6.28
C LYS A 17 2.41 16.70 6.37
N PRO A 18 1.69 16.97 7.51
CA PRO A 18 0.83 18.17 7.64
C PRO A 18 1.63 19.49 7.44
N GLY A 19 1.59 20.00 6.19
CA GLY A 19 2.36 21.17 5.79
C GLY A 19 2.75 21.17 4.31
N LEU A 20 2.30 20.15 3.55
CA LEU A 20 2.66 19.99 2.12
C LEU A 20 1.92 20.99 1.21
N SER A 21 2.52 21.23 0.03
CA SER A 21 1.87 21.93 -1.10
C SER A 21 0.87 20.97 -1.81
N ALA A 22 0.07 21.52 -2.74
CA ALA A 22 -0.94 20.74 -3.50
C ALA A 22 -0.27 19.71 -4.42
N LEU A 23 0.88 20.08 -4.98
CA LEU A 23 1.67 19.24 -5.90
C LEU A 23 2.49 18.19 -5.13
N GLU A 24 2.79 18.50 -3.87
CA GLU A 24 3.42 17.54 -2.93
C GLU A 24 2.42 16.42 -2.57
N LYS A 25 1.19 16.83 -2.26
CA LYS A 25 0.09 15.89 -1.95
C LYS A 25 -0.26 15.06 -3.19
N ASN A 26 -0.28 15.73 -4.36
CA ASN A 26 -0.52 15.11 -5.69
C ASN A 26 0.47 13.95 -5.93
N ALA A 27 1.76 14.23 -5.69
CA ALA A 27 2.86 13.26 -5.86
C ALA A 27 2.73 12.06 -4.89
N VAL A 28 2.26 12.32 -3.67
CA VAL A 28 2.08 11.28 -2.62
C VAL A 28 0.89 10.36 -2.96
N ILE A 29 -0.22 10.95 -3.43
CA ILE A 29 -1.43 10.20 -3.83
C ILE A 29 -1.12 9.32 -5.06
N LYS A 30 -0.42 9.91 -6.03
CA LYS A 30 -0.03 9.24 -7.27
C LYS A 30 0.94 8.08 -6.99
N ALA A 31 1.88 8.31 -6.06
CA ALA A 31 2.85 7.28 -5.59
C ALA A 31 2.11 6.11 -4.92
N ALA A 32 0.96 6.41 -4.28
CA ALA A 32 0.11 5.39 -3.63
C ALA A 32 -0.44 4.40 -4.66
N TYR A 33 -1.05 4.93 -5.74
CA TYR A 33 -1.59 4.08 -6.82
C TYR A 33 -0.46 3.38 -7.61
N ARG A 34 0.64 4.12 -7.85
CA ARG A 34 1.86 3.62 -8.50
C ARG A 34 2.49 2.46 -7.71
N GLN A 35 2.25 2.35 -6.40
CA GLN A 35 2.89 1.31 -5.57
C GLN A 35 1.94 0.17 -5.21
N ILE A 36 0.73 0.53 -4.73
CA ILE A 36 -0.26 -0.42 -4.15
C ILE A 36 -0.83 -1.33 -5.24
N PHE A 37 -1.37 -0.72 -6.30
CA PHE A 37 -1.87 -1.44 -7.47
C PHE A 37 -0.71 -1.63 -8.48
N GLU A 38 0.23 -0.66 -8.43
CA GLU A 38 1.31 -0.49 -9.40
C GLU A 38 0.73 -0.19 -10.78
N ARG A 39 -0.03 0.92 -10.82
CA ARG A 39 -0.73 1.43 -12.01
C ARG A 39 -1.76 0.41 -12.59
N ASP A 40 -2.33 0.75 -13.76
CA ASP A 40 -3.31 -0.08 -14.50
C ASP A 40 -4.51 -0.46 -13.60
N ILE A 41 -5.31 0.56 -13.27
CA ILE A 41 -6.54 0.39 -12.50
C ILE A 41 -7.76 0.57 -13.40
N THR A 42 -8.90 0.06 -12.94
CA THR A 42 -10.17 0.12 -13.67
C THR A 42 -10.64 1.59 -13.78
N LYS A 43 -10.95 2.04 -15.02
CA LYS A 43 -11.43 3.43 -15.29
C LYS A 43 -12.81 3.69 -14.66
N ALA A 44 -13.52 2.59 -14.29
CA ALA A 44 -14.77 2.65 -13.51
C ALA A 44 -14.54 3.34 -12.15
N TYR A 45 -13.32 3.19 -11.60
CA TYR A 45 -12.87 3.96 -10.43
C TYR A 45 -12.48 5.36 -10.89
N SER A 46 -13.18 6.37 -10.38
CA SER A 46 -12.89 7.78 -10.63
C SER A 46 -13.47 8.60 -9.48
N GLN A 47 -14.77 8.36 -9.21
CA GLN A 47 -15.49 8.98 -8.09
C GLN A 47 -14.93 8.48 -6.75
N SER A 48 -14.59 7.19 -6.71
CA SER A 48 -13.99 6.54 -5.53
C SER A 48 -12.57 7.06 -5.30
N ILE A 49 -11.81 7.23 -6.40
CA ILE A 49 -10.43 7.73 -6.37
C ILE A 49 -10.38 9.16 -5.78
N SER A 50 -11.21 10.05 -6.33
CA SER A 50 -11.27 11.47 -5.93
C SER A 50 -11.79 11.64 -4.49
N TYR A 51 -12.70 10.75 -4.06
CA TYR A 51 -13.28 10.78 -2.70
C TYR A 51 -12.21 10.41 -1.65
N LEU A 52 -11.65 9.18 -1.80
CA LEU A 52 -10.61 8.65 -0.91
C LEU A 52 -9.38 9.57 -0.88
N GLU A 53 -9.05 10.15 -2.07
CA GLU A 53 -7.98 11.15 -2.20
C GLU A 53 -8.29 12.36 -1.32
N SER A 54 -9.51 12.90 -1.45
CA SER A 54 -9.90 14.15 -0.77
C SER A 54 -9.93 13.95 0.77
N GLN A 55 -10.21 12.70 1.21
CA GLN A 55 -10.16 12.34 2.64
C GLN A 55 -8.72 12.55 3.18
N VAL A 56 -7.76 11.77 2.64
CA VAL A 56 -6.36 11.79 3.11
C VAL A 56 -5.67 13.16 2.83
N ARG A 57 -6.02 13.76 1.68
CA ARG A 57 -5.47 15.05 1.22
C ARG A 57 -5.82 16.19 2.20
N ASN A 58 -7.04 16.11 2.77
CA ASN A 58 -7.51 17.07 3.81
C ASN A 58 -7.08 16.66 5.23
N GLY A 59 -6.47 15.45 5.35
CA GLY A 59 -6.12 14.89 6.67
C GLY A 59 -7.33 14.45 7.48
N ASP A 60 -8.42 14.11 6.78
CA ASP A 60 -9.66 13.56 7.37
C ASP A 60 -9.37 12.12 7.83
N ILE A 61 -8.69 11.37 6.95
CA ILE A 61 -8.07 10.08 7.29
C ILE A 61 -6.55 10.23 7.12
N SER A 62 -5.76 9.29 7.67
CA SER A 62 -4.30 9.27 7.47
C SER A 62 -3.96 8.64 6.13
N MET A 63 -2.69 8.76 5.73
CA MET A 63 -2.16 8.17 4.49
C MET A 63 -2.18 6.63 4.62
N LYS A 64 -1.94 6.15 5.85
CA LYS A 64 -1.98 4.72 6.20
C LYS A 64 -3.42 4.16 6.01
N GLU A 65 -4.41 4.97 6.42
CA GLU A 65 -5.84 4.63 6.31
C GLU A 65 -6.30 4.66 4.83
N PHE A 66 -5.67 5.54 4.04
CA PHE A 66 -5.86 5.61 2.58
C PHE A 66 -5.40 4.29 1.91
N VAL A 67 -4.30 3.71 2.45
CA VAL A 67 -3.74 2.42 1.98
C VAL A 67 -4.76 1.30 2.16
N ARG A 68 -5.38 1.28 3.36
CA ARG A 68 -6.43 0.30 3.70
C ARG A 68 -7.57 0.32 2.67
N ARG A 69 -8.07 1.53 2.40
CA ARG A 69 -9.25 1.75 1.56
C ARG A 69 -8.96 1.50 0.07
N LEU A 70 -7.67 1.52 -0.32
CA LEU A 70 -7.24 1.17 -1.69
C LEU A 70 -7.08 -0.35 -1.83
N ALA A 71 -6.40 -0.96 -0.86
CA ALA A 71 -6.05 -2.40 -0.89
C ALA A 71 -7.26 -3.30 -0.52
N LYS A 72 -8.33 -2.67 0.01
CA LYS A 72 -9.60 -3.37 0.31
C LYS A 72 -10.56 -3.31 -0.90
N SER A 73 -10.26 -2.39 -1.86
CA SER A 73 -11.10 -2.20 -3.06
C SER A 73 -11.17 -3.51 -3.88
N PRO A 74 -12.38 -3.88 -4.44
CA PRO A 74 -12.62 -5.19 -5.11
C PRO A 74 -11.56 -5.54 -6.20
N LEU A 75 -10.87 -4.52 -6.73
CA LEU A 75 -9.82 -4.70 -7.73
C LEU A 75 -8.58 -5.39 -7.12
N TYR A 76 -7.99 -4.77 -6.07
CA TYR A 76 -6.80 -5.32 -5.38
C TYR A 76 -7.16 -6.65 -4.72
N ARG A 77 -8.34 -6.65 -4.07
CA ARG A 77 -8.87 -7.77 -3.29
C ARG A 77 -9.02 -9.04 -4.16
N LYS A 78 -9.40 -8.86 -5.43
CA LYS A 78 -9.60 -9.96 -6.38
C LYS A 78 -8.29 -10.29 -7.13
N GLN A 79 -7.78 -9.30 -7.88
CA GLN A 79 -6.67 -9.48 -8.86
C GLN A 79 -5.33 -9.90 -8.21
N PHE A 80 -5.07 -9.45 -6.97
CA PHE A 80 -3.85 -9.82 -6.21
C PHE A 80 -4.04 -11.14 -5.43
N PHE A 81 -5.14 -11.85 -5.70
CA PHE A 81 -5.46 -13.14 -5.05
C PHE A 81 -6.01 -14.15 -6.11
N GLU A 82 -6.19 -13.72 -7.38
CA GLU A 82 -6.62 -14.60 -8.48
C GLU A 82 -5.49 -15.58 -8.91
N PRO A 83 -4.30 -15.10 -9.43
CA PRO A 83 -3.19 -15.99 -9.81
C PRO A 83 -2.21 -16.25 -8.65
N PHE A 84 -2.46 -15.55 -7.52
CA PHE A 84 -1.57 -15.55 -6.36
C PHE A 84 -2.28 -16.23 -5.19
N ILE A 85 -1.68 -17.32 -4.67
CA ILE A 85 -2.20 -18.04 -3.49
C ILE A 85 -2.03 -17.20 -2.22
N ASN A 86 -2.48 -17.73 -1.07
CA ASN A 86 -2.43 -17.05 0.24
C ASN A 86 -1.00 -16.57 0.58
N SER A 87 0.02 -17.41 0.30
CA SER A 87 1.45 -17.06 0.51
C SER A 87 1.91 -15.84 -0.32
N ARG A 88 1.53 -15.81 -1.61
CA ARG A 88 1.97 -14.74 -2.55
C ARG A 88 1.22 -13.42 -2.27
N ALA A 89 -0.07 -13.54 -1.94
CA ALA A 89 -0.90 -12.39 -1.51
C ALA A 89 -0.45 -11.86 -0.13
N LEU A 90 0.05 -12.79 0.71
CA LEU A 90 0.64 -12.46 2.03
C LEU A 90 1.89 -11.61 1.82
N GLU A 91 2.74 -12.06 0.87
CA GLU A 91 3.99 -11.39 0.52
C GLU A 91 3.68 -9.96 0.05
N LEU A 92 2.78 -9.85 -0.95
CA LEU A 92 2.39 -8.56 -1.56
C LEU A 92 1.76 -7.60 -0.54
N ALA A 93 0.99 -8.13 0.42
CA ALA A 93 0.30 -7.32 1.45
C ALA A 93 1.30 -6.63 2.39
N PHE A 94 2.30 -7.40 2.85
CA PHE A 94 3.42 -6.89 3.69
C PHE A 94 4.28 -5.90 2.89
N ARG A 95 4.64 -6.35 1.69
CA ARG A 95 5.46 -5.63 0.70
C ARG A 95 4.94 -4.21 0.45
N HIS A 96 3.60 -4.07 0.40
CA HIS A 96 2.96 -2.77 0.30
C HIS A 96 2.89 -2.10 1.68
N ILE A 97 1.96 -2.58 2.52
CA ILE A 97 1.46 -1.85 3.71
C ILE A 97 2.59 -1.56 4.73
N LEU A 98 3.43 -2.58 4.96
CA LEU A 98 4.51 -2.49 5.96
C LEU A 98 5.79 -1.95 5.30
N GLY A 99 5.87 -2.10 3.97
CA GLY A 99 7.04 -1.68 3.19
C GLY A 99 8.20 -2.66 3.30
N ARG A 100 7.90 -3.88 3.77
CA ARG A 100 8.87 -4.97 3.98
C ARG A 100 8.18 -6.31 3.74
N GLY A 101 8.85 -7.24 3.05
CA GLY A 101 8.35 -8.59 2.87
C GLY A 101 8.43 -9.42 4.15
N PRO A 102 7.59 -10.49 4.31
CA PRO A 102 7.50 -11.28 5.56
C PRO A 102 8.83 -11.97 5.95
N SER A 103 9.39 -11.59 7.11
CA SER A 103 10.73 -12.00 7.57
C SER A 103 10.67 -13.11 8.65
N SER A 104 9.82 -12.92 9.68
CA SER A 104 9.81 -13.77 10.90
C SER A 104 8.88 -14.99 10.72
N ARG A 105 9.36 -16.20 11.07
CA ARG A 105 8.62 -17.50 10.88
C ARG A 105 7.21 -17.44 11.52
N GLU A 106 7.17 -17.00 12.78
CA GLU A 106 5.93 -16.93 13.59
C GLU A 106 4.94 -15.94 12.98
N GLU A 107 5.49 -14.77 12.57
CA GLU A 107 4.76 -13.71 11.85
C GLU A 107 4.06 -14.25 10.60
N VAL A 108 4.86 -14.91 9.71
CA VAL A 108 4.37 -15.44 8.42
C VAL A 108 3.20 -16.37 8.64
N GLN A 109 3.38 -17.36 9.54
CA GLN A 109 2.39 -18.39 9.84
C GLN A 109 1.12 -17.80 10.50
N LYS A 110 1.30 -16.76 11.34
CA LYS A 110 0.20 -16.12 12.09
C LYS A 110 -0.73 -15.39 11.13
N TYR A 111 -0.14 -14.46 10.37
CA TYR A 111 -0.83 -13.68 9.33
C TYR A 111 -1.30 -14.57 8.15
N PHE A 112 -0.64 -15.74 7.95
CA PHE A 112 -1.04 -16.73 6.93
C PHE A 112 -2.36 -17.40 7.34
N SER A 113 -2.51 -17.63 8.66
CA SER A 113 -3.76 -18.13 9.25
C SER A 113 -4.89 -17.11 9.07
N ILE A 114 -4.54 -15.81 9.09
CA ILE A 114 -5.50 -14.70 8.94
C ILE A 114 -6.00 -14.59 7.47
N VAL A 115 -5.05 -14.64 6.51
CA VAL A 115 -5.38 -14.56 5.06
C VAL A 115 -6.10 -15.84 4.57
N SER A 116 -5.91 -16.95 5.29
CA SER A 116 -6.56 -18.24 4.96
C SER A 116 -7.97 -18.33 5.60
N SER A 117 -8.12 -17.81 6.83
CA SER A 117 -9.38 -17.91 7.61
C SER A 117 -10.39 -16.83 7.18
N GLY A 118 -9.97 -15.55 7.26
CA GLY A 118 -10.86 -14.41 6.95
C GLY A 118 -10.61 -13.82 5.55
N GLY A 119 -9.72 -14.47 4.78
CA GLY A 119 -9.39 -14.02 3.43
C GLY A 119 -8.38 -12.88 3.40
N LEU A 120 -8.18 -12.34 2.19
CA LEU A 120 -7.22 -11.25 1.92
C LEU A 120 -7.61 -9.93 2.65
N PRO A 121 -8.91 -9.44 2.60
CA PRO A 121 -9.30 -8.15 3.26
C PRO A 121 -9.08 -8.18 4.79
N ALA A 122 -9.18 -9.37 5.41
CA ALA A 122 -8.91 -9.55 6.85
C ALA A 122 -7.43 -9.31 7.17
N LEU A 123 -6.56 -9.81 6.29
CA LEU A 123 -5.09 -9.61 6.37
C LEU A 123 -4.75 -8.12 6.21
N VAL A 124 -5.24 -7.54 5.10
CA VAL A 124 -5.00 -6.13 4.73
C VAL A 124 -5.43 -5.17 5.85
N ASP A 125 -6.67 -5.38 6.35
CA ASP A 125 -7.29 -4.55 7.39
C ASP A 125 -6.46 -4.59 8.69
N ALA A 126 -6.01 -5.81 9.05
CA ALA A 126 -5.21 -6.05 10.28
C ALA A 126 -3.79 -5.44 10.21
N LEU A 127 -3.19 -5.43 9.01
CA LEU A 127 -1.82 -4.90 8.78
C LEU A 127 -1.82 -3.36 8.92
N VAL A 128 -2.91 -2.73 8.48
CA VAL A 128 -3.08 -1.27 8.62
C VAL A 128 -3.51 -0.88 10.04
N ASP A 129 -4.47 -1.66 10.60
CA ASP A 129 -5.12 -1.37 11.91
C ASP A 129 -4.10 -1.45 13.05
N SER A 130 -3.07 -2.29 12.85
CA SER A 130 -1.98 -2.47 13.80
C SER A 130 -1.30 -1.12 14.10
N GLN A 131 -1.29 -0.80 15.40
CA GLN A 131 -0.74 0.47 15.91
C GLN A 131 0.78 0.42 15.86
N GLU A 132 1.32 -0.81 15.79
CA GLU A 132 2.76 -1.07 15.63
C GLU A 132 3.25 -0.52 14.28
N TYR A 133 2.50 -0.84 13.22
CA TYR A 133 2.85 -0.49 11.83
C TYR A 133 2.40 0.94 11.48
N ALA A 134 1.39 1.41 12.22
CA ALA A 134 0.88 2.78 12.08
C ALA A 134 1.79 3.80 12.79
N ASP A 135 2.46 3.34 13.87
CA ASP A 135 3.40 4.16 14.67
C ASP A 135 4.79 4.18 14.00
N TYR A 136 5.30 2.97 13.73
CA TYR A 136 6.68 2.76 13.28
C TYR A 136 6.88 3.25 11.83
N PHE A 137 6.22 2.57 10.86
CA PHE A 137 6.31 2.95 9.43
C PHE A 137 5.69 4.34 9.23
N GLY A 138 4.68 4.61 10.07
CA GLY A 138 4.09 5.93 10.18
C GLY A 138 2.78 6.05 9.42
N GLU A 139 1.91 6.96 9.88
CA GLU A 139 0.61 7.20 9.26
C GLU A 139 0.74 8.10 8.01
N GLU A 140 1.92 8.74 7.87
CA GLU A 140 2.21 9.74 6.81
C GLU A 140 2.78 9.09 5.52
N THR A 141 3.60 8.05 5.66
CA THR A 141 4.49 7.60 4.57
C THR A 141 3.77 6.68 3.56
N VAL A 142 4.10 6.86 2.26
CA VAL A 142 3.65 5.98 1.17
C VAL A 142 4.23 4.57 1.38
N PRO A 143 3.38 3.51 1.37
CA PRO A 143 3.79 2.13 1.66
C PRO A 143 4.51 1.47 0.45
N TYR A 144 5.82 1.74 0.36
CA TYR A 144 6.68 1.23 -0.73
C TYR A 144 7.77 0.29 -0.19
N LEU A 145 8.46 -0.39 -1.10
CA LEU A 145 9.62 -1.25 -0.78
C LEU A 145 10.75 -0.43 -0.12
N ARG A 146 10.66 -0.29 1.20
CA ARG A 146 11.68 0.40 1.97
C ARG A 146 12.91 -0.52 2.01
N GLY A 147 13.96 -0.14 1.23
CA GLY A 147 15.23 -0.87 1.21
C GLY A 147 15.80 -1.04 2.60
N LEU A 148 15.72 -2.27 3.13
CA LEU A 148 16.01 -2.61 4.53
C LEU A 148 17.52 -2.43 4.79
N GLU A 149 17.89 -1.18 5.13
CA GLU A 149 19.24 -0.74 5.55
C GLU A 149 20.42 -1.34 4.76
N HIS A 150 20.78 -2.61 5.08
CA HIS A 150 21.89 -3.35 4.44
C HIS A 150 23.26 -2.68 4.74
N HIS A 151 23.30 -1.92 5.85
CA HIS A 151 24.52 -1.20 6.28
C HIS A 151 25.57 -2.20 6.80
N HIS A 152 26.64 -2.37 6.00
CA HIS A 152 27.83 -3.13 6.40
C HIS A 152 28.55 -2.41 7.55
N HIS A 153 28.34 -1.09 7.61
CA HIS A 153 28.85 -0.21 8.66
C HIS A 153 27.99 1.06 8.73
N HIS A 154 27.53 1.42 9.93
CA HIS A 154 26.80 2.69 10.18
C HIS A 154 27.79 3.86 10.25
N HIS A 155 27.33 5.06 9.88
CA HIS A 155 28.12 6.30 9.93
C HIS A 155 28.47 6.66 11.41
N PRO A 1 -11.17 9.25 -21.10
CA PRO A 1 -10.39 8.79 -22.28
C PRO A 1 -9.25 7.87 -21.83
N GLN A 2 -8.88 6.90 -22.69
CA GLN A 2 -7.70 6.04 -22.45
C GLN A 2 -6.41 6.89 -22.56
N SER A 3 -5.94 7.37 -21.40
CA SER A 3 -4.67 8.11 -21.27
C SER A 3 -3.57 7.12 -20.89
N TYR A 4 -2.49 7.07 -21.71
CA TYR A 4 -1.37 6.16 -21.46
C TYR A 4 -0.74 6.47 -20.09
N PHE A 5 -0.77 5.46 -19.21
CA PHE A 5 -0.32 5.56 -17.81
C PHE A 5 1.21 5.73 -17.69
N ASN A 6 1.66 6.13 -16.50
CA ASN A 6 3.09 6.25 -16.17
C ASN A 6 3.38 5.34 -14.97
N ALA A 7 3.94 4.16 -15.25
CA ALA A 7 4.38 3.20 -14.22
C ALA A 7 5.90 3.33 -14.01
N ALA A 8 6.36 4.58 -13.84
CA ALA A 8 7.79 4.90 -13.71
C ALA A 8 8.00 6.05 -12.72
N ALA A 9 9.19 6.72 -12.83
CA ALA A 9 9.66 7.82 -11.96
C ALA A 9 10.22 7.29 -10.62
N LYS A 10 9.92 6.00 -10.32
CA LYS A 10 10.21 5.31 -9.03
C LYS A 10 10.09 6.26 -7.82
N ARG A 11 8.90 6.87 -7.73
CA ARG A 11 8.59 7.84 -6.68
C ARG A 11 8.67 7.16 -5.31
N GLN A 12 9.60 7.67 -4.50
CA GLN A 12 9.96 7.11 -3.20
C GLN A 12 8.80 7.14 -2.20
N LYS A 13 9.08 6.64 -1.01
CA LYS A 13 8.17 6.77 0.14
C LYS A 13 8.01 8.27 0.47
N TYR A 14 6.80 8.79 0.28
CA TYR A 14 6.47 10.18 0.61
C TYR A 14 5.87 10.21 2.01
N ALA A 15 5.81 11.39 2.62
CA ALA A 15 5.22 11.58 3.94
C ALA A 15 4.29 12.79 3.91
N MET A 16 2.99 12.52 4.05
CA MET A 16 1.95 13.56 4.07
C MET A 16 2.00 14.32 5.41
N LYS A 17 2.81 15.38 5.42
CA LYS A 17 3.05 16.23 6.60
C LYS A 17 1.89 17.21 6.81
N PRO A 18 1.63 17.70 8.08
CA PRO A 18 0.54 18.68 8.37
C PRO A 18 0.95 20.13 7.99
N GLY A 19 1.42 20.31 6.74
CA GLY A 19 1.82 21.61 6.23
C GLY A 19 2.27 21.56 4.77
N LEU A 20 1.64 20.67 3.98
CA LEU A 20 1.91 20.57 2.53
C LEU A 20 0.85 21.35 1.73
N SER A 21 1.29 21.95 0.60
CA SER A 21 0.39 22.59 -0.36
C SER A 21 -0.23 21.52 -1.31
N ALA A 22 -1.10 21.95 -2.23
CA ALA A 22 -1.88 21.05 -3.10
C ALA A 22 -0.98 20.19 -3.99
N LEU A 23 0.12 20.78 -4.46
CA LEU A 23 1.08 20.11 -5.36
C LEU A 23 1.82 18.96 -4.66
N GLU A 24 2.27 19.20 -3.40
CA GLU A 24 2.98 18.18 -2.61
C GLU A 24 2.03 17.06 -2.18
N LYS A 25 0.79 17.44 -1.80
CA LYS A 25 -0.27 16.48 -1.42
C LYS A 25 -0.56 15.53 -2.59
N ASN A 26 -0.71 16.13 -3.78
CA ASN A 26 -0.96 15.41 -5.04
C ASN A 26 0.17 14.41 -5.30
N ALA A 27 1.43 14.88 -5.17
CA ALA A 27 2.65 14.07 -5.38
C ALA A 27 2.70 12.84 -4.44
N VAL A 28 2.33 13.05 -3.16
CA VAL A 28 2.25 11.97 -2.15
C VAL A 28 1.21 10.89 -2.59
N ILE A 29 0.08 11.38 -3.15
CA ILE A 29 -1.02 10.53 -3.62
C ILE A 29 -0.65 9.79 -4.93
N LYS A 30 0.13 10.45 -5.82
CA LYS A 30 0.53 9.86 -7.12
C LYS A 30 1.51 8.70 -6.88
N ALA A 31 2.42 8.90 -5.90
CA ALA A 31 3.36 7.87 -5.44
C ALA A 31 2.64 6.70 -4.75
N ALA A 32 1.49 7.02 -4.11
CA ALA A 32 0.64 6.00 -3.47
C ALA A 32 0.08 5.04 -4.52
N TYR A 33 -0.60 5.61 -5.54
CA TYR A 33 -1.16 4.83 -6.67
C TYR A 33 -0.05 4.14 -7.49
N ARG A 34 1.11 4.81 -7.65
CA ARG A 34 2.30 4.27 -8.35
C ARG A 34 2.79 2.97 -7.70
N GLN A 35 2.96 2.97 -6.38
CA GLN A 35 3.55 1.84 -5.65
C GLN A 35 2.49 0.78 -5.25
N ILE A 36 1.19 1.15 -5.23
CA ILE A 36 0.09 0.21 -4.94
C ILE A 36 -0.48 -0.44 -6.23
N PHE A 37 -0.87 0.39 -7.22
CA PHE A 37 -1.59 -0.07 -8.43
C PHE A 37 -0.76 0.09 -9.71
N GLU A 38 0.56 0.40 -9.55
CA GLU A 38 1.50 0.64 -10.69
C GLU A 38 1.07 1.87 -11.53
N ARG A 39 0.29 2.77 -10.88
CA ARG A 39 -0.28 4.00 -11.48
C ARG A 39 -0.99 3.69 -12.81
N ASP A 40 -1.84 2.68 -12.77
CA ASP A 40 -2.77 2.38 -13.84
C ASP A 40 -4.10 1.99 -13.22
N ILE A 41 -5.02 2.98 -13.12
CA ILE A 41 -6.37 2.77 -12.59
C ILE A 41 -7.40 3.42 -13.53
N THR A 42 -8.68 3.25 -13.20
CA THR A 42 -9.80 3.84 -13.93
C THR A 42 -10.92 4.16 -12.92
N LYS A 43 -11.62 5.29 -13.11
CA LYS A 43 -12.74 5.72 -12.24
C LYS A 43 -13.91 4.72 -12.31
N ALA A 44 -13.99 3.98 -13.44
CA ALA A 44 -15.02 2.96 -13.68
C ALA A 44 -14.89 1.76 -12.72
N TYR A 45 -13.67 1.53 -12.15
CA TYR A 45 -13.48 0.55 -11.06
C TYR A 45 -14.37 0.93 -9.87
N SER A 46 -14.06 2.10 -9.30
CA SER A 46 -14.82 2.69 -8.18
C SER A 46 -14.58 4.21 -8.22
N GLN A 47 -15.67 4.99 -8.28
CA GLN A 47 -15.62 6.46 -8.10
C GLN A 47 -15.25 6.80 -6.64
N SER A 48 -15.43 5.80 -5.75
CA SER A 48 -15.03 5.87 -4.35
C SER A 48 -13.51 6.03 -4.20
N ILE A 49 -12.72 5.49 -5.17
CA ILE A 49 -11.24 5.64 -5.20
C ILE A 49 -10.87 7.14 -5.36
N SER A 50 -11.58 7.81 -6.27
CA SER A 50 -11.46 9.26 -6.50
C SER A 50 -11.83 10.08 -5.24
N TYR A 51 -12.84 9.57 -4.51
CA TYR A 51 -13.33 10.16 -3.25
C TYR A 51 -12.30 9.97 -2.11
N LEU A 52 -11.61 8.79 -2.12
CA LEU A 52 -10.53 8.47 -1.16
C LEU A 52 -9.34 9.43 -1.34
N GLU A 53 -9.05 9.77 -2.61
CA GLU A 53 -8.03 10.73 -2.99
C GLU A 53 -8.33 12.13 -2.43
N SER A 54 -9.62 12.54 -2.55
CA SER A 54 -10.11 13.81 -1.98
C SER A 54 -9.94 13.84 -0.45
N GLN A 55 -10.20 12.68 0.20
CA GLN A 55 -10.12 12.52 1.66
C GLN A 55 -8.70 12.68 2.18
N VAL A 56 -7.75 11.89 1.63
CA VAL A 56 -6.35 11.89 2.10
C VAL A 56 -5.67 13.26 1.82
N ARG A 57 -6.07 13.91 0.70
CA ARG A 57 -5.63 15.28 0.33
C ARG A 57 -6.13 16.31 1.37
N ASN A 58 -7.38 16.15 1.80
CA ASN A 58 -8.04 17.07 2.77
C ASN A 58 -7.75 16.63 4.24
N GLY A 59 -7.00 15.53 4.40
CA GLY A 59 -6.59 15.02 5.71
C GLY A 59 -7.75 14.49 6.56
N ASP A 60 -8.71 13.84 5.90
CA ASP A 60 -9.80 13.10 6.59
C ASP A 60 -9.21 11.84 7.24
N ILE A 61 -8.50 11.06 6.40
CA ILE A 61 -7.84 9.81 6.81
C ILE A 61 -6.32 9.96 6.65
N SER A 62 -5.57 9.24 7.49
CA SER A 62 -4.10 9.16 7.37
C SER A 62 -3.73 8.37 6.10
N MET A 63 -2.48 8.50 5.64
CA MET A 63 -2.00 7.86 4.39
C MET A 63 -2.03 6.32 4.50
N LYS A 64 -1.77 5.81 5.71
CA LYS A 64 -1.79 4.36 6.00
C LYS A 64 -3.24 3.84 5.87
N GLU A 65 -4.20 4.66 6.33
CA GLU A 65 -5.64 4.37 6.17
C GLU A 65 -6.03 4.37 4.69
N PHE A 66 -5.50 5.33 3.92
CA PHE A 66 -5.70 5.42 2.47
C PHE A 66 -5.29 4.09 1.78
N VAL A 67 -4.24 3.45 2.32
CA VAL A 67 -3.76 2.12 1.84
C VAL A 67 -4.82 1.04 2.08
N ARG A 68 -5.34 0.94 3.34
CA ARG A 68 -6.29 -0.14 3.72
C ARG A 68 -7.62 -0.01 2.95
N ARG A 69 -7.98 1.23 2.58
CA ARG A 69 -9.20 1.51 1.80
C ARG A 69 -9.01 1.04 0.34
N LEU A 70 -7.87 1.45 -0.27
CA LEU A 70 -7.47 1.04 -1.63
C LEU A 70 -7.29 -0.48 -1.73
N ALA A 71 -6.78 -1.06 -0.64
CA ALA A 71 -6.51 -2.49 -0.54
C ALA A 71 -7.81 -3.30 -0.52
N LYS A 72 -8.83 -2.76 0.17
CA LYS A 72 -10.16 -3.37 0.21
C LYS A 72 -10.87 -3.26 -1.17
N SER A 73 -10.42 -2.31 -2.01
CA SER A 73 -11.01 -2.09 -3.36
C SER A 73 -10.76 -3.33 -4.26
N PRO A 74 -11.77 -3.71 -5.12
CA PRO A 74 -11.74 -5.00 -5.89
C PRO A 74 -10.50 -5.14 -6.80
N LEU A 75 -9.93 -4.00 -7.22
CA LEU A 75 -8.73 -3.96 -8.07
C LEU A 75 -7.54 -4.61 -7.33
N TYR A 76 -7.27 -4.14 -6.09
CA TYR A 76 -6.16 -4.67 -5.27
C TYR A 76 -6.41 -6.13 -4.84
N ARG A 77 -7.69 -6.48 -4.69
CA ARG A 77 -8.12 -7.84 -4.35
C ARG A 77 -7.69 -8.85 -5.43
N LYS A 78 -7.69 -8.39 -6.69
CA LYS A 78 -7.23 -9.17 -7.85
C LYS A 78 -5.70 -9.04 -8.04
N GLN A 79 -5.06 -8.05 -7.39
CA GLN A 79 -3.60 -7.88 -7.42
C GLN A 79 -2.94 -8.89 -6.45
N PHE A 80 -2.60 -10.08 -7.01
CA PHE A 80 -1.78 -11.13 -6.36
C PHE A 80 -2.53 -11.95 -5.28
N PHE A 81 -3.57 -11.37 -4.65
CA PHE A 81 -4.27 -11.98 -3.49
C PHE A 81 -4.98 -13.30 -3.85
N GLU A 82 -6.04 -13.19 -4.66
CA GLU A 82 -6.88 -14.33 -5.04
C GLU A 82 -6.26 -15.22 -6.17
N PRO A 83 -5.60 -14.64 -7.26
CA PRO A 83 -4.95 -15.46 -8.33
C PRO A 83 -3.87 -16.43 -7.78
N PHE A 84 -3.12 -15.99 -6.76
CA PHE A 84 -2.08 -16.82 -6.11
C PHE A 84 -2.64 -17.49 -4.85
N ILE A 85 -1.86 -18.43 -4.29
CA ILE A 85 -2.15 -19.11 -3.01
C ILE A 85 -2.10 -18.07 -1.85
N ASN A 86 -2.83 -18.35 -0.75
CA ASN A 86 -2.87 -17.49 0.46
C ASN A 86 -1.45 -17.17 1.00
N SER A 87 -0.53 -18.15 0.88
CA SER A 87 0.88 -17.99 1.25
C SER A 87 1.56 -16.83 0.49
N ARG A 88 1.40 -16.80 -0.85
CA ARG A 88 2.03 -15.78 -1.71
C ARG A 88 1.27 -14.45 -1.70
N ALA A 89 -0.04 -14.52 -1.41
CA ALA A 89 -0.89 -13.34 -1.16
C ALA A 89 -0.45 -12.62 0.13
N LEU A 90 -0.12 -13.45 1.13
CA LEU A 90 0.34 -13.02 2.46
C LEU A 90 1.73 -12.39 2.37
N GLU A 91 2.63 -13.09 1.63
CA GLU A 91 4.02 -12.70 1.43
C GLU A 91 4.07 -11.34 0.67
N LEU A 92 3.21 -11.23 -0.34
CA LEU A 92 3.02 -10.01 -1.13
C LEU A 92 2.49 -8.86 -0.24
N ALA A 93 1.51 -9.18 0.63
CA ALA A 93 0.91 -8.18 1.53
C ALA A 93 1.96 -7.59 2.48
N PHE A 94 2.85 -8.46 2.99
CA PHE A 94 3.93 -8.07 3.90
C PHE A 94 4.99 -7.18 3.21
N ARG A 95 5.28 -7.45 1.93
CA ARG A 95 6.29 -6.67 1.19
C ARG A 95 5.72 -5.38 0.60
N HIS A 96 4.40 -5.33 0.35
CA HIS A 96 3.79 -4.27 -0.51
C HIS A 96 3.03 -3.23 0.33
N ILE A 97 2.29 -3.71 1.34
CA ILE A 97 1.54 -2.84 2.29
C ILE A 97 2.51 -2.20 3.31
N LEU A 98 3.61 -2.90 3.61
CA LEU A 98 4.59 -2.46 4.62
C LEU A 98 5.86 -1.91 3.94
N GLY A 99 6.38 -2.67 2.97
CA GLY A 99 7.67 -2.36 2.34
C GLY A 99 8.84 -2.99 3.08
N ARG A 100 8.59 -4.18 3.67
CA ARG A 100 9.60 -4.89 4.49
C ARG A 100 9.75 -6.34 4.04
N GLY A 101 8.62 -6.99 3.76
CA GLY A 101 8.59 -8.43 3.49
C GLY A 101 8.20 -9.22 4.73
N PRO A 102 8.08 -10.58 4.62
CA PRO A 102 7.66 -11.45 5.76
C PRO A 102 8.74 -11.46 6.87
N SER A 103 8.44 -10.73 7.96
CA SER A 103 9.39 -10.46 9.07
C SER A 103 9.94 -11.76 9.70
N SER A 104 9.03 -12.69 10.02
CA SER A 104 9.38 -13.95 10.68
C SER A 104 8.36 -15.01 10.26
N ARG A 105 8.76 -16.30 10.31
CA ARG A 105 7.88 -17.43 9.97
C ARG A 105 6.70 -17.55 10.96
N GLU A 106 6.94 -17.16 12.23
CA GLU A 106 5.88 -17.10 13.26
C GLU A 106 4.83 -16.04 12.86
N GLU A 107 5.33 -14.92 12.31
CA GLU A 107 4.50 -13.80 11.84
C GLU A 107 3.70 -14.23 10.59
N VAL A 108 4.33 -15.07 9.75
CA VAL A 108 3.70 -15.65 8.56
C VAL A 108 2.50 -16.53 8.96
N GLN A 109 2.74 -17.53 9.82
CA GLN A 109 1.70 -18.49 10.28
C GLN A 109 0.53 -17.78 11.01
N LYS A 110 0.87 -16.72 11.76
CA LYS A 110 -0.08 -15.91 12.54
C LYS A 110 -1.08 -15.24 11.59
N TYR A 111 -0.54 -14.43 10.67
CA TYR A 111 -1.34 -13.66 9.69
C TYR A 111 -1.90 -14.57 8.58
N PHE A 112 -1.34 -15.79 8.43
CA PHE A 112 -1.85 -16.81 7.49
C PHE A 112 -3.23 -17.30 7.95
N SER A 113 -3.36 -17.50 9.27
CA SER A 113 -4.63 -17.86 9.91
C SER A 113 -5.69 -16.75 9.69
N ILE A 114 -5.21 -15.49 9.71
CA ILE A 114 -6.03 -14.30 9.54
C ILE A 114 -6.54 -14.14 8.08
N VAL A 115 -5.66 -14.45 7.09
CA VAL A 115 -6.03 -14.34 5.65
C VAL A 115 -6.81 -15.59 5.17
N SER A 116 -6.66 -16.71 5.88
CA SER A 116 -7.45 -17.92 5.58
C SER A 116 -8.90 -17.77 6.11
N SER A 117 -9.06 -17.02 7.22
CA SER A 117 -10.37 -16.66 7.78
C SER A 117 -11.01 -15.51 6.99
N GLY A 118 -10.18 -14.51 6.62
CA GLY A 118 -10.64 -13.30 5.94
C GLY A 118 -9.67 -12.87 4.84
N GLY A 119 -9.66 -13.66 3.75
CA GLY A 119 -8.92 -13.35 2.50
C GLY A 119 -9.11 -11.93 1.98
N LEU A 120 -8.21 -11.04 2.48
CA LEU A 120 -8.07 -9.59 2.16
C LEU A 120 -8.47 -8.67 3.37
N PRO A 121 -9.80 -8.54 3.78
CA PRO A 121 -10.21 -7.46 4.73
C PRO A 121 -9.56 -7.63 6.12
N ALA A 122 -9.52 -8.89 6.60
CA ALA A 122 -8.95 -9.25 7.90
C ALA A 122 -7.43 -9.05 7.93
N LEU A 123 -6.74 -9.51 6.85
CA LEU A 123 -5.28 -9.46 6.75
C LEU A 123 -4.77 -8.01 6.69
N VAL A 124 -5.25 -7.27 5.68
CA VAL A 124 -4.83 -5.89 5.43
C VAL A 124 -5.11 -5.00 6.65
N ASP A 125 -6.27 -5.24 7.31
CA ASP A 125 -6.64 -4.53 8.53
C ASP A 125 -5.58 -4.78 9.61
N ALA A 126 -5.23 -6.06 9.82
CA ALA A 126 -4.28 -6.47 10.87
C ALA A 126 -2.85 -5.92 10.63
N LEU A 127 -2.52 -5.62 9.35
CA LEU A 127 -1.21 -5.03 8.98
C LEU A 127 -1.21 -3.50 9.18
N VAL A 128 -2.22 -2.83 8.61
CA VAL A 128 -2.30 -1.36 8.59
C VAL A 128 -2.65 -0.79 9.99
N ASP A 129 -3.66 -1.40 10.62
CA ASP A 129 -4.23 -0.98 11.93
C ASP A 129 -3.18 -1.02 13.05
N SER A 130 -2.12 -1.84 12.85
CA SER A 130 -0.99 -1.90 13.76
C SER A 130 -0.39 -0.50 13.97
N GLN A 131 -0.27 -0.11 15.25
CA GLN A 131 0.26 1.20 15.66
C GLN A 131 1.80 1.18 15.50
N GLU A 132 2.36 -0.05 15.62
CA GLU A 132 3.78 -0.35 15.43
C GLU A 132 4.18 -0.14 13.97
N TYR A 133 3.36 -0.66 13.03
CA TYR A 133 3.63 -0.57 11.57
C TYR A 133 3.32 0.87 11.07
N ALA A 134 2.31 1.50 11.72
CA ALA A 134 1.97 2.91 11.52
C ALA A 134 3.07 3.84 12.07
N ASP A 135 3.92 3.32 12.97
CA ASP A 135 5.09 4.03 13.48
C ASP A 135 6.29 3.88 12.51
N TYR A 136 6.59 2.63 12.12
CA TYR A 136 7.79 2.30 11.32
C TYR A 136 7.60 2.71 9.86
N PHE A 137 6.62 2.07 9.18
CA PHE A 137 6.31 2.33 7.76
C PHE A 137 5.46 3.60 7.59
N GLY A 138 4.92 4.06 8.72
CA GLY A 138 4.46 5.44 8.88
C GLY A 138 2.99 5.66 8.49
N GLU A 139 2.23 6.25 9.44
CA GLU A 139 0.81 6.58 9.27
C GLU A 139 0.61 7.66 8.17
N GLU A 140 1.61 8.54 8.06
CA GLU A 140 1.66 9.62 7.05
C GLU A 140 2.42 9.17 5.80
N THR A 141 3.22 8.11 5.94
CA THR A 141 4.14 7.66 4.91
C THR A 141 3.49 6.64 3.95
N VAL A 142 3.77 6.84 2.65
CA VAL A 142 3.34 5.98 1.56
C VAL A 142 4.08 4.62 1.63
N PRO A 143 3.35 3.47 1.51
CA PRO A 143 3.95 2.13 1.45
C PRO A 143 4.72 1.90 0.14
N TYR A 144 5.76 1.12 0.23
CA TYR A 144 6.74 0.89 -0.83
C TYR A 144 7.14 -0.58 -0.80
N LEU A 145 8.31 -0.91 -1.39
CA LEU A 145 8.99 -2.19 -1.19
C LEU A 145 10.46 -2.13 -1.60
N ARG A 146 11.19 -3.18 -1.24
CA ARG A 146 12.50 -3.49 -1.80
C ARG A 146 12.29 -4.23 -3.12
N GLY A 147 11.48 -5.31 -3.06
CA GLY A 147 11.01 -6.04 -4.22
C GLY A 147 12.09 -6.78 -4.98
N LEU A 148 12.81 -6.03 -5.86
CA LEU A 148 13.76 -6.58 -6.85
C LEU A 148 13.02 -7.58 -7.77
N GLU A 149 11.75 -7.24 -8.07
CA GLU A 149 10.90 -8.02 -8.97
C GLU A 149 10.98 -7.37 -10.36
N HIS A 150 12.17 -7.50 -10.98
CA HIS A 150 12.47 -6.94 -12.30
C HIS A 150 11.75 -7.77 -13.39
N HIS A 151 10.50 -7.38 -13.70
CA HIS A 151 9.68 -8.02 -14.73
C HIS A 151 10.38 -7.92 -16.11
N HIS A 152 10.76 -6.68 -16.43
CA HIS A 152 11.63 -6.37 -17.60
C HIS A 152 12.14 -4.93 -17.45
N HIS A 153 11.24 -4.06 -16.94
CA HIS A 153 11.56 -2.69 -16.51
C HIS A 153 10.43 -2.16 -15.62
N HIS A 154 10.76 -1.19 -14.77
CA HIS A 154 9.79 -0.47 -13.93
C HIS A 154 10.24 1.00 -13.86
N HIS A 155 11.43 1.18 -13.24
CA HIS A 155 12.05 2.49 -12.90
C HIS A 155 11.04 3.55 -12.41
N PRO A 1 11.50 -5.41 -23.37
CA PRO A 1 10.67 -6.14 -24.37
C PRO A 1 9.17 -5.92 -24.08
N GLN A 2 8.75 -6.35 -22.87
CA GLN A 2 7.40 -6.12 -22.32
C GLN A 2 7.57 -5.61 -20.87
N SER A 3 6.62 -4.75 -20.42
CA SER A 3 6.63 -4.08 -19.09
C SER A 3 7.79 -3.05 -18.96
N TYR A 4 7.43 -1.81 -18.57
CA TYR A 4 8.38 -0.69 -18.48
C TYR A 4 7.99 0.30 -17.37
N PHE A 5 8.91 1.22 -17.08
CA PHE A 5 8.70 2.33 -16.14
C PHE A 5 8.96 3.64 -16.87
N ASN A 6 7.88 4.32 -17.30
CA ASN A 6 7.97 5.60 -18.03
C ASN A 6 8.45 6.71 -17.09
N ALA A 7 7.60 7.04 -16.10
CA ALA A 7 7.92 8.01 -15.06
C ALA A 7 8.55 7.28 -13.88
N ALA A 8 9.88 7.08 -13.94
CA ALA A 8 10.68 6.49 -12.85
C ALA A 8 11.65 7.57 -12.31
N ALA A 9 11.13 8.81 -12.26
CA ALA A 9 11.90 10.02 -11.88
C ALA A 9 12.20 10.03 -10.38
N LYS A 10 11.17 9.68 -9.57
CA LYS A 10 11.24 9.52 -8.10
C LYS A 10 11.43 10.87 -7.36
N ARG A 11 11.07 10.90 -6.06
CA ARG A 11 11.07 12.14 -5.25
C ARG A 11 11.94 11.98 -3.98
N GLN A 12 11.43 11.22 -3.01
CA GLN A 12 11.96 11.11 -1.63
C GLN A 12 11.02 10.15 -0.85
N LYS A 13 11.15 10.06 0.48
CA LYS A 13 10.14 9.43 1.34
C LYS A 13 8.80 10.18 1.20
N TYR A 14 7.74 9.44 0.82
CA TYR A 14 6.45 10.02 0.47
C TYR A 14 5.57 10.15 1.73
N ALA A 15 5.80 11.21 2.49
CA ALA A 15 5.15 11.40 3.79
C ALA A 15 3.98 12.37 3.67
N MET A 16 2.81 11.95 4.19
CA MET A 16 1.62 12.81 4.33
C MET A 16 1.77 13.66 5.58
N LYS A 17 2.42 14.81 5.37
CA LYS A 17 2.73 15.78 6.42
C LYS A 17 1.65 16.86 6.39
N PRO A 18 0.77 16.99 7.45
CA PRO A 18 -0.29 18.03 7.50
C PRO A 18 0.29 19.46 7.37
N GLY A 19 0.36 19.94 6.12
CA GLY A 19 0.98 21.22 5.79
C GLY A 19 1.71 21.22 4.45
N LEU A 20 1.71 20.07 3.74
CA LEU A 20 2.25 19.99 2.36
C LEU A 20 1.28 20.66 1.38
N SER A 21 1.84 21.29 0.34
CA SER A 21 1.10 21.90 -0.76
C SER A 21 0.42 20.78 -1.60
N ALA A 22 -0.65 21.13 -2.33
CA ALA A 22 -1.57 20.16 -2.97
C ALA A 22 -0.89 19.25 -4.02
N LEU A 23 0.14 19.79 -4.69
CA LEU A 23 0.94 19.04 -5.69
C LEU A 23 1.91 18.04 -5.01
N GLU A 24 2.41 18.41 -3.82
CA GLU A 24 3.30 17.54 -3.01
C GLU A 24 2.50 16.36 -2.45
N LYS A 25 1.26 16.68 -1.99
CA LYS A 25 0.27 15.70 -1.55
C LYS A 25 0.02 14.69 -2.68
N ASN A 26 -0.24 15.23 -3.90
CA ASN A 26 -0.56 14.44 -5.10
C ASN A 26 0.58 13.48 -5.48
N ALA A 27 1.84 13.95 -5.34
CA ALA A 27 3.05 13.12 -5.58
C ALA A 27 3.08 11.88 -4.65
N VAL A 28 2.74 12.12 -3.37
CA VAL A 28 2.64 11.07 -2.33
C VAL A 28 1.46 10.09 -2.63
N ILE A 29 0.37 10.62 -3.23
CA ILE A 29 -0.83 9.83 -3.59
C ILE A 29 -0.51 8.86 -4.77
N LYS A 30 0.18 9.38 -5.81
CA LYS A 30 0.52 8.59 -7.01
C LYS A 30 1.50 7.45 -6.65
N ALA A 31 2.37 7.73 -5.67
CA ALA A 31 3.30 6.74 -5.11
C ALA A 31 2.55 5.67 -4.29
N ALA A 32 1.50 6.11 -3.57
CA ALA A 32 0.64 5.23 -2.77
C ALA A 32 -0.11 4.23 -3.67
N TYR A 33 -0.56 4.69 -4.85
CA TYR A 33 -1.16 3.79 -5.86
C TYR A 33 -0.11 2.82 -6.42
N ARG A 34 1.07 3.36 -6.75
CA ARG A 34 2.17 2.58 -7.37
C ARG A 34 2.74 1.49 -6.42
N GLN A 35 2.65 1.72 -5.09
CA GLN A 35 3.22 0.78 -4.10
C GLN A 35 2.13 -0.18 -3.60
N ILE A 36 0.96 0.38 -3.22
CA ILE A 36 -0.11 -0.40 -2.57
C ILE A 36 -0.89 -1.18 -3.62
N PHE A 37 -1.37 -0.47 -4.64
CA PHE A 37 -2.19 -1.07 -5.73
C PHE A 37 -1.29 -1.64 -6.86
N GLU A 38 0.03 -1.29 -6.78
CA GLU A 38 1.09 -1.61 -7.79
C GLU A 38 0.98 -0.72 -9.06
N ARG A 39 -0.10 0.08 -9.15
CA ARG A 39 -0.40 0.87 -10.35
C ARG A 39 -1.29 2.07 -9.99
N ASP A 40 -1.16 3.15 -10.77
CA ASP A 40 -2.00 4.34 -10.62
C ASP A 40 -3.30 4.16 -11.42
N ILE A 41 -4.37 3.80 -10.71
CA ILE A 41 -5.72 3.72 -11.29
C ILE A 41 -6.34 5.12 -11.34
N THR A 42 -7.25 5.33 -12.31
CA THR A 42 -7.78 6.66 -12.65
C THR A 42 -9.20 6.52 -13.26
N LYS A 43 -9.64 7.52 -14.07
CA LYS A 43 -10.97 7.56 -14.75
C LYS A 43 -12.10 7.68 -13.71
N ALA A 44 -12.52 6.52 -13.17
CA ALA A 44 -13.56 6.40 -12.13
C ALA A 44 -13.62 4.93 -11.66
N TYR A 45 -12.43 4.31 -11.51
CA TYR A 45 -12.30 2.96 -10.93
C TYR A 45 -12.77 3.00 -9.47
N SER A 46 -14.07 2.72 -9.27
CA SER A 46 -14.77 2.76 -7.98
C SER A 46 -14.98 4.23 -7.51
N GLN A 47 -16.25 4.57 -7.18
CA GLN A 47 -16.63 5.87 -6.58
C GLN A 47 -15.78 6.15 -5.32
N SER A 48 -15.47 5.04 -4.61
CA SER A 48 -14.62 5.05 -3.43
C SER A 48 -13.26 5.72 -3.70
N ILE A 49 -12.50 5.18 -4.68
CA ILE A 49 -11.11 5.59 -4.97
C ILE A 49 -10.99 7.10 -5.30
N SER A 50 -11.94 7.61 -6.09
CA SER A 50 -12.05 9.06 -6.41
C SER A 50 -12.19 9.90 -5.12
N TYR A 51 -13.12 9.50 -4.25
CA TYR A 51 -13.37 10.14 -2.93
C TYR A 51 -12.09 10.11 -2.07
N LEU A 52 -11.44 8.94 -2.02
CA LEU A 52 -10.27 8.68 -1.15
C LEU A 52 -9.09 9.58 -1.51
N GLU A 53 -8.89 9.75 -2.82
CA GLU A 53 -7.80 10.55 -3.39
C GLU A 53 -7.99 12.03 -2.99
N SER A 54 -9.22 12.52 -3.13
CA SER A 54 -9.59 13.92 -2.77
C SER A 54 -9.36 14.21 -1.27
N GLN A 55 -9.71 13.22 -0.43
CA GLN A 55 -9.61 13.28 1.04
C GLN A 55 -8.13 13.34 1.48
N VAL A 56 -7.32 12.36 1.04
CA VAL A 56 -5.90 12.25 1.45
C VAL A 56 -5.06 13.43 0.86
N ARG A 57 -5.54 14.01 -0.25
CA ARG A 57 -4.99 15.27 -0.83
C ARG A 57 -5.16 16.43 0.16
N ASN A 58 -6.35 16.54 0.78
CA ASN A 58 -6.64 17.54 1.84
C ASN A 58 -5.99 17.16 3.19
N GLY A 59 -5.36 15.96 3.26
CA GLY A 59 -4.86 15.39 4.52
C GLY A 59 -5.97 15.11 5.53
N ASP A 60 -7.17 14.80 4.99
CA ASP A 60 -8.39 14.51 5.77
C ASP A 60 -8.18 13.20 6.53
N ILE A 61 -7.73 12.18 5.78
CA ILE A 61 -7.34 10.88 6.35
C ILE A 61 -5.80 10.75 6.34
N SER A 62 -5.26 9.97 7.30
CA SER A 62 -3.84 9.60 7.32
C SER A 62 -3.52 8.68 6.13
N MET A 63 -2.24 8.61 5.73
CA MET A 63 -1.79 7.70 4.66
C MET A 63 -2.06 6.23 5.05
N LYS A 64 -1.97 5.94 6.36
CA LYS A 64 -2.33 4.62 6.94
C LYS A 64 -3.78 4.26 6.55
N GLU A 65 -4.71 5.20 6.78
CA GLU A 65 -6.14 5.02 6.43
C GLU A 65 -6.35 4.87 4.92
N PHE A 66 -5.56 5.61 4.12
CA PHE A 66 -5.62 5.57 2.65
C PHE A 66 -5.17 4.18 2.12
N VAL A 67 -4.11 3.63 2.74
CA VAL A 67 -3.58 2.29 2.42
C VAL A 67 -4.62 1.19 2.72
N ARG A 68 -5.34 1.35 3.88
CA ARG A 68 -6.45 0.47 4.26
C ARG A 68 -7.52 0.41 3.15
N ARG A 69 -7.91 1.60 2.70
CA ARG A 69 -9.02 1.77 1.75
C ARG A 69 -8.68 1.19 0.36
N LEU A 70 -7.49 1.52 -0.17
CA LEU A 70 -7.03 1.09 -1.53
C LEU A 70 -6.95 -0.45 -1.63
N ALA A 71 -6.23 -1.05 -0.67
CA ALA A 71 -5.91 -2.48 -0.69
C ALA A 71 -7.13 -3.35 -0.29
N LYS A 72 -8.10 -2.76 0.45
CA LYS A 72 -9.34 -3.49 0.82
C LYS A 72 -10.35 -3.49 -0.35
N SER A 73 -10.09 -2.64 -1.38
CA SER A 73 -11.00 -2.52 -2.56
C SER A 73 -11.14 -3.89 -3.31
N PRO A 74 -12.39 -4.27 -3.74
CA PRO A 74 -12.64 -5.55 -4.45
C PRO A 74 -11.86 -5.67 -5.78
N LEU A 75 -11.50 -4.51 -6.35
CA LEU A 75 -10.63 -4.44 -7.53
C LEU A 75 -9.23 -5.00 -7.19
N TYR A 76 -8.59 -4.43 -6.15
CA TYR A 76 -7.25 -4.87 -5.67
C TYR A 76 -7.20 -6.38 -5.39
N ARG A 77 -8.18 -6.88 -4.60
CA ARG A 77 -8.21 -8.30 -4.16
C ARG A 77 -8.36 -9.24 -5.36
N LYS A 78 -9.09 -8.75 -6.38
CA LYS A 78 -9.32 -9.47 -7.65
C LYS A 78 -8.00 -9.61 -8.45
N GLN A 79 -7.18 -8.54 -8.43
CA GLN A 79 -5.95 -8.44 -9.24
C GLN A 79 -4.75 -9.15 -8.59
N PHE A 80 -4.86 -9.54 -7.32
CA PHE A 80 -3.72 -10.13 -6.56
C PHE A 80 -4.06 -11.51 -5.95
N PHE A 81 -5.05 -11.54 -5.05
CA PHE A 81 -5.28 -12.72 -4.20
C PHE A 81 -5.75 -13.96 -4.99
N GLU A 82 -6.43 -13.74 -6.12
CA GLU A 82 -7.00 -14.83 -6.95
C GLU A 82 -6.03 -15.32 -8.07
N PRO A 83 -5.41 -14.42 -8.95
CA PRO A 83 -4.47 -14.88 -10.01
C PRO A 83 -3.12 -15.44 -9.45
N PHE A 84 -2.78 -15.06 -8.20
CA PHE A 84 -1.59 -15.58 -7.48
C PHE A 84 -2.05 -16.50 -6.33
N ILE A 85 -1.15 -17.38 -5.88
CA ILE A 85 -1.37 -18.27 -4.72
C ILE A 85 -1.47 -17.43 -3.42
N ASN A 86 -2.22 -17.94 -2.40
CA ASN A 86 -2.48 -17.24 -1.12
C ASN A 86 -1.17 -16.74 -0.47
N SER A 87 -0.19 -17.65 -0.38
CA SER A 87 1.13 -17.38 0.22
C SER A 87 1.91 -16.27 -0.54
N ARG A 88 1.73 -16.17 -1.88
CA ARG A 88 2.42 -15.14 -2.70
C ARG A 88 1.75 -13.78 -2.48
N ALA A 89 0.40 -13.77 -2.53
CA ALA A 89 -0.42 -12.55 -2.33
C ALA A 89 -0.28 -12.02 -0.89
N LEU A 90 0.00 -12.95 0.04
CA LEU A 90 0.30 -12.66 1.46
C LEU A 90 1.63 -11.89 1.56
N GLU A 91 2.65 -12.38 0.81
CA GLU A 91 3.98 -11.77 0.73
C GLU A 91 3.90 -10.37 0.09
N LEU A 92 3.11 -10.28 -0.99
CA LEU A 92 2.89 -9.04 -1.75
C LEU A 92 2.20 -8.00 -0.85
N ALA A 93 1.35 -8.48 0.07
CA ALA A 93 0.65 -7.61 1.04
C ALA A 93 1.64 -7.09 2.11
N PHE A 94 2.59 -7.96 2.55
CA PHE A 94 3.69 -7.56 3.46
C PHE A 94 4.62 -6.52 2.80
N ARG A 95 4.79 -6.65 1.48
CA ARG A 95 5.63 -5.74 0.67
C ARG A 95 4.93 -4.40 0.42
N HIS A 96 3.59 -4.45 0.22
CA HIS A 96 2.78 -3.27 -0.10
C HIS A 96 2.49 -2.46 1.16
N ILE A 97 1.74 -3.03 2.13
CA ILE A 97 1.34 -2.31 3.34
C ILE A 97 2.58 -2.01 4.22
N LEU A 98 3.34 -3.05 4.61
CA LEU A 98 4.40 -2.89 5.63
C LEU A 98 5.63 -2.23 5.00
N GLY A 99 5.92 -2.60 3.73
CA GLY A 99 7.09 -2.12 3.02
C GLY A 99 8.37 -2.72 3.59
N ARG A 100 8.37 -4.05 3.75
CA ARG A 100 9.51 -4.79 4.32
C ARG A 100 9.49 -6.22 3.71
N GLY A 101 8.32 -6.89 3.85
CA GLY A 101 8.13 -8.27 3.37
C GLY A 101 7.96 -9.26 4.54
N PRO A 102 8.01 -10.60 4.28
CA PRO A 102 7.92 -11.63 5.34
C PRO A 102 9.23 -11.73 6.16
N SER A 103 9.16 -11.38 7.45
CA SER A 103 10.33 -11.29 8.35
C SER A 103 10.34 -12.43 9.38
N SER A 104 9.15 -12.80 9.87
CA SER A 104 8.98 -13.80 10.93
C SER A 104 8.02 -14.89 10.46
N ARG A 105 8.30 -16.15 10.86
CA ARG A 105 7.44 -17.32 10.53
C ARG A 105 6.08 -17.19 11.25
N GLU A 106 6.15 -16.70 12.51
CA GLU A 106 4.98 -16.40 13.35
C GLU A 106 4.06 -15.37 12.65
N GLU A 107 4.70 -14.34 12.04
CA GLU A 107 4.01 -13.29 11.26
C GLU A 107 3.29 -13.91 10.04
N VAL A 108 4.05 -14.67 9.22
CA VAL A 108 3.54 -15.27 7.97
C VAL A 108 2.30 -16.16 8.24
N GLN A 109 2.42 -17.07 9.21
CA GLN A 109 1.34 -18.02 9.58
C GLN A 109 0.12 -17.30 10.20
N LYS A 110 0.39 -16.25 11.02
CA LYS A 110 -0.66 -15.43 11.66
C LYS A 110 -1.56 -14.82 10.60
N TYR A 111 -0.93 -14.05 9.71
CA TYR A 111 -1.62 -13.28 8.69
C TYR A 111 -2.16 -14.18 7.55
N PHE A 112 -1.61 -15.41 7.44
CA PHE A 112 -2.11 -16.46 6.52
C PHE A 112 -3.47 -17.00 7.03
N SER A 113 -3.57 -17.13 8.36
CA SER A 113 -4.81 -17.56 9.03
C SER A 113 -5.90 -16.47 8.92
N ILE A 114 -5.47 -15.20 9.04
CA ILE A 114 -6.36 -14.02 8.93
C ILE A 114 -6.93 -13.89 7.49
N VAL A 115 -6.07 -14.13 6.48
CA VAL A 115 -6.46 -13.99 5.05
C VAL A 115 -7.33 -15.17 4.58
N SER A 116 -7.18 -16.35 5.20
CA SER A 116 -7.98 -17.54 4.85
C SER A 116 -9.38 -17.52 5.49
N SER A 117 -9.47 -16.89 6.67
CA SER A 117 -10.74 -16.73 7.41
C SER A 117 -11.62 -15.61 6.80
N GLY A 118 -11.11 -14.37 6.80
CA GLY A 118 -11.90 -13.19 6.39
C GLY A 118 -11.46 -12.57 5.07
N GLY A 119 -10.81 -13.39 4.22
CA GLY A 119 -10.36 -12.95 2.90
C GLY A 119 -9.20 -11.96 2.96
N LEU A 120 -8.90 -11.36 1.79
CA LEU A 120 -7.82 -10.35 1.67
C LEU A 120 -8.18 -9.03 2.42
N PRO A 121 -9.48 -8.52 2.42
CA PRO A 121 -9.92 -7.37 3.28
C PRO A 121 -9.44 -7.45 4.74
N ALA A 122 -9.58 -8.65 5.36
CA ALA A 122 -9.16 -8.89 6.76
C ALA A 122 -7.63 -8.78 6.91
N LEU A 123 -6.89 -9.32 5.92
CA LEU A 123 -5.41 -9.27 5.91
C LEU A 123 -4.92 -7.81 5.83
N VAL A 124 -5.47 -7.09 4.85
CA VAL A 124 -5.18 -5.67 4.62
C VAL A 124 -5.37 -4.86 5.89
N ASP A 125 -6.56 -4.99 6.50
CA ASP A 125 -6.93 -4.25 7.70
C ASP A 125 -6.04 -4.64 8.89
N ALA A 126 -5.67 -5.93 8.96
CA ALA A 126 -4.76 -6.45 10.00
C ALA A 126 -3.33 -5.87 9.89
N LEU A 127 -2.84 -5.69 8.64
CA LEU A 127 -1.48 -5.18 8.37
C LEU A 127 -1.42 -3.66 8.55
N VAL A 128 -2.50 -2.98 8.18
CA VAL A 128 -2.59 -1.51 8.25
C VAL A 128 -2.83 -1.04 9.68
N ASP A 129 -3.79 -1.70 10.38
CA ASP A 129 -4.20 -1.30 11.76
C ASP A 129 -3.16 -1.78 12.80
N SER A 130 -2.09 -2.45 12.32
CA SER A 130 -0.89 -2.75 13.11
C SER A 130 -0.33 -1.45 13.70
N GLN A 131 -0.39 -1.35 15.04
CA GLN A 131 -0.12 -0.11 15.76
C GLN A 131 1.37 0.21 15.69
N GLU A 132 2.21 -0.84 15.84
CA GLU A 132 3.68 -0.72 15.78
C GLU A 132 4.13 -0.28 14.36
N TYR A 133 3.47 -0.82 13.32
CA TYR A 133 3.70 -0.41 11.92
C TYR A 133 3.38 1.09 11.75
N ALA A 134 2.26 1.52 12.35
CA ALA A 134 1.76 2.90 12.28
C ALA A 134 2.73 3.87 12.99
N ASP A 135 3.21 3.45 14.18
CA ASP A 135 4.12 4.27 15.04
C ASP A 135 5.47 4.51 14.36
N TYR A 136 6.00 3.44 13.73
CA TYR A 136 7.25 3.50 12.99
C TYR A 136 7.10 4.43 11.78
N PHE A 137 6.21 4.03 10.86
CA PHE A 137 6.27 4.51 9.46
C PHE A 137 4.87 4.80 8.86
N GLY A 138 3.93 3.88 9.11
CA GLY A 138 2.67 3.77 8.36
C GLY A 138 1.74 4.98 8.33
N GLU A 139 1.65 5.74 9.44
CA GLU A 139 0.65 6.83 9.59
C GLU A 139 0.70 7.88 8.47
N GLU A 140 1.92 8.24 8.05
CA GLU A 140 2.13 9.33 7.07
C GLU A 140 2.92 8.82 5.84
N THR A 141 3.97 8.03 6.06
CA THR A 141 4.92 7.70 5.01
C THR A 141 4.44 6.49 4.18
N VAL A 142 4.47 6.64 2.85
CA VAL A 142 4.15 5.57 1.90
C VAL A 142 5.36 4.62 1.83
N PRO A 143 5.14 3.27 1.92
CA PRO A 143 6.22 2.27 1.72
C PRO A 143 7.04 2.50 0.45
N TYR A 144 8.36 2.35 0.58
CA TYR A 144 9.34 2.42 -0.51
C TYR A 144 10.43 1.36 -0.28
N LEU A 145 10.05 0.32 0.49
CA LEU A 145 10.94 -0.72 1.04
C LEU A 145 11.91 -0.11 2.08
N ARG A 146 11.79 -0.58 3.33
CA ARG A 146 12.54 -0.06 4.49
C ARG A 146 12.78 -1.20 5.50
N GLY A 147 13.59 -0.92 6.52
CA GLY A 147 13.87 -1.88 7.59
C GLY A 147 13.30 -1.44 8.92
N LEU A 148 13.24 -2.37 9.89
CA LEU A 148 12.78 -2.08 11.26
C LEU A 148 13.98 -1.59 12.12
N GLU A 149 13.70 -1.16 13.36
CA GLU A 149 14.68 -0.49 14.24
C GLU A 149 15.63 -1.51 14.91
N HIS A 150 16.90 -1.10 15.09
CA HIS A 150 17.96 -1.96 15.66
C HIS A 150 17.89 -2.03 17.21
N HIS A 151 17.48 -3.20 17.72
CA HIS A 151 17.49 -3.47 19.18
C HIS A 151 18.90 -3.89 19.63
N HIS A 152 19.65 -4.51 18.71
CA HIS A 152 21.04 -4.94 18.96
C HIS A 152 21.97 -3.72 19.02
N HIS A 153 22.70 -3.59 20.13
CA HIS A 153 23.71 -2.52 20.35
C HIS A 153 24.98 -3.16 20.98
N HIS A 154 26.02 -2.35 21.24
CA HIS A 154 27.24 -2.82 21.94
C HIS A 154 27.82 -1.65 22.77
N HIS A 155 27.81 -1.82 24.13
CA HIS A 155 28.32 -0.83 25.10
C HIS A 155 27.60 0.55 24.93
N PRO A 1 3.52 15.86 -21.03
CA PRO A 1 3.91 14.43 -20.88
C PRO A 1 3.87 14.02 -19.40
N GLN A 2 2.96 13.09 -19.07
CA GLN A 2 2.86 12.54 -17.71
C GLN A 2 3.79 11.33 -17.58
N SER A 3 4.73 11.41 -16.65
CA SER A 3 5.72 10.35 -16.38
C SER A 3 6.11 10.41 -14.90
N TYR A 4 6.33 11.66 -14.44
CA TYR A 4 6.71 12.00 -13.06
C TYR A 4 8.02 11.30 -12.68
N PHE A 5 9.17 11.91 -13.05
CA PHE A 5 10.49 11.43 -12.63
C PHE A 5 10.61 11.56 -11.10
N ASN A 6 10.24 10.48 -10.41
CA ASN A 6 10.10 10.44 -8.97
C ASN A 6 10.28 8.99 -8.52
N ALA A 7 11.53 8.65 -8.20
CA ALA A 7 11.89 7.31 -7.74
C ALA A 7 11.48 7.13 -6.27
N ALA A 8 10.88 5.97 -5.96
CA ALA A 8 10.29 5.66 -4.64
C ALA A 8 11.34 5.79 -3.52
N ALA A 9 11.16 6.84 -2.66
CA ALA A 9 12.01 7.11 -1.46
C ALA A 9 13.43 7.60 -1.81
N LYS A 10 13.78 7.56 -3.11
CA LYS A 10 15.12 7.90 -3.62
C LYS A 10 15.17 9.41 -3.88
N ARG A 11 14.15 9.90 -4.58
CA ARG A 11 14.00 11.33 -4.85
C ARG A 11 13.54 12.06 -3.58
N GLN A 12 12.50 11.51 -2.94
CA GLN A 12 11.88 12.11 -1.74
C GLN A 12 11.02 11.04 -1.03
N LYS A 13 11.08 10.99 0.31
CA LYS A 13 10.25 10.09 1.12
C LYS A 13 8.81 10.62 1.15
N TYR A 14 7.85 9.72 1.02
CA TYR A 14 6.43 10.09 0.86
C TYR A 14 5.76 10.12 2.22
N ALA A 15 5.49 11.33 2.70
CA ALA A 15 4.76 11.58 3.94
C ALA A 15 3.76 12.70 3.67
N MET A 16 2.47 12.33 3.50
CA MET A 16 1.41 13.29 3.21
C MET A 16 1.07 14.10 4.47
N LYS A 17 1.78 15.21 4.60
CA LYS A 17 1.56 16.21 5.64
C LYS A 17 0.52 17.23 5.11
N PRO A 18 -0.44 17.70 5.98
CA PRO A 18 -1.50 18.68 5.60
C PRO A 18 -0.99 19.88 4.76
N GLY A 19 0.17 20.44 5.14
CA GLY A 19 0.73 21.64 4.51
C GLY A 19 1.68 21.37 3.34
N LEU A 20 1.52 20.22 2.64
CA LEU A 20 2.26 19.94 1.39
C LEU A 20 1.65 20.73 0.22
N SER A 21 2.42 20.82 -0.88
CA SER A 21 1.98 21.42 -2.15
C SER A 21 1.02 20.45 -2.87
N ALA A 22 0.18 21.01 -3.77
CA ALA A 22 -0.87 20.24 -4.48
C ALA A 22 -0.28 19.11 -5.33
N LEU A 23 0.70 19.48 -6.18
CA LEU A 23 1.39 18.54 -7.10
C LEU A 23 2.24 17.52 -6.33
N GLU A 24 2.72 17.91 -5.12
CA GLU A 24 3.53 17.01 -4.28
C GLU A 24 2.64 15.94 -3.63
N LYS A 25 1.45 16.35 -3.16
CA LYS A 25 0.45 15.42 -2.59
C LYS A 25 0.06 14.36 -3.63
N ASN A 26 -0.19 14.83 -4.85
CA ASN A 26 -0.56 13.98 -5.99
C ASN A 26 0.61 13.07 -6.41
N ALA A 27 1.86 13.52 -6.21
CA ALA A 27 3.07 12.69 -6.42
C ALA A 27 3.20 11.58 -5.34
N VAL A 28 2.71 11.88 -4.12
CA VAL A 28 2.65 10.92 -3.01
C VAL A 28 1.53 9.88 -3.25
N ILE A 29 0.40 10.34 -3.85
CA ILE A 29 -0.73 9.46 -4.23
C ILE A 29 -0.35 8.62 -5.47
N LYS A 30 0.50 9.21 -6.34
CA LYS A 30 1.06 8.54 -7.53
C LYS A 30 1.88 7.32 -7.09
N ALA A 31 2.76 7.57 -6.11
CA ALA A 31 3.59 6.53 -5.46
C ALA A 31 2.71 5.53 -4.70
N ALA A 32 1.57 5.99 -4.17
CA ALA A 32 0.61 5.14 -3.42
C ALA A 32 -0.10 4.14 -4.35
N TYR A 33 -0.40 4.53 -5.60
CA TYR A 33 -0.96 3.58 -6.60
C TYR A 33 0.13 2.60 -7.05
N ARG A 34 1.31 3.18 -7.33
CA ARG A 34 2.48 2.45 -7.83
C ARG A 34 3.18 1.62 -6.75
N GLN A 35 2.74 1.73 -5.47
CA GLN A 35 3.21 0.81 -4.40
C GLN A 35 2.10 -0.14 -3.96
N ILE A 36 0.90 0.39 -3.65
CA ILE A 36 -0.18 -0.42 -3.02
C ILE A 36 -0.82 -1.38 -4.03
N PHE A 37 -1.23 -0.85 -5.18
CA PHE A 37 -1.66 -1.66 -6.34
C PHE A 37 -0.43 -2.09 -7.15
N GLU A 38 0.70 -1.41 -6.87
CA GLU A 38 2.02 -1.63 -7.51
C GLU A 38 1.96 -1.41 -9.04
N ARG A 39 0.98 -0.60 -9.46
CA ARG A 39 0.77 -0.20 -10.86
C ARG A 39 -0.24 0.96 -10.90
N ASP A 40 -0.26 1.68 -12.03
CA ASP A 40 -1.21 2.78 -12.26
C ASP A 40 -2.59 2.22 -12.59
N ILE A 41 -3.55 2.37 -11.68
CA ILE A 41 -4.98 2.14 -11.99
C ILE A 41 -5.66 3.50 -12.28
N THR A 42 -6.83 3.44 -12.90
CA THR A 42 -7.69 4.61 -13.14
C THR A 42 -8.94 4.55 -12.23
N LYS A 43 -9.64 5.69 -12.12
CA LYS A 43 -10.92 5.81 -11.40
C LYS A 43 -12.06 5.11 -12.18
N ALA A 44 -11.78 4.70 -13.43
CA ALA A 44 -12.67 3.87 -14.24
C ALA A 44 -12.86 2.48 -13.61
N TYR A 45 -11.81 1.98 -12.91
CA TYR A 45 -11.86 0.73 -12.14
C TYR A 45 -12.91 0.85 -11.02
N SER A 46 -12.70 1.83 -10.14
CA SER A 46 -13.59 2.14 -9.02
C SER A 46 -13.51 3.64 -8.69
N GLN A 47 -14.68 4.29 -8.56
CA GLN A 47 -14.78 5.70 -8.17
C GLN A 47 -14.64 5.87 -6.64
N SER A 48 -14.61 4.75 -5.90
CA SER A 48 -14.26 4.72 -4.48
C SER A 48 -12.79 5.13 -4.28
N ILE A 49 -11.96 4.78 -5.28
CA ILE A 49 -10.55 5.19 -5.37
C ILE A 49 -10.44 6.73 -5.54
N SER A 50 -11.37 7.30 -6.35
CA SER A 50 -11.51 8.76 -6.54
C SER A 50 -11.79 9.47 -5.21
N TYR A 51 -12.74 8.89 -4.46
CA TYR A 51 -13.18 9.38 -3.16
C TYR A 51 -11.97 9.45 -2.18
N LEU A 52 -11.31 8.30 -1.98
CA LEU A 52 -10.21 8.16 -1.01
C LEU A 52 -9.03 9.10 -1.32
N GLU A 53 -8.75 9.28 -2.63
CA GLU A 53 -7.68 10.16 -3.12
C GLU A 53 -7.92 11.61 -2.68
N SER A 54 -9.14 12.12 -2.92
CA SER A 54 -9.51 13.51 -2.59
C SER A 54 -9.54 13.72 -1.07
N GLN A 55 -9.93 12.68 -0.30
CA GLN A 55 -10.00 12.75 1.17
C GLN A 55 -8.59 12.91 1.78
N VAL A 56 -7.63 12.08 1.33
CA VAL A 56 -6.26 12.12 1.88
C VAL A 56 -5.51 13.40 1.44
N ARG A 57 -5.83 13.88 0.21
CA ARG A 57 -5.28 15.13 -0.34
C ARG A 57 -5.77 16.35 0.48
N ASN A 58 -7.01 16.26 1.00
CA ASN A 58 -7.59 17.26 1.92
C ASN A 58 -7.13 17.03 3.38
N GLY A 59 -6.26 16.01 3.60
CA GLY A 59 -5.77 15.65 4.93
C GLY A 59 -6.85 15.10 5.86
N ASP A 60 -8.02 14.76 5.29
CA ASP A 60 -9.20 14.31 6.04
C ASP A 60 -8.93 12.93 6.64
N ILE A 61 -8.52 11.98 5.79
CA ILE A 61 -8.10 10.65 6.22
C ILE A 61 -6.57 10.61 6.23
N SER A 62 -5.99 9.89 7.21
CA SER A 62 -4.54 9.68 7.29
C SER A 62 -4.05 8.87 6.09
N MET A 63 -2.78 9.07 5.71
CA MET A 63 -2.12 8.28 4.65
C MET A 63 -2.06 6.79 5.05
N LYS A 64 -1.94 6.55 6.37
CA LYS A 64 -2.03 5.22 6.98
C LYS A 64 -3.38 4.55 6.65
N GLU A 65 -4.46 5.34 6.81
CA GLU A 65 -5.85 4.89 6.60
C GLU A 65 -6.24 4.89 5.10
N PHE A 66 -5.46 5.63 4.30
CA PHE A 66 -5.57 5.64 2.84
C PHE A 66 -5.03 4.30 2.29
N VAL A 67 -3.81 3.95 2.75
CA VAL A 67 -3.11 2.68 2.41
C VAL A 67 -3.97 1.47 2.81
N ARG A 68 -4.61 1.59 3.99
CA ARG A 68 -5.54 0.60 4.54
C ARG A 68 -6.69 0.31 3.55
N ARG A 69 -7.43 1.37 3.17
CA ARG A 69 -8.64 1.26 2.33
C ARG A 69 -8.34 1.07 0.84
N LEU A 70 -7.10 1.39 0.39
CA LEU A 70 -6.64 1.05 -0.98
C LEU A 70 -6.45 -0.47 -1.09
N ALA A 71 -5.75 -1.05 -0.11
CA ALA A 71 -5.42 -2.49 -0.10
C ALA A 71 -6.63 -3.33 0.39
N LYS A 72 -7.64 -2.67 1.00
CA LYS A 72 -8.92 -3.32 1.35
C LYS A 72 -9.98 -3.08 0.27
N SER A 73 -9.70 -2.22 -0.75
CA SER A 73 -10.69 -1.91 -1.80
C SER A 73 -11.08 -3.22 -2.53
N PRO A 74 -12.41 -3.48 -2.75
CA PRO A 74 -12.88 -4.66 -3.50
C PRO A 74 -12.16 -4.83 -4.85
N LEU A 75 -11.73 -3.70 -5.45
CA LEU A 75 -10.96 -3.66 -6.70
C LEU A 75 -9.57 -4.33 -6.53
N TYR A 76 -8.82 -3.92 -5.49
CA TYR A 76 -7.52 -4.56 -5.13
C TYR A 76 -7.72 -6.07 -4.84
N ARG A 77 -8.88 -6.41 -4.25
CA ARG A 77 -9.26 -7.80 -3.94
C ARG A 77 -9.53 -8.60 -5.23
N LYS A 78 -10.07 -7.92 -6.27
CA LYS A 78 -10.34 -8.54 -7.61
C LYS A 78 -9.02 -8.85 -8.32
N GLN A 79 -8.01 -8.03 -8.05
CA GLN A 79 -6.63 -8.25 -8.49
C GLN A 79 -5.92 -9.16 -7.47
N PHE A 80 -4.78 -9.73 -7.88
CA PHE A 80 -3.78 -10.36 -6.98
C PHE A 80 -4.30 -11.62 -6.21
N PHE A 81 -5.17 -11.39 -5.21
CA PHE A 81 -5.66 -12.38 -4.22
C PHE A 81 -6.01 -13.80 -4.77
N GLU A 82 -6.64 -13.88 -5.95
CA GLU A 82 -7.06 -15.17 -6.57
C GLU A 82 -6.20 -15.60 -7.80
N PRO A 83 -5.87 -14.69 -8.82
CA PRO A 83 -4.95 -15.04 -9.94
C PRO A 83 -3.56 -15.48 -9.44
N PHE A 84 -3.13 -14.88 -8.33
CA PHE A 84 -1.96 -15.29 -7.55
C PHE A 84 -2.48 -15.87 -6.22
N ILE A 85 -1.95 -17.02 -5.82
CA ILE A 85 -2.45 -17.75 -4.63
C ILE A 85 -2.25 -16.92 -3.33
N ASN A 86 -3.03 -17.24 -2.27
CA ASN A 86 -3.09 -16.43 -1.01
C ASN A 86 -1.72 -16.23 -0.34
N SER A 87 -0.81 -17.19 -0.48
CA SER A 87 0.60 -17.07 -0.02
C SER A 87 1.32 -15.90 -0.72
N ARG A 88 1.07 -15.76 -2.04
CA ARG A 88 1.61 -14.63 -2.83
C ARG A 88 0.90 -13.32 -2.46
N ALA A 89 -0.43 -13.39 -2.28
CA ALA A 89 -1.27 -12.24 -1.89
C ALA A 89 -0.90 -11.70 -0.49
N LEU A 90 -0.44 -12.63 0.35
CA LEU A 90 0.07 -12.36 1.71
C LEU A 90 1.34 -11.50 1.61
N GLU A 91 2.29 -12.01 0.80
CA GLU A 91 3.61 -11.36 0.53
C GLU A 91 3.38 -9.95 -0.05
N LEU A 92 2.40 -9.86 -0.97
CA LEU A 92 2.01 -8.59 -1.62
C LEU A 92 1.53 -7.57 -0.58
N ALA A 93 0.77 -8.03 0.41
CA ALA A 93 0.26 -7.17 1.48
C ALA A 93 1.42 -6.58 2.32
N PHE A 94 2.42 -7.41 2.66
CA PHE A 94 3.61 -6.96 3.42
C PHE A 94 4.40 -5.87 2.67
N ARG A 95 4.73 -6.13 1.40
CA ARG A 95 5.60 -5.23 0.58
C ARG A 95 4.88 -3.91 0.19
N HIS A 96 3.54 -3.89 0.26
CA HIS A 96 2.74 -2.68 -0.07
C HIS A 96 2.43 -1.85 1.20
N ILE A 97 1.94 -2.55 2.23
CA ILE A 97 1.39 -1.94 3.47
C ILE A 97 2.49 -1.62 4.47
N LEU A 98 3.48 -2.53 4.61
CA LEU A 98 4.61 -2.35 5.54
C LEU A 98 5.86 -1.91 4.78
N GLY A 99 5.89 -2.20 3.47
CA GLY A 99 7.07 -1.96 2.63
C GLY A 99 8.21 -2.92 2.94
N ARG A 100 7.87 -4.08 3.53
CA ARG A 100 8.86 -5.06 4.02
C ARG A 100 8.46 -6.46 3.53
N GLY A 101 9.41 -7.39 3.55
CA GLY A 101 9.15 -8.78 3.18
C GLY A 101 8.79 -9.64 4.39
N PRO A 102 7.90 -10.66 4.25
CA PRO A 102 7.63 -11.65 5.32
C PRO A 102 8.73 -12.73 5.36
N SER A 103 9.97 -12.29 5.67
CA SER A 103 11.19 -13.14 5.67
C SER A 103 11.34 -13.91 7.01
N SER A 104 10.23 -14.53 7.43
CA SER A 104 10.13 -15.27 8.69
C SER A 104 8.86 -16.12 8.62
N ARG A 105 9.03 -17.45 8.66
CA ARG A 105 7.92 -18.42 8.51
C ARG A 105 6.86 -18.26 9.62
N GLU A 106 7.28 -17.82 10.82
CA GLU A 106 6.39 -17.54 11.96
C GLU A 106 5.40 -16.41 11.61
N GLU A 107 5.92 -15.35 10.94
CA GLU A 107 5.11 -14.17 10.57
C GLU A 107 4.16 -14.53 9.41
N VAL A 108 4.66 -15.36 8.48
CA VAL A 108 3.88 -15.87 7.33
C VAL A 108 2.64 -16.62 7.82
N GLN A 109 2.85 -17.67 8.63
CA GLN A 109 1.77 -18.56 9.13
C GLN A 109 0.72 -17.77 9.95
N LYS A 110 1.22 -16.81 10.76
CA LYS A 110 0.39 -15.94 11.63
C LYS A 110 -0.66 -15.18 10.80
N TYR A 111 -0.17 -14.39 9.83
CA TYR A 111 -1.01 -13.52 9.00
C TYR A 111 -1.68 -14.29 7.85
N PHE A 112 -1.17 -15.48 7.51
CA PHE A 112 -1.75 -16.35 6.47
C PHE A 112 -3.11 -16.86 6.91
N SER A 113 -3.21 -17.17 8.21
CA SER A 113 -4.48 -17.57 8.84
C SER A 113 -5.55 -16.47 8.70
N ILE A 114 -5.11 -15.20 8.80
CA ILE A 114 -5.99 -14.02 8.76
C ILE A 114 -6.52 -13.79 7.32
N VAL A 115 -5.63 -13.93 6.32
CA VAL A 115 -5.98 -13.73 4.90
C VAL A 115 -6.81 -14.91 4.35
N SER A 116 -6.65 -16.09 4.95
CA SER A 116 -7.38 -17.31 4.53
C SER A 116 -8.76 -17.40 5.21
N SER A 117 -8.89 -16.85 6.44
CA SER A 117 -10.12 -16.93 7.24
C SER A 117 -11.05 -15.74 6.93
N GLY A 118 -10.56 -14.52 7.23
CA GLY A 118 -11.35 -13.29 7.05
C GLY A 118 -11.13 -12.62 5.69
N GLY A 119 -10.30 -13.27 4.84
CA GLY A 119 -9.99 -12.76 3.51
C GLY A 119 -8.89 -11.70 3.51
N LEU A 120 -8.71 -11.11 2.33
CA LEU A 120 -7.69 -10.08 2.07
C LEU A 120 -7.91 -8.79 2.92
N PRO A 121 -9.17 -8.19 2.99
CA PRO A 121 -9.41 -6.96 3.80
C PRO A 121 -9.05 -7.14 5.29
N ALA A 122 -9.27 -8.35 5.83
CA ALA A 122 -8.95 -8.69 7.23
C ALA A 122 -7.44 -8.66 7.49
N LEU A 123 -6.67 -9.22 6.53
CA LEU A 123 -5.19 -9.22 6.58
C LEU A 123 -4.65 -7.78 6.61
N VAL A 124 -5.10 -6.99 5.64
CA VAL A 124 -4.70 -5.59 5.45
C VAL A 124 -5.01 -4.77 6.71
N ASP A 125 -6.19 -5.01 7.28
CA ASP A 125 -6.69 -4.29 8.46
C ASP A 125 -5.81 -4.63 9.68
N ALA A 126 -5.43 -5.92 9.81
CA ALA A 126 -4.55 -6.42 10.89
C ALA A 126 -3.12 -5.85 10.81
N LEU A 127 -2.67 -5.51 9.59
CA LEU A 127 -1.31 -4.96 9.35
C LEU A 127 -1.27 -3.44 9.65
N VAL A 128 -2.35 -2.72 9.32
CA VAL A 128 -2.41 -1.26 9.51
C VAL A 128 -2.81 -0.91 10.96
N ASP A 129 -3.74 -1.68 11.53
CA ASP A 129 -4.29 -1.44 12.89
C ASP A 129 -3.28 -1.86 13.98
N SER A 130 -2.31 -2.74 13.59
CA SER A 130 -1.23 -3.19 14.48
C SER A 130 -0.50 -2.00 15.09
N GLN A 131 -0.41 -2.00 16.43
CA GLN A 131 0.10 -0.86 17.22
C GLN A 131 1.59 -0.64 16.94
N GLU A 132 2.31 -1.75 16.68
CA GLU A 132 3.74 -1.74 16.31
C GLU A 132 3.96 -0.91 15.04
N TYR A 133 3.29 -1.33 13.96
CA TYR A 133 3.48 -0.75 12.60
C TYR A 133 2.91 0.67 12.54
N ALA A 134 1.86 0.91 13.35
CA ALA A 134 1.19 2.22 13.45
C ALA A 134 2.12 3.27 14.07
N ASP A 135 2.97 2.83 15.02
CA ASP A 135 3.96 3.72 15.67
C ASP A 135 5.27 3.83 14.87
N TYR A 136 5.55 2.87 13.98
CA TYR A 136 6.77 2.90 13.13
C TYR A 136 6.58 3.88 11.96
N PHE A 137 5.57 3.58 11.14
CA PHE A 137 5.29 4.36 9.91
C PHE A 137 4.48 5.62 10.24
N GLY A 138 3.50 5.47 11.14
CA GLY A 138 2.67 6.59 11.59
C GLY A 138 1.47 6.82 10.70
N GLU A 139 0.85 8.00 10.86
CA GLU A 139 -0.39 8.39 10.18
C GLU A 139 -0.11 9.13 8.87
N GLU A 140 1.05 9.81 8.81
CA GLU A 140 1.40 10.73 7.71
C GLU A 140 2.13 10.02 6.57
N THR A 141 2.93 9.00 6.92
CA THR A 141 3.91 8.42 6.00
C THR A 141 3.29 7.29 5.17
N VAL A 142 3.60 7.27 3.85
CA VAL A 142 3.44 6.07 3.02
C VAL A 142 4.54 5.09 3.46
N PRO A 143 4.20 3.89 4.01
CA PRO A 143 5.20 2.86 4.41
C PRO A 143 5.95 2.32 3.17
N TYR A 144 6.94 3.12 2.74
CA TYR A 144 7.69 2.87 1.50
C TYR A 144 8.58 1.64 1.63
N LEU A 145 8.72 0.88 0.53
CA LEU A 145 9.59 -0.32 0.52
C LEU A 145 11.06 0.08 0.42
N ARG A 146 11.71 0.10 1.58
CA ARG A 146 13.13 0.44 1.72
C ARG A 146 13.95 -0.74 1.17
N GLY A 147 14.23 -0.69 -0.14
CA GLY A 147 14.91 -1.73 -0.87
C GLY A 147 14.51 -1.73 -2.33
N LEU A 148 15.06 -2.68 -3.10
CA LEU A 148 14.79 -2.81 -4.54
C LEU A 148 13.85 -4.01 -4.77
N GLU A 149 12.60 -3.76 -5.22
CA GLU A 149 11.69 -4.84 -5.64
C GLU A 149 12.14 -5.41 -7.00
N HIS A 150 11.87 -6.69 -7.24
CA HIS A 150 12.33 -7.41 -8.44
C HIS A 150 11.19 -8.23 -9.03
N HIS A 151 11.07 -8.19 -10.36
CA HIS A 151 10.10 -8.99 -11.13
C HIS A 151 10.82 -9.75 -12.24
N HIS A 152 10.18 -10.79 -12.78
CA HIS A 152 10.73 -11.64 -13.86
C HIS A 152 10.11 -11.27 -15.21
N HIS A 153 10.97 -11.00 -16.22
CA HIS A 153 10.56 -10.72 -17.61
C HIS A 153 11.53 -11.42 -18.57
N HIS A 154 11.00 -12.00 -19.68
CA HIS A 154 11.81 -12.68 -20.71
C HIS A 154 11.46 -12.21 -22.14
N HIS A 155 10.64 -11.14 -22.23
CA HIS A 155 10.27 -10.51 -23.52
C HIS A 155 10.38 -8.97 -23.36
N PRO A 1 -5.47 -1.26 -17.09
CA PRO A 1 -5.09 -1.92 -18.36
C PRO A 1 -4.24 -0.97 -19.23
N GLN A 2 -3.50 -1.58 -20.18
CA GLN A 2 -2.65 -0.89 -21.17
C GLN A 2 -1.48 -0.11 -20.52
N SER A 3 -1.16 -0.45 -19.25
CA SER A 3 0.04 0.06 -18.55
C SER A 3 1.04 -1.10 -18.45
N TYR A 4 1.12 -1.88 -19.55
CA TYR A 4 1.89 -3.14 -19.62
C TYR A 4 3.41 -2.88 -19.61
N PHE A 5 3.79 -1.71 -20.14
CA PHE A 5 5.15 -1.19 -20.03
C PHE A 5 5.26 -0.47 -18.67
N ASN A 6 6.18 -0.94 -17.83
CA ASN A 6 6.51 -0.31 -16.53
C ASN A 6 7.47 0.87 -16.76
N ALA A 7 7.27 1.97 -16.02
CA ALA A 7 8.17 3.14 -16.06
C ALA A 7 9.35 2.90 -15.11
N ALA A 8 10.58 2.93 -15.65
CA ALA A 8 11.80 2.84 -14.85
C ALA A 8 12.05 4.18 -14.16
N ALA A 9 11.36 4.36 -13.02
CA ALA A 9 11.36 5.62 -12.24
C ALA A 9 11.51 5.28 -10.76
N LYS A 10 12.08 6.22 -9.99
CA LYS A 10 12.45 6.02 -8.59
C LYS A 10 11.66 6.97 -7.69
N ARG A 11 10.80 6.42 -6.82
CA ARG A 11 10.00 7.17 -5.86
C ARG A 11 10.48 6.89 -4.44
N GLN A 12 10.81 7.96 -3.71
CA GLN A 12 11.08 7.92 -2.26
C GLN A 12 9.75 7.74 -1.51
N LYS A 13 9.81 7.61 -0.17
CA LYS A 13 8.58 7.54 0.65
C LYS A 13 8.03 8.96 0.89
N TYR A 14 6.71 9.11 0.75
CA TYR A 14 6.01 10.42 0.80
C TYR A 14 5.03 10.42 1.97
N ALA A 15 4.98 11.53 2.73
CA ALA A 15 4.11 11.68 3.91
C ALA A 15 3.10 12.81 3.73
N MET A 16 1.94 12.66 4.37
CA MET A 16 0.93 13.71 4.50
C MET A 16 1.32 14.63 5.65
N LYS A 17 1.97 15.73 5.30
CA LYS A 17 2.50 16.69 6.27
C LYS A 17 1.54 17.90 6.35
N PRO A 18 1.03 18.26 7.58
CA PRO A 18 0.21 19.48 7.79
C PRO A 18 0.98 20.76 7.39
N GLY A 19 0.82 21.15 6.12
CA GLY A 19 1.53 22.26 5.52
C GLY A 19 1.76 22.08 4.03
N LEU A 20 1.37 20.91 3.47
CA LEU A 20 1.48 20.64 2.02
C LEU A 20 0.25 21.19 1.29
N SER A 21 0.50 21.96 0.21
CA SER A 21 -0.53 22.51 -0.67
C SER A 21 -1.10 21.40 -1.59
N ALA A 22 -2.08 21.78 -2.44
CA ALA A 22 -2.92 20.83 -3.21
C ALA A 22 -2.10 19.88 -4.11
N LEU A 23 -1.17 20.45 -4.90
CA LEU A 23 -0.34 19.67 -5.86
C LEU A 23 0.64 18.74 -5.14
N GLU A 24 1.17 19.18 -3.97
CA GLU A 24 2.13 18.40 -3.15
C GLU A 24 1.41 17.24 -2.44
N LYS A 25 0.13 17.46 -2.09
CA LYS A 25 -0.74 16.40 -1.58
C LYS A 25 -0.95 15.35 -2.68
N ASN A 26 -1.36 15.83 -3.88
CA ASN A 26 -1.62 14.99 -5.06
C ASN A 26 -0.36 14.19 -5.50
N ALA A 27 0.83 14.77 -5.26
CA ALA A 27 2.14 14.08 -5.46
C ALA A 27 2.28 12.85 -4.54
N VAL A 28 1.99 13.06 -3.25
CA VAL A 28 2.00 12.00 -2.21
C VAL A 28 0.92 10.91 -2.52
N ILE A 29 -0.24 11.37 -3.05
CA ILE A 29 -1.39 10.52 -3.40
C ILE A 29 -1.07 9.64 -4.64
N LYS A 30 -0.40 10.22 -5.65
CA LYS A 30 -0.04 9.51 -6.91
C LYS A 30 1.11 8.53 -6.67
N ALA A 31 2.04 8.90 -5.76
CA ALA A 31 3.10 7.98 -5.27
C ALA A 31 2.46 6.79 -4.51
N ALA A 32 1.31 7.06 -3.86
CA ALA A 32 0.52 6.04 -3.16
C ALA A 32 -0.27 5.15 -4.15
N TYR A 33 -0.64 5.71 -5.32
CA TYR A 33 -1.31 4.92 -6.39
C TYR A 33 -0.29 4.04 -7.14
N ARG A 34 0.94 4.55 -7.26
CA ARG A 34 2.04 3.82 -7.91
C ARG A 34 2.52 2.61 -7.06
N GLN A 35 2.66 2.79 -5.73
CA GLN A 35 3.19 1.74 -4.82
C GLN A 35 2.04 0.90 -4.19
N ILE A 36 0.99 1.57 -3.68
CA ILE A 36 -0.08 0.89 -2.89
C ILE A 36 -1.25 0.40 -3.78
N PHE A 37 -1.51 1.08 -4.92
CA PHE A 37 -2.43 0.53 -5.94
C PHE A 37 -1.61 -0.14 -7.09
N GLU A 38 -0.26 -0.13 -6.92
CA GLU A 38 0.70 -0.91 -7.74
C GLU A 38 0.66 -0.47 -9.24
N ARG A 39 0.39 0.83 -9.44
CA ARG A 39 0.42 1.53 -10.74
C ARG A 39 -0.75 1.15 -11.67
N ASP A 40 -0.64 -0.01 -12.35
CA ASP A 40 -1.65 -0.48 -13.32
C ASP A 40 -2.93 -0.89 -12.57
N ILE A 41 -3.97 -0.07 -12.71
CA ILE A 41 -5.28 -0.28 -12.04
C ILE A 41 -6.36 -0.48 -13.09
N THR A 42 -7.52 -0.98 -12.65
CA THR A 42 -8.68 -1.28 -13.52
C THR A 42 -9.96 -1.29 -12.66
N LYS A 43 -10.94 -2.17 -12.93
CA LYS A 43 -12.14 -2.38 -12.07
C LYS A 43 -13.02 -1.10 -12.00
N ALA A 44 -12.94 -0.29 -13.08
CA ALA A 44 -13.78 0.90 -13.32
C ALA A 44 -13.49 2.06 -12.35
N TYR A 45 -12.30 2.02 -11.67
CA TYR A 45 -11.87 3.09 -10.74
C TYR A 45 -11.54 4.37 -11.53
N SER A 46 -12.23 5.47 -11.18
CA SER A 46 -11.96 6.81 -11.73
C SER A 46 -12.46 7.88 -10.74
N GLN A 47 -13.79 7.86 -10.47
CA GLN A 47 -14.43 8.79 -9.53
C GLN A 47 -14.12 8.36 -8.08
N SER A 48 -13.93 7.04 -7.88
CA SER A 48 -13.47 6.47 -6.59
C SER A 48 -12.02 6.93 -6.28
N ILE A 49 -11.19 7.01 -7.33
CA ILE A 49 -9.79 7.52 -7.23
C ILE A 49 -9.81 8.98 -6.73
N SER A 50 -10.67 9.79 -7.35
CA SER A 50 -10.80 11.24 -7.06
C SER A 50 -11.44 11.48 -5.67
N TYR A 51 -12.26 10.51 -5.22
CA TYR A 51 -12.95 10.59 -3.91
C TYR A 51 -11.96 10.32 -2.76
N LEU A 52 -11.34 9.13 -2.79
CA LEU A 52 -10.28 8.72 -1.83
C LEU A 52 -9.13 9.76 -1.79
N GLU A 53 -8.83 10.34 -2.98
CA GLU A 53 -7.88 11.45 -3.15
C GLU A 53 -8.26 12.62 -2.22
N SER A 54 -9.52 13.09 -2.36
CA SER A 54 -10.04 14.26 -1.63
C SER A 54 -10.04 14.07 -0.10
N GLN A 55 -10.20 12.80 0.34
CA GLN A 55 -10.22 12.46 1.78
C GLN A 55 -8.83 12.64 2.42
N VAL A 56 -7.80 12.09 1.76
CA VAL A 56 -6.41 12.12 2.26
C VAL A 56 -5.71 13.48 1.94
N ARG A 57 -6.18 14.15 0.86
CA ARG A 57 -5.71 15.50 0.43
C ARG A 57 -6.11 16.56 1.49
N ASN A 58 -7.35 16.43 1.98
CA ASN A 58 -7.93 17.32 3.02
C ASN A 58 -7.45 16.89 4.43
N GLY A 59 -6.78 15.73 4.52
CA GLY A 59 -6.25 15.21 5.77
C GLY A 59 -7.33 14.76 6.76
N ASP A 60 -8.43 14.21 6.22
CA ASP A 60 -9.46 13.54 7.04
C ASP A 60 -8.89 12.20 7.48
N ILE A 61 -8.50 11.41 6.47
CA ILE A 61 -7.81 10.14 6.67
C ILE A 61 -6.32 10.32 6.32
N SER A 62 -5.44 9.61 7.05
CA SER A 62 -4.01 9.54 6.72
C SER A 62 -3.77 8.41 5.71
N MET A 63 -2.49 8.10 5.43
CA MET A 63 -2.14 6.95 4.56
C MET A 63 -2.38 5.63 5.29
N LYS A 64 -2.71 5.67 6.59
CA LYS A 64 -3.10 4.47 7.35
C LYS A 64 -4.44 3.94 6.80
N GLU A 65 -5.43 4.84 6.76
CA GLU A 65 -6.79 4.56 6.28
C GLU A 65 -6.81 4.46 4.74
N PHE A 66 -5.97 5.27 4.06
CA PHE A 66 -5.93 5.35 2.57
C PHE A 66 -5.31 4.08 1.95
N VAL A 67 -4.21 3.58 2.56
CA VAL A 67 -3.56 2.31 2.16
C VAL A 67 -4.47 1.12 2.47
N ARG A 68 -5.23 1.24 3.59
CA ARG A 68 -6.31 0.28 3.89
C ARG A 68 -7.35 0.27 2.73
N ARG A 69 -7.76 1.47 2.24
CA ARG A 69 -8.76 1.61 1.15
C ARG A 69 -8.34 0.84 -0.13
N LEU A 70 -7.09 1.09 -0.57
CA LEU A 70 -6.59 0.61 -1.87
C LEU A 70 -6.31 -0.91 -1.86
N ALA A 71 -5.59 -1.39 -0.84
CA ALA A 71 -5.17 -2.81 -0.75
C ALA A 71 -6.33 -3.75 -0.29
N LYS A 72 -7.42 -3.15 0.24
CA LYS A 72 -8.68 -3.88 0.58
C LYS A 72 -9.59 -4.03 -0.66
N SER A 73 -9.38 -3.14 -1.68
CA SER A 73 -10.27 -3.03 -2.86
C SER A 73 -10.52 -4.38 -3.56
N PRO A 74 -11.73 -4.60 -4.20
CA PRO A 74 -12.07 -5.86 -4.91
C PRO A 74 -11.06 -6.24 -6.01
N LEU A 75 -10.24 -5.26 -6.41
CA LEU A 75 -9.09 -5.43 -7.31
C LEU A 75 -8.08 -6.46 -6.74
N TYR A 76 -7.57 -6.19 -5.52
CA TYR A 76 -6.63 -7.08 -4.81
C TYR A 76 -7.30 -8.37 -4.34
N ARG A 77 -8.58 -8.24 -3.92
CA ARG A 77 -9.37 -9.35 -3.37
C ARG A 77 -9.65 -10.42 -4.44
N LYS A 78 -9.70 -9.99 -5.71
CA LYS A 78 -9.72 -10.91 -6.86
C LYS A 78 -8.30 -11.40 -7.22
N GLN A 79 -7.43 -10.47 -7.66
CA GLN A 79 -6.23 -10.79 -8.50
C GLN A 79 -5.08 -11.50 -7.75
N PHE A 80 -5.02 -11.38 -6.43
CA PHE A 80 -3.95 -12.01 -5.62
C PHE A 80 -4.48 -13.16 -4.77
N PHE A 81 -5.74 -13.01 -4.33
CA PHE A 81 -6.38 -13.95 -3.41
C PHE A 81 -6.74 -15.28 -4.12
N GLU A 82 -7.31 -15.17 -5.34
CA GLU A 82 -7.93 -16.31 -6.04
C GLU A 82 -6.99 -17.01 -7.08
N PRO A 83 -6.36 -16.30 -8.11
CA PRO A 83 -5.52 -16.96 -9.15
C PRO A 83 -4.19 -17.51 -8.59
N PHE A 84 -3.75 -16.98 -7.45
CA PHE A 84 -2.55 -17.40 -6.74
C PHE A 84 -2.94 -17.94 -5.37
N ILE A 85 -2.13 -18.88 -4.86
CA ILE A 85 -2.27 -19.46 -3.52
C ILE A 85 -2.16 -18.32 -2.46
N ASN A 86 -2.92 -18.43 -1.36
CA ASN A 86 -2.98 -17.39 -0.28
C ASN A 86 -1.60 -17.15 0.35
N SER A 87 -0.71 -18.15 0.23
CA SER A 87 0.71 -18.04 0.58
C SER A 87 1.38 -16.86 -0.19
N ARG A 88 1.20 -16.82 -1.52
CA ARG A 88 1.78 -15.77 -2.38
C ARG A 88 1.03 -14.44 -2.23
N ALA A 89 -0.29 -14.51 -1.96
CA ALA A 89 -1.11 -13.31 -1.65
C ALA A 89 -0.63 -12.62 -0.36
N LEU A 90 -0.24 -13.44 0.61
CA LEU A 90 0.26 -13.01 1.92
C LEU A 90 1.68 -12.43 1.80
N GLU A 91 2.53 -13.15 1.02
CA GLU A 91 3.93 -12.75 0.75
C GLU A 91 3.95 -11.42 -0.01
N LEU A 92 2.98 -11.28 -0.93
CA LEU A 92 2.73 -10.04 -1.69
C LEU A 92 2.38 -8.90 -0.73
N ALA A 93 1.55 -9.18 0.28
CA ALA A 93 1.14 -8.16 1.27
C ALA A 93 2.32 -7.75 2.17
N PHE A 94 3.19 -8.71 2.52
CA PHE A 94 4.40 -8.45 3.33
C PHE A 94 5.46 -7.65 2.53
N ARG A 95 5.50 -7.86 1.22
CA ARG A 95 6.40 -7.13 0.31
C ARG A 95 5.88 -5.69 0.10
N HIS A 96 4.63 -5.63 -0.39
CA HIS A 96 3.90 -4.41 -0.78
C HIS A 96 3.74 -3.40 0.38
N ILE A 97 3.32 -3.91 1.55
CA ILE A 97 3.05 -3.08 2.74
C ILE A 97 4.32 -2.91 3.60
N LEU A 98 4.95 -4.03 4.05
CA LEU A 98 6.07 -3.96 5.05
C LEU A 98 7.39 -3.50 4.38
N GLY A 99 7.45 -3.61 3.04
CA GLY A 99 8.61 -3.14 2.25
C GLY A 99 9.84 -4.03 2.37
N ARG A 100 9.63 -5.27 2.89
CA ARG A 100 10.70 -6.26 3.11
C ARG A 100 10.18 -7.65 2.71
N GLY A 101 9.20 -8.14 3.48
CA GLY A 101 8.67 -9.50 3.33
C GLY A 101 8.41 -10.15 4.70
N PRO A 102 8.23 -11.51 4.75
CA PRO A 102 8.03 -12.23 6.02
C PRO A 102 9.31 -12.25 6.90
N SER A 103 9.24 -11.58 8.06
CA SER A 103 10.35 -11.48 9.04
C SER A 103 10.65 -12.85 9.68
N SER A 104 9.60 -13.63 9.89
CA SER A 104 9.66 -14.97 10.50
C SER A 104 8.43 -15.79 10.09
N ARG A 105 8.55 -17.13 10.23
CA ARG A 105 7.42 -18.06 10.04
C ARG A 105 6.26 -17.74 11.02
N GLU A 106 6.64 -17.21 12.20
CA GLU A 106 5.69 -16.68 13.20
C GLU A 106 4.73 -15.66 12.57
N GLU A 107 5.34 -14.67 11.89
CA GLU A 107 4.63 -13.58 11.21
C GLU A 107 3.74 -14.13 10.06
N VAL A 108 4.30 -15.12 9.32
CA VAL A 108 3.59 -15.77 8.19
C VAL A 108 2.27 -16.40 8.68
N GLN A 109 2.37 -17.38 9.59
CA GLN A 109 1.22 -18.15 10.12
C GLN A 109 0.17 -17.22 10.80
N LYS A 110 0.66 -16.22 11.55
CA LYS A 110 -0.17 -15.25 12.30
C LYS A 110 -1.11 -14.52 11.33
N TYR A 111 -0.53 -13.89 10.31
CA TYR A 111 -1.26 -13.07 9.33
C TYR A 111 -1.90 -13.94 8.21
N PHE A 112 -1.43 -15.20 8.07
CA PHE A 112 -2.01 -16.15 7.09
C PHE A 112 -3.41 -16.54 7.51
N SER A 113 -3.58 -16.75 8.82
CA SER A 113 -4.89 -17.04 9.44
C SER A 113 -5.90 -15.91 9.13
N ILE A 114 -5.38 -14.67 9.12
CA ILE A 114 -6.18 -13.44 8.98
C ILE A 114 -6.60 -13.21 7.50
N VAL A 115 -5.70 -13.49 6.54
CA VAL A 115 -6.01 -13.39 5.09
C VAL A 115 -6.90 -14.56 4.63
N SER A 116 -6.74 -15.72 5.28
CA SER A 116 -7.48 -16.94 4.92
C SER A 116 -8.96 -16.83 5.36
N SER A 117 -9.18 -16.17 6.52
CA SER A 117 -10.53 -15.99 7.10
C SER A 117 -11.27 -14.78 6.47
N GLY A 118 -10.72 -13.56 6.66
CA GLY A 118 -11.38 -12.31 6.26
C GLY A 118 -10.81 -11.66 5.00
N GLY A 119 -9.99 -12.43 4.25
CA GLY A 119 -9.43 -11.97 2.97
C GLY A 119 -8.43 -10.80 3.13
N LEU A 120 -8.40 -9.95 2.10
CA LEU A 120 -7.54 -8.75 2.07
C LEU A 120 -8.03 -7.65 3.08
N PRO A 121 -9.39 -7.35 3.21
CA PRO A 121 -9.91 -6.43 4.26
C PRO A 121 -9.28 -6.64 5.67
N ALA A 122 -9.34 -7.89 6.14
CA ALA A 122 -8.84 -8.28 7.48
C ALA A 122 -7.31 -8.17 7.56
N LEU A 123 -6.60 -8.71 6.54
CA LEU A 123 -5.12 -8.76 6.52
C LEU A 123 -4.49 -7.36 6.49
N VAL A 124 -4.92 -6.55 5.52
CA VAL A 124 -4.41 -5.18 5.30
C VAL A 124 -4.69 -4.30 6.54
N ASP A 125 -5.82 -4.56 7.20
CA ASP A 125 -6.13 -3.89 8.47
C ASP A 125 -5.16 -4.37 9.58
N ALA A 126 -4.94 -5.70 9.67
CA ALA A 126 -4.05 -6.30 10.70
C ALA A 126 -2.59 -5.80 10.60
N LEU A 127 -2.16 -5.44 9.38
CA LEU A 127 -0.83 -4.89 9.12
C LEU A 127 -0.80 -3.36 9.38
N VAL A 128 -1.62 -2.59 8.64
CA VAL A 128 -1.53 -1.11 8.63
C VAL A 128 -2.03 -0.48 9.98
N ASP A 129 -3.01 -1.15 10.63
CA ASP A 129 -3.59 -0.67 11.92
C ASP A 129 -2.64 -0.93 13.10
N SER A 130 -1.78 -1.96 12.97
CA SER A 130 -0.78 -2.35 14.00
C SER A 130 0.09 -1.15 14.40
N GLN A 131 0.38 -1.03 15.71
CA GLN A 131 1.04 0.15 16.29
C GLN A 131 2.51 0.21 15.87
N GLU A 132 3.12 -0.99 15.78
CA GLU A 132 4.51 -1.18 15.35
C GLU A 132 4.72 -0.69 13.91
N TYR A 133 3.75 -1.02 13.03
CA TYR A 133 3.84 -0.73 11.58
C TYR A 133 3.39 0.71 11.27
N ALA A 134 2.40 1.20 12.04
CA ALA A 134 1.91 2.60 11.94
C ALA A 134 2.99 3.59 12.42
N ASP A 135 3.92 3.08 13.26
CA ASP A 135 5.14 3.81 13.67
C ASP A 135 6.24 3.64 12.59
N TYR A 136 6.41 2.39 12.10
CA TYR A 136 7.48 1.97 11.16
C TYR A 136 7.47 2.80 9.87
N PHE A 137 6.37 2.71 9.08
CA PHE A 137 6.19 3.56 7.89
C PHE A 137 5.97 5.01 8.33
N GLY A 138 5.15 5.14 9.39
CA GLY A 138 4.49 6.39 9.72
C GLY A 138 3.09 6.36 9.11
N GLU A 139 2.06 6.59 9.94
CA GLU A 139 0.64 6.48 9.52
C GLU A 139 0.28 7.44 8.36
N GLU A 140 1.00 8.57 8.25
CA GLU A 140 0.79 9.58 7.19
C GLU A 140 1.68 9.29 5.98
N THR A 141 2.70 8.46 6.17
CA THR A 141 3.66 8.06 5.12
C THR A 141 3.15 6.84 4.34
N VAL A 142 3.48 6.80 3.04
CA VAL A 142 3.15 5.70 2.12
C VAL A 142 4.09 4.50 2.38
N PRO A 143 3.56 3.31 2.86
CA PRO A 143 4.31 2.02 2.92
C PRO A 143 5.11 1.74 1.62
N TYR A 144 6.40 1.46 1.79
CA TYR A 144 7.41 1.63 0.74
C TYR A 144 8.38 0.44 0.71
N LEU A 145 8.67 -0.01 -0.52
CA LEU A 145 9.63 -1.11 -0.81
C LEU A 145 11.06 -0.74 -0.36
N ARG A 146 11.36 0.57 -0.35
CA ARG A 146 12.56 1.15 0.27
C ARG A 146 13.84 0.79 -0.55
N GLY A 147 14.36 -0.43 -0.38
CA GLY A 147 15.54 -0.90 -1.13
C GLY A 147 16.86 -0.55 -0.45
N LEU A 148 17.03 0.74 -0.09
CA LEU A 148 18.21 1.23 0.65
C LEU A 148 17.92 1.23 2.16
N GLU A 149 18.96 1.55 2.96
CA GLU A 149 18.86 1.82 4.42
C GLU A 149 18.42 0.60 5.28
N HIS A 150 18.82 0.65 6.56
CA HIS A 150 18.27 -0.22 7.62
C HIS A 150 17.71 0.68 8.73
N HIS A 151 16.47 0.43 9.16
CA HIS A 151 15.80 1.19 10.22
C HIS A 151 15.51 0.25 11.40
N HIS A 152 16.60 -0.19 12.04
CA HIS A 152 16.56 -1.03 13.24
C HIS A 152 17.66 -0.55 14.20
N HIS A 153 17.31 0.42 15.06
CA HIS A 153 18.23 0.98 16.10
C HIS A 153 17.97 0.27 17.44
N HIS A 154 17.85 -1.06 17.36
CA HIS A 154 17.52 -1.95 18.50
C HIS A 154 18.61 -1.85 19.60
N HIS A 155 19.85 -1.65 19.14
CA HIS A 155 21.01 -1.25 19.97
C HIS A 155 21.59 0.05 19.34
N PRO A 1 24.73 2.80 -12.62
CA PRO A 1 23.66 3.15 -11.65
C PRO A 1 23.62 4.67 -11.40
N GLN A 2 22.48 5.13 -10.80
CA GLN A 2 22.27 6.51 -10.29
C GLN A 2 22.20 7.57 -11.43
N SER A 3 21.09 8.34 -11.44
CA SER A 3 20.87 9.52 -12.32
C SER A 3 21.05 9.22 -13.83
N TYR A 4 20.67 8.00 -14.24
CA TYR A 4 20.50 7.66 -15.66
C TYR A 4 19.26 8.42 -16.17
N PHE A 5 18.15 8.21 -15.46
CA PHE A 5 16.94 9.02 -15.60
C PHE A 5 17.08 10.24 -14.67
N ASN A 6 17.26 11.43 -15.25
CA ASN A 6 17.33 12.69 -14.50
C ASN A 6 15.94 13.35 -14.50
N ALA A 7 15.18 13.11 -13.43
CA ALA A 7 13.82 13.67 -13.25
C ALA A 7 13.90 15.16 -12.89
N ALA A 8 15.00 15.54 -12.19
CA ALA A 8 15.28 16.91 -11.70
C ALA A 8 14.25 17.34 -10.63
N ALA A 9 14.74 17.55 -9.38
CA ALA A 9 13.92 17.91 -8.20
C ALA A 9 13.05 16.72 -7.74
N LYS A 10 13.53 15.47 -7.99
CA LYS A 10 12.82 14.25 -7.60
C LYS A 10 12.86 14.08 -6.06
N ARG A 11 11.82 14.54 -5.39
CA ARG A 11 11.68 14.44 -3.94
C ARG A 11 11.27 13.02 -3.54
N GLN A 12 12.24 12.22 -3.06
CA GLN A 12 11.95 10.91 -2.46
C GLN A 12 11.35 11.12 -1.05
N LYS A 13 10.80 10.03 -0.48
CA LYS A 13 10.00 10.06 0.76
C LYS A 13 8.69 10.85 0.52
N TYR A 14 7.71 10.13 -0.01
CA TYR A 14 6.36 10.63 -0.23
C TYR A 14 5.54 10.33 1.02
N ALA A 15 5.60 11.27 1.96
CA ALA A 15 4.87 11.20 3.21
C ALA A 15 3.86 12.35 3.25
N MET A 16 2.57 12.00 3.30
CA MET A 16 1.49 12.99 3.37
C MET A 16 1.37 13.52 4.80
N LYS A 17 2.25 14.48 5.09
CA LYS A 17 2.38 15.13 6.39
C LYS A 17 1.33 16.25 6.54
N PRO A 18 0.74 16.43 7.77
CA PRO A 18 -0.15 17.57 8.06
C PRO A 18 0.58 18.90 7.85
N GLY A 19 0.17 19.64 6.80
CA GLY A 19 0.76 20.94 6.47
C GLY A 19 1.41 20.99 5.10
N LEU A 20 1.32 19.89 4.32
CA LEU A 20 1.76 19.90 2.90
C LEU A 20 0.81 20.78 2.06
N SER A 21 1.40 21.54 1.13
CA SER A 21 0.64 22.34 0.15
C SER A 21 -0.13 21.41 -0.81
N ALA A 22 -1.11 21.98 -1.53
CA ALA A 22 -2.07 21.21 -2.36
C ALA A 22 -1.36 20.45 -3.50
N LEU A 23 -0.28 21.04 -4.03
CA LEU A 23 0.57 20.42 -5.08
C LEU A 23 1.43 19.28 -4.49
N GLU A 24 1.93 19.48 -3.26
CA GLU A 24 2.74 18.47 -2.53
C GLU A 24 1.88 17.24 -2.19
N LYS A 25 0.58 17.51 -1.89
CA LYS A 25 -0.42 16.46 -1.64
C LYS A 25 -0.56 15.57 -2.88
N ASN A 26 -0.77 16.23 -4.04
CA ASN A 26 -0.94 15.55 -5.35
C ASN A 26 0.28 14.70 -5.74
N ALA A 27 1.50 15.21 -5.43
CA ALA A 27 2.76 14.46 -5.60
C ALA A 27 2.74 13.11 -4.86
N VAL A 28 2.27 13.16 -3.59
CA VAL A 28 2.17 11.96 -2.73
C VAL A 28 0.94 11.08 -3.11
N ILE A 29 -0.10 11.72 -3.70
CA ILE A 29 -1.32 11.02 -4.20
C ILE A 29 -0.95 10.09 -5.37
N LYS A 30 -0.31 10.67 -6.41
CA LYS A 30 0.13 9.94 -7.61
C LYS A 30 1.14 8.86 -7.25
N ALA A 31 2.03 9.20 -6.28
CA ALA A 31 3.07 8.28 -5.77
C ALA A 31 2.46 7.11 -4.97
N ALA A 32 1.28 7.35 -4.36
CA ALA A 32 0.52 6.30 -3.67
C ALA A 32 -0.05 5.33 -4.70
N TYR A 33 -0.72 5.87 -5.73
CA TYR A 33 -1.31 5.06 -6.82
C TYR A 33 -0.21 4.37 -7.66
N ARG A 34 1.04 4.90 -7.61
CA ARG A 34 2.23 4.17 -8.06
C ARG A 34 2.46 2.96 -7.12
N GLN A 35 3.09 3.19 -5.96
CA GLN A 35 3.67 2.12 -5.10
C GLN A 35 2.64 1.04 -4.65
N ILE A 36 1.42 1.48 -4.30
CA ILE A 36 0.34 0.60 -3.78
C ILE A 36 -0.14 -0.43 -4.84
N PHE A 37 -0.11 -0.03 -6.12
CA PHE A 37 -0.55 -0.89 -7.25
C PHE A 37 0.65 -1.30 -8.14
N GLU A 38 1.83 -0.72 -7.86
CA GLU A 38 2.99 -0.68 -8.78
C GLU A 38 2.60 -0.07 -10.15
N ARG A 39 1.60 0.85 -10.09
CA ARG A 39 1.05 1.60 -11.23
C ARG A 39 0.48 0.64 -12.32
N ASP A 40 0.53 1.03 -13.64
CA ASP A 40 -0.06 0.29 -14.78
C ASP A 40 -1.61 0.41 -14.83
N ILE A 41 -2.24 0.75 -13.68
CA ILE A 41 -3.69 0.95 -13.56
C ILE A 41 -4.17 2.15 -14.41
N THR A 42 -5.41 2.07 -14.90
CA THR A 42 -6.09 3.21 -15.53
C THR A 42 -6.56 4.18 -14.42
N LYS A 43 -5.56 4.99 -13.94
CA LYS A 43 -5.65 6.04 -12.87
C LYS A 43 -6.83 5.86 -11.90
N ALA A 44 -8.01 6.34 -12.32
CA ALA A 44 -9.25 6.22 -11.56
C ALA A 44 -10.23 5.34 -12.33
N TYR A 45 -9.97 4.02 -12.27
CA TYR A 45 -10.91 2.96 -12.69
C TYR A 45 -12.36 3.22 -12.17
N SER A 46 -12.46 3.77 -10.95
CA SER A 46 -13.74 4.05 -10.29
C SER A 46 -13.77 5.49 -9.76
N GLN A 47 -15.00 5.99 -9.52
CA GLN A 47 -15.25 7.26 -8.84
C GLN A 47 -14.84 7.14 -7.35
N SER A 48 -14.90 5.89 -6.83
CA SER A 48 -14.48 5.55 -5.47
C SER A 48 -13.00 5.90 -5.24
N ILE A 49 -12.17 5.66 -6.30
CA ILE A 49 -10.73 5.96 -6.28
C ILE A 49 -10.49 7.48 -6.15
N SER A 50 -11.27 8.28 -6.91
CA SER A 50 -11.17 9.75 -6.88
C SER A 50 -11.76 10.34 -5.57
N TYR A 51 -12.71 9.62 -4.96
CA TYR A 51 -13.28 9.97 -3.66
C TYR A 51 -12.21 9.83 -2.56
N LEU A 52 -11.61 8.62 -2.48
CA LEU A 52 -10.56 8.28 -1.50
C LEU A 52 -9.35 9.23 -1.63
N GLU A 53 -9.05 9.59 -2.90
CA GLU A 53 -8.02 10.57 -3.26
C GLU A 53 -8.27 11.91 -2.54
N SER A 54 -9.48 12.50 -2.73
CA SER A 54 -9.81 13.83 -2.21
C SER A 54 -9.91 13.85 -0.68
N GLN A 55 -10.29 12.69 -0.08
CA GLN A 55 -10.39 12.56 1.39
C GLN A 55 -9.00 12.72 2.03
N VAL A 56 -8.03 11.90 1.59
CA VAL A 56 -6.66 11.92 2.15
C VAL A 56 -5.90 13.20 1.74
N ARG A 57 -6.28 13.78 0.57
CA ARG A 57 -5.72 15.04 0.04
C ARG A 57 -6.02 16.21 1.01
N ASN A 58 -7.23 16.19 1.60
CA ASN A 58 -7.64 17.17 2.64
C ASN A 58 -7.10 16.77 4.03
N GLY A 59 -6.76 15.48 4.18
CA GLY A 59 -6.41 14.88 5.48
C GLY A 59 -7.64 14.47 6.29
N ASP A 60 -8.79 14.29 5.61
CA ASP A 60 -10.04 13.77 6.24
C ASP A 60 -9.82 12.32 6.71
N ILE A 61 -9.10 11.56 5.91
CA ILE A 61 -8.56 10.24 6.29
C ILE A 61 -7.03 10.31 6.21
N SER A 62 -6.34 9.52 7.02
CA SER A 62 -4.87 9.42 7.00
C SER A 62 -4.43 8.59 5.79
N MET A 63 -3.16 8.78 5.35
CA MET A 63 -2.60 7.99 4.23
C MET A 63 -2.49 6.50 4.61
N LYS A 64 -2.35 6.23 5.92
CA LYS A 64 -2.42 4.88 6.51
C LYS A 64 -3.79 4.24 6.25
N GLU A 65 -4.83 5.01 6.63
CA GLU A 65 -6.25 4.61 6.50
C GLU A 65 -6.60 4.43 5.00
N PHE A 66 -5.97 5.28 4.16
CA PHE A 66 -6.12 5.30 2.70
C PHE A 66 -5.50 4.05 2.04
N VAL A 67 -4.34 3.58 2.57
CA VAL A 67 -3.70 2.33 2.12
C VAL A 67 -4.65 1.14 2.37
N ARG A 68 -5.34 1.15 3.54
CA ARG A 68 -6.37 0.14 3.87
C ARG A 68 -7.51 0.16 2.85
N ARG A 69 -8.02 1.37 2.53
CA ARG A 69 -9.17 1.56 1.61
C ARG A 69 -8.88 0.94 0.24
N LEU A 70 -7.71 1.28 -0.33
CA LEU A 70 -7.26 0.78 -1.64
C LEU A 70 -7.06 -0.74 -1.62
N ALA A 71 -6.38 -1.23 -0.58
CA ALA A 71 -5.96 -2.64 -0.49
C ALA A 71 -7.10 -3.60 -0.07
N LYS A 72 -8.24 -3.04 0.39
CA LYS A 72 -9.45 -3.84 0.70
C LYS A 72 -10.50 -3.71 -0.42
N SER A 73 -10.19 -2.90 -1.47
CA SER A 73 -11.08 -2.72 -2.62
C SER A 73 -11.24 -4.06 -3.41
N PRO A 74 -12.51 -4.51 -3.68
CA PRO A 74 -12.79 -5.71 -4.51
C PRO A 74 -12.05 -5.70 -5.88
N LEU A 75 -11.90 -4.50 -6.47
CA LEU A 75 -11.18 -4.28 -7.74
C LEU A 75 -9.68 -4.61 -7.58
N TYR A 76 -9.05 -4.05 -6.52
CA TYR A 76 -7.64 -4.33 -6.15
C TYR A 76 -7.41 -5.85 -6.05
N ARG A 77 -8.42 -6.58 -5.56
CA ARG A 77 -8.36 -8.03 -5.37
C ARG A 77 -8.68 -8.82 -6.65
N LYS A 78 -9.40 -8.21 -7.61
CA LYS A 78 -9.50 -8.77 -8.98
C LYS A 78 -8.10 -8.83 -9.61
N GLN A 79 -7.29 -7.81 -9.27
CA GLN A 79 -5.91 -7.66 -9.74
C GLN A 79 -4.91 -8.47 -8.86
N PHE A 80 -5.21 -8.58 -7.53
CA PHE A 80 -4.26 -9.14 -6.51
C PHE A 80 -4.97 -10.11 -5.53
N PHE A 81 -5.67 -11.10 -6.10
CA PHE A 81 -6.20 -12.28 -5.36
C PHE A 81 -6.54 -13.39 -6.36
N GLU A 82 -7.23 -13.01 -7.44
CA GLU A 82 -7.60 -13.93 -8.52
C GLU A 82 -6.33 -14.53 -9.20
N PRO A 83 -5.24 -13.72 -9.52
CA PRO A 83 -3.93 -14.29 -9.92
C PRO A 83 -3.11 -14.82 -8.72
N PHE A 84 -3.29 -14.22 -7.51
CA PHE A 84 -2.43 -14.47 -6.34
C PHE A 84 -3.26 -14.79 -5.09
N ILE A 85 -3.48 -16.08 -4.83
CA ILE A 85 -4.29 -16.57 -3.68
C ILE A 85 -3.57 -16.34 -2.33
N ASN A 86 -4.24 -16.68 -1.21
CA ASN A 86 -3.85 -16.30 0.18
C ASN A 86 -2.32 -16.43 0.45
N SER A 87 -1.73 -17.57 0.05
CA SER A 87 -0.28 -17.84 0.19
C SER A 87 0.58 -16.73 -0.46
N ARG A 88 0.29 -16.41 -1.73
CA ARG A 88 1.07 -15.44 -2.53
C ARG A 88 0.71 -14.00 -2.12
N ALA A 89 -0.57 -13.80 -1.74
CA ALA A 89 -1.13 -12.52 -1.29
C ALA A 89 -0.63 -12.17 0.11
N LEU A 90 -0.15 -13.19 0.87
CA LEU A 90 0.46 -13.02 2.20
C LEU A 90 1.82 -12.33 2.07
N GLU A 91 2.68 -12.87 1.16
CA GLU A 91 4.02 -12.31 0.86
C GLU A 91 3.89 -10.97 0.13
N LEU A 92 2.83 -10.86 -0.72
CA LEU A 92 2.52 -9.60 -1.45
C LEU A 92 2.12 -8.52 -0.43
N ALA A 93 1.39 -8.91 0.62
CA ALA A 93 0.99 -8.01 1.72
C ALA A 93 2.21 -7.60 2.55
N PHE A 94 3.13 -8.54 2.77
CA PHE A 94 4.40 -8.27 3.47
C PHE A 94 5.37 -7.41 2.60
N ARG A 95 5.16 -7.46 1.26
CA ARG A 95 5.86 -6.59 0.28
C ARG A 95 5.20 -5.19 0.23
N HIS A 96 3.90 -5.13 0.57
CA HIS A 96 3.04 -3.95 0.34
C HIS A 96 3.01 -3.02 1.58
N ILE A 97 2.99 -3.62 2.78
CA ILE A 97 2.91 -2.87 4.06
C ILE A 97 4.30 -2.75 4.70
N LEU A 98 5.09 -3.84 4.65
CA LEU A 98 6.40 -3.90 5.31
C LEU A 98 7.50 -3.56 4.28
N GLY A 99 7.27 -3.99 3.04
CA GLY A 99 8.21 -3.76 1.93
C GLY A 99 9.38 -4.74 1.95
N ARG A 100 9.20 -5.85 2.68
CA ARG A 100 10.28 -6.82 2.94
C ARG A 100 9.82 -8.22 2.53
N GLY A 101 8.88 -8.78 3.27
CA GLY A 101 8.47 -10.17 3.10
C GLY A 101 8.32 -10.83 4.46
N PRO A 102 8.58 -12.17 4.59
CA PRO A 102 8.59 -12.89 5.89
C PRO A 102 9.56 -12.25 6.91
N SER A 103 9.02 -11.32 7.72
CA SER A 103 9.78 -10.55 8.72
C SER A 103 10.19 -11.44 9.90
N SER A 104 9.24 -12.28 10.33
CA SER A 104 9.45 -13.36 11.33
C SER A 104 8.56 -14.55 10.96
N ARG A 105 9.09 -15.78 11.10
CA ARG A 105 8.41 -17.03 10.70
C ARG A 105 7.10 -17.22 11.48
N GLU A 106 7.13 -16.82 12.77
CA GLU A 106 5.95 -16.86 13.66
C GLU A 106 4.83 -15.96 13.12
N GLU A 107 5.25 -14.76 12.65
CA GLU A 107 4.34 -13.74 12.11
C GLU A 107 3.73 -14.19 10.76
N VAL A 108 4.46 -15.05 10.03
CA VAL A 108 4.00 -15.62 8.75
C VAL A 108 2.80 -16.57 8.99
N GLN A 109 2.96 -17.56 9.91
CA GLN A 109 1.84 -18.49 10.30
C GLN A 109 0.67 -17.71 10.93
N LYS A 110 1.03 -16.65 11.69
CA LYS A 110 0.07 -15.78 12.39
C LYS A 110 -0.91 -15.12 11.40
N TYR A 111 -0.35 -14.37 10.43
CA TYR A 111 -1.13 -13.62 9.44
C TYR A 111 -1.67 -14.54 8.34
N PHE A 112 -1.09 -15.74 8.18
CA PHE A 112 -1.64 -16.78 7.30
C PHE A 112 -2.99 -17.28 7.86
N SER A 113 -3.07 -17.38 9.19
CA SER A 113 -4.30 -17.76 9.90
C SER A 113 -5.34 -16.63 9.78
N ILE A 114 -4.89 -15.36 9.84
CA ILE A 114 -5.76 -14.17 9.75
C ILE A 114 -6.40 -14.06 8.34
N VAL A 115 -5.59 -14.26 7.27
CA VAL A 115 -6.09 -14.18 5.88
C VAL A 115 -7.06 -15.35 5.58
N SER A 116 -6.88 -16.49 6.25
CA SER A 116 -7.74 -17.69 6.08
C SER A 116 -9.02 -17.66 6.96
N SER A 117 -8.96 -16.99 8.12
CA SER A 117 -10.08 -16.99 9.10
C SER A 117 -10.94 -15.72 8.96
N GLY A 118 -10.31 -14.55 9.17
CA GLY A 118 -10.98 -13.25 9.06
C GLY A 118 -11.17 -12.78 7.62
N GLY A 119 -10.41 -13.38 6.69
CA GLY A 119 -10.46 -13.03 5.27
C GLY A 119 -9.26 -12.23 4.78
N LEU A 120 -9.20 -12.07 3.46
CA LEU A 120 -8.13 -11.35 2.75
C LEU A 120 -8.07 -9.82 3.11
N PRO A 121 -9.25 -9.06 3.16
CA PRO A 121 -9.26 -7.65 3.65
C PRO A 121 -8.73 -7.52 5.08
N ALA A 122 -9.03 -8.56 5.90
CA ALA A 122 -8.65 -8.60 7.34
C ALA A 122 -7.13 -8.74 7.53
N LEU A 123 -6.47 -9.41 6.56
CA LEU A 123 -5.00 -9.58 6.54
C LEU A 123 -4.30 -8.21 6.53
N VAL A 124 -4.61 -7.41 5.50
CA VAL A 124 -3.97 -6.12 5.26
C VAL A 124 -4.52 -5.04 6.20
N ASP A 125 -5.78 -5.18 6.64
CA ASP A 125 -6.38 -4.27 7.64
C ASP A 125 -5.59 -4.37 8.95
N ALA A 126 -5.21 -5.60 9.30
CA ALA A 126 -4.36 -5.89 10.46
C ALA A 126 -2.96 -5.26 10.28
N LEU A 127 -2.32 -5.58 9.15
CA LEU A 127 -0.94 -5.13 8.82
C LEU A 127 -0.79 -3.59 8.80
N VAL A 128 -1.77 -2.85 8.27
CA VAL A 128 -1.66 -1.38 8.13
C VAL A 128 -2.06 -0.68 9.46
N ASP A 129 -3.22 -1.08 10.00
CA ASP A 129 -3.88 -0.38 11.15
C ASP A 129 -3.18 -0.67 12.49
N SER A 130 -2.47 -1.82 12.59
CA SER A 130 -1.77 -2.23 13.82
C SER A 130 -0.67 -1.22 14.16
N GLN A 131 -0.42 -1.05 15.47
CA GLN A 131 0.22 0.15 16.04
C GLN A 131 1.73 0.17 15.78
N GLU A 132 2.34 -1.02 15.69
CA GLU A 132 3.79 -1.20 15.45
C GLU A 132 4.18 -0.80 14.01
N TYR A 133 3.37 -1.25 13.04
CA TYR A 133 3.62 -0.99 11.60
C TYR A 133 3.20 0.44 11.25
N ALA A 134 2.17 0.90 11.97
CA ALA A 134 1.68 2.27 11.94
C ALA A 134 2.69 3.23 12.60
N ASP A 135 3.53 2.70 13.50
CA ASP A 135 4.62 3.46 14.14
C ASP A 135 5.82 3.60 13.17
N TYR A 136 6.14 2.48 12.46
CA TYR A 136 7.31 2.39 11.56
C TYR A 136 7.28 3.46 10.45
N PHE A 137 6.31 3.31 9.53
CA PHE A 137 6.13 4.24 8.39
C PHE A 137 5.38 5.51 8.81
N GLY A 138 4.65 5.41 9.93
CA GLY A 138 3.75 6.48 10.35
C GLY A 138 2.44 6.42 9.59
N GLU A 139 1.55 7.40 9.84
CA GLU A 139 0.28 7.52 9.10
C GLU A 139 0.51 8.15 7.72
N GLU A 140 1.68 8.77 7.56
CA GLU A 140 1.99 9.69 6.46
C GLU A 140 2.63 8.99 5.27
N THR A 141 3.59 8.08 5.52
CA THR A 141 4.49 7.57 4.48
C THR A 141 3.88 6.37 3.75
N VAL A 142 3.94 6.42 2.41
CA VAL A 142 3.58 5.30 1.54
C VAL A 142 4.60 4.15 1.77
N PRO A 143 4.16 2.90 2.12
CA PRO A 143 5.08 1.77 2.38
C PRO A 143 5.78 1.28 1.08
N TYR A 144 7.08 1.61 0.95
CA TYR A 144 7.92 1.21 -0.21
C TYR A 144 8.54 -0.17 0.05
N LEU A 145 9.33 -0.67 -0.93
CA LEU A 145 10.15 -1.89 -0.76
C LEU A 145 11.37 -1.56 0.11
N ARG A 146 11.13 -1.61 1.43
CA ARG A 146 12.11 -1.21 2.44
C ARG A 146 12.84 -2.45 3.02
N GLY A 147 13.55 -3.16 2.13
CA GLY A 147 14.28 -4.39 2.48
C GLY A 147 15.59 -4.15 3.24
N LEU A 148 15.83 -2.89 3.65
CA LEU A 148 17.02 -2.50 4.44
C LEU A 148 17.02 -3.24 5.80
N GLU A 149 15.89 -3.13 6.49
CA GLU A 149 15.70 -3.71 7.83
C GLU A 149 15.58 -5.25 7.72
N HIS A 150 16.59 -5.96 8.24
CA HIS A 150 16.63 -7.43 8.28
C HIS A 150 17.22 -7.88 9.62
N HIS A 151 16.35 -8.03 10.62
CA HIS A 151 16.75 -8.49 11.97
C HIS A 151 16.80 -10.03 12.00
N HIS A 152 17.59 -10.54 12.96
CA HIS A 152 17.65 -11.98 13.31
C HIS A 152 16.28 -12.44 13.86
N HIS A 153 16.05 -13.76 13.87
CA HIS A 153 14.77 -14.34 14.32
C HIS A 153 15.00 -15.19 15.58
N HIS A 154 15.59 -16.38 15.40
CA HIS A 154 15.86 -17.34 16.49
C HIS A 154 17.35 -17.31 16.83
N HIS A 155 17.66 -17.03 18.12
CA HIS A 155 19.02 -16.77 18.64
C HIS A 155 19.50 -15.37 18.16
N PRO A 1 1.93 -0.36 -23.00
CA PRO A 1 0.51 0.09 -22.84
C PRO A 1 0.13 1.09 -23.95
N GLN A 2 -1.19 1.18 -24.24
CA GLN A 2 -1.76 2.13 -25.23
C GLN A 2 -1.63 3.57 -24.69
N SER A 3 -2.34 3.85 -23.58
CA SER A 3 -2.20 5.12 -22.86
C SER A 3 -1.07 4.97 -21.84
N TYR A 4 0.18 4.92 -22.35
CA TYR A 4 1.37 4.67 -21.54
C TYR A 4 1.60 5.80 -20.53
N PHE A 5 2.03 5.44 -19.31
CA PHE A 5 2.32 6.42 -18.26
C PHE A 5 3.79 6.84 -18.33
N ASN A 6 4.07 8.10 -17.98
CA ASN A 6 5.45 8.63 -17.96
C ASN A 6 6.26 7.90 -16.88
N ALA A 7 7.50 7.54 -17.20
CA ALA A 7 8.40 6.82 -16.28
C ALA A 7 8.94 7.81 -15.23
N ALA A 8 8.10 8.09 -14.21
CA ALA A 8 8.47 8.97 -13.10
C ALA A 8 9.65 8.36 -12.32
N ALA A 9 9.56 7.02 -12.08
CA ALA A 9 10.63 6.21 -11.46
C ALA A 9 10.95 6.64 -10.01
N LYS A 10 10.06 7.47 -9.42
CA LYS A 10 10.23 8.02 -8.08
C LYS A 10 9.49 7.13 -7.07
N ARG A 11 10.19 6.14 -6.55
CA ARG A 11 9.69 5.20 -5.52
C ARG A 11 10.25 5.62 -4.14
N GLN A 12 10.48 6.94 -4.01
CA GLN A 12 11.16 7.57 -2.85
C GLN A 12 10.31 7.51 -1.57
N LYS A 13 10.88 8.04 -0.47
CA LYS A 13 10.16 8.20 0.80
C LYS A 13 9.19 9.39 0.68
N TYR A 14 7.93 9.07 0.40
CA TYR A 14 6.84 10.04 0.35
C TYR A 14 6.08 9.95 1.67
N ALA A 15 5.63 11.10 2.17
CA ALA A 15 4.90 11.19 3.42
C ALA A 15 3.81 12.23 3.27
N MET A 16 2.55 11.81 3.43
CA MET A 16 1.41 12.73 3.44
C MET A 16 1.33 13.40 4.82
N LYS A 17 2.12 14.46 4.94
CA LYS A 17 2.20 15.30 6.13
C LYS A 17 1.02 16.28 6.10
N PRO A 18 0.37 16.57 7.28
CA PRO A 18 -0.73 17.55 7.36
C PRO A 18 -0.32 18.93 6.79
N GLY A 19 -0.88 19.26 5.61
CA GLY A 19 -0.58 20.50 4.91
C GLY A 19 0.49 20.33 3.85
N LEU A 20 0.26 19.39 2.91
CA LEU A 20 1.03 19.27 1.67
C LEU A 20 0.63 20.40 0.69
N SER A 21 1.53 20.72 -0.25
CA SER A 21 1.21 21.62 -1.38
C SER A 21 0.49 20.83 -2.49
N ALA A 22 0.07 21.50 -3.57
CA ALA A 22 -0.71 20.87 -4.66
C ALA A 22 0.11 19.79 -5.38
N LEU A 23 1.37 20.12 -5.71
CA LEU A 23 2.30 19.19 -6.39
C LEU A 23 2.75 18.07 -5.44
N GLU A 24 2.80 18.37 -4.12
CA GLU A 24 3.14 17.37 -3.08
C GLU A 24 2.04 16.32 -2.97
N LYS A 25 0.76 16.78 -2.92
CA LYS A 25 -0.42 15.91 -2.85
C LYS A 25 -0.45 14.96 -4.04
N ASN A 26 -0.28 15.54 -5.24
CA ASN A 26 -0.24 14.80 -6.51
C ASN A 26 0.85 13.70 -6.48
N ALA A 27 2.09 14.11 -6.10
CA ALA A 27 3.27 13.21 -6.04
C ALA A 27 3.05 12.02 -5.09
N VAL A 28 2.46 12.30 -3.91
CA VAL A 28 2.23 11.30 -2.85
C VAL A 28 1.03 10.37 -3.20
N ILE A 29 0.04 10.93 -3.93
CA ILE A 29 -1.13 10.16 -4.43
C ILE A 29 -0.68 9.17 -5.51
N LYS A 30 0.10 9.67 -6.49
CA LYS A 30 0.65 8.85 -7.57
C LYS A 30 1.59 7.79 -7.01
N ALA A 31 2.38 8.17 -5.97
CA ALA A 31 3.28 7.26 -5.24
C ALA A 31 2.48 6.14 -4.55
N ALA A 32 1.32 6.49 -3.98
CA ALA A 32 0.43 5.51 -3.30
C ALA A 32 -0.03 4.44 -4.30
N TYR A 33 -0.21 4.85 -5.57
CA TYR A 33 -0.55 3.92 -6.68
C TYR A 33 0.70 3.14 -7.15
N ARG A 34 1.85 3.85 -7.30
CA ARG A 34 3.15 3.24 -7.73
C ARG A 34 3.59 2.10 -6.81
N GLN A 35 3.26 2.23 -5.51
CA GLN A 35 3.72 1.29 -4.49
C GLN A 35 2.68 0.19 -4.22
N ILE A 36 1.41 0.58 -4.01
CA ILE A 36 0.35 -0.34 -3.50
C ILE A 36 -0.34 -1.10 -4.64
N PHE A 37 -0.63 -0.39 -5.73
CA PHE A 37 -1.20 -1.01 -6.95
C PHE A 37 -0.07 -1.36 -7.93
N GLU A 38 1.14 -0.79 -7.67
CA GLU A 38 2.31 -0.92 -8.54
C GLU A 38 2.01 -0.38 -9.94
N ARG A 39 1.12 0.66 -9.96
CA ARG A 39 0.64 1.36 -11.15
C ARG A 39 -0.13 0.37 -12.06
N ASP A 40 -0.13 0.61 -13.41
CA ASP A 40 -0.89 -0.20 -14.41
C ASP A 40 -2.42 -0.03 -14.25
N ILE A 41 -2.84 0.87 -13.33
CA ILE A 41 -4.25 1.21 -13.12
C ILE A 41 -4.49 2.64 -13.65
N THR A 42 -5.62 2.84 -14.32
CA THR A 42 -5.99 4.14 -14.87
C THR A 42 -6.62 5.02 -13.76
N LYS A 43 -6.58 6.34 -13.98
CA LYS A 43 -7.20 7.34 -13.11
C LYS A 43 -8.72 7.07 -12.98
N ALA A 44 -9.22 7.15 -11.73
CA ALA A 44 -10.65 6.95 -11.41
C ALA A 44 -11.16 5.56 -11.87
N TYR A 45 -10.24 4.55 -11.92
CA TYR A 45 -10.55 3.17 -12.35
C TYR A 45 -11.79 2.60 -11.62
N SER A 46 -11.97 2.98 -10.35
CA SER A 46 -13.15 2.64 -9.55
C SER A 46 -13.64 3.92 -8.83
N GLN A 47 -14.97 4.03 -8.65
CA GLN A 47 -15.59 5.15 -7.90
C GLN A 47 -15.13 5.17 -6.44
N SER A 48 -14.83 3.95 -5.91
CA SER A 48 -14.24 3.76 -4.58
C SER A 48 -12.84 4.42 -4.51
N ILE A 49 -11.96 4.06 -5.48
CA ILE A 49 -10.55 4.52 -5.54
C ILE A 49 -10.47 6.06 -5.62
N SER A 50 -11.31 6.64 -6.50
CA SER A 50 -11.36 8.09 -6.73
C SER A 50 -11.92 8.84 -5.51
N TYR A 51 -12.85 8.19 -4.77
CA TYR A 51 -13.44 8.77 -3.55
C TYR A 51 -12.40 8.83 -2.42
N LEU A 52 -11.73 7.68 -2.19
CA LEU A 52 -10.70 7.52 -1.14
C LEU A 52 -9.53 8.48 -1.39
N GLU A 53 -9.21 8.65 -2.70
CA GLU A 53 -8.20 9.61 -3.17
C GLU A 53 -8.60 11.04 -2.76
N SER A 54 -9.87 11.42 -3.07
CA SER A 54 -10.38 12.78 -2.80
C SER A 54 -10.33 13.12 -1.30
N GLN A 55 -10.61 12.11 -0.45
CA GLN A 55 -10.62 12.25 1.02
C GLN A 55 -9.20 12.59 1.52
N VAL A 56 -8.25 11.71 1.20
CA VAL A 56 -6.87 11.80 1.72
C VAL A 56 -6.12 13.02 1.10
N ARG A 57 -6.49 13.38 -0.13
CA ARG A 57 -5.91 14.51 -0.89
C ARG A 57 -6.38 15.86 -0.27
N ASN A 58 -7.61 15.86 0.25
CA ASN A 58 -8.19 16.98 1.04
C ASN A 58 -7.75 16.90 2.54
N GLY A 59 -6.93 15.87 2.86
CA GLY A 59 -6.42 15.64 4.23
C GLY A 59 -7.47 15.20 5.23
N ASP A 60 -8.63 14.70 4.74
CA ASP A 60 -9.73 14.17 5.57
C ASP A 60 -9.23 12.98 6.40
N ILE A 61 -8.60 12.03 5.69
CA ILE A 61 -7.91 10.88 6.31
C ILE A 61 -6.40 11.00 6.04
N SER A 62 -5.58 10.39 6.91
CA SER A 62 -4.12 10.35 6.74
C SER A 62 -3.73 9.15 5.87
N MET A 63 -2.42 8.97 5.64
CA MET A 63 -1.89 7.92 4.76
C MET A 63 -2.07 6.52 5.38
N LYS A 64 -2.00 6.41 6.73
CA LYS A 64 -2.19 5.12 7.44
C LYS A 64 -3.58 4.54 7.12
N GLU A 65 -4.60 5.42 7.20
CA GLU A 65 -5.98 5.10 6.90
C GLU A 65 -6.15 4.82 5.40
N PHE A 66 -5.45 5.62 4.56
CA PHE A 66 -5.55 5.51 3.09
C PHE A 66 -4.97 4.16 2.59
N VAL A 67 -3.88 3.70 3.22
CA VAL A 67 -3.27 2.39 2.90
C VAL A 67 -4.23 1.25 3.29
N ARG A 68 -4.92 1.43 4.44
CA ARG A 68 -5.98 0.51 4.89
C ARG A 68 -7.12 0.45 3.85
N ARG A 69 -7.53 1.64 3.37
CA ARG A 69 -8.63 1.80 2.41
C ARG A 69 -8.29 1.17 1.06
N LEU A 70 -7.05 1.42 0.56
CA LEU A 70 -6.58 0.91 -0.74
C LEU A 70 -6.40 -0.60 -0.72
N ALA A 71 -5.85 -1.11 0.39
CA ALA A 71 -5.62 -2.54 0.56
C ALA A 71 -6.95 -3.31 0.78
N LYS A 72 -8.00 -2.57 1.19
CA LYS A 72 -9.37 -3.13 1.35
C LYS A 72 -10.26 -2.75 0.13
N SER A 73 -9.72 -1.95 -0.81
CA SER A 73 -10.46 -1.54 -2.04
C SER A 73 -10.81 -2.76 -2.92
N PRO A 74 -12.05 -2.77 -3.54
CA PRO A 74 -12.49 -3.85 -4.46
C PRO A 74 -11.48 -4.07 -5.61
N LEU A 75 -10.89 -2.97 -6.10
CA LEU A 75 -9.91 -3.00 -7.20
C LEU A 75 -8.65 -3.79 -6.82
N TYR A 76 -7.97 -3.36 -5.74
CA TYR A 76 -6.73 -4.01 -5.24
C TYR A 76 -6.96 -5.50 -4.91
N ARG A 77 -8.01 -5.80 -4.13
CA ARG A 77 -8.30 -7.19 -3.68
C ARG A 77 -8.70 -8.09 -4.87
N LYS A 78 -9.15 -7.47 -5.98
CA LYS A 78 -9.44 -8.17 -7.24
C LYS A 78 -8.12 -8.47 -8.00
N GLN A 79 -7.18 -7.50 -7.96
CA GLN A 79 -5.89 -7.59 -8.69
C GLN A 79 -4.90 -8.55 -7.99
N PHE A 80 -4.48 -8.20 -6.77
CA PHE A 80 -3.39 -8.89 -6.04
C PHE A 80 -3.93 -9.87 -4.98
N PHE A 81 -4.94 -10.70 -5.36
CA PHE A 81 -5.51 -11.71 -4.46
C PHE A 81 -6.27 -12.81 -5.23
N GLU A 82 -7.01 -12.44 -6.31
CA GLU A 82 -7.80 -13.43 -7.09
C GLU A 82 -6.88 -14.31 -8.01
N PRO A 83 -6.01 -13.73 -8.94
CA PRO A 83 -5.14 -14.53 -9.81
C PRO A 83 -3.83 -14.96 -9.10
N PHE A 84 -3.67 -14.55 -7.84
CA PHE A 84 -2.48 -14.83 -7.03
C PHE A 84 -2.90 -15.63 -5.78
N ILE A 85 -2.29 -16.82 -5.61
CA ILE A 85 -2.52 -17.70 -4.43
C ILE A 85 -2.35 -16.89 -3.11
N ASN A 86 -3.11 -17.26 -2.05
CA ASN A 86 -3.09 -16.57 -0.72
C ASN A 86 -1.65 -16.39 -0.18
N SER A 87 -0.80 -17.41 -0.39
CA SER A 87 0.63 -17.39 -0.07
C SER A 87 1.36 -16.20 -0.74
N ARG A 88 1.10 -16.01 -2.06
CA ARG A 88 1.66 -14.90 -2.86
C ARG A 88 1.08 -13.55 -2.39
N ALA A 89 -0.26 -13.53 -2.23
CA ALA A 89 -1.04 -12.32 -1.87
C ALA A 89 -0.71 -11.83 -0.45
N LEU A 90 -0.22 -12.77 0.39
CA LEU A 90 0.25 -12.48 1.76
C LEU A 90 1.50 -11.58 1.68
N GLU A 91 2.51 -12.04 0.90
CA GLU A 91 3.76 -11.27 0.69
C GLU A 91 3.44 -9.89 0.09
N LEU A 92 2.49 -9.89 -0.88
CA LEU A 92 2.04 -8.67 -1.56
C LEU A 92 1.43 -7.66 -0.57
N ALA A 93 0.67 -8.15 0.41
CA ALA A 93 0.00 -7.30 1.42
C ALA A 93 1.05 -6.58 2.29
N PHE A 94 2.08 -7.32 2.73
CA PHE A 94 3.23 -6.74 3.48
C PHE A 94 4.07 -5.81 2.58
N ARG A 95 4.10 -6.13 1.28
CA ARG A 95 4.81 -5.35 0.25
C ARG A 95 4.06 -4.03 -0.07
N HIS A 96 2.76 -3.99 0.24
CA HIS A 96 1.90 -2.83 -0.10
C HIS A 96 1.49 -2.03 1.15
N ILE A 97 1.63 -2.63 2.33
CA ILE A 97 1.34 -1.98 3.63
C ILE A 97 2.65 -1.59 4.35
N LEU A 98 3.73 -2.34 4.11
CA LEU A 98 5.05 -2.11 4.76
C LEU A 98 6.19 -1.91 3.73
N GLY A 99 5.99 -2.37 2.48
CA GLY A 99 7.06 -2.39 1.47
C GLY A 99 7.82 -3.73 1.48
N ARG A 100 8.19 -4.16 2.70
CA ARG A 100 8.82 -5.46 3.01
C ARG A 100 8.26 -5.93 4.36
N GLY A 101 8.13 -7.25 4.57
CA GLY A 101 7.46 -7.76 5.78
C GLY A 101 7.96 -9.13 6.26
N PRO A 102 7.64 -10.25 5.51
CA PRO A 102 7.94 -11.64 5.97
C PRO A 102 9.44 -11.85 6.31
N SER A 103 9.74 -11.78 7.62
CA SER A 103 11.09 -12.03 8.17
C SER A 103 11.02 -13.03 9.36
N SER A 104 9.88 -13.75 9.43
CA SER A 104 9.66 -14.84 10.40
C SER A 104 8.58 -15.78 9.84
N ARG A 105 8.82 -17.10 9.93
CA ARG A 105 7.88 -18.12 9.42
C ARG A 105 6.61 -18.14 10.29
N GLU A 106 6.76 -17.84 11.59
CA GLU A 106 5.64 -17.74 12.55
C GLU A 106 4.72 -16.57 12.18
N GLU A 107 5.34 -15.44 11.79
CA GLU A 107 4.63 -14.24 11.29
C GLU A 107 3.81 -14.60 10.04
N VAL A 108 4.45 -15.37 9.13
CA VAL A 108 3.81 -15.89 7.91
C VAL A 108 2.57 -16.73 8.27
N GLN A 109 2.71 -17.70 9.21
CA GLN A 109 1.62 -18.62 9.61
C GLN A 109 0.41 -17.86 10.19
N LYS A 110 0.74 -16.91 11.08
CA LYS A 110 -0.23 -16.11 11.84
C LYS A 110 -1.12 -15.33 10.86
N TYR A 111 -0.46 -14.51 10.04
CA TYR A 111 -1.13 -13.62 9.10
C TYR A 111 -1.73 -14.38 7.88
N PHE A 112 -1.19 -15.59 7.59
CA PHE A 112 -1.71 -16.45 6.50
C PHE A 112 -3.07 -17.03 6.89
N SER A 113 -3.22 -17.38 8.18
CA SER A 113 -4.49 -17.87 8.74
C SER A 113 -5.57 -16.78 8.65
N ILE A 114 -5.14 -15.51 8.80
CA ILE A 114 -6.03 -14.34 8.75
C ILE A 114 -6.49 -14.08 7.29
N VAL A 115 -5.53 -14.08 6.33
CA VAL A 115 -5.82 -13.78 4.91
C VAL A 115 -6.60 -14.93 4.22
N SER A 116 -6.51 -16.14 4.80
CA SER A 116 -7.22 -17.32 4.30
C SER A 116 -8.65 -17.38 4.88
N SER A 117 -8.79 -17.18 6.21
CA SER A 117 -10.09 -17.32 6.90
C SER A 117 -10.90 -16.01 6.79
N GLY A 118 -10.39 -14.92 7.39
CA GLY A 118 -11.06 -13.61 7.41
C GLY A 118 -10.81 -12.78 6.15
N GLY A 119 -10.04 -13.35 5.22
CA GLY A 119 -9.76 -12.72 3.94
C GLY A 119 -8.71 -11.63 4.02
N LEU A 120 -8.51 -10.94 2.89
CA LEU A 120 -7.51 -9.87 2.77
C LEU A 120 -7.83 -8.66 3.69
N PRO A 121 -9.13 -8.09 3.72
CA PRO A 121 -9.52 -6.95 4.63
C PRO A 121 -9.09 -7.16 6.11
N ALA A 122 -9.26 -8.39 6.63
CA ALA A 122 -8.87 -8.74 8.01
C ALA A 122 -7.34 -8.62 8.21
N LEU A 123 -6.58 -9.10 7.19
CA LEU A 123 -5.10 -9.01 7.17
C LEU A 123 -4.63 -7.55 7.13
N VAL A 124 -5.38 -6.71 6.38
CA VAL A 124 -5.09 -5.28 6.20
C VAL A 124 -5.03 -4.57 7.55
N ASP A 125 -6.12 -4.70 8.33
CA ASP A 125 -6.24 -4.08 9.67
C ASP A 125 -5.23 -4.65 10.67
N ALA A 126 -4.96 -5.97 10.56
CA ALA A 126 -3.98 -6.68 11.38
C ALA A 126 -2.56 -6.08 11.23
N LEU A 127 -2.27 -5.54 10.03
CA LEU A 127 -0.98 -4.87 9.74
C LEU A 127 -1.04 -3.35 10.10
N VAL A 128 -1.91 -2.57 9.43
CA VAL A 128 -1.88 -1.07 9.52
C VAL A 128 -2.16 -0.56 10.96
N ASP A 129 -3.18 -1.14 11.61
CA ASP A 129 -3.76 -0.61 12.86
C ASP A 129 -2.91 -1.01 14.09
N SER A 130 -2.16 -2.12 13.95
CA SER A 130 -1.25 -2.59 15.01
C SER A 130 -0.14 -1.54 15.25
N GLN A 131 0.21 -1.33 16.53
CA GLN A 131 0.93 -0.12 17.00
C GLN A 131 2.40 -0.09 16.56
N GLU A 132 2.97 -1.27 16.34
CA GLU A 132 4.35 -1.43 15.86
C GLU A 132 4.46 -0.87 14.44
N TYR A 133 3.52 -1.30 13.58
CA TYR A 133 3.49 -0.91 12.16
C TYR A 133 2.93 0.53 12.03
N ALA A 134 2.09 0.91 13.01
CA ALA A 134 1.48 2.24 13.10
C ALA A 134 2.49 3.28 13.57
N ASP A 135 3.54 2.83 14.30
CA ASP A 135 4.65 3.71 14.74
C ASP A 135 5.73 3.84 13.66
N TYR A 136 6.00 2.71 12.91
CA TYR A 136 7.07 2.66 11.87
C TYR A 136 6.87 3.75 10.80
N PHE A 137 5.71 3.68 10.13
CA PHE A 137 5.34 4.63 9.07
C PHE A 137 4.51 5.79 9.64
N GLY A 138 4.08 5.67 10.91
CA GLY A 138 3.24 6.68 11.54
C GLY A 138 1.88 6.76 10.85
N GLU A 139 1.35 7.98 10.76
CA GLU A 139 0.11 8.28 10.03
C GLU A 139 0.41 8.83 8.62
N GLU A 140 1.67 9.31 8.42
CA GLU A 140 2.04 10.12 7.24
C GLU A 140 2.72 9.29 6.12
N THR A 141 3.65 8.37 6.49
CA THR A 141 4.59 7.80 5.50
C THR A 141 3.91 6.73 4.62
N VAL A 142 4.11 6.86 3.30
CA VAL A 142 3.66 5.89 2.29
C VAL A 142 4.59 4.65 2.35
N PRO A 143 4.04 3.39 2.27
CA PRO A 143 4.85 2.14 2.22
C PRO A 143 5.70 2.05 0.94
N TYR A 144 6.82 2.82 0.93
CA TYR A 144 7.73 2.91 -0.21
C TYR A 144 8.48 1.59 -0.43
N LEU A 145 8.56 1.16 -1.70
CA LEU A 145 9.27 -0.06 -2.09
C LEU A 145 10.79 0.23 -2.13
N ARG A 146 11.40 0.12 -0.92
CA ARG A 146 12.84 0.30 -0.71
C ARG A 146 13.64 -0.82 -1.42
N GLY A 147 14.02 -0.53 -2.68
CA GLY A 147 14.70 -1.50 -3.52
C GLY A 147 13.74 -2.57 -4.03
N LEU A 148 12.97 -2.21 -5.06
CA LEU A 148 12.02 -3.14 -5.71
C LEU A 148 12.85 -4.21 -6.45
N GLU A 149 13.16 -5.31 -5.74
CA GLU A 149 13.89 -6.45 -6.28
C GLU A 149 12.96 -7.27 -7.20
N HIS A 150 13.13 -7.06 -8.51
CA HIS A 150 12.37 -7.78 -9.54
C HIS A 150 13.32 -8.71 -10.32
N HIS A 151 13.10 -10.04 -10.18
CA HIS A 151 13.90 -11.09 -10.84
C HIS A 151 13.36 -11.31 -12.29
N HIS A 152 13.23 -10.20 -13.03
CA HIS A 152 12.72 -10.14 -14.42
C HIS A 152 13.04 -8.75 -15.01
N HIS A 153 12.64 -8.53 -16.27
CA HIS A 153 12.82 -7.23 -16.95
C HIS A 153 11.63 -7.00 -17.91
N HIS A 154 10.41 -7.28 -17.37
CA HIS A 154 9.13 -7.28 -18.10
C HIS A 154 9.06 -8.45 -19.10
N HIS A 155 9.88 -8.39 -20.16
CA HIS A 155 10.01 -9.47 -21.16
C HIS A 155 11.23 -9.19 -22.07
N PRO A 1 19.98 -6.68 -10.16
CA PRO A 1 19.63 -5.24 -10.01
C PRO A 1 18.34 -4.90 -10.79
N GLN A 2 18.37 -5.22 -12.10
CA GLN A 2 17.27 -4.92 -13.06
C GLN A 2 17.07 -3.39 -13.23
N SER A 3 16.07 -3.01 -14.04
CA SER A 3 15.71 -1.60 -14.24
C SER A 3 14.18 -1.50 -14.32
N TYR A 4 13.55 -1.30 -13.15
CA TYR A 4 12.09 -1.10 -13.00
C TYR A 4 11.70 0.27 -13.57
N PHE A 5 10.46 0.37 -14.09
CA PHE A 5 9.94 1.61 -14.65
C PHE A 5 9.70 2.62 -13.51
N ASN A 6 10.28 3.84 -13.66
CA ASN A 6 10.24 4.92 -12.65
C ASN A 6 11.03 4.53 -11.37
N ALA A 7 12.03 3.61 -11.51
CA ALA A 7 12.88 3.18 -10.38
C ALA A 7 13.91 4.26 -10.00
N ALA A 8 13.41 5.28 -9.29
CA ALA A 8 14.20 6.41 -8.82
C ALA A 8 13.37 7.21 -7.81
N ALA A 9 12.42 8.01 -8.34
CA ALA A 9 11.54 8.93 -7.56
C ALA A 9 12.34 10.00 -6.79
N LYS A 10 11.66 11.09 -6.41
CA LYS A 10 12.27 12.14 -5.59
C LYS A 10 12.58 11.61 -4.19
N ARG A 11 11.74 10.66 -3.71
CA ARG A 11 11.87 9.98 -2.40
C ARG A 11 12.07 10.99 -1.26
N GLN A 12 11.35 12.12 -1.36
CA GLN A 12 11.44 13.25 -0.41
C GLN A 12 10.63 12.98 0.89
N LYS A 13 10.42 11.67 1.19
CA LYS A 13 9.54 11.17 2.26
C LYS A 13 8.11 11.66 2.02
N TYR A 14 7.30 10.79 1.43
CA TYR A 14 5.94 11.15 0.99
C TYR A 14 5.01 10.95 2.20
N ALA A 15 4.58 12.05 2.81
CA ALA A 15 3.79 12.04 4.05
C ALA A 15 2.73 13.13 4.01
N MET A 16 1.47 12.76 4.29
CA MET A 16 0.34 13.70 4.36
C MET A 16 0.40 14.51 5.66
N LYS A 17 0.80 15.77 5.52
CA LYS A 17 0.93 16.72 6.62
C LYS A 17 0.37 18.09 6.18
N PRO A 18 -0.50 18.75 7.04
CA PRO A 18 -1.10 20.07 6.72
C PRO A 18 0.00 21.15 6.52
N GLY A 19 0.15 21.59 5.27
CA GLY A 19 1.23 22.48 4.85
C GLY A 19 1.62 22.22 3.41
N LEU A 20 1.49 20.95 2.98
CA LEU A 20 1.78 20.55 1.58
C LEU A 20 0.72 21.13 0.63
N SER A 21 1.20 21.70 -0.50
CA SER A 21 0.34 22.21 -1.58
C SER A 21 -0.38 21.05 -2.31
N ALA A 22 -1.40 21.38 -3.13
CA ALA A 22 -2.22 20.38 -3.84
C ALA A 22 -1.40 19.60 -4.87
N LEU A 23 -0.36 20.25 -5.42
CA LEU A 23 0.60 19.62 -6.34
C LEU A 23 1.53 18.64 -5.57
N GLU A 24 1.89 19.02 -4.33
CA GLU A 24 2.69 18.17 -3.43
C GLU A 24 1.88 16.94 -3.02
N LYS A 25 0.55 17.13 -2.86
CA LYS A 25 -0.39 16.05 -2.56
C LYS A 25 -0.40 15.04 -3.71
N ASN A 26 -0.44 15.55 -4.96
CA ASN A 26 -0.40 14.72 -6.19
C ASN A 26 0.82 13.78 -6.20
N ALA A 27 1.99 14.32 -5.78
CA ALA A 27 3.23 13.54 -5.64
C ALA A 27 3.11 12.41 -4.60
N VAL A 28 2.56 12.74 -3.43
CA VAL A 28 2.42 11.80 -2.30
C VAL A 28 1.36 10.70 -2.59
N ILE A 29 0.29 11.07 -3.33
CA ILE A 29 -0.81 10.15 -3.70
C ILE A 29 -0.38 9.22 -4.85
N LYS A 30 0.40 9.75 -5.80
CA LYS A 30 0.92 8.95 -6.95
C LYS A 30 2.02 7.98 -6.48
N ALA A 31 2.77 8.41 -5.46
CA ALA A 31 3.75 7.56 -4.77
C ALA A 31 3.02 6.44 -3.99
N ALA A 32 1.84 6.78 -3.46
CA ALA A 32 0.97 5.82 -2.79
C ALA A 32 0.39 4.82 -3.82
N TYR A 33 0.06 5.31 -5.04
CA TYR A 33 -0.46 4.45 -6.14
C TYR A 33 0.56 3.37 -6.52
N ARG A 34 1.84 3.79 -6.69
CA ARG A 34 2.95 2.88 -7.06
C ARG A 34 3.40 2.04 -5.85
N GLN A 35 2.96 2.39 -4.63
CA GLN A 35 3.17 1.59 -3.41
C GLN A 35 2.11 0.47 -3.31
N ILE A 36 0.83 0.81 -3.59
CA ILE A 36 -0.32 -0.10 -3.40
C ILE A 36 -0.36 -1.20 -4.47
N PHE A 37 -0.45 -0.78 -5.74
CA PHE A 37 -0.57 -1.73 -6.89
C PHE A 37 0.80 -1.99 -7.57
N GLU A 38 1.89 -1.41 -6.99
CA GLU A 38 3.26 -1.47 -7.53
C GLU A 38 3.29 -0.98 -9.00
N ARG A 39 2.47 0.04 -9.27
CA ARG A 39 2.32 0.66 -10.60
C ARG A 39 1.63 2.01 -10.43
N ASP A 40 2.06 3.02 -11.19
CA ASP A 40 1.45 4.35 -11.19
C ASP A 40 0.08 4.26 -11.89
N ILE A 41 -0.91 3.78 -11.13
CA ILE A 41 -2.27 3.56 -11.64
C ILE A 41 -3.06 4.88 -11.65
N THR A 42 -4.12 4.92 -12.45
CA THR A 42 -4.91 6.15 -12.67
C THR A 42 -6.28 6.05 -11.99
N LYS A 43 -7.04 7.17 -12.05
CA LYS A 43 -8.36 7.29 -11.40
C LYS A 43 -9.41 6.36 -12.03
N ALA A 44 -9.18 5.98 -13.32
CA ALA A 44 -10.04 5.07 -14.10
C ALA A 44 -10.20 3.70 -13.43
N TYR A 45 -9.21 3.32 -12.61
CA TYR A 45 -9.22 2.09 -11.82
C TYR A 45 -10.33 2.17 -10.73
N SER A 46 -11.29 1.25 -10.82
CA SER A 46 -12.44 1.13 -9.91
C SER A 46 -13.30 2.42 -9.88
N GLN A 47 -13.04 3.28 -8.86
CA GLN A 47 -13.86 4.42 -8.46
C GLN A 47 -13.28 4.95 -7.14
N SER A 48 -12.89 3.99 -6.27
CA SER A 48 -12.32 4.24 -4.95
C SER A 48 -11.00 5.03 -5.06
N ILE A 49 -10.26 4.80 -6.15
CA ILE A 49 -8.95 5.43 -6.40
C ILE A 49 -9.05 6.98 -6.37
N SER A 50 -9.99 7.53 -7.15
CA SER A 50 -10.20 8.99 -7.26
C SER A 50 -10.93 9.57 -6.03
N TYR A 51 -11.86 8.76 -5.48
CA TYR A 51 -12.69 9.13 -4.32
C TYR A 51 -11.82 9.35 -3.07
N LEU A 52 -11.07 8.29 -2.71
CA LEU A 52 -10.16 8.27 -1.56
C LEU A 52 -8.98 9.25 -1.77
N GLU A 53 -8.58 9.47 -3.06
CA GLU A 53 -7.60 10.50 -3.45
C GLU A 53 -8.02 11.87 -2.91
N SER A 54 -9.28 12.22 -3.19
CA SER A 54 -9.85 13.52 -2.82
C SER A 54 -9.88 13.71 -1.30
N GLN A 55 -10.22 12.61 -0.58
CA GLN A 55 -10.28 12.61 0.89
C GLN A 55 -8.89 12.83 1.51
N VAL A 56 -7.89 12.03 1.10
CA VAL A 56 -6.52 12.11 1.66
C VAL A 56 -5.80 13.41 1.23
N ARG A 57 -6.23 13.98 0.08
CA ARG A 57 -5.75 15.28 -0.44
C ARG A 57 -6.17 16.44 0.49
N ASN A 58 -7.41 16.36 1.01
CA ASN A 58 -7.95 17.34 1.97
C ASN A 58 -7.56 17.00 3.42
N GLY A 59 -6.91 15.83 3.61
CA GLY A 59 -6.48 15.36 4.92
C GLY A 59 -7.62 14.83 5.81
N ASP A 60 -8.67 14.30 5.16
CA ASP A 60 -9.82 13.64 5.86
C ASP A 60 -9.33 12.37 6.56
N ILE A 61 -8.43 11.64 5.89
CA ILE A 61 -7.82 10.41 6.39
C ILE A 61 -6.29 10.51 6.27
N SER A 62 -5.60 9.80 7.16
CA SER A 62 -4.14 9.66 7.13
C SER A 62 -3.71 8.72 5.98
N MET A 63 -2.41 8.72 5.65
CA MET A 63 -1.85 7.84 4.59
C MET A 63 -1.97 6.36 4.96
N LYS A 64 -1.88 6.05 6.27
CA LYS A 64 -2.07 4.68 6.78
C LYS A 64 -3.52 4.23 6.52
N GLU A 65 -4.46 5.15 6.75
CA GLU A 65 -5.90 4.91 6.55
C GLU A 65 -6.22 4.80 5.05
N PHE A 66 -5.50 5.60 4.23
CA PHE A 66 -5.64 5.59 2.75
C PHE A 66 -5.22 4.22 2.19
N VAL A 67 -4.18 3.62 2.80
CA VAL A 67 -3.71 2.27 2.47
C VAL A 67 -4.79 1.22 2.82
N ARG A 68 -5.40 1.35 4.04
CA ARG A 68 -6.50 0.47 4.49
C ARG A 68 -7.69 0.53 3.51
N ARG A 69 -8.03 1.77 3.10
CA ARG A 69 -9.17 2.04 2.22
C ARG A 69 -8.97 1.42 0.81
N LEU A 70 -7.82 1.73 0.16
CA LEU A 70 -7.50 1.25 -1.21
C LEU A 70 -7.38 -0.28 -1.29
N ALA A 71 -6.69 -0.86 -0.31
CA ALA A 71 -6.36 -2.29 -0.31
C ALA A 71 -7.55 -3.18 0.12
N LYS A 72 -8.54 -2.60 0.80
CA LYS A 72 -9.81 -3.29 1.11
C LYS A 72 -10.91 -2.93 0.10
N SER A 73 -10.55 -2.17 -0.96
CA SER A 73 -11.46 -1.91 -2.10
C SER A 73 -11.59 -3.19 -2.97
N PRO A 74 -12.83 -3.49 -3.51
CA PRO A 74 -13.07 -4.66 -4.39
C PRO A 74 -12.07 -4.82 -5.55
N LEU A 75 -11.47 -3.71 -6.01
CA LEU A 75 -10.44 -3.72 -7.07
C LEU A 75 -9.20 -4.51 -6.64
N TYR A 76 -8.57 -4.07 -5.53
CA TYR A 76 -7.35 -4.69 -4.99
C TYR A 76 -7.58 -6.18 -4.70
N ARG A 77 -8.75 -6.49 -4.10
CA ARG A 77 -9.13 -7.88 -3.82
C ARG A 77 -9.27 -8.70 -5.13
N LYS A 78 -9.85 -8.07 -6.17
CA LYS A 78 -10.15 -8.73 -7.46
C LYS A 78 -8.85 -9.03 -8.25
N GLN A 79 -7.80 -8.24 -7.97
CA GLN A 79 -6.51 -8.37 -8.68
C GLN A 79 -5.45 -9.09 -7.84
N PHE A 80 -5.81 -9.54 -6.62
CA PHE A 80 -4.88 -10.28 -5.72
C PHE A 80 -5.52 -11.57 -5.19
N PHE A 81 -6.65 -11.44 -4.46
CA PHE A 81 -7.27 -12.58 -3.75
C PHE A 81 -8.02 -13.53 -4.70
N GLU A 82 -8.65 -12.99 -5.76
CA GLU A 82 -9.38 -13.81 -6.74
C GLU A 82 -8.45 -14.60 -7.70
N PRO A 83 -7.43 -13.97 -8.40
CA PRO A 83 -6.52 -14.72 -9.31
C PRO A 83 -5.43 -15.55 -8.56
N PHE A 84 -4.93 -15.02 -7.43
CA PHE A 84 -3.87 -15.70 -6.63
C PHE A 84 -4.48 -16.29 -5.34
N ILE A 85 -3.91 -17.42 -4.89
CA ILE A 85 -4.31 -18.07 -3.63
C ILE A 85 -3.97 -17.13 -2.42
N ASN A 86 -4.71 -17.27 -1.30
CA ASN A 86 -4.50 -16.45 -0.08
C ASN A 86 -3.04 -16.51 0.40
N SER A 87 -2.39 -17.68 0.22
CA SER A 87 -0.98 -17.91 0.54
C SER A 87 -0.02 -17.00 -0.27
N ARG A 88 -0.35 -16.74 -1.56
CA ARG A 88 0.48 -15.87 -2.42
C ARG A 88 0.17 -14.39 -2.15
N ALA A 89 -1.15 -14.07 -2.08
CA ALA A 89 -1.63 -12.70 -1.78
C ALA A 89 -1.15 -12.23 -0.39
N LEU A 90 -0.83 -13.22 0.48
CA LEU A 90 -0.23 -13.02 1.80
C LEU A 90 1.19 -12.42 1.70
N GLU A 91 2.06 -13.07 0.88
CA GLU A 91 3.45 -12.62 0.66
C GLU A 91 3.47 -11.23 0.00
N LEU A 92 2.55 -11.05 -0.97
CA LEU A 92 2.37 -9.79 -1.69
C LEU A 92 1.90 -8.67 -0.74
N ALA A 93 1.10 -9.06 0.28
CA ALA A 93 0.60 -8.13 1.31
C ALA A 93 1.73 -7.73 2.28
N PHE A 94 2.60 -8.69 2.65
CA PHE A 94 3.78 -8.39 3.49
C PHE A 94 4.71 -7.39 2.80
N ARG A 95 4.97 -7.63 1.51
CA ARG A 95 5.86 -6.78 0.71
C ARG A 95 5.28 -5.36 0.56
N HIS A 96 3.95 -5.32 0.41
CA HIS A 96 3.15 -4.09 0.35
C HIS A 96 3.29 -3.28 1.67
N ILE A 97 2.72 -3.79 2.77
CA ILE A 97 2.59 -3.03 4.03
C ILE A 97 3.96 -2.84 4.73
N LEU A 98 4.74 -3.93 4.85
CA LEU A 98 5.98 -3.91 5.67
C LEU A 98 7.11 -3.17 4.91
N GLY A 99 6.93 -3.03 3.59
CA GLY A 99 7.89 -2.34 2.72
C GLY A 99 8.96 -3.27 2.18
N ARG A 100 9.21 -4.40 2.87
CA ARG A 100 10.27 -5.36 2.52
C ARG A 100 9.64 -6.62 1.90
N GLY A 101 8.94 -7.38 2.75
CA GLY A 101 8.40 -8.69 2.37
C GLY A 101 8.14 -9.54 3.61
N PRO A 102 7.89 -10.88 3.43
CA PRO A 102 7.81 -11.85 4.56
C PRO A 102 9.13 -11.86 5.37
N SER A 103 9.13 -11.09 6.47
CA SER A 103 10.30 -10.85 7.32
C SER A 103 10.59 -12.05 8.24
N SER A 104 9.54 -12.83 8.55
CA SER A 104 9.65 -14.07 9.36
C SER A 104 8.59 -15.09 8.89
N ARG A 105 8.93 -16.38 8.94
CA ARG A 105 8.05 -17.48 8.47
C ARG A 105 6.89 -17.73 9.45
N GLU A 106 7.16 -17.57 10.76
CA GLU A 106 6.13 -17.70 11.82
C GLU A 106 5.14 -16.52 11.73
N GLU A 107 5.63 -15.38 11.22
CA GLU A 107 4.81 -14.20 10.88
C GLU A 107 3.87 -14.53 9.70
N VAL A 108 4.42 -15.22 8.68
CA VAL A 108 3.67 -15.68 7.50
C VAL A 108 2.49 -16.57 7.91
N GLN A 109 2.79 -17.56 8.78
CA GLN A 109 1.82 -18.54 9.28
C GLN A 109 0.72 -17.85 10.15
N LYS A 110 1.17 -16.88 10.97
CA LYS A 110 0.29 -16.08 11.85
C LYS A 110 -0.81 -15.35 11.05
N TYR A 111 -0.37 -14.60 10.03
CA TYR A 111 -1.25 -13.79 9.19
C TYR A 111 -1.94 -14.65 8.12
N PHE A 112 -1.40 -15.86 7.86
CA PHE A 112 -2.05 -16.84 6.96
C PHE A 112 -3.41 -17.25 7.54
N SER A 113 -3.45 -17.44 8.87
CA SER A 113 -4.70 -17.73 9.59
C SER A 113 -5.76 -16.62 9.36
N ILE A 114 -5.29 -15.36 9.39
CA ILE A 114 -6.16 -14.17 9.26
C ILE A 114 -6.75 -14.06 7.82
N VAL A 115 -5.92 -14.32 6.79
CA VAL A 115 -6.35 -14.24 5.38
C VAL A 115 -7.22 -15.46 4.97
N SER A 116 -7.13 -16.56 5.75
CA SER A 116 -7.99 -17.74 5.56
C SER A 116 -9.33 -17.60 6.30
N SER A 117 -9.36 -16.79 7.38
CA SER A 117 -10.55 -16.60 8.22
C SER A 117 -11.44 -15.46 7.69
N GLY A 118 -10.89 -14.24 7.61
CA GLY A 118 -11.65 -13.05 7.21
C GLY A 118 -11.27 -12.51 5.84
N GLY A 119 -10.43 -13.26 5.11
CA GLY A 119 -10.02 -12.89 3.75
C GLY A 119 -8.91 -11.87 3.68
N LEU A 120 -8.71 -11.32 2.47
CA LEU A 120 -7.66 -10.34 2.16
C LEU A 120 -7.88 -9.00 2.91
N PRO A 121 -9.15 -8.40 2.94
CA PRO A 121 -9.42 -7.16 3.72
C PRO A 121 -9.02 -7.26 5.21
N ALA A 122 -9.32 -8.41 5.82
CA ALA A 122 -8.98 -8.66 7.24
C ALA A 122 -7.45 -8.76 7.43
N LEU A 123 -6.78 -9.44 6.48
CA LEU A 123 -5.32 -9.57 6.46
C LEU A 123 -4.63 -8.20 6.44
N VAL A 124 -4.97 -7.42 5.41
CA VAL A 124 -4.32 -6.15 5.13
C VAL A 124 -4.58 -5.15 6.25
N ASP A 125 -5.83 -5.13 6.77
CA ASP A 125 -6.22 -4.21 7.87
C ASP A 125 -5.39 -4.53 9.14
N ALA A 126 -5.20 -5.83 9.40
CA ALA A 126 -4.40 -6.33 10.53
C ALA A 126 -2.92 -5.93 10.40
N LEU A 127 -2.44 -5.84 9.14
CA LEU A 127 -1.05 -5.46 8.83
C LEU A 127 -0.85 -3.94 8.97
N VAL A 128 -1.71 -3.15 8.31
CA VAL A 128 -1.57 -1.69 8.20
C VAL A 128 -1.75 -1.01 9.57
N ASP A 129 -2.86 -1.38 10.24
CA ASP A 129 -3.30 -0.72 11.48
C ASP A 129 -2.56 -1.27 12.74
N SER A 130 -1.73 -2.32 12.55
CA SER A 130 -0.84 -2.85 13.60
C SER A 130 0.11 -1.76 14.11
N GLN A 131 0.41 -1.80 15.43
CA GLN A 131 1.17 -0.74 16.11
C GLN A 131 2.67 -0.89 15.85
N GLU A 132 3.11 -2.10 15.44
CA GLU A 132 4.49 -2.35 15.01
C GLU A 132 4.82 -1.55 13.74
N TYR A 133 3.91 -1.66 12.77
CA TYR A 133 4.08 -1.10 11.43
C TYR A 133 3.65 0.39 11.40
N ALA A 134 2.80 0.76 12.39
CA ALA A 134 2.43 2.15 12.65
C ALA A 134 3.56 2.88 13.41
N ASP A 135 4.42 2.11 14.10
CA ASP A 135 5.63 2.64 14.77
C ASP A 135 6.71 2.95 13.71
N TYR A 136 6.86 2.03 12.74
CA TYR A 136 7.90 2.14 11.69
C TYR A 136 7.64 3.33 10.75
N PHE A 137 6.58 3.24 9.95
CA PHE A 137 6.26 4.24 8.91
C PHE A 137 5.43 5.39 9.49
N GLY A 138 4.48 5.04 10.36
CA GLY A 138 3.57 6.03 10.95
C GLY A 138 2.26 6.17 10.19
N GLU A 139 1.33 6.94 10.77
CA GLU A 139 0.02 7.20 10.16
C GLU A 139 0.14 8.20 9.00
N GLU A 140 1.11 9.12 9.09
CA GLU A 140 1.26 10.24 8.16
C GLU A 140 1.99 9.83 6.88
N THR A 141 2.97 8.94 7.00
CA THR A 141 3.87 8.58 5.90
C THR A 141 3.36 7.36 5.12
N VAL A 142 3.58 7.39 3.79
CA VAL A 142 3.35 6.25 2.88
C VAL A 142 4.40 5.16 3.20
N PRO A 143 3.99 3.87 3.37
CA PRO A 143 4.94 2.73 3.55
C PRO A 143 5.74 2.41 2.26
N TYR A 144 6.58 3.38 1.82
CA TYR A 144 7.33 3.31 0.54
C TYR A 144 8.19 2.04 0.48
N LEU A 145 8.11 1.34 -0.66
CA LEU A 145 8.73 0.02 -0.89
C LEU A 145 10.27 0.12 -0.81
N ARG A 146 10.80 -0.16 0.39
CA ARG A 146 12.24 -0.12 0.68
C ARG A 146 12.95 -1.36 0.13
N GLY A 147 12.33 -2.53 0.38
CA GLY A 147 12.93 -3.82 0.04
C GLY A 147 14.16 -4.09 0.90
N LEU A 148 15.26 -4.48 0.25
CA LEU A 148 16.57 -4.60 0.90
C LEU A 148 17.35 -3.33 0.58
N GLU A 149 17.48 -2.41 1.55
CA GLU A 149 18.31 -1.22 1.39
C GLU A 149 19.79 -1.59 1.56
N HIS A 150 20.63 -1.05 0.68
CA HIS A 150 22.08 -1.04 0.87
C HIS A 150 22.42 0.39 1.25
N HIS A 151 23.03 0.60 2.44
CA HIS A 151 23.32 1.94 2.97
C HIS A 151 24.33 2.65 2.05
N HIS A 152 23.78 3.33 1.05
CA HIS A 152 24.51 4.02 0.00
C HIS A 152 24.90 5.41 0.51
N HIS A 153 26.17 5.55 0.92
CA HIS A 153 26.71 6.84 1.37
C HIS A 153 26.68 7.86 0.21
N HIS A 154 25.67 8.75 0.27
CA HIS A 154 25.34 9.76 -0.78
C HIS A 154 24.69 9.09 -2.01
N HIS A 155 23.58 9.68 -2.49
CA HIS A 155 22.91 9.25 -3.74
C HIS A 155 23.73 9.74 -4.96
N PRO A 1 1.17 24.06 -15.01
CA PRO A 1 2.04 22.94 -14.56
C PRO A 1 2.95 22.48 -15.71
N GLN A 2 4.07 21.84 -15.35
CA GLN A 2 5.03 21.29 -16.31
C GLN A 2 4.99 19.76 -16.23
N SER A 3 4.86 19.11 -17.40
CA SER A 3 4.85 17.65 -17.52
C SER A 3 6.28 17.08 -17.35
N TYR A 4 6.61 16.65 -16.11
CA TYR A 4 7.86 15.95 -15.81
C TYR A 4 7.68 14.45 -16.06
N PHE A 5 8.70 13.84 -16.67
CA PHE A 5 8.72 12.40 -16.97
C PHE A 5 8.78 11.56 -15.68
N ASN A 6 8.31 10.31 -15.76
CA ASN A 6 8.27 9.38 -14.62
C ASN A 6 9.63 8.67 -14.50
N ALA A 7 10.54 9.31 -13.75
CA ALA A 7 11.93 8.85 -13.59
C ALA A 7 12.04 7.70 -12.58
N ALA A 8 13.20 7.01 -12.61
CA ALA A 8 13.62 6.09 -11.53
C ALA A 8 14.33 6.93 -10.45
N ALA A 9 13.55 7.87 -9.90
CA ALA A 9 14.04 8.87 -8.94
C ALA A 9 14.33 8.20 -7.59
N LYS A 10 15.53 8.48 -7.05
CA LYS A 10 15.97 8.00 -5.73
C LYS A 10 15.00 8.50 -4.66
N ARG A 11 14.52 7.57 -3.82
CA ARG A 11 13.37 7.80 -2.94
C ARG A 11 13.60 8.91 -1.91
N GLN A 12 13.15 10.11 -2.28
CA GLN A 12 12.78 11.12 -1.29
C GLN A 12 11.49 10.61 -0.64
N LYS A 13 11.51 10.45 0.69
CA LYS A 13 10.44 9.76 1.42
C LYS A 13 9.13 10.52 1.29
N TYR A 14 8.08 9.83 0.81
CA TYR A 14 6.78 10.45 0.49
C TYR A 14 5.87 10.34 1.72
N ALA A 15 6.06 11.29 2.64
CA ALA A 15 5.24 11.43 3.84
C ALA A 15 4.23 12.55 3.62
N MET A 16 2.92 12.22 3.69
CA MET A 16 1.86 13.23 3.67
C MET A 16 1.89 13.97 5.01
N LYS A 17 2.57 15.09 5.01
CA LYS A 17 2.71 15.97 6.16
C LYS A 17 1.55 16.99 6.12
N PRO A 18 0.91 17.32 7.29
CA PRO A 18 -0.22 18.29 7.36
C PRO A 18 0.07 19.62 6.64
N GLY A 19 1.33 20.09 6.75
CA GLY A 19 1.76 21.36 6.15
C GLY A 19 2.24 21.25 4.70
N LEU A 20 1.68 20.29 3.93
CA LEU A 20 1.88 20.20 2.47
C LEU A 20 0.67 20.82 1.75
N SER A 21 0.94 21.45 0.60
CA SER A 21 -0.11 21.96 -0.30
C SER A 21 -0.70 20.82 -1.15
N ALA A 22 -1.66 21.16 -2.03
CA ALA A 22 -2.40 20.19 -2.84
C ALA A 22 -1.46 19.39 -3.77
N LEU A 23 -0.50 20.11 -4.37
CA LEU A 23 0.43 19.56 -5.37
C LEU A 23 1.37 18.51 -4.75
N GLU A 24 1.98 18.85 -3.60
CA GLU A 24 2.92 17.95 -2.88
C GLU A 24 2.19 16.69 -2.39
N LYS A 25 0.95 16.89 -1.93
CA LYS A 25 0.10 15.79 -1.46
C LYS A 25 -0.24 14.85 -2.62
N ASN A 26 -0.57 15.41 -3.80
CA ASN A 26 -0.92 14.62 -5.02
C ASN A 26 0.26 13.75 -5.48
N ALA A 27 1.49 14.27 -5.32
CA ALA A 27 2.73 13.50 -5.57
C ALA A 27 2.80 12.26 -4.64
N VAL A 28 2.50 12.50 -3.35
CA VAL A 28 2.50 11.44 -2.31
C VAL A 28 1.31 10.44 -2.52
N ILE A 29 0.16 10.96 -3.00
CA ILE A 29 -1.08 10.19 -3.21
C ILE A 29 -0.91 9.20 -4.37
N LYS A 30 -0.39 9.68 -5.50
CA LYS A 30 -0.24 8.86 -6.72
C LYS A 30 0.97 7.92 -6.61
N ALA A 31 1.98 8.33 -5.82
CA ALA A 31 3.10 7.46 -5.43
C ALA A 31 2.58 6.29 -4.57
N ALA A 32 1.54 6.58 -3.76
CA ALA A 32 0.88 5.55 -2.93
C ALA A 32 0.21 4.52 -3.83
N TYR A 33 -0.63 4.98 -4.79
CA TYR A 33 -1.32 4.09 -5.75
C TYR A 33 -0.36 3.12 -6.45
N ARG A 34 0.80 3.64 -6.88
CA ARG A 34 1.79 2.86 -7.65
C ARG A 34 2.75 2.04 -6.76
N GLN A 35 2.72 2.24 -5.42
CA GLN A 35 3.43 1.35 -4.46
C GLN A 35 2.46 0.35 -3.78
N ILE A 36 1.14 0.64 -3.89
CA ILE A 36 0.08 -0.22 -3.32
C ILE A 36 -0.38 -1.27 -4.34
N PHE A 37 -0.98 -0.78 -5.45
CA PHE A 37 -1.50 -1.66 -6.52
C PHE A 37 -0.36 -2.16 -7.43
N GLU A 38 0.84 -1.53 -7.31
CA GLU A 38 2.00 -1.81 -8.20
C GLU A 38 1.67 -1.49 -9.67
N ARG A 39 0.75 -0.54 -9.84
CA ARG A 39 0.24 -0.11 -11.15
C ARG A 39 0.27 1.42 -11.19
N ASP A 40 0.90 1.99 -12.22
CA ASP A 40 0.86 3.44 -12.47
C ASP A 40 -0.48 3.75 -13.19
N ILE A 41 -1.57 3.62 -12.42
CA ILE A 41 -2.96 3.69 -12.94
C ILE A 41 -3.30 5.09 -13.49
N THR A 42 -4.05 5.12 -14.60
CA THR A 42 -4.36 6.35 -15.35
C THR A 42 -5.49 6.09 -16.38
N LYS A 43 -5.80 7.13 -17.21
CA LYS A 43 -6.81 7.08 -18.30
C LYS A 43 -8.23 6.83 -17.74
N ALA A 44 -8.55 5.53 -17.54
CA ALA A 44 -9.87 5.08 -17.09
C ALA A 44 -9.98 5.18 -15.57
N TYR A 45 -8.93 4.73 -14.87
CA TYR A 45 -8.95 4.57 -13.41
C TYR A 45 -8.82 5.95 -12.74
N SER A 46 -9.96 6.56 -12.36
CA SER A 46 -9.96 7.85 -11.64
C SER A 46 -11.29 8.12 -10.91
N GLN A 47 -12.21 7.13 -10.88
CA GLN A 47 -13.54 7.30 -10.24
C GLN A 47 -13.39 7.35 -8.70
N SER A 48 -13.24 6.16 -8.08
CA SER A 48 -12.98 6.01 -6.64
C SER A 48 -11.63 6.65 -6.26
N ILE A 49 -10.75 6.80 -7.26
CA ILE A 49 -9.39 7.35 -7.11
C ILE A 49 -9.40 8.86 -6.86
N SER A 50 -10.27 9.62 -7.58
CA SER A 50 -10.41 11.08 -7.35
C SER A 50 -11.18 11.35 -6.05
N TYR A 51 -12.11 10.44 -5.73
CA TYR A 51 -12.86 10.44 -4.47
C TYR A 51 -11.89 10.34 -3.26
N LEU A 52 -11.17 9.21 -3.18
CA LEU A 52 -10.18 8.92 -2.12
C LEU A 52 -9.01 9.93 -2.09
N GLU A 53 -8.62 10.44 -3.28
CA GLU A 53 -7.57 11.47 -3.42
C GLU A 53 -7.92 12.72 -2.63
N SER A 54 -9.12 13.28 -2.91
CA SER A 54 -9.57 14.54 -2.33
C SER A 54 -9.79 14.40 -0.82
N GLN A 55 -10.20 13.18 -0.39
CA GLN A 55 -10.41 12.87 1.04
C GLN A 55 -9.10 12.94 1.82
N VAL A 56 -8.09 12.18 1.40
CA VAL A 56 -6.81 12.10 2.12
C VAL A 56 -6.02 13.43 2.01
N ARG A 57 -6.22 14.16 0.89
CA ARG A 57 -5.60 15.48 0.66
C ARG A 57 -6.22 16.56 1.57
N ASN A 58 -7.54 16.43 1.83
CA ASN A 58 -8.31 17.35 2.70
C ASN A 58 -8.29 16.85 4.18
N GLY A 59 -7.69 15.66 4.39
CA GLY A 59 -7.50 15.09 5.72
C GLY A 59 -8.78 14.55 6.37
N ASP A 60 -9.69 14.03 5.52
CA ASP A 60 -10.88 13.29 5.97
C ASP A 60 -10.43 11.95 6.58
N ILE A 61 -9.53 11.28 5.85
CA ILE A 61 -8.85 10.05 6.28
C ILE A 61 -7.34 10.31 6.32
N SER A 62 -6.63 9.66 7.27
CA SER A 62 -5.16 9.74 7.36
C SER A 62 -4.53 8.96 6.19
N MET A 63 -3.25 9.27 5.88
CA MET A 63 -2.56 8.68 4.72
C MET A 63 -2.44 7.15 4.86
N LYS A 64 -2.18 6.68 6.09
CA LYS A 64 -2.10 5.24 6.41
C LYS A 64 -3.49 4.56 6.29
N GLU A 65 -4.55 5.27 6.72
CA GLU A 65 -5.94 4.78 6.66
C GLU A 65 -6.34 4.62 5.17
N PHE A 66 -5.88 5.58 4.36
CA PHE A 66 -6.04 5.63 2.90
C PHE A 66 -5.34 4.43 2.23
N VAL A 67 -4.13 4.08 2.73
CA VAL A 67 -3.37 2.91 2.26
C VAL A 67 -4.14 1.60 2.53
N ARG A 68 -4.78 1.54 3.72
CA ARG A 68 -5.61 0.38 4.13
C ARG A 68 -6.83 0.25 3.20
N ARG A 69 -7.49 1.39 2.92
CA ARG A 69 -8.68 1.45 2.07
C ARG A 69 -8.37 0.99 0.63
N LEU A 70 -7.18 1.40 0.13
CA LEU A 70 -6.71 1.01 -1.21
C LEU A 70 -6.36 -0.48 -1.29
N ALA A 71 -5.78 -1.00 -0.20
CA ALA A 71 -5.44 -2.43 -0.08
C ALA A 71 -6.71 -3.31 0.07
N LYS A 72 -7.84 -2.67 0.40
CA LYS A 72 -9.15 -3.34 0.46
C LYS A 72 -10.03 -2.97 -0.76
N SER A 73 -9.57 -2.00 -1.59
CA SER A 73 -10.32 -1.52 -2.77
C SER A 73 -10.56 -2.68 -3.77
N PRO A 74 -11.74 -2.69 -4.50
CA PRO A 74 -12.09 -3.78 -5.46
C PRO A 74 -10.98 -4.16 -6.45
N LEU A 75 -10.08 -3.22 -6.79
CA LEU A 75 -8.97 -3.46 -7.73
C LEU A 75 -7.86 -4.33 -7.09
N TYR A 76 -7.56 -4.04 -5.80
CA TYR A 76 -6.56 -4.82 -5.02
C TYR A 76 -7.18 -6.16 -4.57
N ARG A 77 -8.51 -6.19 -4.35
CA ARG A 77 -9.22 -7.36 -3.78
C ARG A 77 -9.51 -8.43 -4.84
N LYS A 78 -10.02 -7.97 -6.01
CA LYS A 78 -10.36 -8.84 -7.16
C LYS A 78 -9.08 -9.46 -7.76
N GLN A 79 -7.96 -8.72 -7.66
CA GLN A 79 -6.63 -9.21 -8.02
C GLN A 79 -5.87 -9.56 -6.72
N PHE A 80 -4.53 -9.84 -6.84
CA PHE A 80 -3.64 -10.15 -5.69
C PHE A 80 -4.03 -11.44 -4.94
N PHE A 81 -5.13 -11.38 -4.16
CA PHE A 81 -5.60 -12.54 -3.38
C PHE A 81 -6.45 -13.47 -4.24
N GLU A 82 -7.55 -12.93 -4.80
CA GLU A 82 -8.65 -13.71 -5.40
C GLU A 82 -8.15 -14.71 -6.50
N PRO A 83 -7.34 -14.29 -7.54
CA PRO A 83 -6.87 -15.20 -8.60
C PRO A 83 -5.49 -15.85 -8.31
N PHE A 84 -5.04 -15.80 -7.04
CA PHE A 84 -3.78 -16.44 -6.58
C PHE A 84 -4.04 -17.26 -5.30
N ILE A 85 -3.05 -18.04 -4.88
CA ILE A 85 -3.12 -18.86 -3.64
C ILE A 85 -2.82 -18.00 -2.39
N ASN A 86 -3.17 -18.54 -1.20
CA ASN A 86 -3.08 -17.80 0.08
C ASN A 86 -1.64 -17.37 0.39
N SER A 87 -0.68 -18.30 0.23
CA SER A 87 0.75 -18.06 0.49
C SER A 87 1.32 -16.93 -0.40
N ARG A 88 0.93 -16.93 -1.70
CA ARG A 88 1.35 -15.89 -2.67
C ARG A 88 0.79 -14.52 -2.26
N ALA A 89 -0.53 -14.47 -2.03
CA ALA A 89 -1.27 -13.25 -1.66
C ALA A 89 -0.76 -12.64 -0.34
N LEU A 90 -0.40 -13.54 0.58
CA LEU A 90 0.15 -13.17 1.89
C LEU A 90 1.52 -12.49 1.73
N GLU A 91 2.35 -13.08 0.85
CA GLU A 91 3.69 -12.55 0.51
C GLU A 91 3.57 -11.16 -0.13
N LEU A 92 2.59 -11.02 -1.07
CA LEU A 92 2.26 -9.75 -1.74
C LEU A 92 1.84 -8.66 -0.74
N ALA A 93 1.05 -9.07 0.26
CA ALA A 93 0.50 -8.16 1.27
C ALA A 93 1.57 -7.68 2.24
N PHE A 94 2.53 -8.56 2.58
CA PHE A 94 3.69 -8.19 3.41
C PHE A 94 4.63 -7.26 2.63
N ARG A 95 4.91 -7.62 1.37
CA ARG A 95 5.80 -6.83 0.47
C ARG A 95 5.31 -5.37 0.40
N HIS A 96 4.00 -5.24 0.21
CA HIS A 96 3.31 -3.95 0.16
C HIS A 96 3.29 -3.24 1.53
N ILE A 97 2.58 -3.82 2.51
CA ILE A 97 2.19 -3.12 3.76
C ILE A 97 3.38 -2.92 4.71
N LEU A 98 4.28 -3.91 4.78
CA LEU A 98 5.50 -3.81 5.61
C LEU A 98 6.58 -3.00 4.88
N GLY A 99 6.35 -2.73 3.58
CA GLY A 99 7.27 -1.95 2.75
C GLY A 99 8.48 -2.73 2.28
N ARG A 100 8.41 -4.07 2.42
CA ARG A 100 9.43 -5.01 1.91
C ARG A 100 8.94 -6.45 2.12
N GLY A 101 9.58 -7.41 1.44
CA GLY A 101 9.18 -8.80 1.45
C GLY A 101 9.28 -9.46 2.83
N PRO A 102 8.38 -10.45 3.16
CA PRO A 102 8.34 -11.12 4.48
C PRO A 102 9.67 -11.82 4.85
N SER A 103 10.33 -11.31 5.90
CA SER A 103 11.60 -11.86 6.41
C SER A 103 11.40 -12.53 7.79
N SER A 104 10.18 -12.45 8.33
CA SER A 104 9.85 -12.94 9.69
C SER A 104 8.94 -14.19 9.58
N ARG A 105 9.48 -15.34 10.01
CA ARG A 105 8.86 -16.68 9.84
C ARG A 105 7.50 -16.76 10.58
N GLU A 106 7.52 -16.40 11.89
CA GLU A 106 6.33 -16.46 12.77
C GLU A 106 5.26 -15.47 12.28
N GLU A 107 5.71 -14.30 11.77
CA GLU A 107 4.82 -13.24 11.25
C GLU A 107 3.95 -13.77 10.10
N VAL A 108 4.58 -14.56 9.21
CA VAL A 108 3.92 -15.23 8.08
C VAL A 108 2.83 -16.19 8.59
N GLN A 109 3.19 -17.06 9.55
CA GLN A 109 2.28 -18.08 10.13
C GLN A 109 1.05 -17.43 10.83
N LYS A 110 1.35 -16.39 11.61
CA LYS A 110 0.38 -15.57 12.36
C LYS A 110 -0.71 -15.01 11.40
N TYR A 111 -0.26 -14.33 10.35
CA TYR A 111 -1.14 -13.68 9.38
C TYR A 111 -1.69 -14.68 8.33
N PHE A 112 -1.07 -15.87 8.23
CA PHE A 112 -1.56 -16.95 7.34
C PHE A 112 -2.91 -17.44 7.87
N SER A 113 -3.03 -17.53 9.20
CA SER A 113 -4.29 -17.85 9.88
C SER A 113 -5.38 -16.80 9.58
N ILE A 114 -4.98 -15.51 9.62
CA ILE A 114 -5.90 -14.37 9.48
C ILE A 114 -6.43 -14.23 8.03
N VAL A 115 -5.54 -14.42 7.04
CA VAL A 115 -5.92 -14.36 5.61
C VAL A 115 -6.76 -15.60 5.21
N SER A 116 -6.52 -16.73 5.90
CA SER A 116 -7.26 -17.98 5.67
C SER A 116 -8.69 -17.89 6.24
N SER A 117 -8.85 -17.11 7.33
CA SER A 117 -10.14 -16.97 8.03
C SER A 117 -11.04 -15.92 7.33
N GLY A 118 -10.60 -14.64 7.32
CA GLY A 118 -11.43 -13.53 6.84
C GLY A 118 -11.03 -13.01 5.47
N GLY A 119 -10.18 -13.77 4.75
CA GLY A 119 -9.72 -13.39 3.40
C GLY A 119 -8.72 -12.25 3.42
N LEU A 120 -8.62 -11.54 2.29
CA LEU A 120 -7.68 -10.43 2.10
C LEU A 120 -8.02 -9.19 2.99
N PRO A 121 -9.32 -8.67 3.03
CA PRO A 121 -9.67 -7.47 3.82
C PRO A 121 -9.27 -7.59 5.31
N ALA A 122 -9.48 -8.80 5.88
CA ALA A 122 -9.14 -9.09 7.29
C ALA A 122 -7.62 -9.07 7.50
N LEU A 123 -6.87 -9.57 6.50
CA LEU A 123 -5.40 -9.54 6.50
C LEU A 123 -4.88 -8.08 6.53
N VAL A 124 -5.52 -7.23 5.70
CA VAL A 124 -5.15 -5.82 5.55
C VAL A 124 -5.37 -5.03 6.85
N ASP A 125 -6.54 -5.22 7.49
CA ASP A 125 -6.86 -4.54 8.76
C ASP A 125 -5.89 -4.98 9.88
N ALA A 126 -5.64 -6.30 9.95
CA ALA A 126 -4.78 -6.90 10.99
C ALA A 126 -3.31 -6.42 10.85
N LEU A 127 -2.89 -6.09 9.62
CA LEU A 127 -1.55 -5.55 9.32
C LEU A 127 -1.50 -4.03 9.58
N VAL A 128 -2.30 -3.26 8.81
CA VAL A 128 -2.21 -1.78 8.76
C VAL A 128 -2.72 -1.13 10.06
N ASP A 129 -3.93 -1.54 10.49
CA ASP A 129 -4.66 -0.92 11.62
C ASP A 129 -3.99 -1.24 12.98
N SER A 130 -3.20 -2.33 13.01
CA SER A 130 -2.40 -2.72 14.19
C SER A 130 -1.34 -1.64 14.49
N GLN A 131 -0.97 -1.51 15.78
CA GLN A 131 -0.36 -0.28 16.32
C GLN A 131 1.14 -0.21 15.98
N GLU A 132 1.85 -1.35 16.03
CA GLU A 132 3.32 -1.39 15.81
C GLU A 132 3.66 -1.10 14.34
N TYR A 133 2.77 -1.58 13.46
CA TYR A 133 2.89 -1.42 12.00
C TYR A 133 2.46 0.00 11.62
N ALA A 134 1.46 0.49 12.39
CA ALA A 134 1.00 1.89 12.33
C ALA A 134 2.14 2.84 12.67
N ASP A 135 2.92 2.48 13.71
CA ASP A 135 3.97 3.33 14.27
C ASP A 135 5.21 3.37 13.36
N TYR A 136 5.50 2.24 12.68
CA TYR A 136 6.71 2.07 11.86
C TYR A 136 6.83 3.17 10.76
N PHE A 137 5.86 3.20 9.83
CA PHE A 137 5.78 4.27 8.80
C PHE A 137 5.05 5.51 9.34
N GLY A 138 4.49 5.41 10.56
CA GLY A 138 3.60 6.46 11.08
C GLY A 138 2.30 6.50 10.30
N GLU A 139 1.53 7.59 10.42
CA GLU A 139 0.33 7.80 9.60
C GLU A 139 0.69 8.50 8.29
N GLU A 140 1.90 9.12 8.25
CA GLU A 140 2.34 10.02 7.17
C GLU A 140 2.91 9.27 5.96
N THR A 141 3.85 8.35 6.22
CA THR A 141 4.73 7.79 5.18
C THR A 141 4.04 6.65 4.42
N VAL A 142 4.17 6.69 3.08
CA VAL A 142 3.74 5.61 2.18
C VAL A 142 4.65 4.37 2.40
N PRO A 143 4.07 3.14 2.54
CA PRO A 143 4.87 1.89 2.57
C PRO A 143 5.53 1.63 1.18
N TYR A 144 6.69 2.28 0.97
CA TYR A 144 7.47 2.18 -0.27
C TYR A 144 8.25 0.85 -0.30
N LEU A 145 8.26 0.22 -1.47
CA LEU A 145 8.74 -1.16 -1.68
C LEU A 145 10.28 -1.23 -1.67
N ARG A 146 10.84 -1.24 -0.46
CA ARG A 146 12.30 -1.38 -0.21
C ARG A 146 12.79 -2.73 -0.78
N GLY A 147 13.18 -2.70 -2.06
CA GLY A 147 13.58 -3.89 -2.80
C GLY A 147 13.82 -3.52 -4.24
N LEU A 148 15.06 -3.72 -4.72
CA LEU A 148 15.49 -3.31 -6.06
C LEU A 148 15.24 -4.46 -7.06
N GLU A 149 15.63 -4.22 -8.32
CA GLU A 149 15.41 -5.13 -9.47
C GLU A 149 13.93 -5.51 -9.65
N HIS A 150 13.06 -4.51 -9.51
CA HIS A 150 11.64 -4.61 -9.88
C HIS A 150 11.30 -3.27 -10.56
N HIS A 151 11.55 -3.22 -11.89
CA HIS A 151 11.54 -1.95 -12.66
C HIS A 151 10.11 -1.39 -12.80
N HIS A 152 9.76 -0.48 -11.87
CA HIS A 152 8.45 0.14 -11.81
C HIS A 152 8.46 1.49 -12.54
N HIS A 153 7.95 1.49 -13.79
CA HIS A 153 7.80 2.71 -14.61
C HIS A 153 6.70 2.49 -15.67
N HIS A 154 6.18 3.60 -16.21
CA HIS A 154 5.11 3.60 -17.22
C HIS A 154 5.06 4.96 -17.93
N HIS A 155 4.78 4.93 -19.25
CA HIS A 155 4.52 6.14 -20.05
C HIS A 155 3.25 5.91 -20.92
N PRO A 1 -6.44 2.51 -23.16
CA PRO A 1 -5.47 3.62 -23.22
C PRO A 1 -4.43 3.47 -22.09
N GLN A 2 -3.13 3.60 -22.45
CA GLN A 2 -2.01 3.50 -21.50
C GLN A 2 -0.78 4.27 -22.06
N SER A 3 -0.70 5.57 -21.70
CA SER A 3 0.46 6.41 -22.04
C SER A 3 0.52 7.60 -21.07
N TYR A 4 0.98 7.31 -19.84
CA TYR A 4 1.16 8.32 -18.77
C TYR A 4 2.15 7.74 -17.74
N PHE A 5 3.30 7.26 -18.25
CA PHE A 5 4.40 6.77 -17.41
C PHE A 5 5.28 7.96 -16.99
N ASN A 6 4.73 8.78 -16.08
CA ASN A 6 5.41 9.97 -15.56
C ASN A 6 6.39 9.53 -14.47
N ALA A 7 7.67 9.33 -14.88
CA ALA A 7 8.75 8.96 -13.97
C ALA A 7 9.23 10.19 -13.18
N ALA A 8 8.41 10.57 -12.20
CA ALA A 8 8.65 11.75 -11.35
C ALA A 8 8.12 11.46 -9.94
N ALA A 9 8.06 10.15 -9.59
CA ALA A 9 7.52 9.67 -8.31
C ALA A 9 8.42 8.58 -7.71
N LYS A 10 9.66 9.00 -7.31
CA LYS A 10 10.63 8.11 -6.61
C LYS A 10 11.70 8.93 -5.81
N ARG A 11 11.62 10.28 -5.90
CA ARG A 11 12.44 11.20 -5.07
C ARG A 11 11.58 11.73 -3.93
N GLN A 12 12.21 11.92 -2.75
CA GLN A 12 11.54 12.39 -1.51
C GLN A 12 10.61 11.31 -0.95
N LYS A 13 10.60 11.19 0.39
CA LYS A 13 9.63 10.34 1.08
C LYS A 13 8.21 10.87 0.86
N TYR A 14 7.30 9.96 0.52
CA TYR A 14 5.90 10.29 0.29
C TYR A 14 5.14 9.99 1.56
N ALA A 15 4.53 11.03 2.12
CA ALA A 15 3.83 10.96 3.41
C ALA A 15 2.82 12.10 3.51
N MET A 16 1.58 11.77 3.87
CA MET A 16 0.53 12.77 4.12
C MET A 16 0.72 13.33 5.55
N LYS A 17 1.67 14.26 5.67
CA LYS A 17 2.02 14.87 6.96
C LYS A 17 1.06 16.03 7.29
N PRO A 18 0.76 16.29 8.61
CA PRO A 18 -0.13 17.40 9.02
C PRO A 18 0.37 18.75 8.46
N GLY A 19 -0.25 19.17 7.33
CA GLY A 19 0.14 20.37 6.60
C GLY A 19 1.19 20.08 5.53
N LEU A 20 0.80 20.21 4.25
CA LEU A 20 1.66 20.00 3.06
C LEU A 20 1.38 21.07 2.01
N SER A 21 2.21 21.09 0.95
CA SER A 21 1.94 21.89 -0.26
C SER A 21 0.94 21.11 -1.15
N ALA A 22 0.29 21.82 -2.09
CA ALA A 22 -0.72 21.20 -2.99
C ALA A 22 -0.04 20.18 -3.91
N LEU A 23 1.09 20.60 -4.54
CA LEU A 23 1.87 19.76 -5.46
C LEU A 23 2.59 18.62 -4.69
N GLU A 24 2.93 18.89 -3.42
CA GLU A 24 3.54 17.89 -2.51
C GLU A 24 2.55 16.74 -2.26
N LYS A 25 1.27 17.12 -2.01
CA LYS A 25 0.17 16.17 -1.80
C LYS A 25 0.00 15.28 -3.04
N ASN A 26 -0.05 15.92 -4.23
CA ASN A 26 -0.26 15.23 -5.52
C ASN A 26 0.81 14.15 -5.75
N ALA A 27 2.06 14.51 -5.43
CA ALA A 27 3.22 13.60 -5.50
C ALA A 27 2.98 12.35 -4.63
N VAL A 28 2.47 12.58 -3.40
CA VAL A 28 2.16 11.51 -2.43
C VAL A 28 0.97 10.63 -2.90
N ILE A 29 -0.06 11.28 -3.50
CA ILE A 29 -1.30 10.59 -3.91
C ILE A 29 -1.03 9.66 -5.12
N LYS A 30 -0.35 10.20 -6.13
CA LYS A 30 0.01 9.48 -7.36
C LYS A 30 0.99 8.34 -7.05
N ALA A 31 1.90 8.58 -6.09
CA ALA A 31 2.85 7.56 -5.60
C ALA A 31 2.14 6.47 -4.80
N ALA A 32 1.06 6.84 -4.09
CA ALA A 32 0.24 5.90 -3.32
C ALA A 32 -0.49 4.92 -4.25
N TYR A 33 -1.07 5.47 -5.33
CA TYR A 33 -1.70 4.66 -6.39
C TYR A 33 -0.65 3.85 -7.17
N ARG A 34 0.53 4.46 -7.37
CA ARG A 34 1.65 3.84 -8.10
C ARG A 34 2.11 2.56 -7.39
N GLN A 35 2.26 2.64 -6.06
CA GLN A 35 2.76 1.50 -5.27
C GLN A 35 1.65 0.45 -5.08
N ILE A 36 0.42 0.89 -4.71
CA ILE A 36 -0.68 -0.03 -4.30
C ILE A 36 -1.42 -0.65 -5.52
N PHE A 37 -1.84 0.19 -6.48
CA PHE A 37 -2.61 -0.26 -7.66
C PHE A 37 -1.72 -0.45 -8.89
N GLU A 38 -0.39 -0.55 -8.67
CA GLU A 38 0.61 -0.76 -9.73
C GLU A 38 0.62 0.41 -10.75
N ARG A 39 0.10 1.58 -10.31
CA ARG A 39 -0.08 2.81 -11.11
C ARG A 39 -1.24 2.70 -12.11
N ASP A 40 -1.19 1.64 -12.94
CA ASP A 40 -1.93 1.55 -14.20
C ASP A 40 -3.45 1.39 -13.97
N ILE A 41 -4.06 2.54 -13.73
CA ILE A 41 -5.50 2.70 -13.54
C ILE A 41 -5.93 3.97 -14.29
N THR A 42 -7.22 4.05 -14.65
CA THR A 42 -7.81 5.27 -15.21
C THR A 42 -7.72 6.41 -14.14
N LYS A 43 -7.52 7.68 -14.57
CA LYS A 43 -7.12 8.83 -13.69
C LYS A 43 -7.81 8.87 -12.30
N ALA A 44 -9.13 8.63 -12.29
CA ALA A 44 -9.96 8.53 -11.08
C ALA A 44 -10.47 7.08 -10.92
N TYR A 45 -10.46 6.35 -12.06
CA TYR A 45 -10.91 4.96 -12.20
C TYR A 45 -12.37 4.75 -11.80
N SER A 46 -12.61 4.59 -10.49
CA SER A 46 -13.95 4.36 -9.93
C SER A 46 -14.37 5.58 -9.09
N GLN A 47 -15.69 5.71 -8.84
CA GLN A 47 -16.25 6.76 -7.98
C GLN A 47 -15.66 6.64 -6.56
N SER A 48 -15.50 5.38 -6.10
CA SER A 48 -14.88 5.05 -4.80
C SER A 48 -13.44 5.58 -4.73
N ILE A 49 -12.63 5.24 -5.75
CA ILE A 49 -11.18 5.58 -5.81
C ILE A 49 -10.98 7.12 -5.78
N SER A 50 -11.77 7.83 -6.60
CA SER A 50 -11.76 9.30 -6.70
C SER A 50 -12.20 9.97 -5.38
N TYR A 51 -13.12 9.31 -4.67
CA TYR A 51 -13.67 9.81 -3.39
C TYR A 51 -12.59 9.74 -2.30
N LEU A 52 -11.88 8.60 -2.27
CA LEU A 52 -10.77 8.34 -1.34
C LEU A 52 -9.62 9.35 -1.56
N GLU A 53 -9.33 9.62 -2.86
CA GLU A 53 -8.33 10.61 -3.30
C GLU A 53 -8.62 11.98 -2.68
N SER A 54 -9.86 12.49 -2.93
CA SER A 54 -10.27 13.84 -2.51
C SER A 54 -10.23 14.01 -0.98
N GLN A 55 -10.62 12.95 -0.24
CA GLN A 55 -10.64 12.96 1.24
C GLN A 55 -9.22 13.18 1.81
N VAL A 56 -8.29 12.28 1.47
CA VAL A 56 -6.92 12.30 1.99
C VAL A 56 -6.16 13.57 1.53
N ARG A 57 -6.46 14.00 0.30
CA ARG A 57 -5.86 15.20 -0.32
C ARG A 57 -6.30 16.49 0.43
N ASN A 58 -7.53 16.48 1.00
CA ASN A 58 -8.03 17.55 1.90
C ASN A 58 -7.52 17.34 3.35
N GLY A 59 -6.84 16.21 3.60
CA GLY A 59 -6.35 15.85 4.93
C GLY A 59 -7.44 15.30 5.85
N ASP A 60 -8.61 14.97 5.25
CA ASP A 60 -9.79 14.43 5.96
C ASP A 60 -9.46 13.05 6.56
N ILE A 61 -9.08 12.10 5.72
CA ILE A 61 -8.59 10.78 6.17
C ILE A 61 -7.05 10.80 6.10
N SER A 62 -6.41 10.09 7.04
CA SER A 62 -4.94 10.01 7.11
C SER A 62 -4.40 9.10 6.00
N MET A 63 -3.07 9.13 5.83
CA MET A 63 -2.35 8.30 4.85
C MET A 63 -2.53 6.82 5.17
N LYS A 64 -2.49 6.50 6.47
CA LYS A 64 -2.77 5.17 7.01
C LYS A 64 -4.14 4.68 6.53
N GLU A 65 -5.15 5.52 6.76
CA GLU A 65 -6.53 5.24 6.37
C GLU A 65 -6.69 5.15 4.85
N PHE A 66 -5.89 5.94 4.10
CA PHE A 66 -5.95 5.94 2.63
C PHE A 66 -5.45 4.60 2.05
N VAL A 67 -4.26 4.15 2.52
CA VAL A 67 -3.64 2.88 2.11
C VAL A 67 -4.55 1.69 2.50
N ARG A 68 -5.18 1.84 3.67
CA ARG A 68 -6.17 0.90 4.21
C ARG A 68 -7.38 0.75 3.24
N ARG A 69 -7.98 1.89 2.83
CA ARG A 69 -9.14 1.91 1.91
C ARG A 69 -8.78 1.31 0.54
N LEU A 70 -7.59 1.71 0.03
CA LEU A 70 -7.11 1.33 -1.31
C LEU A 70 -6.86 -0.18 -1.42
N ALA A 71 -6.09 -0.72 -0.47
CA ALA A 71 -5.65 -2.11 -0.51
C ALA A 71 -6.77 -3.08 0.00
N LYS A 72 -7.82 -2.55 0.68
CA LYS A 72 -9.01 -3.37 1.02
C LYS A 72 -10.07 -3.33 -0.09
N SER A 73 -9.77 -2.66 -1.23
CA SER A 73 -10.72 -2.54 -2.36
C SER A 73 -10.92 -3.92 -3.04
N PRO A 74 -12.11 -4.17 -3.69
CA PRO A 74 -12.33 -5.37 -4.52
C PRO A 74 -11.22 -5.55 -5.57
N LEU A 75 -10.79 -4.42 -6.18
CA LEU A 75 -9.80 -4.40 -7.28
C LEU A 75 -8.47 -5.04 -6.81
N TYR A 76 -7.91 -4.50 -5.70
CA TYR A 76 -6.64 -4.98 -5.11
C TYR A 76 -6.73 -6.47 -4.71
N ARG A 77 -7.91 -6.88 -4.24
CA ARG A 77 -8.20 -8.25 -3.81
C ARG A 77 -8.12 -9.21 -5.02
N LYS A 78 -8.73 -8.78 -6.15
CA LYS A 78 -8.81 -9.59 -7.38
C LYS A 78 -7.42 -9.84 -7.98
N GLN A 79 -6.52 -8.84 -7.86
CA GLN A 79 -5.20 -8.85 -8.53
C GLN A 79 -4.06 -9.42 -7.65
N PHE A 80 -4.35 -9.79 -6.39
CA PHE A 80 -3.31 -10.34 -5.47
C PHE A 80 -3.69 -11.70 -4.87
N PHE A 81 -4.84 -11.77 -4.17
CA PHE A 81 -5.21 -12.97 -3.38
C PHE A 81 -5.44 -14.20 -4.29
N GLU A 82 -6.09 -13.98 -5.45
CA GLU A 82 -6.52 -15.06 -6.35
C GLU A 82 -5.41 -15.50 -7.35
N PRO A 83 -4.71 -14.56 -8.11
CA PRO A 83 -3.63 -14.95 -9.07
C PRO A 83 -2.47 -15.70 -8.40
N PHE A 84 -2.26 -15.42 -7.11
CA PHE A 84 -1.23 -16.05 -6.27
C PHE A 84 -1.90 -16.98 -5.25
N ILE A 85 -1.11 -17.85 -4.59
CA ILE A 85 -1.60 -18.68 -3.47
C ILE A 85 -1.67 -17.81 -2.20
N ASN A 86 -2.43 -18.27 -1.17
CA ASN A 86 -2.69 -17.49 0.06
C ASN A 86 -1.39 -17.04 0.75
N SER A 87 -0.45 -17.99 0.89
CA SER A 87 0.86 -17.76 1.53
C SER A 87 1.77 -16.82 0.69
N ARG A 88 1.63 -16.86 -0.65
CA ARG A 88 2.42 -15.98 -1.55
C ARG A 88 1.89 -14.55 -1.48
N ALA A 89 0.55 -14.40 -1.55
CA ALA A 89 -0.17 -13.12 -1.45
C ALA A 89 0.01 -12.49 -0.05
N LEU A 90 0.18 -13.37 0.95
CA LEU A 90 0.52 -13.00 2.34
C LEU A 90 1.91 -12.32 2.38
N GLU A 91 2.91 -13.04 1.81
CA GLU A 91 4.29 -12.57 1.69
C GLU A 91 4.35 -11.23 0.92
N LEU A 92 3.59 -11.17 -0.19
CA LEU A 92 3.49 -9.98 -1.04
C LEU A 92 2.92 -8.79 -0.28
N ALA A 93 1.95 -9.05 0.60
CA ALA A 93 1.35 -8.02 1.46
C ALA A 93 2.40 -7.44 2.43
N PHE A 94 3.32 -8.28 2.89
CA PHE A 94 4.47 -7.86 3.72
C PHE A 94 5.52 -7.08 2.88
N ARG A 95 5.61 -7.43 1.59
CA ARG A 95 6.55 -6.80 0.64
C ARG A 95 6.01 -5.50 0.03
N HIS A 96 4.68 -5.36 -0.03
CA HIS A 96 4.00 -4.33 -0.85
C HIS A 96 3.39 -3.25 0.06
N ILE A 97 2.69 -3.71 1.09
CA ILE A 97 2.03 -2.84 2.09
C ILE A 97 3.04 -2.45 3.19
N LEU A 98 4.08 -3.26 3.41
CA LEU A 98 5.11 -3.00 4.45
C LEU A 98 6.53 -2.85 3.88
N GLY A 99 6.78 -3.34 2.65
CA GLY A 99 8.13 -3.26 2.01
C GLY A 99 9.26 -3.85 2.87
N ARG A 100 8.88 -4.77 3.76
CA ARG A 100 9.69 -5.20 4.90
C ARG A 100 9.97 -6.71 4.84
N GLY A 101 8.92 -7.48 4.54
CA GLY A 101 8.96 -8.94 4.64
C GLY A 101 8.47 -9.42 6.01
N PRO A 102 8.05 -10.71 6.15
CA PRO A 102 7.60 -11.28 7.44
C PRO A 102 8.74 -11.30 8.50
N SER A 103 8.41 -10.91 9.74
CA SER A 103 9.38 -10.89 10.86
C SER A 103 9.92 -12.31 11.16
N SER A 104 8.98 -13.23 11.39
CA SER A 104 9.27 -14.66 11.60
C SER A 104 8.12 -15.52 11.08
N ARG A 105 8.32 -16.85 11.12
CA ARG A 105 7.35 -17.83 10.59
C ARG A 105 6.05 -17.85 11.44
N GLU A 106 6.16 -17.38 12.70
CA GLU A 106 5.00 -17.22 13.62
C GLU A 106 4.03 -16.15 13.06
N GLU A 107 4.59 -15.04 12.54
CA GLU A 107 3.80 -13.95 11.91
C GLU A 107 3.16 -14.45 10.61
N VAL A 108 3.90 -15.30 9.87
CA VAL A 108 3.39 -15.92 8.65
C VAL A 108 2.10 -16.72 8.95
N GLN A 109 2.17 -17.63 9.94
CA GLN A 109 1.03 -18.50 10.32
C GLN A 109 -0.15 -17.71 10.94
N LYS A 110 0.20 -16.65 11.71
CA LYS A 110 -0.77 -15.78 12.41
C LYS A 110 -1.63 -15.03 11.38
N TYR A 111 -0.94 -14.32 10.48
CA TYR A 111 -1.58 -13.50 9.44
C TYR A 111 -2.11 -14.36 8.28
N PHE A 112 -1.62 -15.62 8.17
CA PHE A 112 -2.15 -16.61 7.19
C PHE A 112 -3.58 -16.98 7.56
N SER A 113 -3.82 -17.18 8.87
CA SER A 113 -5.16 -17.47 9.39
C SER A 113 -6.14 -16.34 9.02
N ILE A 114 -5.67 -15.08 9.20
CA ILE A 114 -6.45 -13.85 8.94
C ILE A 114 -6.82 -13.74 7.44
N VAL A 115 -5.84 -13.95 6.55
CA VAL A 115 -6.04 -13.81 5.09
C VAL A 115 -6.90 -14.97 4.52
N SER A 116 -6.86 -16.14 5.17
CA SER A 116 -7.63 -17.33 4.73
C SER A 116 -9.08 -17.29 5.26
N SER A 117 -9.33 -16.55 6.36
CA SER A 117 -10.68 -16.44 6.97
C SER A 117 -11.41 -15.18 6.50
N GLY A 118 -10.87 -14.00 6.87
CA GLY A 118 -11.50 -12.72 6.57
C GLY A 118 -11.13 -12.17 5.20
N GLY A 119 -10.28 -12.91 4.46
CA GLY A 119 -9.86 -12.51 3.12
C GLY A 119 -8.65 -11.60 3.11
N LEU A 120 -8.32 -11.09 1.91
CA LEU A 120 -7.17 -10.20 1.71
C LEU A 120 -7.42 -8.81 2.36
N PRO A 121 -8.64 -8.15 2.20
CA PRO A 121 -8.99 -6.90 2.94
C PRO A 121 -8.72 -6.99 4.46
N ALA A 122 -8.99 -8.18 5.04
CA ALA A 122 -8.72 -8.45 6.48
C ALA A 122 -7.22 -8.38 6.78
N LEU A 123 -6.40 -9.03 5.93
CA LEU A 123 -4.93 -9.03 6.06
C LEU A 123 -4.39 -7.60 5.97
N VAL A 124 -4.92 -6.82 5.01
CA VAL A 124 -4.55 -5.41 4.80
C VAL A 124 -4.82 -4.59 6.06
N ASP A 125 -6.01 -4.78 6.65
CA ASP A 125 -6.44 -4.06 7.86
C ASP A 125 -5.48 -4.39 9.03
N ALA A 126 -5.12 -5.68 9.11
CA ALA A 126 -4.20 -6.22 10.13
C ALA A 126 -2.75 -5.68 9.98
N LEU A 127 -2.35 -5.31 8.74
CA LEU A 127 -0.98 -4.79 8.46
C LEU A 127 -0.90 -3.26 8.60
N VAL A 128 -1.92 -2.56 8.08
CA VAL A 128 -1.95 -1.08 8.06
C VAL A 128 -2.30 -0.50 9.45
N ASP A 129 -3.25 -1.15 10.14
CA ASP A 129 -3.68 -0.73 11.50
C ASP A 129 -2.75 -1.34 12.58
N SER A 130 -1.68 -2.02 12.14
CA SER A 130 -0.68 -2.63 13.02
C SER A 130 0.23 -1.55 13.63
N GLN A 131 0.70 -1.86 14.84
CA GLN A 131 1.69 -1.03 15.55
C GLN A 131 3.02 -1.10 14.76
N GLU A 132 3.23 -2.23 14.05
CA GLU A 132 4.37 -2.45 13.13
C GLU A 132 4.41 -1.39 12.01
N TYR A 133 3.22 -1.04 11.46
CA TYR A 133 3.10 -0.05 10.37
C TYR A 133 3.42 1.35 10.91
N ALA A 134 2.83 1.68 12.06
CA ALA A 134 2.98 3.01 12.68
C ALA A 134 4.38 3.21 13.30
N ASP A 135 5.06 2.10 13.64
CA ASP A 135 6.44 2.10 14.16
C ASP A 135 7.44 2.28 13.01
N TYR A 136 7.33 1.38 12.00
CA TYR A 136 8.28 1.30 10.88
C TYR A 136 8.22 2.58 10.03
N PHE A 137 7.07 2.78 9.36
CA PHE A 137 6.84 3.94 8.48
C PHE A 137 6.33 5.14 9.27
N GLY A 138 5.39 4.88 10.17
CA GLY A 138 4.52 5.92 10.71
C GLY A 138 3.20 5.92 9.96
N GLU A 139 2.14 6.34 10.62
CA GLU A 139 0.76 6.34 10.08
C GLU A 139 0.54 7.49 9.06
N GLU A 140 1.53 8.39 8.97
CA GLU A 140 1.54 9.50 7.98
C GLU A 140 2.24 9.07 6.67
N THR A 141 3.02 7.98 6.72
CA THR A 141 3.95 7.60 5.64
C THR A 141 3.36 6.53 4.70
N VAL A 142 3.69 6.67 3.38
CA VAL A 142 3.36 5.66 2.34
C VAL A 142 4.47 4.57 2.31
N PRO A 143 4.10 3.25 2.24
CA PRO A 143 5.07 2.16 1.94
C PRO A 143 5.72 2.31 0.54
N TYR A 144 6.95 1.80 0.40
CA TYR A 144 7.71 1.86 -0.87
C TYR A 144 8.39 0.53 -1.17
N LEU A 145 8.35 0.13 -2.45
CA LEU A 145 9.24 -0.90 -3.00
C LEU A 145 10.58 -0.24 -3.35
N ARG A 146 11.70 -0.92 -3.02
CA ARG A 146 13.05 -0.40 -3.31
C ARG A 146 13.34 -0.67 -4.80
N GLY A 147 12.97 0.32 -5.63
CA GLY A 147 12.91 0.16 -7.09
C GLY A 147 11.53 -0.34 -7.50
N LEU A 148 11.46 -1.02 -8.68
CA LEU A 148 10.21 -1.65 -9.21
C LEU A 148 9.07 -0.62 -9.38
N GLU A 149 9.48 0.63 -9.64
CA GLU A 149 8.59 1.80 -9.76
C GLU A 149 7.75 1.78 -11.06
N HIS A 150 8.23 1.02 -12.07
CA HIS A 150 7.47 0.76 -13.31
C HIS A 150 6.18 0.01 -12.98
N HIS A 151 6.31 -0.98 -12.06
CA HIS A 151 5.21 -1.87 -11.61
C HIS A 151 4.66 -2.74 -12.77
N HIS A 152 3.60 -3.51 -12.47
CA HIS A 152 2.94 -4.39 -13.44
C HIS A 152 1.74 -3.64 -14.05
N HIS A 153 1.87 -3.27 -15.32
CA HIS A 153 0.91 -2.42 -16.04
C HIS A 153 0.36 -3.15 -17.28
N HIS A 154 -0.98 -3.22 -17.37
CA HIS A 154 -1.73 -4.02 -18.38
C HIS A 154 -1.56 -3.43 -19.80
N HIS A 155 -0.81 -4.14 -20.64
CA HIS A 155 -0.68 -3.84 -22.08
C HIS A 155 -1.82 -4.57 -22.86
N PRO A 1 2.25 -5.02 -18.47
CA PRO A 1 2.52 -6.40 -17.99
C PRO A 1 3.98 -6.77 -18.27
N GLN A 2 4.79 -6.91 -17.18
CA GLN A 2 6.25 -7.16 -17.21
C GLN A 2 7.02 -5.91 -17.74
N SER A 3 8.34 -5.85 -17.41
CA SER A 3 9.28 -4.74 -17.75
C SER A 3 8.89 -3.42 -17.03
N TYR A 4 9.87 -2.86 -16.28
CA TYR A 4 9.66 -1.64 -15.48
C TYR A 4 9.23 -0.46 -16.35
N PHE A 5 8.15 0.21 -15.92
CA PHE A 5 7.74 1.52 -16.47
C PHE A 5 8.80 2.60 -16.16
N ASN A 6 8.62 3.79 -16.73
CA ASN A 6 9.51 4.94 -16.49
C ASN A 6 9.48 5.33 -14.98
N ALA A 7 8.28 5.32 -14.39
CA ALA A 7 8.05 5.64 -12.96
C ALA A 7 8.01 4.38 -12.08
N ALA A 8 8.59 3.27 -12.57
CA ALA A 8 8.65 1.97 -11.82
C ALA A 8 9.99 1.76 -11.11
N ALA A 9 10.86 2.77 -11.15
CA ALA A 9 12.17 2.75 -10.49
C ALA A 9 12.49 4.16 -9.98
N LYS A 10 13.08 4.25 -8.77
CA LYS A 10 13.53 5.51 -8.10
C LYS A 10 12.35 6.30 -7.49
N ARG A 11 11.19 6.30 -8.16
CA ARG A 11 10.03 7.11 -7.81
C ARG A 11 9.27 6.45 -6.62
N GLN A 12 9.85 6.59 -5.42
CA GLN A 12 9.35 5.99 -4.17
C GLN A 12 9.51 7.01 -3.02
N LYS A 13 9.11 6.59 -1.80
CA LYS A 13 9.26 7.37 -0.56
C LYS A 13 8.50 8.70 -0.61
N TYR A 14 7.21 8.63 -0.31
CA TYR A 14 6.32 9.80 -0.23
C TYR A 14 5.51 9.71 1.06
N ALA A 15 5.32 10.84 1.75
CA ALA A 15 4.65 10.88 3.06
C ALA A 15 3.62 12.02 3.09
N MET A 16 2.33 11.65 3.27
CA MET A 16 1.25 12.62 3.44
C MET A 16 1.30 13.23 4.85
N LYS A 17 1.96 14.38 4.95
CA LYS A 17 2.11 15.13 6.20
C LYS A 17 1.27 16.41 6.12
N PRO A 18 0.32 16.65 7.07
CA PRO A 18 -0.34 17.96 7.25
C PRO A 18 0.72 19.06 7.50
N GLY A 19 1.06 19.76 6.41
CA GLY A 19 2.17 20.72 6.39
C GLY A 19 2.75 20.88 4.98
N LEU A 20 2.38 19.96 4.08
CA LEU A 20 2.78 20.01 2.66
C LEU A 20 1.82 20.89 1.84
N SER A 21 2.32 21.47 0.74
CA SER A 21 1.51 22.25 -0.21
C SER A 21 0.94 21.31 -1.30
N ALA A 22 0.22 21.90 -2.29
CA ALA A 22 -0.60 21.16 -3.26
C ALA A 22 0.24 20.23 -4.16
N LEU A 23 1.40 20.71 -4.64
CA LEU A 23 2.28 19.94 -5.54
C LEU A 23 2.90 18.73 -4.83
N GLU A 24 3.32 18.92 -3.56
CA GLU A 24 3.91 17.86 -2.73
C GLU A 24 2.87 16.76 -2.44
N LYS A 25 1.68 17.18 -2.01
CA LYS A 25 0.59 16.26 -1.62
C LYS A 25 0.09 15.44 -2.83
N ASN A 26 -0.09 16.12 -3.97
CA ASN A 26 -0.57 15.51 -5.23
C ASN A 26 0.44 14.45 -5.73
N ALA A 27 1.75 14.75 -5.58
CA ALA A 27 2.83 13.81 -5.88
C ALA A 27 2.76 12.54 -4.98
N VAL A 28 2.38 12.73 -3.71
CA VAL A 28 2.19 11.62 -2.74
C VAL A 28 1.00 10.71 -3.18
N ILE A 29 -0.05 11.34 -3.74
CA ILE A 29 -1.27 10.62 -4.18
C ILE A 29 -0.97 9.77 -5.43
N LYS A 30 -0.24 10.35 -6.40
CA LYS A 30 0.18 9.66 -7.63
C LYS A 30 1.09 8.46 -7.31
N ALA A 31 2.01 8.69 -6.36
CA ALA A 31 2.94 7.68 -5.86
C ALA A 31 2.22 6.57 -5.07
N ALA A 32 1.03 6.90 -4.53
CA ALA A 32 0.16 5.91 -3.88
C ALA A 32 -0.38 4.95 -4.95
N TYR A 33 -0.92 5.51 -6.04
CA TYR A 33 -1.46 4.71 -7.17
C TYR A 33 -0.37 3.84 -7.83
N ARG A 34 0.83 4.44 -7.96
CA ARG A 34 2.02 3.76 -8.48
C ARG A 34 2.44 2.57 -7.59
N GLN A 35 2.78 2.85 -6.32
CA GLN A 35 3.38 1.83 -5.42
C GLN A 35 2.36 0.74 -5.00
N ILE A 36 1.05 1.11 -4.92
CA ILE A 36 -0.01 0.20 -4.43
C ILE A 36 -0.62 -0.63 -5.57
N PHE A 37 -1.10 0.04 -6.62
CA PHE A 37 -1.84 -0.62 -7.72
C PHE A 37 -0.96 -0.93 -8.93
N GLU A 38 0.31 -0.45 -8.89
CA GLU A 38 1.27 -0.54 -10.01
C GLU A 38 0.74 0.27 -11.25
N ARG A 39 -0.25 1.15 -10.98
CA ARG A 39 -1.03 1.86 -11.99
C ARG A 39 -1.55 0.89 -13.08
N ASP A 40 -2.53 0.09 -12.67
CA ASP A 40 -3.29 -0.80 -13.56
C ASP A 40 -4.67 -0.98 -12.91
N ILE A 41 -5.54 0.02 -13.12
CA ILE A 41 -6.92 0.01 -12.59
C ILE A 41 -7.92 0.25 -13.73
N THR A 42 -9.15 -0.22 -13.52
CA THR A 42 -10.31 0.24 -14.27
C THR A 42 -10.75 1.58 -13.66
N LYS A 43 -10.61 2.68 -14.41
CA LYS A 43 -10.84 4.06 -13.89
C LYS A 43 -12.32 4.33 -13.52
N ALA A 44 -13.20 3.34 -13.72
CA ALA A 44 -14.60 3.40 -13.24
C ALA A 44 -14.67 3.43 -11.69
N TYR A 45 -13.62 2.89 -11.03
CA TYR A 45 -13.49 2.90 -9.55
C TYR A 45 -13.10 4.30 -9.03
N SER A 46 -12.58 5.16 -9.94
CA SER A 46 -11.97 6.46 -9.60
C SER A 46 -12.94 7.40 -8.86
N GLN A 47 -14.27 7.15 -8.95
CA GLN A 47 -15.29 7.89 -8.17
C GLN A 47 -15.02 7.74 -6.66
N SER A 48 -14.98 6.47 -6.23
CA SER A 48 -14.72 6.09 -4.84
C SER A 48 -13.29 6.50 -4.43
N ILE A 49 -12.34 6.28 -5.35
CA ILE A 49 -10.90 6.54 -5.14
C ILE A 49 -10.61 8.06 -5.01
N SER A 50 -11.37 8.90 -5.73
CA SER A 50 -11.23 10.37 -5.68
C SER A 50 -11.79 10.92 -4.37
N TYR A 51 -12.82 10.26 -3.81
CA TYR A 51 -13.34 10.59 -2.47
C TYR A 51 -12.24 10.35 -1.42
N LEU A 52 -11.63 9.15 -1.49
CA LEU A 52 -10.53 8.73 -0.60
C LEU A 52 -9.31 9.67 -0.75
N GLU A 53 -9.02 10.06 -2.01
CA GLU A 53 -7.96 11.01 -2.39
C GLU A 53 -8.18 12.37 -1.72
N SER A 54 -9.44 12.84 -1.80
CA SER A 54 -9.85 14.12 -1.21
C SER A 54 -9.61 14.11 0.31
N GLN A 55 -9.94 12.97 0.95
CA GLN A 55 -9.78 12.79 2.41
C GLN A 55 -8.30 12.91 2.84
N VAL A 56 -7.45 12.07 2.24
CA VAL A 56 -6.04 11.96 2.62
C VAL A 56 -5.25 13.26 2.33
N ARG A 57 -5.54 13.89 1.18
CA ARG A 57 -4.91 15.16 0.77
C ARG A 57 -5.35 16.32 1.70
N ASN A 58 -6.59 16.23 2.21
CA ASN A 58 -7.16 17.21 3.18
C ASN A 58 -6.61 17.00 4.61
N GLY A 59 -5.95 15.84 4.83
CA GLY A 59 -5.49 15.44 6.16
C GLY A 59 -6.61 14.88 7.03
N ASP A 60 -7.75 14.57 6.39
CA ASP A 60 -8.96 13.99 7.05
C ASP A 60 -8.62 12.59 7.55
N ILE A 61 -8.02 11.79 6.67
CA ILE A 61 -7.34 10.53 7.04
C ILE A 61 -5.84 10.68 6.70
N SER A 62 -4.99 9.93 7.39
CA SER A 62 -3.57 9.81 7.05
C SER A 62 -3.44 8.84 5.86
N MET A 63 -2.22 8.74 5.32
CA MET A 63 -1.93 7.88 4.15
C MET A 63 -2.21 6.40 4.48
N LYS A 64 -2.02 6.02 5.76
CA LYS A 64 -2.21 4.65 6.23
C LYS A 64 -3.67 4.21 5.97
N GLU A 65 -4.64 5.00 6.47
CA GLU A 65 -6.08 4.69 6.33
C GLU A 65 -6.53 4.72 4.86
N PHE A 66 -5.91 5.63 4.08
CA PHE A 66 -6.13 5.74 2.62
C PHE A 66 -5.84 4.40 1.92
N VAL A 67 -4.71 3.79 2.28
CA VAL A 67 -4.24 2.53 1.68
C VAL A 67 -5.14 1.36 2.09
N ARG A 68 -5.61 1.38 3.35
CA ARG A 68 -6.53 0.36 3.89
C ARG A 68 -7.81 0.32 3.05
N ARG A 69 -8.41 1.49 2.84
CA ARG A 69 -9.66 1.67 2.09
C ARG A 69 -9.48 1.27 0.61
N LEU A 70 -8.31 1.64 0.04
CA LEU A 70 -7.92 1.27 -1.33
C LEU A 70 -7.78 -0.26 -1.49
N ALA A 71 -7.13 -0.88 -0.50
CA ALA A 71 -6.78 -2.31 -0.55
C ALA A 71 -7.90 -3.22 -0.03
N LYS A 72 -9.04 -2.63 0.39
CA LYS A 72 -10.30 -3.36 0.61
C LYS A 72 -10.92 -3.78 -0.75
N SER A 73 -10.50 -3.11 -1.83
CA SER A 73 -11.10 -3.25 -3.17
C SER A 73 -10.72 -4.59 -3.85
N PRO A 74 -11.66 -5.22 -4.64
CA PRO A 74 -11.35 -6.43 -5.46
C PRO A 74 -10.29 -6.14 -6.55
N LEU A 75 -10.07 -4.84 -6.83
CA LEU A 75 -8.96 -4.35 -7.65
C LEU A 75 -7.62 -4.75 -7.02
N TYR A 76 -7.42 -4.47 -5.71
CA TYR A 76 -6.19 -4.87 -4.99
C TYR A 76 -6.12 -6.41 -4.84
N ARG A 77 -7.28 -7.08 -4.83
CA ARG A 77 -7.34 -8.57 -4.87
C ARG A 77 -6.65 -9.07 -6.17
N LYS A 78 -6.72 -8.27 -7.24
CA LYS A 78 -5.90 -8.47 -8.45
C LYS A 78 -4.44 -8.01 -8.19
N GLN A 79 -4.25 -6.70 -7.92
CA GLN A 79 -2.91 -6.05 -7.85
C GLN A 79 -2.25 -6.25 -6.46
N PHE A 80 -1.18 -7.06 -6.42
CA PHE A 80 -0.35 -7.29 -5.19
C PHE A 80 -1.08 -8.08 -4.09
N PHE A 81 -2.13 -8.79 -4.51
CA PHE A 81 -2.62 -10.00 -3.85
C PHE A 81 -2.30 -11.13 -4.82
N GLU A 82 -2.71 -10.94 -6.10
CA GLU A 82 -2.32 -11.78 -7.22
C GLU A 82 -2.72 -13.27 -7.00
N PRO A 83 -3.98 -13.66 -7.40
CA PRO A 83 -4.56 -15.01 -7.20
C PRO A 83 -3.69 -16.17 -7.76
N PHE A 84 -2.73 -16.58 -6.94
CA PHE A 84 -1.89 -17.79 -7.15
C PHE A 84 -2.19 -18.80 -6.02
N ILE A 85 -1.55 -18.58 -4.85
CA ILE A 85 -1.74 -19.41 -3.64
C ILE A 85 -1.73 -18.49 -2.40
N ASN A 86 -1.95 -19.08 -1.21
CA ASN A 86 -1.96 -18.32 0.07
C ASN A 86 -0.59 -17.69 0.35
N SER A 87 0.49 -18.48 0.20
CA SER A 87 1.88 -18.04 0.45
C SER A 87 2.28 -16.82 -0.41
N ARG A 88 1.82 -16.83 -1.68
CA ARG A 88 2.09 -15.77 -2.65
C ARG A 88 1.35 -14.48 -2.27
N ALA A 89 0.03 -14.65 -2.12
CA ALA A 89 -0.91 -13.56 -1.86
C ALA A 89 -0.62 -12.84 -0.53
N LEU A 90 -0.34 -13.66 0.50
CA LEU A 90 0.04 -13.19 1.83
C LEU A 90 1.28 -12.31 1.73
N GLU A 91 2.38 -12.87 1.16
CA GLU A 91 3.71 -12.20 1.12
C GLU A 91 3.66 -10.86 0.37
N LEU A 92 2.94 -10.81 -0.77
CA LEU A 92 2.84 -9.58 -1.59
C LEU A 92 2.17 -8.44 -0.79
N ALA A 93 1.03 -8.73 -0.15
CA ALA A 93 0.26 -7.73 0.63
C ALA A 93 1.01 -7.36 1.93
N PHE A 94 1.65 -8.38 2.53
CA PHE A 94 2.45 -8.29 3.76
C PHE A 94 3.61 -7.28 3.59
N ARG A 95 4.54 -7.64 2.69
CA ARG A 95 5.74 -6.82 2.39
C ARG A 95 5.37 -5.50 1.70
N HIS A 96 4.13 -5.38 1.19
CA HIS A 96 3.63 -4.12 0.62
C HIS A 96 3.47 -3.07 1.74
N ILE A 97 2.63 -3.42 2.72
CA ILE A 97 2.18 -2.53 3.79
C ILE A 97 3.30 -2.26 4.81
N LEU A 98 4.19 -3.26 4.95
CA LEU A 98 5.35 -3.20 5.87
C LEU A 98 6.61 -2.72 5.13
N GLY A 99 6.53 -2.68 3.80
CA GLY A 99 7.60 -2.16 2.96
C GLY A 99 8.66 -3.20 2.61
N ARG A 100 9.23 -3.85 3.64
CA ARG A 100 10.43 -4.68 3.48
C ARG A 100 10.06 -6.09 2.99
N GLY A 101 9.63 -6.95 3.93
CA GLY A 101 9.39 -8.35 3.66
C GLY A 101 8.92 -9.09 4.90
N PRO A 102 8.65 -10.43 4.78
CA PRO A 102 8.38 -11.32 5.93
C PRO A 102 9.57 -11.37 6.92
N SER A 103 9.62 -10.39 7.82
CA SER A 103 10.72 -10.23 8.78
C SER A 103 10.66 -11.32 9.87
N SER A 104 9.45 -11.60 10.34
CA SER A 104 9.18 -12.58 11.39
C SER A 104 8.27 -13.68 10.82
N ARG A 105 8.76 -14.93 10.84
CA ARG A 105 8.02 -16.11 10.36
C ARG A 105 6.80 -16.37 11.27
N GLU A 106 6.94 -16.01 12.57
CA GLU A 106 5.83 -16.03 13.54
C GLU A 106 4.68 -15.14 13.07
N GLU A 107 5.05 -13.93 12.61
CA GLU A 107 4.09 -12.92 12.14
C GLU A 107 3.41 -13.38 10.83
N VAL A 108 4.19 -14.08 9.97
CA VAL A 108 3.68 -14.65 8.70
C VAL A 108 2.56 -15.65 8.97
N GLN A 109 2.81 -16.59 9.90
CA GLN A 109 1.84 -17.64 10.29
C GLN A 109 0.58 -17.05 10.97
N LYS A 110 0.79 -15.92 11.66
CA LYS A 110 -0.26 -15.16 12.35
C LYS A 110 -1.23 -14.57 11.31
N TYR A 111 -0.68 -13.84 10.35
CA TYR A 111 -1.45 -13.20 9.26
C TYR A 111 -1.90 -14.22 8.20
N PHE A 112 -1.26 -15.40 8.19
CA PHE A 112 -1.67 -16.54 7.35
C PHE A 112 -3.05 -17.03 7.81
N SER A 113 -3.25 -17.10 9.13
CA SER A 113 -4.53 -17.50 9.74
C SER A 113 -5.62 -16.45 9.45
N ILE A 114 -5.21 -15.16 9.40
CA ILE A 114 -6.13 -14.02 9.15
C ILE A 114 -6.60 -13.99 7.68
N VAL A 115 -5.66 -14.23 6.73
CA VAL A 115 -6.00 -14.28 5.29
C VAL A 115 -6.74 -15.60 4.95
N SER A 116 -6.55 -16.62 5.80
CA SER A 116 -7.25 -17.92 5.68
C SER A 116 -8.73 -17.78 6.13
N SER A 117 -8.98 -16.95 7.14
CA SER A 117 -10.32 -16.80 7.74
C SER A 117 -11.11 -15.65 7.06
N GLY A 118 -10.60 -14.41 7.19
CA GLY A 118 -11.29 -13.21 6.69
C GLY A 118 -10.76 -12.70 5.34
N GLY A 119 -9.85 -13.46 4.71
CA GLY A 119 -9.33 -13.13 3.38
C GLY A 119 -8.45 -11.89 3.35
N LEU A 120 -8.43 -11.23 2.18
CA LEU A 120 -7.65 -10.01 1.92
C LEU A 120 -8.18 -8.80 2.76
N PRO A 121 -9.54 -8.51 2.82
CA PRO A 121 -10.09 -7.38 3.63
C PRO A 121 -9.55 -7.37 5.08
N ALA A 122 -9.54 -8.56 5.71
CA ALA A 122 -9.08 -8.73 7.10
C ALA A 122 -7.55 -8.63 7.20
N LEU A 123 -6.84 -9.19 6.20
CA LEU A 123 -5.35 -9.16 6.13
C LEU A 123 -4.84 -7.70 6.09
N VAL A 124 -5.36 -6.93 5.11
CA VAL A 124 -5.07 -5.52 4.93
C VAL A 124 -5.41 -4.72 6.20
N ASP A 125 -6.62 -4.96 6.74
CA ASP A 125 -7.13 -4.22 7.90
C ASP A 125 -6.20 -4.40 9.12
N ALA A 126 -5.77 -5.65 9.36
CA ALA A 126 -4.91 -6.01 10.49
C ALA A 126 -3.46 -5.47 10.32
N LEU A 127 -2.97 -5.43 9.07
CA LEU A 127 -1.60 -4.93 8.75
C LEU A 127 -1.52 -3.39 8.82
N VAL A 128 -2.54 -2.72 8.24
CA VAL A 128 -2.54 -1.26 8.11
C VAL A 128 -2.97 -0.57 9.43
N ASP A 129 -4.15 -0.99 9.93
CA ASP A 129 -4.82 -0.34 11.09
C ASP A 129 -4.10 -0.70 12.42
N SER A 130 -3.11 -1.62 12.36
CA SER A 130 -2.19 -1.89 13.48
C SER A 130 -1.55 -0.59 14.00
N GLN A 131 -1.49 -0.48 15.34
CA GLN A 131 -0.92 0.70 16.02
C GLN A 131 0.62 0.58 16.00
N GLU A 132 1.09 -0.68 16.07
CA GLU A 132 2.50 -1.05 15.99
C GLU A 132 3.08 -0.69 14.61
N TYR A 133 2.30 -0.97 13.55
CA TYR A 133 2.73 -0.70 12.14
C TYR A 133 2.46 0.76 11.73
N ALA A 134 1.51 1.39 12.43
CA ALA A 134 1.27 2.85 12.33
C ALA A 134 2.46 3.63 12.92
N ASP A 135 3.19 2.98 13.86
CA ASP A 135 4.46 3.47 14.40
C ASP A 135 5.62 3.07 13.48
N TYR A 136 5.69 1.76 13.15
CA TYR A 136 6.80 1.13 12.42
C TYR A 136 6.94 1.74 11.02
N PHE A 137 5.96 1.46 10.15
CA PHE A 137 5.89 2.04 8.81
C PHE A 137 4.99 3.31 8.81
N GLY A 138 5.18 4.12 9.90
CA GLY A 138 4.66 5.51 10.07
C GLY A 138 3.44 5.89 9.23
N GLU A 139 2.33 6.25 9.90
CA GLU A 139 1.00 6.45 9.26
C GLU A 139 0.99 7.51 8.11
N GLU A 140 2.04 8.34 8.06
CA GLU A 140 2.22 9.36 7.01
C GLU A 140 2.66 8.74 5.66
N THR A 141 3.46 7.66 5.71
CA THR A 141 4.20 7.13 4.56
C THR A 141 3.37 6.17 3.68
N VAL A 142 3.54 6.30 2.34
CA VAL A 142 3.00 5.39 1.31
C VAL A 142 3.74 4.04 1.38
N PRO A 143 3.00 2.89 1.49
CA PRO A 143 3.58 1.53 1.33
C PRO A 143 4.33 1.33 -0.01
N TYR A 144 5.60 1.78 0.00
CA TYR A 144 6.54 1.56 -1.09
C TYR A 144 7.36 0.31 -0.76
N LEU A 145 7.72 -0.47 -1.78
CA LEU A 145 8.52 -1.69 -1.59
C LEU A 145 9.96 -1.32 -1.22
N ARG A 146 10.29 -1.41 0.09
CA ARG A 146 11.66 -1.20 0.62
C ARG A 146 12.58 -2.31 0.08
N GLY A 147 13.09 -2.07 -1.13
CA GLY A 147 13.85 -3.05 -1.89
C GLY A 147 15.28 -3.20 -1.42
N LEU A 148 15.47 -4.02 -0.40
CA LEU A 148 16.78 -4.32 0.19
C LEU A 148 17.47 -5.48 -0.57
N GLU A 149 18.81 -5.52 -0.44
CA GLU A 149 19.68 -6.55 -1.02
C GLU A 149 19.67 -6.54 -2.57
N HIS A 150 19.36 -5.38 -3.17
CA HIS A 150 19.33 -5.21 -4.64
C HIS A 150 20.76 -5.03 -5.21
N HIS A 151 21.76 -4.86 -4.32
CA HIS A 151 23.19 -4.79 -4.69
C HIS A 151 24.02 -5.48 -3.61
N HIS A 152 24.53 -6.69 -3.91
CA HIS A 152 25.37 -7.46 -2.96
C HIS A 152 26.84 -7.01 -3.10
N HIS A 153 27.14 -5.84 -2.49
CA HIS A 153 28.49 -5.23 -2.50
C HIS A 153 29.25 -5.72 -1.25
N HIS A 154 28.56 -5.67 -0.11
CA HIS A 154 29.01 -6.32 1.15
C HIS A 154 28.64 -7.81 1.10
N HIS A 155 29.17 -8.58 2.08
CA HIS A 155 28.95 -10.03 2.15
C HIS A 155 27.80 -10.31 3.15
N PRO A 1 6.05 -14.62 -15.69
CA PRO A 1 6.29 -13.30 -15.07
C PRO A 1 7.65 -12.71 -15.54
N GLN A 2 7.61 -11.96 -16.66
CA GLN A 2 8.74 -11.18 -17.15
C GLN A 2 8.84 -9.89 -16.32
N SER A 3 9.51 -10.01 -15.17
CA SER A 3 9.68 -8.93 -14.20
C SER A 3 10.91 -8.06 -14.58
N TYR A 4 10.72 -7.16 -15.55
CA TYR A 4 11.68 -6.08 -15.80
C TYR A 4 11.38 -4.95 -14.82
N PHE A 5 12.41 -4.44 -14.16
CA PHE A 5 12.26 -3.43 -13.10
C PHE A 5 11.95 -2.05 -13.68
N ASN A 6 11.28 -1.22 -12.87
CA ASN A 6 10.99 0.17 -13.22
C ASN A 6 12.29 1.01 -13.13
N ALA A 7 12.90 0.98 -11.93
CA ALA A 7 14.14 1.71 -11.61
C ALA A 7 14.56 1.38 -10.16
N ALA A 8 15.79 1.81 -9.79
CA ALA A 8 16.26 1.80 -8.40
C ALA A 8 15.35 2.72 -7.58
N ALA A 9 14.55 2.10 -6.69
CA ALA A 9 13.47 2.78 -5.95
C ALA A 9 14.00 3.91 -5.05
N LYS A 10 14.17 5.11 -5.67
CA LYS A 10 14.47 6.36 -4.98
C LYS A 10 13.14 6.90 -4.46
N ARG A 11 12.82 6.53 -3.22
CA ARG A 11 11.53 6.80 -2.61
C ARG A 11 11.73 7.64 -1.36
N GLN A 12 11.21 8.88 -1.38
CA GLN A 12 11.17 9.74 -0.20
C GLN A 12 10.03 9.31 0.72
N LYS A 13 9.98 9.91 1.91
CA LYS A 13 8.85 9.74 2.82
C LYS A 13 7.68 10.61 2.36
N TYR A 14 6.77 10.01 1.61
CA TYR A 14 5.59 10.72 1.08
C TYR A 14 4.53 10.75 2.17
N ALA A 15 4.58 11.81 2.99
CA ALA A 15 3.80 11.91 4.22
C ALA A 15 2.69 12.94 4.10
N MET A 16 1.43 12.50 4.36
CA MET A 16 0.29 13.39 4.54
C MET A 16 0.40 14.11 5.88
N LYS A 17 0.97 15.32 5.81
CA LYS A 17 1.20 16.20 6.97
C LYS A 17 0.27 17.41 6.87
N PRO A 18 -0.22 17.96 8.03
CA PRO A 18 -1.05 19.19 8.05
C PRO A 18 -0.23 20.44 7.65
N GLY A 19 -0.07 20.61 6.32
CA GLY A 19 0.73 21.72 5.77
C GLY A 19 1.43 21.36 4.46
N LEU A 20 0.98 20.30 3.76
CA LEU A 20 1.46 19.98 2.39
C LEU A 20 0.94 21.02 1.38
N SER A 21 1.74 21.28 0.32
CA SER A 21 1.27 22.02 -0.86
C SER A 21 0.24 21.19 -1.63
N ALA A 22 -0.61 21.84 -2.44
CA ALA A 22 -1.63 21.16 -3.26
C ALA A 22 -0.97 20.18 -4.25
N LEU A 23 0.11 20.66 -4.88
CA LEU A 23 0.89 19.88 -5.86
C LEU A 23 1.64 18.73 -5.16
N GLU A 24 2.07 18.99 -3.90
CA GLU A 24 2.79 18.03 -3.07
C GLU A 24 1.86 16.88 -2.63
N LYS A 25 0.60 17.23 -2.29
CA LYS A 25 -0.43 16.23 -1.90
C LYS A 25 -0.62 15.22 -3.04
N ASN A 26 -0.83 15.76 -4.25
CA ASN A 26 -1.05 14.96 -5.47
C ASN A 26 0.15 14.04 -5.76
N ALA A 27 1.37 14.56 -5.53
CA ALA A 27 2.61 13.78 -5.66
C ALA A 27 2.66 12.61 -4.65
N VAL A 28 2.22 12.87 -3.40
CA VAL A 28 2.18 11.89 -2.31
C VAL A 28 1.13 10.77 -2.59
N ILE A 29 0.01 11.15 -3.25
CA ILE A 29 -1.09 10.23 -3.60
C ILE A 29 -0.71 9.30 -4.76
N LYS A 30 -0.14 9.90 -5.83
CA LYS A 30 0.33 9.15 -7.01
C LYS A 30 1.50 8.22 -6.64
N ALA A 31 2.29 8.65 -5.62
CA ALA A 31 3.34 7.82 -5.02
C ALA A 31 2.74 6.64 -4.22
N ALA A 32 1.60 6.89 -3.55
CA ALA A 32 0.87 5.86 -2.79
C ALA A 32 0.37 4.74 -3.73
N TYR A 33 -0.18 5.15 -4.88
CA TYR A 33 -0.55 4.22 -5.97
C TYR A 33 0.70 3.48 -6.47
N ARG A 34 1.79 4.24 -6.65
CA ARG A 34 3.08 3.76 -7.19
C ARG A 34 3.74 2.71 -6.25
N GLN A 35 3.32 2.65 -4.98
CA GLN A 35 3.81 1.65 -4.02
C GLN A 35 2.92 0.40 -3.99
N ILE A 36 1.59 0.59 -4.03
CA ILE A 36 0.61 -0.49 -3.84
C ILE A 36 0.35 -1.25 -5.16
N PHE A 37 0.07 -0.50 -6.24
CA PHE A 37 -0.25 -1.05 -7.58
C PHE A 37 0.90 -0.82 -8.58
N GLU A 38 1.92 -0.03 -8.16
CA GLU A 38 2.92 0.60 -9.06
C GLU A 38 2.21 1.50 -10.10
N ARG A 39 1.16 2.17 -9.57
CA ARG A 39 0.22 3.01 -10.32
C ARG A 39 -0.53 2.14 -11.36
N ASP A 40 -0.05 2.13 -12.63
CA ASP A 40 -0.67 1.38 -13.76
C ASP A 40 -2.04 1.94 -14.22
N ILE A 41 -2.88 2.36 -13.25
CA ILE A 41 -4.27 2.83 -13.47
C ILE A 41 -4.32 4.22 -14.10
N THR A 42 -5.50 4.59 -14.58
CA THR A 42 -5.76 5.95 -15.06
C THR A 42 -6.11 6.87 -13.87
N LYS A 43 -5.96 8.18 -14.10
CA LYS A 43 -6.20 9.24 -13.10
C LYS A 43 -7.59 9.11 -12.41
N ALA A 44 -8.62 8.81 -13.20
CA ALA A 44 -10.01 8.69 -12.69
C ALA A 44 -10.50 7.24 -12.79
N TYR A 45 -9.63 6.29 -12.40
CA TYR A 45 -9.98 4.88 -12.36
C TYR A 45 -11.07 4.61 -11.30
N SER A 46 -12.27 4.20 -11.77
CA SER A 46 -13.42 3.85 -10.90
C SER A 46 -13.93 5.07 -10.08
N GLN A 47 -15.10 4.90 -9.45
CA GLN A 47 -15.63 5.90 -8.49
C GLN A 47 -15.00 5.69 -7.10
N SER A 48 -14.55 4.44 -6.83
CA SER A 48 -13.96 4.06 -5.55
C SER A 48 -12.60 4.77 -5.34
N ILE A 49 -11.65 4.53 -6.26
CA ILE A 49 -10.27 5.02 -6.16
C ILE A 49 -10.21 6.57 -6.18
N SER A 50 -11.05 7.18 -7.06
CA SER A 50 -11.14 8.66 -7.18
C SER A 50 -11.77 9.30 -5.92
N TYR A 51 -12.68 8.57 -5.25
CA TYR A 51 -13.26 8.99 -3.96
C TYR A 51 -12.17 8.99 -2.87
N LEU A 52 -11.43 7.87 -2.80
CA LEU A 52 -10.33 7.67 -1.82
C LEU A 52 -9.26 8.78 -1.97
N GLU A 53 -9.00 9.14 -3.24
CA GLU A 53 -8.08 10.20 -3.62
C GLU A 53 -8.56 11.55 -3.08
N SER A 54 -9.86 11.85 -3.27
CA SER A 54 -10.46 13.11 -2.80
C SER A 54 -10.44 13.21 -1.27
N GLN A 55 -10.52 12.06 -0.58
CA GLN A 55 -10.47 11.99 0.90
C GLN A 55 -9.07 12.40 1.40
N VAL A 56 -8.04 11.71 0.91
CA VAL A 56 -6.65 11.88 1.40
C VAL A 56 -6.07 13.24 0.94
N ARG A 57 -6.52 13.72 -0.24
CA ARG A 57 -6.16 15.05 -0.80
C ARG A 57 -6.77 16.18 0.07
N ASN A 58 -8.00 15.95 0.55
CA ASN A 58 -8.73 16.88 1.45
C ASN A 58 -8.14 16.83 2.89
N GLY A 59 -7.32 15.79 3.18
CA GLY A 59 -6.81 15.55 4.53
C GLY A 59 -7.86 14.94 5.45
N ASP A 60 -8.92 14.38 4.84
CA ASP A 60 -9.99 13.67 5.55
C ASP A 60 -9.41 12.41 6.23
N ILE A 61 -8.68 11.62 5.41
CA ILE A 61 -7.94 10.45 5.90
C ILE A 61 -6.43 10.67 5.65
N SER A 62 -5.59 10.10 6.54
CA SER A 62 -4.12 10.09 6.37
C SER A 62 -3.71 8.82 5.58
N MET A 63 -2.40 8.59 5.41
CA MET A 63 -1.88 7.51 4.53
C MET A 63 -1.97 6.12 5.17
N LYS A 64 -2.24 6.02 6.49
CA LYS A 64 -2.52 4.72 7.11
C LYS A 64 -3.86 4.22 6.56
N GLU A 65 -4.87 5.10 6.66
CA GLU A 65 -6.22 4.85 6.14
C GLU A 65 -6.22 4.66 4.63
N PHE A 66 -5.53 5.54 3.87
CA PHE A 66 -5.55 5.52 2.39
C PHE A 66 -4.97 4.20 1.84
N VAL A 67 -3.85 3.76 2.40
CA VAL A 67 -3.18 2.50 2.03
C VAL A 67 -3.99 1.27 2.48
N ARG A 68 -4.71 1.40 3.61
CA ARG A 68 -5.72 0.42 4.04
C ARG A 68 -6.80 0.26 2.97
N ARG A 69 -7.23 1.41 2.40
CA ARG A 69 -8.27 1.44 1.36
C ARG A 69 -7.76 0.81 0.04
N LEU A 70 -6.48 1.10 -0.30
CA LEU A 70 -5.86 0.64 -1.56
C LEU A 70 -5.60 -0.89 -1.55
N ALA A 71 -5.06 -1.39 -0.43
CA ALA A 71 -4.79 -2.83 -0.27
C ALA A 71 -6.10 -3.65 -0.07
N LYS A 72 -7.17 -2.96 0.38
CA LYS A 72 -8.52 -3.56 0.52
C LYS A 72 -9.35 -3.36 -0.78
N SER A 73 -8.86 -2.49 -1.70
CA SER A 73 -9.66 -2.04 -2.87
C SER A 73 -10.12 -3.23 -3.75
N PRO A 74 -11.30 -3.11 -4.45
CA PRO A 74 -11.78 -4.15 -5.39
C PRO A 74 -10.68 -4.57 -6.40
N LEU A 75 -9.89 -3.57 -6.82
CA LEU A 75 -8.82 -3.74 -7.81
C LEU A 75 -7.72 -4.69 -7.32
N TYR A 76 -7.15 -4.37 -6.14
CA TYR A 76 -6.08 -5.15 -5.51
C TYR A 76 -6.52 -6.62 -5.32
N ARG A 77 -7.75 -6.78 -4.85
CA ARG A 77 -8.36 -8.09 -4.59
C ARG A 77 -8.55 -8.90 -5.90
N LYS A 78 -9.04 -8.23 -6.95
CA LYS A 78 -9.30 -8.84 -8.27
C LYS A 78 -8.01 -9.30 -8.98
N GLN A 79 -6.91 -8.51 -8.88
CA GLN A 79 -5.68 -8.76 -9.68
C GLN A 79 -4.57 -9.46 -8.87
N PHE A 80 -4.71 -9.55 -7.53
CA PHE A 80 -3.70 -10.20 -6.65
C PHE A 80 -4.31 -11.37 -5.86
N PHE A 81 -5.39 -11.11 -5.11
CA PHE A 81 -5.95 -12.09 -4.15
C PHE A 81 -6.62 -13.28 -4.87
N GLU A 82 -7.38 -13.01 -5.94
CA GLU A 82 -8.13 -14.04 -6.69
C GLU A 82 -7.23 -14.91 -7.64
N PRO A 83 -6.40 -14.30 -8.58
CA PRO A 83 -5.59 -15.08 -9.56
C PRO A 83 -4.50 -15.93 -8.89
N PHE A 84 -3.83 -15.33 -7.90
CA PHE A 84 -2.72 -15.96 -7.16
C PHE A 84 -3.27 -16.63 -5.90
N ILE A 85 -2.47 -17.53 -5.31
CA ILE A 85 -2.82 -18.22 -4.05
C ILE A 85 -2.80 -17.22 -2.87
N ASN A 86 -3.62 -17.53 -1.83
CA ASN A 86 -3.72 -16.71 -0.60
C ASN A 86 -2.36 -16.66 0.13
N SER A 87 -1.62 -17.78 0.08
CA SER A 87 -0.24 -17.89 0.61
C SER A 87 0.71 -16.83 0.00
N ARG A 88 0.54 -16.53 -1.31
CA ARG A 88 1.36 -15.51 -2.00
C ARG A 88 0.76 -14.12 -1.79
N ALA A 89 -0.58 -14.04 -1.70
CA ALA A 89 -1.31 -12.77 -1.42
C ALA A 89 -0.99 -12.24 -0.01
N LEU A 90 -0.63 -13.18 0.89
CA LEU A 90 -0.10 -12.88 2.23
C LEU A 90 1.20 -12.07 2.11
N GLU A 91 2.12 -12.59 1.27
CA GLU A 91 3.42 -11.95 1.00
C GLU A 91 3.22 -10.55 0.40
N LEU A 92 2.35 -10.47 -0.64
CA LEU A 92 2.07 -9.24 -1.39
C LEU A 92 1.55 -8.12 -0.47
N ALA A 93 0.70 -8.50 0.49
CA ALA A 93 0.12 -7.58 1.48
C ALA A 93 1.22 -6.97 2.36
N PHE A 94 2.14 -7.83 2.88
CA PHE A 94 3.32 -7.37 3.65
C PHE A 94 4.26 -6.53 2.77
N ARG A 95 4.37 -6.91 1.49
CA ARG A 95 5.39 -6.37 0.58
C ARG A 95 4.99 -4.98 0.05
N HIS A 96 3.70 -4.63 0.18
CA HIS A 96 3.18 -3.31 -0.24
C HIS A 96 2.87 -2.41 0.99
N ILE A 97 2.51 -3.02 2.13
CA ILE A 97 2.13 -2.27 3.37
C ILE A 97 3.35 -2.08 4.31
N LEU A 98 4.25 -3.07 4.35
CA LEU A 98 5.45 -3.04 5.24
C LEU A 98 6.75 -3.04 4.42
N GLY A 99 6.63 -3.16 3.09
CA GLY A 99 7.78 -3.08 2.17
C GLY A 99 8.34 -4.44 1.78
N ARG A 100 8.40 -5.37 2.75
CA ARG A 100 8.94 -6.74 2.55
C ARG A 100 7.96 -7.77 3.14
N GLY A 101 8.01 -9.00 2.60
CA GLY A 101 7.10 -10.08 3.00
C GLY A 101 7.37 -10.68 4.39
N PRO A 102 6.60 -11.73 4.82
CA PRO A 102 6.83 -12.44 6.10
C PRO A 102 7.94 -13.51 5.99
N SER A 103 8.72 -13.68 7.06
CA SER A 103 9.80 -14.68 7.13
C SER A 103 9.52 -15.69 8.26
N SER A 104 9.29 -15.16 9.48
CA SER A 104 9.15 -15.98 10.70
C SER A 104 7.90 -16.85 10.62
N ARG A 105 8.01 -18.13 11.01
CA ARG A 105 6.94 -19.14 10.85
C ARG A 105 5.66 -18.72 11.61
N GLU A 106 5.83 -18.20 12.86
CA GLU A 106 4.71 -17.71 13.69
C GLU A 106 4.01 -16.53 13.00
N GLU A 107 4.81 -15.61 12.46
CA GLU A 107 4.34 -14.42 11.74
C GLU A 107 3.50 -14.81 10.51
N VAL A 108 4.04 -15.74 9.70
CA VAL A 108 3.36 -16.31 8.52
C VAL A 108 2.00 -16.90 8.93
N GLN A 109 2.02 -17.85 9.90
CA GLN A 109 0.81 -18.60 10.33
C GLN A 109 -0.24 -17.68 10.98
N LYS A 110 0.22 -16.68 11.75
CA LYS A 110 -0.63 -15.76 12.52
C LYS A 110 -1.44 -14.89 11.55
N TYR A 111 -0.74 -14.17 10.68
CA TYR A 111 -1.37 -13.26 9.72
C TYR A 111 -2.08 -14.04 8.59
N PHE A 112 -1.62 -15.28 8.31
CA PHE A 112 -2.29 -16.18 7.35
C PHE A 112 -3.66 -16.62 7.89
N SER A 113 -3.75 -16.82 9.21
CA SER A 113 -5.01 -17.20 9.88
C SER A 113 -5.99 -16.00 9.89
N ILE A 114 -5.44 -14.77 9.92
CA ILE A 114 -6.24 -13.53 9.88
C ILE A 114 -6.89 -13.35 8.50
N VAL A 115 -6.09 -13.55 7.42
CA VAL A 115 -6.57 -13.44 6.04
C VAL A 115 -7.48 -14.65 5.68
N SER A 116 -7.26 -15.79 6.35
CA SER A 116 -8.06 -17.02 6.15
C SER A 116 -9.39 -16.96 6.93
N SER A 117 -9.46 -16.12 7.98
CA SER A 117 -10.65 -15.99 8.82
C SER A 117 -11.58 -14.87 8.30
N GLY A 118 -11.03 -13.64 8.19
CA GLY A 118 -11.84 -12.46 7.85
C GLY A 118 -11.50 -11.86 6.48
N GLY A 119 -10.86 -12.66 5.62
CA GLY A 119 -10.52 -12.25 4.26
C GLY A 119 -9.33 -11.31 4.18
N LEU A 120 -9.07 -10.82 2.96
CA LEU A 120 -7.96 -9.88 2.69
C LEU A 120 -8.10 -8.55 3.51
N PRO A 121 -9.31 -7.88 3.58
CA PRO A 121 -9.52 -6.65 4.41
C PRO A 121 -9.04 -6.78 5.86
N ALA A 122 -9.15 -8.00 6.45
CA ALA A 122 -8.73 -8.26 7.83
C ALA A 122 -7.19 -8.29 7.96
N LEU A 123 -6.53 -8.88 6.94
CA LEU A 123 -5.05 -8.92 6.87
C LEU A 123 -4.49 -7.49 6.71
N VAL A 124 -5.11 -6.75 5.78
CA VAL A 124 -4.78 -5.34 5.51
C VAL A 124 -4.92 -4.51 6.80
N ASP A 125 -6.04 -4.74 7.52
CA ASP A 125 -6.34 -4.08 8.81
C ASP A 125 -5.19 -4.29 9.81
N ALA A 126 -4.77 -5.56 9.92
CA ALA A 126 -3.76 -6.02 10.88
C ALA A 126 -2.35 -5.41 10.59
N LEU A 127 -1.99 -5.34 9.30
CA LEU A 127 -0.65 -4.88 8.85
C LEU A 127 -0.53 -3.35 8.89
N VAL A 128 -1.60 -2.67 8.43
CA VAL A 128 -1.68 -1.21 8.38
C VAL A 128 -1.65 -0.59 9.79
N ASP A 129 -2.43 -1.15 10.72
CA ASP A 129 -2.50 -0.66 12.11
C ASP A 129 -1.47 -1.38 13.02
N SER A 130 -0.59 -2.20 12.41
CA SER A 130 0.51 -2.88 13.13
C SER A 130 1.53 -1.86 13.64
N GLN A 131 2.27 -2.23 14.69
CA GLN A 131 3.34 -1.40 15.26
C GLN A 131 4.60 -1.48 14.38
N GLU A 132 4.64 -2.45 13.45
CA GLU A 132 5.64 -2.46 12.37
C GLU A 132 5.45 -1.25 11.48
N TYR A 133 4.19 -0.98 11.08
CA TYR A 133 3.84 0.14 10.20
C TYR A 133 3.98 1.46 10.98
N ALA A 134 3.28 1.52 12.12
CA ALA A 134 3.17 2.73 12.97
C ALA A 134 4.54 3.31 13.39
N ASP A 135 5.46 2.41 13.77
CA ASP A 135 6.85 2.79 14.13
C ASP A 135 7.65 3.20 12.89
N TYR A 136 7.59 2.38 11.84
CA TYR A 136 8.49 2.51 10.66
C TYR A 136 8.10 3.75 9.83
N PHE A 137 6.90 3.70 9.22
CA PHE A 137 6.41 4.77 8.33
C PHE A 137 5.56 5.79 9.12
N GLY A 138 4.70 5.27 10.01
CA GLY A 138 3.68 6.09 10.69
C GLY A 138 2.44 6.30 9.82
N GLU A 139 1.36 6.83 10.44
CA GLU A 139 0.06 7.05 9.76
C GLU A 139 0.16 8.12 8.66
N GLU A 140 1.17 8.99 8.79
CA GLU A 140 1.43 10.08 7.86
C GLU A 140 2.03 9.55 6.54
N THR A 141 3.04 8.67 6.64
CA THR A 141 3.88 8.29 5.50
C THR A 141 3.30 7.09 4.73
N VAL A 142 3.50 7.11 3.39
CA VAL A 142 3.22 5.98 2.50
C VAL A 142 4.26 4.88 2.75
N PRO A 143 3.86 3.57 2.79
CA PRO A 143 4.80 2.44 2.82
C PRO A 143 5.64 2.37 1.53
N TYR A 144 6.68 3.20 1.49
CA TYR A 144 7.60 3.25 0.38
C TYR A 144 8.55 2.03 0.47
N LEU A 145 8.29 1.02 -0.37
CA LEU A 145 9.17 -0.12 -0.50
C LEU A 145 10.43 0.35 -1.24
N ARG A 146 11.57 0.23 -0.57
CA ARG A 146 12.85 0.69 -1.08
C ARG A 146 13.66 -0.54 -1.47
N GLY A 147 13.78 -0.75 -2.78
CA GLY A 147 14.62 -1.79 -3.35
C GLY A 147 15.42 -1.25 -4.51
N LEU A 148 16.27 -2.09 -5.07
CA LEU A 148 17.06 -1.76 -6.27
C LEU A 148 16.26 -2.18 -7.50
N GLU A 149 15.86 -3.44 -7.50
CA GLU A 149 15.09 -4.04 -8.59
C GLU A 149 14.43 -5.36 -8.16
N HIS A 150 13.36 -5.73 -8.86
CA HIS A 150 12.79 -7.09 -8.82
C HIS A 150 13.00 -7.68 -10.21
N HIS A 151 14.15 -8.33 -10.40
CA HIS A 151 14.60 -8.83 -11.69
C HIS A 151 13.91 -10.18 -12.01
N HIS A 152 13.65 -10.42 -13.31
CA HIS A 152 13.04 -11.67 -13.79
C HIS A 152 14.05 -12.83 -13.67
N HIS A 153 13.54 -13.99 -13.23
CA HIS A 153 14.33 -15.22 -13.11
C HIS A 153 13.40 -16.40 -13.35
N HIS A 154 13.41 -16.91 -14.59
CA HIS A 154 12.59 -18.06 -14.98
C HIS A 154 13.19 -19.33 -14.35
N HIS A 155 12.37 -20.11 -13.64
CA HIS A 155 12.81 -21.31 -12.91
C HIS A 155 13.37 -22.39 -13.89
N PRO A 1 1.82 -3.06 -21.65
CA PRO A 1 1.29 -1.99 -22.52
C PRO A 1 2.40 -0.95 -22.80
N GLN A 2 2.00 0.21 -23.37
CA GLN A 2 2.91 1.34 -23.58
C GLN A 2 3.12 2.07 -22.25
N SER A 3 4.09 1.56 -21.48
CA SER A 3 4.50 2.11 -20.18
C SER A 3 5.85 2.82 -20.32
N TYR A 4 6.23 3.12 -21.58
CA TYR A 4 7.54 3.68 -21.95
C TYR A 4 7.53 5.23 -21.84
N PHE A 5 6.45 5.78 -21.28
CA PHE A 5 6.36 7.22 -20.92
C PHE A 5 7.32 7.55 -19.76
N ASN A 6 7.60 6.53 -18.91
CA ASN A 6 8.58 6.59 -17.80
C ASN A 6 8.19 7.65 -16.75
N ALA A 7 7.31 7.26 -15.82
CA ALA A 7 6.91 8.08 -14.68
C ALA A 7 7.26 7.34 -13.38
N ALA A 8 8.56 7.32 -13.08
CA ALA A 8 9.10 6.65 -11.89
C ALA A 8 8.85 7.50 -10.64
N ALA A 9 7.69 7.26 -10.00
CA ALA A 9 7.29 7.92 -8.75
C ALA A 9 7.93 7.22 -7.52
N LYS A 10 9.27 7.12 -7.56
CA LYS A 10 10.08 6.47 -6.50
C LYS A 10 10.91 7.53 -5.75
N ARG A 11 10.66 8.82 -6.07
CA ARG A 11 11.39 9.99 -5.51
C ARG A 11 11.38 9.97 -3.97
N GLN A 12 12.54 9.59 -3.38
CA GLN A 12 12.73 9.38 -1.94
C GLN A 12 11.74 8.32 -1.39
N LYS A 13 10.53 8.82 -1.08
CA LYS A 13 9.38 8.07 -0.58
C LYS A 13 8.30 9.11 -0.29
N TYR A 14 7.04 8.77 -0.54
CA TYR A 14 5.95 9.74 -0.53
C TYR A 14 5.18 9.67 0.78
N ALA A 15 5.45 10.63 1.67
CA ALA A 15 4.75 10.80 2.95
C ALA A 15 3.90 12.06 2.90
N MET A 16 2.57 11.90 3.06
CA MET A 16 1.65 13.03 3.19
C MET A 16 1.76 13.60 4.60
N LYS A 17 2.55 14.64 4.74
CA LYS A 17 2.82 15.31 6.01
C LYS A 17 1.98 16.62 6.11
N PRO A 18 1.68 17.13 7.35
CA PRO A 18 0.73 18.26 7.54
C PRO A 18 1.27 19.62 7.02
N GLY A 19 2.58 19.67 6.70
CA GLY A 19 3.22 20.91 6.24
C GLY A 19 3.37 20.96 4.73
N LEU A 20 2.99 19.88 4.02
CA LEU A 20 3.10 19.81 2.55
C LEU A 20 1.95 20.58 1.90
N SER A 21 2.26 21.36 0.85
CA SER A 21 1.24 22.04 0.04
C SER A 21 0.40 21.03 -0.76
N ALA A 22 -0.67 21.53 -1.43
CA ALA A 22 -1.63 20.67 -2.16
C ALA A 22 -0.92 19.83 -3.23
N LEU A 23 0.07 20.45 -3.92
CA LEU A 23 0.82 19.82 -5.01
C LEU A 23 1.67 18.63 -4.54
N GLU A 24 2.35 18.80 -3.38
CA GLU A 24 3.17 17.73 -2.77
C GLU A 24 2.27 16.57 -2.32
N LYS A 25 1.08 16.92 -1.80
CA LYS A 25 0.07 15.95 -1.39
C LYS A 25 -0.48 15.18 -2.61
N ASN A 26 -0.61 15.87 -3.75
CA ASN A 26 -1.08 15.26 -5.03
C ASN A 26 -0.08 14.20 -5.50
N ALA A 27 1.21 14.53 -5.36
CA ALA A 27 2.33 13.63 -5.69
C ALA A 27 2.28 12.34 -4.85
N VAL A 28 1.96 12.50 -3.55
CA VAL A 28 1.85 11.38 -2.60
C VAL A 28 0.63 10.47 -2.93
N ILE A 29 -0.50 11.11 -3.28
CA ILE A 29 -1.77 10.40 -3.60
C ILE A 29 -1.64 9.62 -4.94
N LYS A 30 -1.00 10.24 -5.94
CA LYS A 30 -0.83 9.63 -7.26
C LYS A 30 0.19 8.49 -7.23
N ALA A 31 1.26 8.66 -6.44
CA ALA A 31 2.25 7.60 -6.19
C ALA A 31 1.64 6.44 -5.41
N ALA A 32 0.59 6.74 -4.63
CA ALA A 32 -0.21 5.72 -3.95
C ALA A 32 -1.03 4.93 -4.98
N TYR A 33 -1.64 5.64 -5.95
CA TYR A 33 -2.40 5.00 -7.04
C TYR A 33 -1.51 4.08 -7.90
N ARG A 34 -0.28 4.53 -8.17
CA ARG A 34 0.67 3.75 -9.01
C ARG A 34 1.20 2.52 -8.26
N GLN A 35 1.87 2.77 -7.12
CA GLN A 35 2.66 1.74 -6.40
C GLN A 35 1.76 0.78 -5.60
N ILE A 36 0.73 1.31 -4.92
CA ILE A 36 -0.17 0.49 -4.10
C ILE A 36 -1.12 -0.35 -4.98
N PHE A 37 -1.65 0.28 -6.02
CA PHE A 37 -2.77 -0.28 -6.79
C PHE A 37 -2.30 -1.03 -8.05
N GLU A 38 -1.04 -0.74 -8.48
CA GLU A 38 -0.41 -1.32 -9.69
C GLU A 38 -1.28 -1.05 -10.96
N ARG A 39 -1.85 0.16 -11.01
CA ARG A 39 -2.77 0.56 -12.08
C ARG A 39 -2.67 2.07 -12.36
N ASP A 40 -2.53 2.86 -11.28
CA ASP A 40 -2.48 4.34 -11.34
C ASP A 40 -3.80 4.88 -11.93
N ILE A 41 -4.81 5.04 -11.07
CA ILE A 41 -6.17 5.41 -11.49
C ILE A 41 -6.43 6.92 -11.30
N THR A 42 -7.34 7.44 -12.13
CA THR A 42 -7.77 8.84 -12.06
C THR A 42 -8.82 9.02 -10.93
N LYS A 43 -9.05 10.28 -10.55
CA LYS A 43 -10.13 10.66 -9.61
C LYS A 43 -11.52 10.30 -10.19
N ALA A 44 -11.64 10.37 -11.53
CA ALA A 44 -12.89 10.11 -12.26
C ALA A 44 -13.21 8.61 -12.36
N TYR A 45 -12.32 7.76 -11.82
CA TYR A 45 -12.49 6.29 -11.80
C TYR A 45 -13.80 5.92 -11.09
N SER A 46 -14.01 6.55 -9.92
CA SER A 46 -15.25 6.50 -9.14
C SER A 46 -15.32 7.75 -8.26
N GLN A 47 -16.54 8.16 -7.86
CA GLN A 47 -16.75 9.30 -6.94
C GLN A 47 -16.12 9.02 -5.57
N SER A 48 -16.07 7.72 -5.19
CA SER A 48 -15.40 7.27 -3.97
C SER A 48 -13.89 7.56 -4.03
N ILE A 49 -13.27 7.38 -5.22
CA ILE A 49 -11.82 7.58 -5.41
C ILE A 49 -11.44 9.07 -5.23
N SER A 50 -12.19 9.96 -5.90
CA SER A 50 -12.02 11.42 -5.77
C SER A 50 -12.38 11.93 -4.36
N TYR A 51 -13.34 11.26 -3.69
CA TYR A 51 -13.75 11.60 -2.32
C TYR A 51 -12.61 11.30 -1.34
N LEU A 52 -12.07 10.06 -1.40
CA LEU A 52 -10.96 9.59 -0.55
C LEU A 52 -9.71 10.47 -0.74
N GLU A 53 -9.47 10.84 -2.01
CA GLU A 53 -8.39 11.75 -2.43
C GLU A 53 -8.51 13.09 -1.69
N SER A 54 -9.74 13.65 -1.67
CA SER A 54 -10.02 14.93 -1.02
C SER A 54 -9.94 14.83 0.51
N GLN A 55 -10.38 13.67 1.06
CA GLN A 55 -10.38 13.43 2.53
C GLN A 55 -8.94 13.43 3.06
N VAL A 56 -8.08 12.60 2.43
CA VAL A 56 -6.68 12.44 2.85
C VAL A 56 -5.90 13.75 2.62
N ARG A 57 -6.23 14.48 1.53
CA ARG A 57 -5.64 15.79 1.19
C ARG A 57 -5.88 16.83 2.29
N ASN A 58 -7.11 16.80 2.87
CA ASN A 58 -7.54 17.76 3.91
C ASN A 58 -7.13 17.28 5.32
N GLY A 59 -6.50 16.09 5.41
CA GLY A 59 -6.09 15.50 6.69
C GLY A 59 -7.25 14.95 7.51
N ASP A 60 -8.32 14.54 6.82
CA ASP A 60 -9.51 13.91 7.44
C ASP A 60 -9.18 12.45 7.78
N ILE A 61 -8.73 11.71 6.75
CA ILE A 61 -8.17 10.37 6.92
C ILE A 61 -6.65 10.41 6.66
N SER A 62 -5.93 9.53 7.33
CA SER A 62 -4.48 9.37 7.17
C SER A 62 -4.20 8.44 5.97
N MET A 63 -2.91 8.30 5.61
CA MET A 63 -2.47 7.34 4.56
C MET A 63 -2.59 5.90 5.06
N LYS A 64 -2.83 5.71 6.38
CA LYS A 64 -3.25 4.42 6.91
C LYS A 64 -4.59 4.00 6.27
N GLU A 65 -5.60 4.87 6.39
CA GLU A 65 -6.95 4.58 5.88
C GLU A 65 -6.98 4.58 4.34
N PHE A 66 -6.27 5.54 3.72
CA PHE A 66 -6.30 5.74 2.27
C PHE A 66 -5.73 4.51 1.50
N VAL A 67 -4.55 4.04 1.94
CA VAL A 67 -3.89 2.85 1.36
C VAL A 67 -4.72 1.58 1.64
N ARG A 68 -5.31 1.51 2.84
CA ARG A 68 -6.22 0.42 3.26
C ARG A 68 -7.43 0.30 2.31
N ARG A 69 -7.97 1.45 1.87
CA ARG A 69 -9.11 1.51 0.92
C ARG A 69 -8.71 0.93 -0.45
N LEU A 70 -7.56 1.41 -0.99
CA LEU A 70 -7.04 1.00 -2.32
C LEU A 70 -6.71 -0.49 -2.34
N ALA A 71 -6.08 -0.97 -1.26
CA ALA A 71 -5.66 -2.38 -1.13
C ALA A 71 -6.86 -3.32 -0.83
N LYS A 72 -7.98 -2.74 -0.39
CA LYS A 72 -9.27 -3.45 -0.23
C LYS A 72 -10.01 -3.57 -1.60
N SER A 73 -9.67 -2.70 -2.56
CA SER A 73 -10.37 -2.63 -3.87
C SER A 73 -9.97 -3.81 -4.80
N PRO A 74 -10.91 -4.29 -5.71
CA PRO A 74 -10.74 -5.55 -6.51
C PRO A 74 -9.47 -5.63 -7.38
N LEU A 75 -8.94 -4.46 -7.80
CA LEU A 75 -7.76 -4.42 -8.71
C LEU A 75 -6.50 -4.88 -7.97
N TYR A 76 -6.29 -4.41 -6.72
CA TYR A 76 -5.20 -4.91 -5.87
C TYR A 76 -5.47 -6.37 -5.46
N ARG A 77 -6.76 -6.66 -5.16
CA ARG A 77 -7.18 -7.97 -4.60
C ARG A 77 -6.89 -9.11 -5.59
N LYS A 78 -7.10 -8.87 -6.89
CA LYS A 78 -6.86 -9.89 -7.92
C LYS A 78 -5.48 -9.73 -8.57
N GLN A 79 -5.23 -8.53 -9.15
CA GLN A 79 -4.08 -8.31 -10.06
C GLN A 79 -2.75 -8.23 -9.28
N PHE A 80 -2.69 -7.32 -8.30
CA PHE A 80 -1.47 -7.13 -7.47
C PHE A 80 -1.59 -7.98 -6.20
N PHE A 81 -1.71 -9.27 -6.45
CA PHE A 81 -1.92 -10.32 -5.43
C PHE A 81 -1.59 -11.65 -6.10
N GLU A 82 -1.96 -11.69 -7.40
CA GLU A 82 -1.59 -12.73 -8.36
C GLU A 82 -2.50 -13.97 -8.19
N PRO A 83 -2.83 -14.67 -9.31
CA PRO A 83 -3.62 -15.93 -9.30
C PRO A 83 -2.85 -17.17 -8.75
N PHE A 84 -2.12 -16.96 -7.63
CA PHE A 84 -1.34 -18.00 -6.92
C PHE A 84 -1.92 -18.18 -5.51
N ILE A 85 -1.31 -19.06 -4.72
CA ILE A 85 -1.81 -19.41 -3.37
C ILE A 85 -1.60 -18.25 -2.36
N ASN A 86 -2.41 -18.27 -1.28
CA ASN A 86 -2.40 -17.26 -0.22
C ASN A 86 -1.03 -17.19 0.48
N SER A 87 -0.34 -18.35 0.55
CA SER A 87 1.01 -18.44 1.15
C SER A 87 2.01 -17.51 0.44
N ARG A 88 1.95 -17.48 -0.90
CA ARG A 88 2.86 -16.67 -1.73
C ARG A 88 2.43 -15.19 -1.70
N ALA A 89 1.11 -14.97 -1.82
CA ALA A 89 0.49 -13.64 -1.84
C ALA A 89 0.55 -12.95 -0.47
N LEU A 90 0.72 -13.78 0.59
CA LEU A 90 0.91 -13.31 1.98
C LEU A 90 2.21 -12.49 2.06
N GLU A 91 3.28 -13.06 1.46
CA GLU A 91 4.62 -12.42 1.43
C GLU A 91 4.59 -11.16 0.55
N LEU A 92 3.80 -11.18 -0.56
CA LEU A 92 3.57 -9.97 -1.41
C LEU A 92 3.04 -8.82 -0.53
N ALA A 93 2.02 -9.13 0.28
CA ALA A 93 1.35 -8.16 1.16
C ALA A 93 2.28 -7.67 2.30
N PHE A 94 3.14 -8.56 2.83
CA PHE A 94 4.16 -8.21 3.85
C PHE A 94 5.17 -7.18 3.29
N ARG A 95 5.74 -7.52 2.13
CA ARG A 95 6.78 -6.72 1.45
C ARG A 95 6.24 -5.38 0.97
N HIS A 96 4.95 -5.35 0.59
CA HIS A 96 4.33 -4.18 -0.01
C HIS A 96 3.84 -3.20 1.08
N ILE A 97 3.05 -3.74 2.00
CA ILE A 97 2.31 -2.94 2.99
C ILE A 97 3.16 -2.59 4.23
N LEU A 98 4.10 -3.47 4.59
CA LEU A 98 5.00 -3.22 5.74
C LEU A 98 6.43 -2.92 5.27
N GLY A 99 6.79 -3.46 4.09
CA GLY A 99 8.19 -3.50 3.66
C GLY A 99 9.00 -4.52 4.45
N ARG A 100 8.30 -5.32 5.27
CA ARG A 100 8.90 -6.23 6.23
C ARG A 100 8.61 -7.66 5.79
N GLY A 101 9.66 -8.46 5.52
CA GLY A 101 9.50 -9.87 5.20
C GLY A 101 9.02 -10.67 6.41
N PRO A 102 8.25 -11.79 6.20
CA PRO A 102 7.77 -12.66 7.31
C PRO A 102 8.96 -13.24 8.11
N SER A 103 9.32 -12.56 9.20
CA SER A 103 10.53 -12.83 9.98
C SER A 103 10.39 -14.11 10.83
N SER A 104 9.24 -14.27 11.47
CA SER A 104 8.97 -15.41 12.38
C SER A 104 7.94 -16.36 11.75
N ARG A 105 8.12 -17.68 11.98
CA ARG A 105 7.22 -18.74 11.49
C ARG A 105 5.83 -18.62 12.15
N GLU A 106 5.85 -18.33 13.46
CA GLU A 106 4.65 -18.03 14.28
C GLU A 106 3.84 -16.87 13.65
N GLU A 107 4.57 -15.83 13.22
CA GLU A 107 4.03 -14.63 12.58
C GLU A 107 3.39 -14.97 11.21
N VAL A 108 4.07 -15.84 10.41
CA VAL A 108 3.55 -16.31 9.11
C VAL A 108 2.15 -16.91 9.29
N GLN A 109 2.04 -17.87 10.23
CA GLN A 109 0.79 -18.60 10.53
C GLN A 109 -0.29 -17.66 11.10
N LYS A 110 0.13 -16.69 11.93
CA LYS A 110 -0.76 -15.70 12.56
C LYS A 110 -1.51 -14.90 11.48
N TYR A 111 -0.74 -14.27 10.57
CA TYR A 111 -1.29 -13.46 9.47
C TYR A 111 -1.93 -14.33 8.37
N PHE A 112 -1.47 -15.59 8.25
CA PHE A 112 -2.01 -16.55 7.28
C PHE A 112 -3.44 -16.92 7.67
N SER A 113 -3.72 -17.02 8.99
CA SER A 113 -5.07 -17.29 9.51
C SER A 113 -6.04 -16.19 9.04
N ILE A 114 -5.54 -14.94 9.06
CA ILE A 114 -6.32 -13.74 8.78
C ILE A 114 -6.69 -13.68 7.27
N VAL A 115 -5.74 -14.06 6.38
CA VAL A 115 -5.98 -14.07 4.92
C VAL A 115 -6.78 -15.33 4.48
N SER A 116 -6.73 -16.41 5.30
CA SER A 116 -7.46 -17.66 5.01
C SER A 116 -8.93 -17.58 5.45
N SER A 117 -9.21 -16.80 6.52
CA SER A 117 -10.57 -16.64 7.06
C SER A 117 -11.25 -15.40 6.44
N GLY A 118 -10.69 -14.20 6.72
CA GLY A 118 -11.27 -12.93 6.31
C GLY A 118 -10.72 -12.38 5.01
N GLY A 119 -9.95 -13.22 4.29
CA GLY A 119 -9.40 -12.86 2.98
C GLY A 119 -8.34 -11.77 3.06
N LEU A 120 -8.06 -11.16 1.90
CA LEU A 120 -7.06 -10.11 1.77
C LEU A 120 -7.49 -8.79 2.50
N PRO A 121 -8.79 -8.26 2.39
CA PRO A 121 -9.21 -7.02 3.11
C PRO A 121 -8.88 -7.03 4.61
N ALA A 122 -9.04 -8.21 5.25
CA ALA A 122 -8.73 -8.39 6.68
C ALA A 122 -7.21 -8.45 6.93
N LEU A 123 -6.46 -9.07 5.99
CA LEU A 123 -4.99 -9.14 6.05
C LEU A 123 -4.39 -7.72 5.96
N VAL A 124 -4.79 -6.99 4.91
CA VAL A 124 -4.46 -5.56 4.69
C VAL A 124 -4.77 -4.74 5.94
N ASP A 125 -5.91 -5.00 6.56
CA ASP A 125 -6.33 -4.33 7.81
C ASP A 125 -5.33 -4.62 8.94
N ALA A 126 -4.92 -5.89 9.06
CA ALA A 126 -3.97 -6.35 10.10
C ALA A 126 -2.54 -5.81 9.86
N LEU A 127 -2.21 -5.52 8.59
CA LEU A 127 -0.87 -5.05 8.22
C LEU A 127 -0.77 -3.52 8.34
N VAL A 128 -1.69 -2.79 7.67
CA VAL A 128 -1.65 -1.30 7.63
C VAL A 128 -1.86 -0.70 9.05
N ASP A 129 -2.84 -1.28 9.79
CA ASP A 129 -3.25 -0.77 11.12
C ASP A 129 -2.21 -1.10 12.23
N SER A 130 -1.12 -1.82 11.85
CA SER A 130 0.04 -2.08 12.73
C SER A 130 0.52 -0.78 13.41
N GLN A 131 0.50 -0.78 14.76
CA GLN A 131 0.91 0.36 15.59
C GLN A 131 2.42 0.59 15.45
N GLU A 132 3.16 -0.53 15.34
CA GLU A 132 4.62 -0.55 15.09
C GLU A 132 4.94 0.22 13.80
N TYR A 133 4.37 -0.27 12.68
CA TYR A 133 4.66 0.27 11.35
C TYR A 133 4.08 1.69 11.21
N ALA A 134 3.00 1.99 11.95
CA ALA A 134 2.34 3.30 11.89
C ALA A 134 3.25 4.42 12.40
N ASP A 135 3.82 4.22 13.61
CA ASP A 135 4.73 5.18 14.24
C ASP A 135 6.03 5.34 13.43
N TYR A 136 6.41 4.28 12.68
CA TYR A 136 7.53 4.38 11.74
C TYR A 136 7.14 5.22 10.51
N PHE A 137 6.22 4.70 9.67
CA PHE A 137 5.87 5.31 8.36
C PHE A 137 4.35 5.31 8.09
N GLY A 138 3.68 4.18 8.37
CA GLY A 138 2.33 3.86 7.85
C GLY A 138 1.19 4.86 8.11
N GLU A 139 1.38 5.82 9.04
CA GLU A 139 0.37 6.88 9.29
C GLU A 139 0.30 7.85 8.11
N GLU A 140 1.47 8.27 7.61
CA GLU A 140 1.60 9.37 6.62
C GLU A 140 2.28 8.90 5.33
N THR A 141 3.31 8.05 5.49
CA THR A 141 4.07 7.50 4.36
C THR A 141 3.29 6.35 3.70
N VAL A 142 3.25 6.40 2.36
CA VAL A 142 2.68 5.35 1.51
C VAL A 142 3.61 4.10 1.54
N PRO A 143 3.11 2.92 2.04
CA PRO A 143 3.85 1.63 2.07
C PRO A 143 4.52 1.28 0.72
N TYR A 144 5.82 1.58 0.64
CA TYR A 144 6.62 1.47 -0.60
C TYR A 144 7.34 0.11 -0.68
N LEU A 145 7.57 -0.36 -1.92
CA LEU A 145 8.36 -1.57 -2.20
C LEU A 145 9.82 -1.22 -2.46
N ARG A 146 10.72 -1.79 -1.65
CA ARG A 146 12.16 -1.73 -1.85
C ARG A 146 12.61 -2.99 -2.61
N GLY A 147 13.36 -2.79 -3.70
CA GLY A 147 13.84 -3.90 -4.54
C GLY A 147 12.84 -4.29 -5.63
N LEU A 148 11.60 -4.61 -5.18
CA LEU A 148 10.48 -4.99 -6.05
C LEU A 148 10.75 -6.36 -6.71
N GLU A 149 10.24 -7.42 -6.07
CA GLU A 149 10.26 -8.79 -6.63
C GLU A 149 8.85 -9.16 -7.10
N HIS A 150 8.44 -8.50 -8.20
CA HIS A 150 7.17 -8.74 -8.89
C HIS A 150 7.31 -8.22 -10.33
N HIS A 151 7.68 -9.12 -11.25
CA HIS A 151 7.78 -8.82 -12.70
C HIS A 151 6.65 -9.54 -13.45
N HIS A 152 5.99 -10.51 -12.77
CA HIS A 152 4.89 -11.28 -13.34
C HIS A 152 3.55 -10.61 -13.00
N HIS A 153 3.01 -9.90 -13.99
CA HIS A 153 1.64 -9.37 -13.95
C HIS A 153 0.99 -9.68 -15.30
N HIS A 154 0.62 -10.96 -15.46
CA HIS A 154 -0.16 -11.44 -16.61
C HIS A 154 -1.64 -11.07 -16.38
N HIS A 155 -2.23 -10.33 -17.34
CA HIS A 155 -3.56 -9.67 -17.20
C HIS A 155 -3.46 -8.51 -16.16
#